data_7TTL
#
_entry.id   7TTL
#
_cell.length_a   76.791
_cell.length_b   204.547
_cell.length_c   106.768
_cell.angle_alpha   90.000
_cell.angle_beta   109.030
_cell.angle_gamma   90.000
#
_symmetry.space_group_name_H-M   'P 1 21 1'
#
loop_
_entity.id
_entity.type
_entity.pdbx_description
1 polymer 'Arachidonate 5-lipoxygenase'
2 non-polymer 'FE (II) ION'
3 water water
#
_entity_poly.entity_id   1
_entity_poly.type   'polypeptide(L)'
_entity_poly.pdbx_seq_one_letter_code
;MGSSHHHHHHSSGLVPRGSHMPSYTVTVATGSQEHAGTDDYIYLSLVGSAGCSEKHLLDKGSFERGAVDSYDVTVDEELG
EIQLVRIEKRKYGSNDDWYLKYITLKTPHGDYIEFPCYRWITGDVEVVLRDGRAKLARDDQIHILKQHRRKELETRQKQY
RWMEWNPGFPLSIDAKCHKDLPRDIQFDSEKGVDFVLNYSKAMENLFINRFMHMFQSSWNDFADFEKIFVKISNTISERV
MNHWQEDLMFGYQFLNGANPVLIRRCTELPEKLPVTTEMVECSLERQLSLEQEVQQGNIFIVDFELLDGIDANKTDPCTL
QFLAAPICLLYKNLANKIVPIAIQLNQIPGDENPIFLPSDAKYDWLLAKIWVRSSDFHVHQTITHLLRTHLVSEVFGIAM
YRQLPAVHPIFKLLVAHVRFTIAINTKAREQLICECGLFDKANATGGGGHVQMVQRAMKDLTYASLCFPEAIKARGMESK
EDIPYYFYRDDGLLVWEAIRTFTAEVVDIYYEGDQVVEEDPELQDFVNDVYVYGMRGRKSSGFPKSVKSREQLSEYLTVV
IFTASAQHAAVNFGQYDWASWIPNAPPTMRAPPPTAKGVVTIEQIVDTLPDRGRSCWHLGAVWALSQFQENELFLGMYPE
EHFIEKPVKEAMARFRKNLEAIVSVIAERNENLQLPYYYLSPDRIPNSVAI
;
_entity_poly.pdbx_strand_id   A,C,D,B
#
loop_
_chem_comp.id
_chem_comp.type
_chem_comp.name
_chem_comp.formula
FE2 non-polymer 'FE (II) ION' 'Fe 2'
#
# COMPACT_ATOMS: atom_id res chain seq x y z
N SER A 3 12.49 -61.88 10.60
CA SER A 3 11.31 -61.75 11.53
C SER A 3 9.98 -61.76 10.78
N SER A 4 10.01 -62.10 9.50
CA SER A 4 8.83 -62.01 8.65
C SER A 4 8.09 -63.33 8.72
N HIS A 5 6.78 -63.25 8.98
CA HIS A 5 5.93 -64.40 9.26
C HIS A 5 4.76 -64.37 8.29
N HIS A 6 4.70 -65.33 7.38
CA HIS A 6 3.62 -65.39 6.40
C HIS A 6 2.60 -66.42 6.83
N HIS A 7 1.31 -66.06 6.73
CA HIS A 7 0.19 -66.94 7.05
C HIS A 7 -0.55 -67.20 5.75
N HIS A 8 -0.66 -68.46 5.34
CA HIS A 8 -1.34 -68.81 4.12
C HIS A 8 -2.59 -69.58 4.52
N HIS A 9 -3.73 -69.30 3.86
CA HIS A 9 -4.96 -70.08 4.06
C HIS A 9 -6.12 -69.57 3.20
N SER A 23 -7.68 -63.59 -3.83
CA SER A 23 -7.11 -63.21 -2.53
C SER A 23 -6.23 -61.97 -2.50
N TYR A 24 -6.45 -61.13 -1.49
CA TYR A 24 -5.50 -60.09 -1.11
C TYR A 24 -4.39 -60.65 -0.24
N THR A 25 -3.16 -60.21 -0.51
CA THR A 25 -2.06 -60.43 0.43
C THR A 25 -1.94 -59.19 1.30
N VAL A 26 -2.20 -59.33 2.60
CA VAL A 26 -2.20 -58.20 3.53
C VAL A 26 -0.99 -58.33 4.46
N THR A 27 0.02 -57.52 4.22
CA THR A 27 1.11 -57.41 5.17
C THR A 27 0.96 -56.26 6.17
N VAL A 28 1.26 -56.57 7.44
CA VAL A 28 1.09 -55.67 8.57
C VAL A 28 2.46 -55.54 9.29
N ALA A 29 2.94 -54.32 9.44
CA ALA A 29 4.23 -54.08 10.08
C ALA A 29 4.02 -53.43 11.44
N THR A 30 4.47 -54.10 12.48
CA THR A 30 4.43 -53.56 13.84
C THR A 30 5.76 -52.83 14.18
N GLY A 31 5.65 -51.88 15.13
CA GLY A 31 6.75 -50.98 15.41
C GLY A 31 7.87 -51.56 16.24
N SER A 32 8.93 -50.78 16.36
CA SER A 32 10.17 -51.21 17.03
C SER A 32 10.27 -50.76 18.49
N GLN A 33 9.42 -49.85 18.94
CA GLN A 33 9.55 -49.25 20.26
C GLN A 33 9.18 -50.24 21.35
N GLU A 34 9.30 -49.80 22.60
CA GLU A 34 9.29 -50.75 23.71
C GLU A 34 7.98 -51.52 23.74
N HIS A 35 6.86 -50.83 23.67
CA HIS A 35 5.59 -51.50 23.89
C HIS A 35 4.81 -51.68 22.59
N ALA A 36 5.54 -51.69 21.46
CA ALA A 36 4.94 -51.64 20.15
C ALA A 36 4.01 -52.81 19.88
N GLY A 37 4.28 -53.96 20.51
CA GLY A 37 3.53 -55.16 20.20
C GLY A 37 2.24 -55.30 20.99
N THR A 38 1.33 -56.13 20.43
CA THR A 38 0.10 -56.47 21.11
C THR A 38 -0.19 -57.96 20.96
N ASP A 39 -0.99 -58.46 21.88
CA ASP A 39 -1.53 -59.80 21.84
C ASP A 39 -3.02 -59.80 21.56
N ASP A 40 -3.62 -58.63 21.32
CA ASP A 40 -5.06 -58.50 21.19
C ASP A 40 -5.52 -58.87 19.77
N TYR A 41 -6.78 -59.28 19.66
CA TYR A 41 -7.33 -59.64 18.36
C TYR A 41 -7.32 -58.44 17.42
N ILE A 42 -6.94 -58.68 16.16
CA ILE A 42 -6.84 -57.60 15.18
C ILE A 42 -7.76 -57.94 14.00
N TYR A 43 -8.66 -57.00 13.66
CA TYR A 43 -9.61 -57.20 12.57
C TYR A 43 -9.30 -56.16 11.48
N LEU A 44 -9.27 -56.61 10.24
CA LEU A 44 -8.98 -55.76 9.09
C LEU A 44 -10.18 -55.75 8.15
N SER A 45 -10.48 -54.59 7.56
CA SER A 45 -11.54 -54.48 6.57
C SER A 45 -10.98 -53.76 5.35
N LEU A 46 -11.57 -54.00 4.19
CA LEU A 46 -11.17 -53.25 3.00
C LEU A 46 -12.39 -52.47 2.52
N VAL A 47 -12.22 -51.17 2.31
CA VAL A 47 -13.21 -50.35 1.66
C VAL A 47 -12.78 -50.19 0.20
N GLY A 48 -13.51 -50.81 -0.68
CA GLY A 48 -13.26 -50.66 -2.10
C GLY A 48 -14.25 -49.71 -2.73
N SER A 49 -13.88 -49.26 -3.92
CA SER A 49 -14.79 -48.41 -4.67
C SER A 49 -16.15 -49.09 -4.84
N ALA A 50 -16.19 -50.44 -4.93
CA ALA A 50 -17.41 -51.16 -5.24
C ALA A 50 -18.11 -51.81 -4.04
N GLY A 51 -17.66 -51.54 -2.82
CA GLY A 51 -18.32 -52.04 -1.62
C GLY A 51 -17.26 -52.53 -0.66
N CYS A 52 -17.63 -52.60 0.63
CA CYS A 52 -16.66 -52.91 1.68
CA CYS A 52 -16.65 -52.91 1.67
C CYS A 52 -16.40 -54.40 1.71
N SER A 53 -15.85 -54.88 2.81
CA SER A 53 -15.56 -56.29 2.98
C SER A 53 -15.97 -56.68 4.39
N GLU A 54 -15.76 -57.95 4.69
CA GLU A 54 -16.02 -58.46 6.01
C GLU A 54 -14.90 -58.00 6.95
N LYS A 55 -15.12 -58.21 8.25
CA LYS A 55 -14.17 -57.90 9.34
C LYS A 55 -13.33 -59.16 9.60
N HIS A 56 -12.42 -59.48 8.68
CA HIS A 56 -11.53 -60.68 8.75
C HIS A 56 -10.60 -60.56 9.97
N LEU A 57 -10.30 -61.68 10.64
CA LEU A 57 -9.42 -61.70 11.83
C LEU A 57 -8.04 -62.22 11.40
N LEU A 58 -7.02 -61.34 11.33
CA LEU A 58 -5.64 -61.70 10.93
C LEU A 58 -5.03 -62.70 11.93
N ASP A 59 -5.21 -62.43 13.22
CA ASP A 59 -4.63 -63.23 14.34
C ASP A 59 -3.20 -63.63 14.00
N SER A 62 -1.00 -62.58 16.99
CA SER A 62 -0.05 -62.00 17.95
C SER A 62 1.17 -61.32 17.31
N PHE A 63 1.18 -60.00 17.40
CA PHE A 63 2.04 -59.13 16.61
C PHE A 63 3.19 -58.63 17.50
N GLU A 64 4.35 -59.26 17.40
CA GLU A 64 5.42 -58.90 18.31
C GLU A 64 6.25 -57.76 17.75
N ARG A 65 6.97 -57.10 18.64
CA ARG A 65 7.65 -55.86 18.32
C ARG A 65 8.67 -56.06 17.21
N GLY A 66 8.56 -55.27 16.16
CA GLY A 66 9.48 -55.39 15.05
C GLY A 66 9.10 -56.39 14.00
N ALA A 67 7.88 -56.92 14.06
CA ALA A 67 7.40 -57.99 13.20
C ALA A 67 7.04 -57.47 11.82
N VAL A 68 7.04 -58.38 10.86
CA VAL A 68 6.34 -58.16 9.59
C VAL A 68 5.57 -59.43 9.30
N ASP A 69 4.25 -59.36 9.45
CA ASP A 69 3.38 -60.53 9.32
C ASP A 69 2.59 -60.35 8.03
N SER A 70 2.50 -61.41 7.24
CA SER A 70 1.70 -61.43 6.03
C SER A 70 0.52 -62.36 6.22
N TYR A 71 -0.65 -61.90 5.79
CA TYR A 71 -1.85 -62.73 5.82
C TYR A 71 -2.49 -62.77 4.45
N ASP A 72 -2.84 -63.97 4.03
CA ASP A 72 -3.68 -64.16 2.87
C ASP A 72 -5.11 -63.89 3.31
N VAL A 73 -5.84 -63.15 2.47
CA VAL A 73 -7.20 -62.73 2.77
C VAL A 73 -7.99 -62.75 1.47
N THR A 74 -9.01 -63.58 1.38
CA THR A 74 -9.85 -63.60 0.18
C THR A 74 -11.27 -63.18 0.56
N VAL A 75 -11.84 -62.27 -0.23
CA VAL A 75 -13.09 -61.58 0.12
C VAL A 75 -14.29 -62.26 -0.51
N ASP A 76 -15.47 -62.13 0.13
CA ASP A 76 -16.73 -62.74 -0.33
C ASP A 76 -17.32 -62.03 -1.55
N GLU A 77 -16.75 -60.89 -1.97
CA GLU A 77 -17.20 -60.12 -3.13
C GLU A 77 -16.02 -59.37 -3.75
N GLU A 78 -16.25 -58.80 -4.93
CA GLU A 78 -15.23 -58.09 -5.69
C GLU A 78 -15.30 -56.59 -5.40
N LEU A 79 -14.21 -56.04 -4.90
CA LEU A 79 -14.24 -54.73 -4.27
C LEU A 79 -13.82 -53.59 -5.19
N GLY A 80 -13.11 -53.88 -6.26
CA GLY A 80 -12.63 -52.78 -7.07
C GLY A 80 -11.38 -52.20 -6.45
N GLU A 81 -11.09 -50.95 -6.80
CA GLU A 81 -9.87 -50.30 -6.32
C GLU A 81 -10.04 -49.99 -4.85
N ILE A 82 -8.99 -50.24 -4.06
CA ILE A 82 -9.09 -50.09 -2.61
C ILE A 82 -8.80 -48.63 -2.24
N GLN A 83 -9.74 -48.02 -1.53
CA GLN A 83 -9.68 -46.63 -1.12
C GLN A 83 -9.22 -46.47 0.32
N LEU A 84 -9.56 -47.43 1.18
CA LEU A 84 -9.36 -47.32 2.61
C LEU A 84 -9.11 -48.70 3.19
N VAL A 85 -8.35 -48.70 4.27
CA VAL A 85 -8.13 -49.86 5.09
C VAL A 85 -8.55 -49.49 6.51
N ARG A 86 -9.17 -50.41 7.19
CA ARG A 86 -9.80 -50.19 8.47
C ARG A 86 -9.19 -51.17 9.45
N ILE A 87 -8.87 -50.71 10.63
CA ILE A 87 -8.21 -51.56 11.62
C ILE A 87 -9.03 -51.45 12.89
N GLU A 88 -9.28 -52.57 13.56
CA GLU A 88 -10.02 -52.59 14.82
C GLU A 88 -9.33 -53.56 15.76
N LYS A 89 -9.10 -53.12 17.01
CA LYS A 89 -8.42 -53.96 18.00
C LYS A 89 -9.37 -54.24 19.15
N ARG A 90 -9.62 -55.52 19.37
CA ARG A 90 -10.56 -55.95 20.39
C ARG A 90 -9.78 -56.62 21.51
N LYS A 91 -9.95 -56.14 22.72
CA LYS A 91 -9.13 -56.59 23.84
C LYS A 91 -9.06 -58.11 23.87
N TYR A 92 -7.88 -58.62 24.22
CA TYR A 92 -7.69 -60.01 24.60
C TYR A 92 -6.95 -59.97 25.93
N GLY A 93 -7.60 -60.45 26.98
CA GLY A 93 -7.06 -60.34 28.32
C GLY A 93 -6.80 -58.88 28.61
N SER A 94 -5.53 -58.56 28.80
CA SER A 94 -5.13 -57.22 29.18
C SER A 94 -5.29 -56.25 28.01
N ASN A 95 -5.30 -54.98 28.36
CA ASN A 95 -5.30 -53.89 27.39
C ASN A 95 -3.86 -53.67 26.94
N ASP A 96 -3.58 -53.98 25.66
CA ASP A 96 -2.23 -53.91 25.12
C ASP A 96 -2.22 -52.97 23.94
N ASP A 97 -1.57 -51.82 24.08
CA ASP A 97 -1.46 -50.91 22.94
C ASP A 97 -0.56 -51.51 21.87
N TRP A 98 -0.79 -51.09 20.63
CA TRP A 98 -0.14 -51.67 19.45
C TRP A 98 0.36 -50.55 18.57
N TYR A 99 1.66 -50.52 18.28
CA TYR A 99 2.12 -49.52 17.33
C TYR A 99 2.07 -50.11 15.93
N LEU A 100 1.42 -49.41 15.01
CA LEU A 100 1.23 -49.87 13.65
C LEU A 100 1.98 -48.98 12.67
N LYS A 101 3.01 -49.55 12.04
CA LYS A 101 3.80 -48.79 11.06
C LYS A 101 3.04 -48.60 9.76
N TYR A 102 2.68 -49.69 9.08
CA TYR A 102 1.99 -49.54 7.80
C TYR A 102 1.34 -50.87 7.43
N ILE A 103 0.35 -50.78 6.55
CA ILE A 103 -0.30 -51.93 5.95
C ILE A 103 0.03 -51.90 4.46
N THR A 104 0.24 -53.07 3.86
CA THR A 104 0.32 -53.19 2.41
C THR A 104 -0.66 -54.25 1.91
N LEU A 105 -1.12 -54.08 0.66
CA LEU A 105 -1.88 -55.11 -0.04
C LEU A 105 -1.27 -55.40 -1.39
N LYS A 106 -1.33 -56.67 -1.83
CA LYS A 106 -1.05 -57.11 -3.21
C LYS A 106 -2.41 -57.69 -3.65
N THR A 107 -3.13 -57.01 -4.56
CA THR A 107 -4.53 -57.33 -4.96
C THR A 107 -4.59 -58.53 -5.91
N PRO A 108 -5.78 -59.14 -6.20
CA PRO A 108 -5.88 -60.27 -7.16
C PRO A 108 -5.42 -59.89 -8.57
N HIS A 109 -5.64 -58.63 -8.96
CA HIS A 109 -5.26 -58.00 -10.25
C HIS A 109 -3.74 -57.74 -10.35
N GLY A 110 -2.96 -57.86 -9.26
CA GLY A 110 -1.50 -57.66 -9.29
C GLY A 110 -1.05 -56.29 -8.84
N ASP A 111 -1.92 -55.47 -8.24
CA ASP A 111 -1.59 -54.10 -7.80
C ASP A 111 -1.04 -54.10 -6.36
N TYR A 112 0.01 -53.34 -6.06
CA TYR A 112 0.61 -53.13 -4.76
C TYR A 112 0.15 -51.75 -4.25
N ILE A 113 -0.50 -51.75 -3.10
CA ILE A 113 -0.96 -50.52 -2.50
C ILE A 113 -0.49 -50.49 -1.06
N GLU A 114 0.08 -49.34 -0.65
CA GLU A 114 0.67 -49.11 0.65
C GLU A 114 -0.16 -48.11 1.42
N PHE A 115 -0.38 -48.32 2.73
CA PHE A 115 -1.22 -47.45 3.60
C PHE A 115 -0.38 -47.03 4.81
N PRO A 116 0.32 -45.87 4.81
CA PRO A 116 1.10 -45.45 5.97
C PRO A 116 0.21 -45.22 7.20
N CYS A 117 0.67 -45.61 8.39
CA CYS A 117 -0.08 -45.42 9.66
C CYS A 117 0.75 -44.59 10.66
N TYR A 118 1.82 -45.18 11.22
CA TYR A 118 2.73 -44.53 12.20
C TYR A 118 1.92 -43.89 13.35
N ARG A 119 0.99 -44.67 13.89
CA ARG A 119 0.08 -44.25 14.99
C ARG A 119 -0.04 -45.39 16.01
N TRP A 120 -0.46 -45.05 17.23
CA TRP A 120 -0.71 -45.97 18.36
C TRP A 120 -2.18 -46.42 18.31
N ILE A 121 -2.48 -47.72 18.24
CA ILE A 121 -3.81 -48.24 18.21
C ILE A 121 -4.09 -48.77 19.60
N THR A 122 -4.84 -47.98 20.37
CA THR A 122 -5.57 -48.48 21.53
C THR A 122 -6.89 -49.09 21.07
N GLY A 123 -7.51 -49.88 21.95
CA GLY A 123 -8.80 -50.45 21.60
C GLY A 123 -9.95 -49.47 21.50
N ASP A 124 -9.67 -48.20 21.78
CA ASP A 124 -10.71 -47.19 21.92
C ASP A 124 -11.37 -46.87 20.58
N VAL A 125 -10.59 -46.48 19.59
CA VAL A 125 -11.11 -46.02 18.32
C VAL A 125 -10.58 -46.92 17.20
N GLU A 126 -11.45 -47.22 16.25
CA GLU A 126 -11.05 -47.73 14.94
C GLU A 126 -10.12 -46.77 14.21
N VAL A 127 -9.19 -47.34 13.43
CA VAL A 127 -8.26 -46.59 12.59
C VAL A 127 -8.59 -46.86 11.12
N VAL A 128 -8.66 -45.80 10.30
CA VAL A 128 -8.92 -45.93 8.86
C VAL A 128 -7.85 -45.17 8.09
N LEU A 129 -7.10 -45.83 7.21
CA LEU A 129 -5.94 -45.18 6.54
C LEU A 129 -6.15 -45.11 5.02
N ARG A 130 -5.81 -43.98 4.39
CA ARG A 130 -5.84 -43.81 2.92
C ARG A 130 -4.56 -44.44 2.35
N ASP A 131 -4.53 -44.77 1.06
CA ASP A 131 -3.28 -45.25 0.41
C ASP A 131 -2.41 -43.99 0.39
N GLY A 132 -1.08 -44.11 0.64
CA GLY A 132 -0.09 -43.09 0.98
C GLY A 132 0.23 -42.06 -0.08
N ARG A 133 -0.33 -42.11 -1.29
CA ARG A 133 -0.20 -40.97 -2.18
C ARG A 133 -0.73 -39.76 -1.44
N ALA A 134 -0.13 -38.61 -1.63
CA ALA A 134 -0.55 -37.41 -0.93
C ALA A 134 -1.66 -36.73 -1.73
N LYS A 135 -2.63 -36.21 -1.01
CA LYS A 135 -3.81 -35.71 -1.66
C LYS A 135 -4.27 -34.45 -0.96
N LEU A 136 -4.62 -33.48 -1.76
CA LEU A 136 -5.29 -32.28 -1.31
C LEU A 136 -6.79 -32.52 -1.31
N ALA A 137 -7.51 -31.77 -0.45
CA ALA A 137 -8.97 -31.82 -0.47
C ALA A 137 -9.49 -31.81 -1.90
N ARG A 138 -8.98 -30.90 -2.71
CA ARG A 138 -9.35 -30.74 -4.12
C ARG A 138 -9.22 -32.02 -4.93
N ASP A 139 -8.32 -32.92 -4.54
CA ASP A 139 -8.18 -34.20 -5.26
C ASP A 139 -9.35 -35.18 -4.99
N ASP A 140 -10.09 -35.03 -3.87
CA ASP A 140 -11.04 -36.01 -3.40
C ASP A 140 -12.45 -35.57 -3.78
N GLN A 141 -13.07 -36.32 -4.69
CA GLN A 141 -14.37 -35.97 -5.19
C GLN A 141 -15.43 -37.06 -4.96
N ILE A 142 -15.10 -38.21 -4.42
CA ILE A 142 -16.10 -39.21 -4.08
C ILE A 142 -16.36 -39.21 -2.57
N HIS A 143 -17.59 -39.56 -2.23
CA HIS A 143 -18.05 -39.50 -0.85
C HIS A 143 -17.20 -40.34 0.10
N ILE A 144 -16.66 -41.44 -0.38
CA ILE A 144 -15.95 -42.35 0.49
C ILE A 144 -14.73 -41.65 1.06
N LEU A 145 -14.04 -40.89 0.21
CA LEU A 145 -12.82 -40.23 0.64
C LEU A 145 -13.16 -38.91 1.32
N LYS A 146 -14.12 -38.14 0.77
CA LYS A 146 -14.48 -36.87 1.36
C LYS A 146 -15.04 -37.03 2.75
N GLN A 147 -15.58 -38.17 3.05
CA GLN A 147 -16.16 -38.33 4.38
C GLN A 147 -15.08 -38.72 5.35
N HIS A 148 -14.12 -39.50 4.87
CA HIS A 148 -13.01 -39.88 5.71
C HIS A 148 -12.20 -38.67 6.08
N ARG A 149 -11.94 -37.81 5.08
CA ARG A 149 -11.12 -36.62 5.27
C ARG A 149 -11.77 -35.71 6.29
N ARG A 150 -13.09 -35.58 6.21
CA ARG A 150 -13.83 -34.66 7.05
C ARG A 150 -14.00 -35.23 8.42
N LYS A 151 -14.19 -36.52 8.50
CA LYS A 151 -14.31 -37.15 9.79
C LYS A 151 -12.95 -37.23 10.49
N GLU A 152 -11.85 -37.28 9.72
CA GLU A 152 -10.51 -37.29 10.30
C GLU A 152 -10.16 -35.97 10.98
N LEU A 153 -10.42 -34.86 10.29
CA LEU A 153 -10.26 -33.53 10.87
C LEU A 153 -11.21 -33.28 12.03
N GLU A 154 -12.47 -33.71 11.95
CA GLU A 154 -13.36 -33.47 13.06
C GLU A 154 -12.87 -34.17 14.31
N THR A 155 -12.23 -35.30 14.11
CA THR A 155 -11.67 -36.08 15.20
C THR A 155 -10.36 -35.47 15.70
N ARG A 156 -9.50 -35.01 14.80
CA ARG A 156 -8.29 -34.33 15.25
C ARG A 156 -8.68 -33.21 16.18
N GLN A 157 -9.68 -32.40 15.81
CA GLN A 157 -9.98 -31.14 16.47
C GLN A 157 -10.63 -31.31 17.82
N LYS A 158 -11.13 -32.47 18.11
CA LYS A 158 -11.61 -32.76 19.44
C LYS A 158 -10.50 -33.32 20.31
N GLN A 159 -9.48 -33.89 19.69
CA GLN A 159 -8.38 -34.63 20.34
C GLN A 159 -7.19 -33.68 20.62
N TYR A 160 -6.84 -32.81 19.70
CA TYR A 160 -5.72 -31.87 19.83
C TYR A 160 -6.23 -30.42 20.01
N ARG A 161 -6.34 -29.99 21.26
CA ARG A 161 -6.95 -28.71 21.53
C ARG A 161 -5.91 -27.71 22.04
N TRP A 162 -6.19 -26.45 21.80
CA TRP A 162 -5.39 -25.36 22.31
C TRP A 162 -5.76 -25.05 23.76
N MET A 163 -4.79 -24.47 24.46
CA MET A 163 -4.91 -24.07 25.86
C MET A 163 -3.82 -23.04 26.16
N GLU A 164 -4.16 -22.08 26.99
CA GLU A 164 -3.19 -21.11 27.48
C GLU A 164 -2.62 -21.65 28.80
N TRP A 165 -1.31 -21.93 28.81
CA TRP A 165 -0.68 -22.48 29.99
C TRP A 165 -0.39 -21.39 31.01
N ASN A 166 0.14 -20.28 30.54
CA ASN A 166 0.39 -19.08 31.34
C ASN A 166 -0.01 -17.88 30.50
N PRO A 167 -0.34 -16.75 31.14
CA PRO A 167 -0.93 -15.62 30.40
C PRO A 167 0.04 -14.99 29.42
N GLY A 168 -0.45 -14.73 28.22
CA GLY A 168 0.33 -14.07 27.20
C GLY A 168 1.20 -14.98 26.39
N PHE A 169 1.46 -16.20 26.88
CA PHE A 169 2.26 -17.19 26.19
C PHE A 169 1.63 -17.58 24.86
N PRO A 170 2.42 -18.14 23.94
CA PRO A 170 1.81 -18.85 22.82
C PRO A 170 0.90 -19.95 23.39
N LEU A 171 -0.10 -20.33 22.63
CA LEU A 171 -1.01 -21.33 23.20
C LEU A 171 -0.37 -22.70 23.02
N SER A 172 -0.71 -23.62 23.90
CA SER A 172 -0.07 -24.92 23.88
C SER A 172 -1.11 -26.05 23.98
N ILE A 173 -0.61 -27.28 24.00
CA ILE A 173 -1.49 -28.43 24.01
C ILE A 173 -2.34 -28.41 25.28
N ASP A 174 -3.54 -28.98 25.18
CA ASP A 174 -4.50 -28.94 26.28
C ASP A 174 -4.38 -30.21 27.12
N ALA A 175 -3.29 -30.26 27.88
CA ALA A 175 -3.00 -31.43 28.71
C ALA A 175 -2.20 -30.98 29.92
N LYS A 176 -2.72 -31.25 31.13
CA LYS A 176 -1.95 -30.93 32.32
C LYS A 176 -0.57 -31.59 32.25
N CYS A 177 -0.54 -32.90 32.02
CA CYS A 177 0.65 -33.72 32.12
C CYS A 177 0.74 -34.67 30.92
N HIS A 178 1.88 -35.36 30.81
CA HIS A 178 2.16 -36.22 29.66
C HIS A 178 1.12 -37.31 29.51
N LYS A 179 0.69 -37.88 30.64
CA LYS A 179 -0.34 -38.91 30.64
C LYS A 179 -1.58 -38.51 29.85
N ASP A 180 -2.03 -37.27 29.99
CA ASP A 180 -3.29 -36.89 29.35
C ASP A 180 -3.13 -36.61 27.86
N LEU A 181 -1.92 -36.72 27.32
CA LEU A 181 -1.74 -36.52 25.89
C LEU A 181 -2.33 -37.68 25.08
N PRO A 182 -2.81 -37.43 23.87
CA PRO A 182 -3.07 -38.54 22.94
C PRO A 182 -1.83 -39.42 22.83
N ARG A 183 -2.04 -40.74 22.83
CA ARG A 183 -0.92 -41.68 22.74
C ARG A 183 -0.07 -41.37 21.52
N ASP A 184 -0.73 -41.12 20.39
CA ASP A 184 -0.03 -40.83 19.15
C ASP A 184 1.10 -39.82 19.34
N ILE A 185 0.98 -38.91 20.31
CA ILE A 185 2.00 -37.88 20.45
C ILE A 185 2.71 -37.94 21.81
N GLN A 186 2.67 -39.06 22.50
CA GLN A 186 3.47 -39.22 23.69
C GLN A 186 4.81 -39.79 23.31
N PHE A 187 5.72 -39.76 24.28
CA PHE A 187 6.97 -40.51 24.19
C PHE A 187 6.69 -42.01 24.16
N ASP A 188 7.60 -42.75 23.54
CA ASP A 188 7.37 -44.19 23.34
C ASP A 188 7.43 -44.96 24.66
N SER A 189 8.16 -44.43 25.65
CA SER A 189 8.14 -44.87 27.04
C SER A 189 7.76 -43.70 27.94
N GLU A 190 6.97 -43.98 29.00
CA GLU A 190 6.35 -42.92 29.81
C GLU A 190 7.40 -41.97 30.42
N LYS A 191 8.52 -42.52 30.89
CA LYS A 191 9.58 -41.73 31.51
C LYS A 191 10.93 -41.90 30.79
N GLY A 192 10.92 -42.41 29.56
CA GLY A 192 12.17 -42.50 28.80
C GLY A 192 12.89 -41.18 28.75
N VAL A 193 12.16 -40.10 28.49
CA VAL A 193 12.64 -38.74 28.66
C VAL A 193 11.87 -38.15 29.83
N ASP A 194 12.55 -38.04 30.97
CA ASP A 194 11.95 -37.68 32.25
C ASP A 194 12.92 -36.72 32.95
N PHE A 195 12.52 -35.45 33.03
CA PHE A 195 13.41 -34.40 33.54
C PHE A 195 13.94 -34.74 34.94
N VAL A 196 13.06 -35.16 35.86
CA VAL A 196 13.47 -35.27 37.26
C VAL A 196 14.43 -36.45 37.44
N LEU A 197 14.27 -37.53 36.67
CA LEU A 197 15.22 -38.64 36.74
C LEU A 197 16.49 -38.34 35.95
N ASN A 198 16.34 -37.77 34.76
CA ASN A 198 17.50 -37.47 33.93
C ASN A 198 18.43 -36.47 34.60
N TYR A 199 17.87 -35.49 35.33
CA TYR A 199 18.71 -34.53 36.04
C TYR A 199 19.50 -35.21 37.16
N SER A 200 18.83 -35.98 38.00
CA SER A 200 19.54 -36.62 39.11
C SER A 200 20.47 -37.73 38.59
N LYS A 201 20.06 -38.45 37.55
CA LYS A 201 20.95 -39.46 36.96
C LYS A 201 22.19 -38.81 36.36
N ALA A 202 22.02 -37.64 35.74
CA ALA A 202 23.17 -36.87 35.28
C ALA A 202 24.12 -36.55 36.42
N MET A 203 23.60 -36.34 37.63
CA MET A 203 24.44 -35.92 38.74
C MET A 203 25.22 -37.06 39.39
N GLU A 204 24.83 -38.32 39.16
CA GLU A 204 25.64 -39.45 39.57
C GLU A 204 26.78 -39.69 38.59
N ASN A 205 26.46 -39.66 37.29
CA ASN A 205 27.46 -39.85 36.23
C ASN A 205 28.56 -38.80 36.32
N LEU A 206 28.18 -37.53 36.52
CA LEU A 206 29.14 -36.45 36.76
C LEU A 206 29.82 -36.55 38.13
N PHE A 207 29.23 -37.37 39.02
CA PHE A 207 29.73 -37.72 40.38
C PHE A 207 29.77 -36.50 41.32
N ILE A 208 28.66 -35.76 41.43
CA ILE A 208 28.51 -34.61 42.36
C ILE A 208 27.23 -34.79 43.17
N ASN A 209 26.97 -36.03 43.55
CA ASN A 209 25.82 -36.47 44.40
C ASN A 209 26.02 -35.89 45.79
N ARG A 210 27.27 -35.78 46.25
CA ARG A 210 27.64 -35.29 47.60
C ARG A 210 27.32 -33.79 47.74
N PHE A 211 27.34 -32.99 46.67
CA PHE A 211 27.00 -31.59 46.78
C PHE A 211 25.56 -31.28 46.40
N MET A 212 24.71 -32.30 46.24
CA MET A 212 23.43 -32.04 45.62
C MET A 212 22.58 -31.07 46.43
N HIS A 213 22.71 -31.10 47.76
CA HIS A 213 21.78 -30.44 48.66
C HIS A 213 22.46 -29.43 49.57
N MET A 214 23.74 -29.11 49.28
CA MET A 214 24.50 -28.09 49.99
C MET A 214 24.22 -26.71 49.39
N PHE A 215 22.97 -26.27 49.49
CA PHE A 215 22.58 -25.06 48.80
C PHE A 215 23.11 -23.81 49.49
N GLN A 216 23.85 -23.99 50.58
CA GLN A 216 24.43 -22.89 51.32
C GLN A 216 25.95 -22.81 51.25
N SER A 217 26.62 -23.83 50.71
CA SER A 217 28.09 -23.92 50.69
C SER A 217 28.64 -23.29 49.42
N SER A 218 29.56 -22.33 49.58
CA SER A 218 30.24 -21.73 48.43
C SER A 218 31.49 -22.54 48.08
N TRP A 219 31.82 -22.57 46.79
CA TRP A 219 33.10 -23.14 46.43
C TRP A 219 34.17 -22.39 47.20
N ASN A 220 35.11 -23.12 47.80
CA ASN A 220 36.14 -22.47 48.61
C ASN A 220 36.93 -21.41 47.83
N ASP A 221 37.26 -21.70 46.56
CA ASP A 221 37.87 -20.80 45.59
C ASP A 221 37.69 -21.50 44.23
N PHE A 222 38.24 -20.90 43.15
CA PHE A 222 38.04 -21.55 41.84
C PHE A 222 38.62 -22.96 41.81
N ALA A 223 39.71 -23.18 42.56
CA ALA A 223 40.32 -24.51 42.61
C ALA A 223 39.33 -25.58 43.04
N ASP A 224 38.63 -25.35 44.17
CA ASP A 224 37.75 -26.39 44.71
C ASP A 224 36.72 -26.81 43.68
N PHE A 225 36.20 -25.85 42.90
CA PHE A 225 35.27 -26.24 41.85
C PHE A 225 35.98 -26.90 40.68
N GLU A 226 37.25 -26.57 40.48
CA GLU A 226 37.95 -27.17 39.35
C GLU A 226 38.26 -28.63 39.63
N LYS A 227 38.55 -28.98 40.89
CA LYS A 227 38.58 -30.39 41.27
C LYS A 227 37.38 -31.12 40.69
N ILE A 228 36.18 -30.59 40.92
CA ILE A 228 34.97 -31.27 40.48
C ILE A 228 34.88 -31.28 38.96
N PHE A 229 35.36 -30.23 38.31
CA PHE A 229 35.11 -30.07 36.88
C PHE A 229 36.11 -30.84 36.03
N VAL A 230 37.39 -30.90 36.43
CA VAL A 230 38.36 -31.63 35.61
C VAL A 230 37.88 -33.07 35.39
N LYS A 231 37.29 -33.67 36.42
CA LYS A 231 36.76 -35.02 36.27
C LYS A 231 35.80 -35.13 35.10
N ILE A 232 35.00 -34.08 34.85
CA ILE A 232 33.82 -34.12 33.99
C ILE A 232 33.92 -33.19 32.78
N SER A 233 35.14 -32.76 32.43
CA SER A 233 35.27 -31.81 31.34
C SER A 233 35.21 -32.51 29.99
N ASN A 234 34.72 -31.81 29.00
CA ASN A 234 34.90 -32.26 27.62
C ASN A 234 35.85 -31.28 26.92
N THR A 235 35.99 -31.43 25.61
CA THR A 235 36.98 -30.65 24.88
C THR A 235 36.74 -29.16 25.06
N ILE A 236 35.58 -28.67 24.60
CA ILE A 236 35.31 -27.26 24.71
C ILE A 236 35.18 -26.81 26.15
N SER A 237 34.69 -27.66 27.04
CA SER A 237 34.45 -27.14 28.37
C SER A 237 35.75 -27.06 29.13
N GLU A 238 36.74 -27.85 28.69
CA GLU A 238 38.09 -27.71 29.25
C GLU A 238 38.77 -26.46 28.72
N ARG A 239 38.52 -26.11 27.45
CA ARG A 239 39.06 -24.88 26.89
C ARG A 239 38.45 -23.67 27.57
N VAL A 240 37.17 -23.76 27.92
CA VAL A 240 36.52 -22.69 28.63
C VAL A 240 37.05 -22.58 30.03
N MET A 241 37.40 -23.71 30.66
CA MET A 241 37.98 -23.64 32.00
C MET A 241 39.29 -22.85 31.98
N ASN A 242 40.08 -22.97 30.92
CA ASN A 242 41.41 -22.40 30.88
C ASN A 242 41.45 -21.01 30.28
N HIS A 243 40.39 -20.58 29.64
CA HIS A 243 40.49 -19.32 28.92
C HIS A 243 39.28 -18.42 29.16
N TRP A 244 38.48 -18.67 30.19
CA TRP A 244 37.23 -17.92 30.28
C TRP A 244 37.43 -16.50 30.76
N GLN A 245 38.59 -16.21 31.37
CA GLN A 245 38.88 -14.84 31.78
C GLN A 245 39.35 -14.00 30.64
N GLU A 246 39.66 -14.63 29.50
CA GLU A 246 40.12 -13.92 28.32
C GLU A 246 38.97 -13.21 27.60
N ASP A 247 39.18 -11.93 27.36
CA ASP A 247 38.26 -11.12 26.60
C ASP A 247 37.99 -11.71 25.22
N LEU A 248 38.97 -12.35 24.63
CA LEU A 248 38.76 -12.94 23.32
C LEU A 248 37.67 -14.02 23.38
N MET A 249 37.70 -14.86 24.42
CA MET A 249 36.70 -15.89 24.59
C MET A 249 35.33 -15.30 24.92
N PHE A 250 35.29 -14.31 25.83
CA PHE A 250 34.03 -13.64 26.14
C PHE A 250 33.35 -13.20 24.85
N GLY A 251 34.06 -12.43 24.03
CA GLY A 251 33.50 -11.97 22.77
C GLY A 251 33.12 -13.11 21.84
N TYR A 252 33.94 -14.16 21.81
CA TYR A 252 33.75 -15.23 20.85
C TYR A 252 32.36 -15.88 20.96
N GLN A 253 31.80 -15.96 22.17
CA GLN A 253 30.60 -16.71 22.43
C GLN A 253 29.37 -16.06 21.81
N PHE A 254 29.40 -14.75 21.64
CA PHE A 254 28.25 -14.08 21.07
C PHE A 254 28.01 -14.52 19.65
N LEU A 255 29.06 -14.98 18.99
CA LEU A 255 29.01 -15.37 17.60
C LEU A 255 28.92 -16.89 17.47
N ASN A 256 29.49 -17.64 18.43
CA ASN A 256 29.72 -19.06 18.22
C ASN A 256 29.60 -19.89 19.50
N GLY A 257 29.06 -19.37 20.56
CA GLY A 257 28.77 -20.18 21.71
C GLY A 257 27.39 -20.78 21.62
N ALA A 258 26.75 -20.90 22.77
CA ALA A 258 25.47 -21.52 22.92
C ALA A 258 24.31 -20.60 22.57
N ASN A 259 24.48 -19.27 22.60
CA ASN A 259 23.37 -18.31 22.39
C ASN A 259 23.72 -17.22 21.37
N PRO A 260 24.12 -17.61 20.16
CA PRO A 260 24.70 -16.64 19.21
C PRO A 260 23.76 -15.76 18.38
N VAL A 261 22.79 -15.15 19.06
CA VAL A 261 21.72 -14.47 18.29
C VAL A 261 21.43 -13.05 18.77
N LEU A 262 22.04 -12.66 19.90
CA LEU A 262 21.81 -11.36 20.51
C LEU A 262 22.66 -10.22 19.96
N ILE A 263 23.93 -10.43 19.66
CA ILE A 263 24.77 -9.34 19.16
C ILE A 263 24.16 -8.66 17.95
N ARG A 264 24.46 -7.38 17.77
CA ARG A 264 24.08 -6.67 16.55
C ARG A 264 25.09 -5.55 16.32
N ARG A 265 25.29 -5.22 15.06
CA ARG A 265 26.09 -4.05 14.72
C ARG A 265 25.39 -2.79 15.21
N CYS A 266 26.18 -1.89 15.72
CA CYS A 266 25.71 -0.67 16.37
C CYS A 266 25.83 0.47 15.38
N THR A 267 24.76 1.22 15.18
CA THR A 267 24.80 2.34 14.25
C THR A 267 24.85 3.70 14.92
N GLU A 268 24.27 3.85 16.11
CA GLU A 268 24.57 5.00 16.93
C GLU A 268 24.58 4.56 18.38
N LEU A 269 25.46 5.17 19.14
CA LEU A 269 25.58 4.83 20.55
C LEU A 269 24.33 5.28 21.29
N PRO A 270 23.74 4.42 22.10
CA PRO A 270 22.54 4.82 22.86
C PRO A 270 22.83 5.90 23.89
N GLU A 271 21.87 6.81 24.08
CA GLU A 271 22.01 7.79 25.16
C GLU A 271 22.19 7.09 26.51
N LYS A 272 21.64 5.90 26.69
CA LYS A 272 21.79 5.26 27.98
C LYS A 272 23.22 4.78 28.26
N LEU A 273 24.11 4.79 27.27
CA LEU A 273 25.50 4.35 27.44
C LEU A 273 26.40 5.55 27.21
N PRO A 274 26.65 6.34 28.20
CA PRO A 274 27.45 7.56 28.04
C PRO A 274 28.95 7.31 27.97
N VAL A 275 29.35 6.42 27.11
CA VAL A 275 30.75 6.00 26.96
C VAL A 275 31.44 6.92 25.96
N THR A 276 32.67 7.30 26.25
CA THR A 276 33.40 8.23 25.38
C THR A 276 34.66 7.60 24.83
N THR A 277 35.21 8.23 23.80
CA THR A 277 36.48 7.79 23.25
C THR A 277 37.55 7.64 24.32
N GLU A 278 37.70 8.65 25.18
CA GLU A 278 38.73 8.59 26.21
C GLU A 278 38.51 7.36 27.09
N MET A 279 37.27 6.97 27.32
CA MET A 279 37.10 5.83 28.21
C MET A 279 37.62 4.55 27.57
N VAL A 280 37.71 4.48 26.24
CA VAL A 280 38.03 3.21 25.58
C VAL A 280 39.12 3.38 24.55
N GLU A 281 39.92 4.46 24.68
CA GLU A 281 40.99 4.71 23.74
C GLU A 281 41.98 3.56 23.80
N CYS A 282 42.16 2.97 24.97
CA CYS A 282 43.13 1.90 25.08
C CYS A 282 42.70 0.65 24.28
N SER A 283 41.40 0.43 24.08
CA SER A 283 40.94 -0.72 23.29
C SER A 283 40.99 -0.43 21.81
N LEU A 284 40.74 0.80 21.42
CA LEU A 284 40.68 1.13 20.01
C LEU A 284 42.05 0.98 19.38
N GLU A 285 42.05 0.67 18.09
CA GLU A 285 43.32 0.33 17.47
C GLU A 285 43.52 0.96 16.10
N ARG A 286 42.69 1.88 15.65
CA ARG A 286 42.79 2.38 14.29
C ARG A 286 43.08 3.87 14.19
N GLN A 287 43.36 4.53 15.29
CA GLN A 287 43.70 5.95 15.26
C GLN A 287 42.46 6.76 14.99
N LEU A 288 41.31 6.13 15.29
CA LEU A 288 40.00 6.73 15.15
C LEU A 288 39.35 6.85 16.52
N SER A 289 38.43 7.82 16.60
CA SER A 289 37.60 7.98 17.77
C SER A 289 36.47 6.94 17.79
N LEU A 290 35.87 6.78 18.95
CA LEU A 290 34.73 5.87 19.10
C LEU A 290 33.64 6.19 18.09
N GLU A 291 33.20 7.44 18.04
CA GLU A 291 32.16 7.79 17.08
C GLU A 291 32.56 7.41 15.66
N GLN A 292 33.83 7.60 15.31
CA GLN A 292 34.23 7.21 13.97
C GLN A 292 34.24 5.69 13.81
N GLU A 293 34.47 4.97 14.90
CA GLU A 293 34.52 3.53 14.84
C GLU A 293 33.11 3.01 14.59
N VAL A 294 32.15 3.68 15.23
CA VAL A 294 30.75 3.36 15.04
C VAL A 294 30.33 3.62 13.61
N GLN A 295 30.57 4.83 13.12
CA GLN A 295 30.24 5.11 11.74
C GLN A 295 30.87 4.09 10.79
N GLN A 296 31.98 3.46 11.17
CA GLN A 296 32.68 2.54 10.26
C GLN A 296 32.21 1.09 10.34
N GLY A 297 31.31 0.76 11.24
CA GLY A 297 30.80 -0.57 11.33
C GLY A 297 31.54 -1.45 12.28
N ASN A 298 32.46 -0.91 13.04
CA ASN A 298 33.37 -1.72 13.83
C ASN A 298 32.90 -1.89 15.25
N ILE A 299 31.82 -1.23 15.64
CA ILE A 299 31.32 -1.29 17.01
C ILE A 299 30.01 -2.09 16.97
N PHE A 300 29.82 -2.95 17.97
CA PHE A 300 28.75 -3.92 18.11
C PHE A 300 28.26 -3.77 19.54
N ILE A 301 27.01 -4.16 19.78
CA ILE A 301 26.38 -3.97 21.08
C ILE A 301 25.51 -5.18 21.39
N VAL A 302 25.31 -5.42 22.67
CA VAL A 302 24.43 -6.46 23.19
C VAL A 302 23.75 -5.86 24.41
N ASP A 303 22.43 -5.74 24.37
CA ASP A 303 21.64 -4.91 25.29
C ASP A 303 20.57 -5.79 25.90
N PHE A 304 20.67 -6.03 27.20
CA PHE A 304 19.75 -6.90 27.92
C PHE A 304 18.63 -6.12 28.57
N GLU A 305 18.00 -5.18 27.84
CA GLU A 305 16.93 -4.42 28.46
C GLU A 305 15.75 -5.31 28.84
N LEU A 306 15.52 -6.39 28.08
CA LEU A 306 14.44 -7.32 28.38
C LEU A 306 14.48 -7.81 29.83
N LEU A 307 15.66 -7.83 30.42
CA LEU A 307 15.82 -8.26 31.80
C LEU A 307 15.51 -7.16 32.81
N ASP A 308 15.10 -5.97 32.35
CA ASP A 308 14.90 -4.79 33.19
C ASP A 308 13.56 -4.85 33.88
N GLY A 309 13.56 -5.21 35.16
CA GLY A 309 12.35 -5.30 35.94
C GLY A 309 11.87 -6.71 36.23
N ILE A 310 12.50 -7.71 35.59
CA ILE A 310 12.15 -9.10 35.89
C ILE A 310 12.48 -9.39 37.35
N ASP A 311 11.58 -10.10 38.02
CA ASP A 311 11.78 -10.42 39.44
C ASP A 311 12.88 -11.47 39.60
N ALA A 312 13.76 -11.26 40.60
CA ALA A 312 14.78 -12.23 40.96
C ALA A 312 14.25 -13.26 41.96
N ASN A 313 14.78 -14.48 41.85
CA ASN A 313 14.20 -15.68 42.47
C ASN A 313 14.22 -15.62 44.01
N LYS A 314 13.03 -15.76 44.59
CA LYS A 314 12.84 -15.71 46.04
C LYS A 314 12.44 -17.06 46.65
N THR A 315 12.36 -18.12 45.87
CA THR A 315 11.92 -19.49 46.30
C THR A 315 12.71 -19.97 47.53
N ASP A 316 13.99 -19.59 47.67
CA ASP A 316 14.82 -19.96 48.85
C ASP A 316 14.92 -18.75 49.79
N PRO A 317 14.39 -18.77 51.04
CA PRO A 317 14.56 -17.64 51.94
C PRO A 317 16.02 -17.35 52.34
N CYS A 318 16.81 -18.41 52.53
CA CYS A 318 18.23 -18.38 52.97
C CYS A 318 19.17 -17.73 51.95
N THR A 319 18.95 -17.95 50.65
CA THR A 319 19.83 -17.44 49.56
C THR A 319 19.13 -16.34 48.76
N LEU A 320 19.72 -15.15 48.59
CA LEU A 320 19.12 -14.03 47.84
C LEU A 320 19.60 -14.12 46.37
N GLN A 321 18.69 -14.12 45.39
CA GLN A 321 19.05 -14.19 43.95
C GLN A 321 18.92 -12.76 43.38
N PHE A 322 19.72 -12.43 42.37
CA PHE A 322 19.84 -11.10 41.83
C PHE A 322 19.99 -11.19 40.32
N LEU A 323 19.43 -10.21 39.63
CA LEU A 323 19.50 -10.12 38.18
C LEU A 323 19.99 -8.73 37.80
N ALA A 324 20.47 -8.59 36.57
CA ALA A 324 20.92 -7.31 36.02
C ALA A 324 20.32 -7.12 34.65
N ALA A 325 20.59 -5.97 34.03
CA ALA A 325 20.19 -5.71 32.64
C ALA A 325 21.29 -4.97 31.89
N PRO A 326 22.40 -5.65 31.61
CA PRO A 326 23.60 -4.94 31.18
C PRO A 326 23.57 -4.44 29.76
N ILE A 327 24.43 -3.46 29.49
CA ILE A 327 24.78 -3.05 28.14
C ILE A 327 26.25 -3.38 27.96
N CYS A 328 26.58 -4.10 26.89
CA CYS A 328 27.92 -4.54 26.56
C CYS A 328 28.31 -4.00 25.20
N LEU A 329 29.31 -3.13 25.15
CA LEU A 329 29.77 -2.56 23.91
C LEU A 329 30.95 -3.41 23.45
N LEU A 330 31.00 -3.71 22.17
CA LEU A 330 32.02 -4.60 21.67
C LEU A 330 32.66 -3.97 20.44
N TYR A 331 33.92 -4.27 20.22
CA TYR A 331 34.79 -3.68 19.17
C TYR A 331 35.38 -4.78 18.30
N LYS A 332 35.35 -4.63 16.99
CA LYS A 332 36.02 -5.58 16.10
C LYS A 332 37.44 -5.02 16.00
N ASN A 333 38.48 -5.75 16.41
CA ASN A 333 39.89 -5.26 16.48
C ASN A 333 40.57 -5.40 15.11
N LEU A 334 41.86 -5.05 14.98
CA LEU A 334 42.64 -5.14 13.73
C LEU A 334 42.74 -6.58 13.23
N ALA A 335 42.52 -7.60 14.08
CA ALA A 335 42.48 -9.00 13.66
C ALA A 335 41.08 -9.51 13.33
N ASN A 336 40.07 -8.63 13.37
CA ASN A 336 38.67 -8.90 13.04
C ASN A 336 38.03 -9.85 14.05
N LYS A 337 38.57 -9.84 15.27
CA LYS A 337 37.92 -10.48 16.41
C LYS A 337 37.13 -9.44 17.18
N ILE A 338 36.00 -9.85 17.73
CA ILE A 338 35.10 -8.94 18.42
C ILE A 338 35.36 -9.11 19.90
N VAL A 339 35.74 -8.01 20.55
CA VAL A 339 36.11 -8.04 21.96
C VAL A 339 35.26 -7.03 22.71
N PRO A 340 35.03 -7.25 24.01
CA PRO A 340 34.27 -6.30 24.83
C PRO A 340 35.10 -5.09 25.26
N ILE A 341 34.56 -3.88 25.08
CA ILE A 341 35.31 -2.68 25.42
C ILE A 341 34.64 -1.80 26.46
N ALA A 342 33.36 -2.00 26.75
CA ALA A 342 32.71 -1.27 27.83
C ALA A 342 31.52 -2.08 28.30
N ILE A 343 31.25 -2.09 29.61
CA ILE A 343 30.07 -2.78 30.11
C ILE A 343 29.36 -1.96 31.18
N GLN A 344 28.10 -1.63 30.97
CA GLN A 344 27.24 -1.08 32.02
C GLN A 344 26.26 -2.17 32.46
N LEU A 345 26.21 -2.43 33.78
CA LEU A 345 25.46 -3.59 34.25
C LEU A 345 23.93 -3.35 34.32
N ASN A 346 23.48 -2.08 34.33
CA ASN A 346 22.05 -1.77 34.30
C ASN A 346 21.75 -0.73 33.24
N GLN A 347 20.46 -0.49 33.05
CA GLN A 347 19.97 0.31 31.93
C GLN A 347 20.05 1.81 32.20
N ILE A 348 19.82 2.27 33.43
CA ILE A 348 19.75 3.71 33.67
C ILE A 348 21.13 4.18 34.17
N PRO A 349 21.88 4.92 33.37
CA PRO A 349 23.22 5.33 33.79
C PRO A 349 23.18 6.16 35.06
N GLY A 350 24.25 6.04 35.84
CA GLY A 350 24.32 6.70 37.11
C GLY A 350 25.74 6.67 37.63
N ASP A 351 25.90 7.11 38.85
CA ASP A 351 27.20 7.03 39.50
C ASP A 351 27.32 5.74 40.29
N GLU A 352 26.20 5.13 40.62
CA GLU A 352 26.19 3.78 41.19
C GLU A 352 25.85 2.72 40.17
N ASN A 353 26.11 2.99 38.87
CA ASN A 353 25.95 2.03 37.78
C ASN A 353 27.08 2.31 36.81
N PRO A 354 28.30 1.93 37.17
CA PRO A 354 29.48 2.45 36.46
C PRO A 354 29.60 1.83 35.09
N ILE A 355 30.40 2.46 34.24
CA ILE A 355 30.85 1.81 33.02
C ILE A 355 32.19 1.14 33.32
N PHE A 356 32.15 -0.19 33.43
CA PHE A 356 33.34 -0.99 33.64
C PHE A 356 34.08 -1.17 32.32
N LEU A 357 35.40 -1.19 32.40
CA LEU A 357 36.23 -1.17 31.22
C LEU A 357 37.34 -2.17 31.42
N PRO A 358 37.87 -2.75 30.34
CA PRO A 358 39.03 -3.64 30.48
C PRO A 358 40.29 -2.95 31.07
N SER A 359 40.32 -1.62 31.16
CA SER A 359 41.40 -0.96 31.89
C SER A 359 41.17 -0.91 33.40
N ASP A 360 40.03 -1.39 33.90
CA ASP A 360 39.72 -1.26 35.32
C ASP A 360 40.52 -2.28 36.14
N ALA A 361 40.39 -2.19 37.46
CA ALA A 361 40.95 -3.24 38.31
C ALA A 361 40.58 -4.62 37.78
N LYS A 362 41.45 -5.59 38.01
CA LYS A 362 41.31 -6.91 37.40
C LYS A 362 39.94 -7.51 37.68
N TYR A 363 39.50 -7.46 38.93
CA TYR A 363 38.24 -8.09 39.34
C TYR A 363 37.02 -7.22 39.01
N ASP A 364 37.15 -5.90 38.96
CA ASP A 364 36.04 -5.09 38.45
C ASP A 364 35.63 -5.55 37.06
N TRP A 365 36.58 -5.69 36.15
CA TRP A 365 36.19 -6.05 34.78
C TRP A 365 35.87 -7.53 34.62
N LEU A 366 36.51 -8.39 35.42
CA LEU A 366 36.10 -9.79 35.39
C LEU A 366 34.68 -9.91 35.90
N LEU A 367 34.39 -9.32 37.05
CA LEU A 367 33.03 -9.41 37.58
C LEU A 367 32.00 -8.84 36.62
N ALA A 368 32.33 -7.70 36.01
CA ALA A 368 31.42 -7.12 35.02
C ALA A 368 31.12 -8.11 33.91
N LYS A 369 32.16 -8.80 33.42
CA LYS A 369 31.98 -9.77 32.34
C LYS A 369 31.18 -10.98 32.82
N ILE A 370 31.33 -11.33 34.10
CA ILE A 370 30.57 -12.45 34.61
C ILE A 370 29.07 -12.11 34.67
N TRP A 371 28.70 -10.84 34.88
CA TRP A 371 27.28 -10.47 34.93
C TRP A 371 26.69 -10.53 33.53
N VAL A 372 27.44 -10.08 32.53
CA VAL A 372 26.96 -10.24 31.18
C VAL A 372 26.78 -11.72 30.83
N ARG A 373 27.60 -12.63 31.38
CA ARG A 373 27.45 -14.04 31.03
C ARG A 373 26.21 -14.65 31.70
N SER A 374 26.00 -14.33 32.98
CA SER A 374 24.76 -14.72 33.66
C SER A 374 23.53 -14.11 32.98
N SER A 375 23.65 -12.97 32.32
CA SER A 375 22.50 -12.40 31.65
C SER A 375 22.22 -13.15 30.35
N ASP A 376 23.28 -13.34 29.55
CA ASP A 376 23.17 -14.13 28.33
C ASP A 376 22.51 -15.48 28.59
N PHE A 377 22.75 -16.04 29.77
CA PHE A 377 22.27 -17.38 30.08
C PHE A 377 20.76 -17.36 30.25
N HIS A 378 20.27 -16.41 31.05
CA HIS A 378 18.83 -16.26 31.23
C HIS A 378 18.13 -16.05 29.90
N VAL A 379 18.52 -15.03 29.15
CA VAL A 379 17.89 -14.80 27.87
C VAL A 379 18.00 -16.03 26.99
N HIS A 380 19.06 -16.80 27.14
CA HIS A 380 19.17 -17.97 26.28
C HIS A 380 18.14 -19.03 26.63
N GLN A 381 18.04 -19.37 27.93
CA GLN A 381 17.29 -20.53 28.33
C GLN A 381 15.81 -20.33 28.05
N THR A 382 15.31 -19.13 28.39
CA THR A 382 13.91 -18.76 28.41
C THR A 382 13.43 -18.26 27.06
N ILE A 383 14.24 -17.50 26.36
CA ILE A 383 13.75 -16.80 25.18
C ILE A 383 14.23 -17.58 23.97
N THR A 384 15.52 -17.54 23.72
CA THR A 384 16.11 -18.22 22.58
C THR A 384 15.74 -19.70 22.52
N HIS A 385 15.71 -20.33 23.66
CA HIS A 385 15.62 -21.76 23.72
C HIS A 385 14.18 -22.19 23.94
N LEU A 386 13.61 -21.86 25.11
CA LEU A 386 12.23 -22.23 25.41
C LEU A 386 11.22 -21.54 24.50
N LEU A 387 11.23 -20.23 24.45
CA LEU A 387 10.16 -19.57 23.73
C LEU A 387 10.32 -19.82 22.23
N ARG A 388 11.53 -19.66 21.71
CA ARG A 388 11.70 -19.41 20.29
C ARG A 388 12.08 -20.65 19.51
N THR A 389 12.26 -21.77 20.18
CA THR A 389 12.36 -23.04 19.47
C THR A 389 11.33 -24.07 19.96
N HIS A 390 11.10 -24.20 21.27
CA HIS A 390 10.13 -25.19 21.74
C HIS A 390 8.69 -24.71 21.57
N LEU A 391 8.35 -23.61 22.24
CA LEU A 391 6.99 -23.11 22.14
C LEU A 391 6.65 -22.85 20.68
N VAL A 392 7.48 -22.11 19.97
CA VAL A 392 7.16 -21.89 18.57
C VAL A 392 6.88 -23.21 17.85
N SER A 393 7.63 -24.26 18.17
CA SER A 393 7.53 -25.49 17.40
C SER A 393 6.24 -26.25 17.76
N GLU A 394 5.93 -26.29 19.05
CA GLU A 394 4.69 -26.89 19.50
C GLU A 394 3.53 -26.23 18.80
N VAL A 395 3.56 -24.92 18.66
CA VAL A 395 2.50 -24.22 17.94
C VAL A 395 2.30 -24.85 16.58
N PHE A 396 3.37 -24.89 15.77
CA PHE A 396 3.30 -25.50 14.44
C PHE A 396 2.82 -26.96 14.54
N GLY A 397 3.25 -27.69 15.56
CA GLY A 397 2.87 -29.07 15.66
C GLY A 397 1.38 -29.23 15.87
N ILE A 398 0.82 -28.41 16.76
CA ILE A 398 -0.60 -28.51 17.10
C ILE A 398 -1.46 -28.12 15.92
N ALA A 399 -1.21 -26.95 15.35
CA ALA A 399 -1.93 -26.53 14.18
C ALA A 399 -1.89 -27.59 13.09
N MET A 400 -0.77 -28.35 13.02
CA MET A 400 -0.61 -29.36 11.97
C MET A 400 -1.53 -30.56 12.18
N TYR A 401 -1.63 -31.02 13.42
CA TYR A 401 -2.48 -32.14 13.73
C TYR A 401 -3.95 -31.72 13.65
N ARG A 402 -4.26 -30.49 13.96
CA ARG A 402 -5.63 -30.06 13.95
C ARG A 402 -6.16 -29.87 12.54
N GLN A 403 -5.34 -29.43 11.61
CA GLN A 403 -5.89 -28.91 10.40
C GLN A 403 -5.47 -29.65 9.14
N LEU A 404 -4.59 -30.63 9.23
CA LEU A 404 -3.94 -31.24 8.06
C LEU A 404 -4.16 -32.73 8.22
N PRO A 405 -5.02 -33.35 7.40
CA PRO A 405 -5.19 -34.80 7.51
C PRO A 405 -3.91 -35.51 7.10
N ALA A 406 -3.81 -36.77 7.55
CA ALA A 406 -2.65 -37.59 7.33
C ALA A 406 -2.30 -37.79 5.86
N VAL A 407 -3.28 -37.70 4.97
CA VAL A 407 -3.01 -37.89 3.54
C VAL A 407 -2.49 -36.62 2.86
N HIS A 408 -2.54 -35.47 3.55
CA HIS A 408 -2.12 -34.20 2.95
C HIS A 408 -0.60 -34.11 2.83
N PRO A 409 -0.06 -33.66 1.69
CA PRO A 409 1.41 -33.60 1.54
C PRO A 409 2.11 -32.86 2.67
N ILE A 410 1.50 -31.78 3.18
CA ILE A 410 2.19 -30.99 4.19
C ILE A 410 2.19 -31.71 5.52
N PHE A 411 1.19 -32.51 5.81
CA PHE A 411 1.31 -33.32 7.00
C PHE A 411 2.43 -34.33 6.83
N LYS A 412 2.59 -34.88 5.64
CA LYS A 412 3.58 -35.93 5.46
C LYS A 412 4.96 -35.34 5.68
N LEU A 413 5.10 -34.06 5.31
CA LEU A 413 6.37 -33.37 5.40
C LEU A 413 6.66 -32.95 6.83
N LEU A 414 5.74 -32.26 7.50
CA LEU A 414 6.04 -31.67 8.80
C LEU A 414 6.02 -32.66 9.96
N VAL A 415 5.46 -33.85 9.78
CA VAL A 415 5.18 -34.64 10.97
C VAL A 415 6.48 -35.14 11.58
N ALA A 416 7.48 -35.43 10.75
CA ALA A 416 8.78 -35.87 11.24
C ALA A 416 9.42 -34.79 12.10
N HIS A 417 9.22 -33.54 11.70
CA HIS A 417 9.85 -32.37 12.30
C HIS A 417 9.16 -31.84 13.53
N VAL A 418 8.05 -32.45 13.95
CA VAL A 418 7.30 -32.10 15.19
C VAL A 418 7.14 -33.38 16.03
N ARG A 419 8.06 -34.33 15.88
CA ARG A 419 8.02 -35.66 16.56
C ARG A 419 8.58 -35.47 17.98
N PHE A 420 7.77 -35.72 19.04
CA PHE A 420 8.08 -35.65 20.49
C PHE A 420 8.22 -34.19 20.94
N THR A 421 7.75 -33.23 20.15
CA THR A 421 7.85 -31.77 20.46
C THR A 421 6.84 -31.45 21.54
N ILE A 422 5.58 -31.83 21.30
CA ILE A 422 4.52 -31.65 22.27
C ILE A 422 4.75 -32.51 23.48
N ALA A 423 5.35 -33.68 23.30
CA ALA A 423 5.63 -34.52 24.46
C ALA A 423 6.72 -33.92 25.35
N ILE A 424 7.78 -33.36 24.77
CA ILE A 424 8.86 -32.84 25.61
C ILE A 424 8.39 -31.58 26.32
N ASN A 425 7.78 -30.64 25.56
CA ASN A 425 7.30 -29.39 26.15
C ASN A 425 6.36 -29.67 27.31
N THR A 426 5.53 -30.71 27.19
CA THR A 426 4.54 -31.04 28.21
C THR A 426 5.18 -31.69 29.42
N LYS A 427 6.17 -32.53 29.21
CA LYS A 427 6.92 -33.05 30.36
C LYS A 427 7.59 -31.90 31.11
N ALA A 428 8.01 -30.84 30.41
CA ALA A 428 8.64 -29.70 31.06
C ALA A 428 7.65 -28.89 31.87
N ARG A 429 6.49 -28.56 31.27
CA ARG A 429 5.45 -27.84 32.01
C ARG A 429 4.93 -28.64 33.18
N GLU A 430 5.02 -29.96 33.11
CA GLU A 430 4.62 -30.78 34.24
C GLU A 430 5.67 -30.78 35.36
N GLN A 431 6.96 -30.60 35.00
CA GLN A 431 8.07 -30.85 35.90
C GLN A 431 9.15 -29.77 36.00
N LEU A 432 9.68 -29.27 34.87
CA LEU A 432 10.84 -28.38 34.89
C LEU A 432 10.47 -26.93 35.22
N ILE A 433 9.76 -26.26 34.31
CA ILE A 433 9.41 -24.84 34.42
C ILE A 433 8.05 -24.63 35.07
N CYS A 434 7.48 -25.69 35.64
CA CYS A 434 6.21 -25.54 36.33
C CYS A 434 6.44 -24.79 37.64
N GLU A 435 5.33 -24.45 38.32
CA GLU A 435 5.44 -23.89 39.66
C GLU A 435 6.07 -24.92 40.61
N CYS A 436 7.15 -24.48 41.30
CA CYS A 436 8.01 -25.30 42.17
C CYS A 436 8.71 -26.39 41.37
N GLY A 437 9.01 -26.06 40.12
CA GLY A 437 9.73 -26.96 39.27
C GLY A 437 11.23 -26.88 39.48
N LEU A 438 11.92 -27.84 38.84
CA LEU A 438 13.37 -27.97 39.02
C LEU A 438 14.13 -26.79 38.43
N PHE A 439 13.53 -26.02 37.51
CA PHE A 439 14.16 -24.78 37.06
C PHE A 439 14.44 -23.84 38.22
N ASP A 440 13.59 -23.84 39.26
CA ASP A 440 13.77 -22.95 40.39
C ASP A 440 14.95 -23.34 41.29
N LYS A 441 15.65 -24.45 41.00
CA LYS A 441 16.67 -24.93 41.93
C LYS A 441 18.01 -24.24 41.74
N ALA A 442 18.25 -23.70 40.56
CA ALA A 442 19.54 -23.14 40.20
C ALA A 442 19.46 -21.78 39.51
N ASN A 443 18.32 -21.38 38.95
CA ASN A 443 18.24 -20.17 38.14
C ASN A 443 17.59 -19.00 38.89
N ALA A 444 18.21 -17.80 38.74
CA ALA A 444 17.74 -16.55 39.36
C ALA A 444 16.46 -16.01 38.71
N THR A 445 16.09 -16.49 37.52
CA THR A 445 14.79 -16.26 36.91
C THR A 445 13.76 -17.32 37.31
N GLY A 446 14.17 -18.34 38.06
CA GLY A 446 13.20 -19.15 38.76
C GLY A 446 12.34 -18.32 39.70
N GLY A 447 11.23 -18.92 40.10
CA GLY A 447 10.26 -18.29 40.96
C GLY A 447 9.07 -17.67 40.25
N GLY A 448 9.18 -17.40 38.94
CA GLY A 448 8.22 -16.55 38.25
C GLY A 448 8.84 -15.52 37.32
N GLY A 449 10.04 -15.04 37.64
CA GLY A 449 10.70 -14.11 36.73
C GLY A 449 10.74 -14.62 35.30
N HIS A 450 10.91 -15.92 35.13
CA HIS A 450 11.03 -16.51 33.80
C HIS A 450 9.70 -16.53 33.04
N VAL A 451 8.57 -16.30 33.71
CA VAL A 451 7.33 -16.11 32.98
C VAL A 451 7.22 -14.69 32.42
N GLN A 452 7.58 -13.68 33.21
CA GLN A 452 7.60 -12.31 32.68
C GLN A 452 8.49 -12.18 31.44
N MET A 453 9.67 -12.82 31.45
CA MET A 453 10.56 -12.73 30.29
C MET A 453 9.85 -13.18 29.02
N VAL A 454 9.12 -14.30 29.08
CA VAL A 454 8.38 -14.78 27.93
C VAL A 454 7.32 -13.75 27.49
N GLN A 455 6.56 -13.24 28.45
CA GLN A 455 5.50 -12.29 28.10
C GLN A 455 6.07 -11.09 27.36
N ARG A 456 7.15 -10.49 27.89
CA ARG A 456 7.70 -9.29 27.26
C ARG A 456 8.44 -9.61 25.96
N ALA A 457 8.88 -10.86 25.77
CA ALA A 457 9.57 -11.28 24.55
C ALA A 457 8.65 -11.57 23.38
N MET A 458 7.37 -11.87 23.68
CA MET A 458 6.34 -12.17 22.69
C MET A 458 6.13 -11.05 21.69
N LYS A 459 6.25 -9.80 22.15
CA LYS A 459 6.26 -8.64 21.27
C LYS A 459 7.30 -8.72 20.17
N ASP A 460 8.34 -9.50 20.36
CA ASP A 460 9.39 -9.59 19.37
C ASP A 460 9.35 -10.88 18.60
N LEU A 461 8.41 -11.74 18.89
CA LEU A 461 8.35 -13.02 18.23
C LEU A 461 7.67 -12.84 16.88
N THR A 462 8.41 -12.34 15.92
CA THR A 462 7.85 -12.13 14.63
C THR A 462 8.27 -13.18 13.62
N TYR A 463 7.42 -13.34 12.59
CA TYR A 463 7.73 -14.23 11.47
C TYR A 463 9.05 -13.84 10.84
N ALA A 464 9.36 -12.57 10.81
CA ALA A 464 10.60 -12.18 10.14
C ALA A 464 11.78 -12.60 10.99
N SER A 465 11.63 -12.53 12.31
CA SER A 465 12.72 -12.92 13.16
C SER A 465 13.10 -14.37 12.93
N LEU A 466 12.19 -15.17 12.38
CA LEU A 466 12.41 -16.60 12.19
C LEU A 466 12.84 -16.93 10.76
N CYS A 467 12.91 -15.94 9.89
CA CYS A 467 13.55 -16.09 8.57
C CYS A 467 15.06 -15.83 8.74
N PHE A 468 15.86 -16.90 8.72
CA PHE A 468 17.23 -16.81 9.25
C PHE A 468 18.09 -15.80 8.50
N PRO A 469 18.12 -15.80 7.17
CA PRO A 469 18.89 -14.76 6.50
C PRO A 469 18.41 -13.37 6.87
N GLU A 470 17.12 -13.13 6.66
CA GLU A 470 16.54 -11.83 6.96
C GLU A 470 16.91 -11.41 8.37
N ALA A 471 16.76 -12.34 9.31
CA ALA A 471 16.99 -12.03 10.71
C ALA A 471 18.45 -11.68 11.00
N ILE A 472 19.38 -12.28 10.25
CA ILE A 472 20.78 -12.01 10.46
C ILE A 472 21.10 -10.61 9.98
N LYS A 473 20.48 -10.25 8.85
CA LYS A 473 20.67 -8.92 8.28
C LYS A 473 20.05 -7.84 9.17
N ALA A 474 18.97 -8.14 9.86
CA ALA A 474 18.32 -7.11 10.67
C ALA A 474 19.24 -6.74 11.80
N ARG A 475 20.06 -7.69 12.24
CA ARG A 475 21.11 -7.43 13.21
C ARG A 475 22.38 -6.85 12.60
N GLY A 476 22.40 -6.42 11.35
CA GLY A 476 23.60 -6.01 10.69
C GLY A 476 24.83 -6.91 10.69
N MET A 477 24.59 -8.22 10.88
CA MET A 477 25.65 -9.20 11.00
C MET A 477 25.89 -9.99 9.74
N GLU A 478 25.38 -9.53 8.61
CA GLU A 478 25.36 -10.44 7.49
C GLU A 478 26.66 -10.47 6.71
N SER A 479 27.47 -9.42 6.79
CA SER A 479 28.65 -9.39 5.93
C SER A 479 29.70 -10.34 6.45
N LYS A 480 30.13 -11.28 5.59
CA LYS A 480 31.22 -12.17 5.94
C LYS A 480 32.58 -11.48 5.83
N GLU A 481 32.66 -10.53 4.90
CA GLU A 481 33.85 -9.72 4.73
C GLU A 481 34.12 -8.88 5.96
N ASP A 482 33.09 -8.23 6.49
CA ASP A 482 33.33 -7.39 7.66
C ASP A 482 33.40 -8.23 8.94
N ILE A 483 32.52 -9.22 9.08
CA ILE A 483 32.44 -10.03 10.29
C ILE A 483 32.78 -11.44 9.88
N PRO A 484 34.05 -11.84 9.90
CA PRO A 484 34.47 -13.07 9.23
C PRO A 484 34.54 -14.31 10.12
N TYR A 485 34.16 -14.23 11.38
CA TYR A 485 34.28 -15.41 12.24
C TYR A 485 32.94 -15.77 12.89
N TYR A 486 31.86 -15.57 12.12
CA TYR A 486 30.47 -15.84 12.57
C TYR A 486 30.07 -17.21 12.01
N PHE A 487 30.56 -18.30 12.66
CA PHE A 487 30.33 -19.62 12.06
C PHE A 487 28.88 -20.07 12.19
N TYR A 488 28.21 -19.68 13.28
CA TYR A 488 26.77 -19.85 13.40
C TYR A 488 26.02 -19.33 12.19
N ARG A 489 26.23 -18.06 11.85
CA ARG A 489 25.63 -17.53 10.63
C ARG A 489 25.95 -18.43 9.46
N ASP A 490 27.23 -18.66 9.21
CA ASP A 490 27.71 -19.33 7.99
C ASP A 490 27.04 -20.68 7.78
N ASP A 491 26.97 -21.47 8.84
CA ASP A 491 26.39 -22.80 8.80
C ASP A 491 24.86 -22.72 8.70
N GLY A 492 24.24 -21.92 9.56
CA GLY A 492 22.83 -21.63 9.42
C GLY A 492 22.45 -21.32 7.99
N LEU A 493 23.23 -20.48 7.31
CA LEU A 493 22.79 -20.10 5.99
C LEU A 493 22.77 -21.28 5.04
N LEU A 494 23.68 -22.23 5.23
CA LEU A 494 23.78 -23.34 4.29
C LEU A 494 22.66 -24.36 4.57
N VAL A 495 22.35 -24.57 5.85
CA VAL A 495 21.31 -25.49 6.23
C VAL A 495 19.95 -24.89 5.89
N TRP A 496 19.80 -23.57 6.09
CA TRP A 496 18.57 -22.90 5.68
C TRP A 496 18.33 -23.09 4.19
N GLU A 497 19.37 -22.88 3.39
CA GLU A 497 19.15 -23.01 1.96
C GLU A 497 18.86 -24.46 1.55
N ALA A 498 19.40 -25.44 2.29
CA ALA A 498 19.16 -26.81 1.90
C ALA A 498 17.71 -27.18 2.15
N ILE A 499 17.13 -26.65 3.24
CA ILE A 499 15.73 -26.87 3.57
C ILE A 499 14.85 -26.12 2.56
N ARG A 500 15.29 -24.91 2.23
CA ARG A 500 14.61 -24.00 1.27
C ARG A 500 14.46 -24.74 -0.06
N THR A 501 15.54 -25.39 -0.52
CA THR A 501 15.53 -26.18 -1.77
C THR A 501 14.64 -27.43 -1.68
N PHE A 502 14.46 -27.98 -0.50
CA PHE A 502 13.74 -29.20 -0.35
C PHE A 502 12.24 -28.95 -0.32
N THR A 503 11.84 -28.05 0.58
CA THR A 503 10.46 -27.61 0.67
C THR A 503 9.98 -27.03 -0.64
N ALA A 504 10.81 -26.29 -1.36
CA ALA A 504 10.30 -25.75 -2.61
C ALA A 504 10.06 -26.87 -3.62
N GLU A 505 10.86 -27.94 -3.54
CA GLU A 505 10.68 -29.06 -4.46
C GLU A 505 9.40 -29.78 -4.09
N VAL A 506 9.13 -29.87 -2.79
CA VAL A 506 7.89 -30.45 -2.31
C VAL A 506 6.68 -29.61 -2.72
N VAL A 507 6.68 -28.30 -2.48
CA VAL A 507 5.45 -27.58 -2.82
C VAL A 507 5.21 -27.63 -4.33
N ASP A 508 6.29 -27.53 -5.12
CA ASP A 508 6.14 -27.58 -6.55
C ASP A 508 5.64 -28.93 -7.07
N ILE A 509 5.84 -29.99 -6.30
CA ILE A 509 5.36 -31.29 -6.73
C ILE A 509 3.83 -31.34 -6.63
N TYR A 510 3.28 -30.86 -5.50
CA TYR A 510 1.88 -31.00 -5.11
C TYR A 510 0.99 -29.80 -5.41
N TYR A 511 1.56 -28.65 -5.74
CA TYR A 511 0.82 -27.42 -6.00
C TYR A 511 1.31 -26.86 -7.33
N GLU A 512 0.53 -27.03 -8.38
CA GLU A 512 0.96 -26.61 -9.70
C GLU A 512 0.91 -25.11 -9.90
N GLY A 513 0.29 -24.36 -9.02
CA GLY A 513 0.22 -22.92 -9.24
C GLY A 513 -0.14 -22.26 -7.94
N ASP A 514 -0.11 -20.94 -7.95
CA ASP A 514 -0.35 -20.26 -6.69
C ASP A 514 -1.81 -20.37 -6.30
N GLN A 515 -2.72 -20.38 -7.27
CA GLN A 515 -4.14 -20.52 -6.99
C GLN A 515 -4.44 -21.82 -6.24
N VAL A 516 -3.73 -22.89 -6.55
CA VAL A 516 -3.93 -24.11 -5.81
C VAL A 516 -3.59 -23.93 -4.35
N VAL A 517 -2.54 -23.17 -4.05
CA VAL A 517 -2.08 -22.90 -2.65
C VAL A 517 -3.14 -22.08 -1.91
N GLU A 518 -3.61 -20.99 -2.52
CA GLU A 518 -4.62 -20.05 -1.98
C GLU A 518 -5.96 -20.76 -1.73
N GLU A 519 -6.34 -21.69 -2.62
CA GLU A 519 -7.64 -22.42 -2.58
C GLU A 519 -7.60 -23.69 -1.74
N ASP A 520 -6.47 -24.05 -1.12
CA ASP A 520 -6.36 -25.26 -0.26
C ASP A 520 -6.93 -24.88 1.11
N PRO A 521 -8.14 -25.33 1.51
CA PRO A 521 -8.75 -24.87 2.76
C PRO A 521 -8.02 -25.30 4.03
N GLU A 522 -7.52 -26.54 4.06
CA GLU A 522 -6.79 -27.12 5.21
C GLU A 522 -5.46 -26.40 5.41
N LEU A 523 -4.77 -26.04 4.33
CA LEU A 523 -3.49 -25.29 4.40
C LEU A 523 -3.77 -23.92 5.00
N GLN A 524 -4.84 -23.27 4.56
CA GLN A 524 -5.26 -21.92 5.02
C GLN A 524 -5.64 -21.97 6.50
N ASP A 525 -6.39 -23.01 6.91
CA ASP A 525 -6.86 -23.23 8.30
C ASP A 525 -5.65 -23.49 9.20
N PHE A 526 -4.68 -24.28 8.70
CA PHE A 526 -3.43 -24.66 9.40
C PHE A 526 -2.63 -23.41 9.72
N VAL A 527 -2.54 -22.51 8.74
CA VAL A 527 -1.80 -21.21 8.82
C VAL A 527 -2.59 -20.25 9.71
N ASN A 528 -3.92 -20.27 9.59
CA ASN A 528 -4.82 -19.39 10.38
C ASN A 528 -4.82 -19.83 11.84
N ASP A 529 -4.63 -21.14 12.09
CA ASP A 529 -4.58 -21.71 13.46
C ASP A 529 -3.32 -21.22 14.17
N VAL A 530 -2.21 -21.16 13.45
CA VAL A 530 -0.86 -20.73 13.95
C VAL A 530 -0.92 -19.26 14.35
N TYR A 531 -1.62 -18.45 13.55
CA TYR A 531 -1.75 -16.98 13.71
C TYR A 531 -2.73 -16.60 14.82
N VAL A 532 -3.90 -17.27 14.90
CA VAL A 532 -4.94 -16.91 15.84
C VAL A 532 -4.69 -17.56 17.19
N TYR A 533 -4.37 -18.83 17.21
CA TYR A 533 -4.27 -19.52 18.51
C TYR A 533 -2.83 -19.53 19.00
N GLY A 534 -1.88 -19.84 18.12
CA GLY A 534 -0.51 -19.96 18.55
C GLY A 534 0.05 -18.61 18.96
N MET A 535 -0.08 -17.62 18.08
CA MET A 535 0.37 -16.25 18.27
C MET A 535 -0.70 -15.27 18.79
N ARG A 536 -1.86 -15.76 19.25
CA ARG A 536 -2.90 -14.93 19.88
C ARG A 536 -3.46 -13.89 18.94
N GLY A 537 -3.26 -14.06 17.65
CA GLY A 537 -3.84 -13.10 16.74
C GLY A 537 -3.27 -11.71 16.87
N ARG A 538 -1.97 -11.60 17.22
CA ARG A 538 -1.32 -10.29 17.28
C ARG A 538 -0.88 -9.86 15.89
N LYS A 539 -1.42 -8.73 15.43
CA LYS A 539 -1.08 -8.18 14.13
C LYS A 539 0.41 -7.97 14.00
N SER A 540 1.02 -7.42 15.05
CA SER A 540 2.43 -7.11 15.07
C SER A 540 3.32 -8.35 14.96
N SER A 541 2.77 -9.55 15.07
CA SER A 541 3.57 -10.75 14.96
C SER A 541 4.12 -10.96 13.55
N GLY A 542 3.48 -10.39 12.55
CA GLY A 542 3.94 -10.57 11.17
C GLY A 542 3.64 -11.93 10.56
N PHE A 543 2.99 -12.82 11.28
CA PHE A 543 2.66 -14.14 10.72
C PHE A 543 1.60 -14.02 9.63
N PRO A 544 1.68 -14.82 8.59
CA PRO A 544 0.64 -14.78 7.55
C PRO A 544 -0.70 -15.24 8.12
N LYS A 545 -1.77 -14.52 7.73
CA LYS A 545 -3.14 -14.97 7.97
C LYS A 545 -3.52 -16.07 6.98
N SER A 546 -2.94 -16.05 5.79
CA SER A 546 -3.19 -16.99 4.73
C SER A 546 -1.92 -17.02 3.90
N VAL A 547 -1.62 -18.15 3.23
CA VAL A 547 -0.54 -18.14 2.23
C VAL A 547 -1.16 -18.34 0.86
N LYS A 548 -0.78 -17.50 -0.08
CA LYS A 548 -1.43 -17.34 -1.36
C LYS A 548 -0.50 -17.61 -2.52
N SER A 549 0.72 -18.08 -2.26
CA SER A 549 1.68 -18.38 -3.32
C SER A 549 2.52 -19.55 -2.90
N ARG A 550 3.10 -20.23 -3.90
CA ARG A 550 4.05 -21.28 -3.63
C ARG A 550 5.30 -20.76 -2.93
N GLU A 551 5.84 -19.62 -3.39
CA GLU A 551 7.00 -19.03 -2.73
C GLU A 551 6.71 -18.82 -1.24
N GLN A 552 5.58 -18.21 -0.95
CA GLN A 552 5.29 -17.88 0.44
C GLN A 552 5.12 -19.13 1.29
N LEU A 553 4.52 -20.18 0.72
CA LEU A 553 4.39 -21.44 1.44
C LEU A 553 5.74 -22.12 1.61
N SER A 554 6.55 -22.14 0.55
CA SER A 554 7.87 -22.74 0.66
C SER A 554 8.67 -22.11 1.80
N GLU A 555 8.57 -20.79 1.94
CA GLU A 555 9.30 -20.09 3.00
C GLU A 555 8.71 -20.42 4.35
N TYR A 556 7.39 -20.36 4.44
CA TYR A 556 6.71 -20.75 5.65
C TYR A 556 7.22 -22.11 6.12
N LEU A 557 7.27 -23.08 5.20
CA LEU A 557 7.68 -24.43 5.56
C LEU A 557 9.13 -24.46 6.03
N THR A 558 10.02 -23.77 5.31
CA THR A 558 11.39 -23.63 5.80
C THR A 558 11.44 -23.06 7.22
N VAL A 559 10.61 -22.05 7.50
CA VAL A 559 10.57 -21.55 8.87
C VAL A 559 10.32 -22.69 9.86
N VAL A 560 9.29 -23.53 9.58
CA VAL A 560 8.89 -24.55 10.56
C VAL A 560 10.01 -25.53 10.80
N ILE A 561 10.57 -26.03 9.71
CA ILE A 561 11.56 -27.10 9.77
C ILE A 561 12.85 -26.58 10.36
N PHE A 562 13.33 -25.42 9.89
CA PHE A 562 14.57 -24.85 10.42
C PHE A 562 14.46 -24.57 11.91
N THR A 563 13.33 -23.99 12.36
CA THR A 563 13.19 -23.71 13.79
C THR A 563 13.32 -24.97 14.61
N ALA A 564 12.88 -26.08 14.06
CA ALA A 564 12.64 -27.29 14.85
C ALA A 564 13.84 -28.20 14.87
N SER A 565 14.70 -28.04 13.88
CA SER A 565 15.90 -28.84 13.71
C SER A 565 17.09 -27.90 13.95
N ALA A 566 17.53 -27.13 12.94
CA ALA A 566 18.81 -26.40 12.99
C ALA A 566 18.88 -25.36 14.12
N GLN A 567 17.88 -24.47 14.26
CA GLN A 567 17.94 -23.42 15.30
C GLN A 567 17.94 -24.06 16.69
N HIS A 568 17.07 -25.05 16.91
CA HIS A 568 16.94 -25.78 18.19
C HIS A 568 18.22 -26.53 18.49
N ALA A 569 18.96 -26.95 17.47
CA ALA A 569 20.15 -27.75 17.74
C ALA A 569 21.37 -26.85 18.03
N ALA A 570 21.44 -25.70 17.35
CA ALA A 570 22.45 -24.68 17.56
C ALA A 570 22.41 -24.09 18.94
N VAL A 571 21.20 -23.91 19.50
CA VAL A 571 21.06 -23.25 20.78
C VAL A 571 20.91 -24.23 21.92
N ASN A 572 20.83 -25.53 21.63
CA ASN A 572 20.55 -26.50 22.68
C ASN A 572 21.73 -27.38 23.02
N PHE A 573 22.50 -27.79 22.02
CA PHE A 573 23.51 -28.84 22.16
C PHE A 573 24.88 -28.31 22.58
N GLY A 574 25.10 -27.01 22.48
CA GLY A 574 26.24 -26.34 23.11
C GLY A 574 26.07 -26.03 24.57
N GLN A 575 24.97 -26.47 25.22
CA GLN A 575 24.77 -26.02 26.59
C GLN A 575 25.83 -26.56 27.53
N TYR A 576 26.20 -27.83 27.40
CA TYR A 576 27.22 -28.34 28.31
C TYR A 576 28.62 -27.83 27.95
N ASP A 577 28.85 -27.64 26.65
CA ASP A 577 30.14 -27.17 26.21
C ASP A 577 30.50 -25.89 26.93
N TRP A 578 29.52 -25.00 27.05
CA TRP A 578 29.77 -23.63 27.41
C TRP A 578 29.22 -23.21 28.77
N ALA A 579 28.29 -23.93 29.36
CA ALA A 579 27.79 -23.58 30.69
C ALA A 579 28.23 -24.53 31.80
N SER A 580 29.00 -25.56 31.47
CA SER A 580 29.40 -26.48 32.53
C SER A 580 30.55 -25.93 33.34
N TRP A 581 31.37 -25.06 32.75
CA TRP A 581 32.30 -24.24 33.54
C TRP A 581 31.50 -23.06 34.06
N ILE A 582 31.10 -23.13 35.35
CA ILE A 582 30.12 -22.23 35.92
C ILE A 582 30.46 -20.77 35.72
N PRO A 583 31.68 -20.29 36.04
CA PRO A 583 31.94 -18.85 35.95
C PRO A 583 31.75 -18.31 34.56
N ASN A 584 31.72 -19.17 33.55
CA ASN A 584 31.42 -18.67 32.22
C ASN A 584 29.92 -18.56 31.95
N ALA A 585 29.05 -19.23 32.71
CA ALA A 585 27.60 -19.17 32.50
C ALA A 585 26.88 -19.43 33.81
N PRO A 586 26.97 -18.49 34.76
CA PRO A 586 26.31 -18.69 36.08
C PRO A 586 24.80 -18.63 35.93
N PRO A 587 24.11 -19.71 36.31
CA PRO A 587 22.65 -19.65 36.32
C PRO A 587 22.12 -18.64 37.30
N THR A 588 22.82 -18.37 38.38
CA THR A 588 22.29 -17.42 39.33
C THR A 588 23.44 -16.64 39.99
N MET A 589 23.06 -15.54 40.64
CA MET A 589 23.97 -14.65 41.33
C MET A 589 23.40 -14.39 42.71
N ARG A 590 24.22 -14.52 43.75
CA ARG A 590 23.80 -14.40 45.15
C ARG A 590 24.21 -13.07 45.79
N ALA A 591 24.61 -12.07 44.99
CA ALA A 591 24.93 -10.73 45.48
C ALA A 591 24.53 -9.78 44.37
N PRO A 592 24.06 -8.60 44.70
CA PRO A 592 23.69 -7.63 43.66
C PRO A 592 24.93 -7.18 42.93
N PRO A 593 24.78 -6.59 41.76
CA PRO A 593 25.97 -6.18 40.98
C PRO A 593 26.76 -5.11 41.69
N PRO A 594 28.03 -4.98 41.36
CA PRO A 594 28.86 -3.94 41.99
C PRO A 594 28.37 -2.56 41.59
N THR A 595 28.18 -1.70 42.60
CA THR A 595 27.88 -0.29 42.35
C THR A 595 29.11 0.61 42.25
N ALA A 596 30.31 0.14 42.62
CA ALA A 596 31.51 0.97 42.48
C ALA A 596 32.77 0.17 42.16
N LYS A 597 33.79 0.89 41.68
CA LYS A 597 35.05 0.27 41.29
C LYS A 597 36.00 0.13 42.48
N GLY A 598 37.05 -0.63 42.27
CA GLY A 598 38.04 -0.84 43.31
C GLY A 598 37.58 -1.53 44.57
N VAL A 599 36.38 -2.11 44.58
CA VAL A 599 35.88 -2.76 45.79
C VAL A 599 35.95 -4.27 45.71
N VAL A 600 35.66 -4.84 44.54
CA VAL A 600 35.40 -6.27 44.50
C VAL A 600 36.69 -7.05 44.65
N THR A 601 36.64 -8.09 45.47
CA THR A 601 37.70 -9.07 45.62
C THR A 601 37.30 -10.40 45.03
N ILE A 602 38.30 -11.25 44.75
CA ILE A 602 38.00 -12.57 44.22
C ILE A 602 37.21 -13.36 45.23
N GLU A 603 37.57 -13.25 46.51
CA GLU A 603 36.80 -13.93 47.53
C GLU A 603 35.35 -13.52 47.45
N GLN A 604 35.07 -12.29 47.01
CA GLN A 604 33.68 -11.83 46.90
C GLN A 604 33.01 -12.30 45.61
N ILE A 605 33.78 -12.50 44.54
CA ILE A 605 33.25 -13.11 43.33
C ILE A 605 32.85 -14.56 43.58
N VAL A 606 33.68 -15.33 44.30
CA VAL A 606 33.35 -16.72 44.59
C VAL A 606 32.01 -16.77 45.32
N ASP A 607 31.82 -15.92 46.33
CA ASP A 607 30.61 -15.96 47.15
C ASP A 607 29.40 -15.40 46.42
N THR A 608 29.62 -14.65 45.34
CA THR A 608 28.50 -14.27 44.49
C THR A 608 28.06 -15.45 43.64
N LEU A 609 29.02 -16.22 43.11
CA LEU A 609 28.69 -17.32 42.21
C LEU A 609 27.81 -18.34 42.94
N PRO A 610 27.13 -19.22 42.17
CA PRO A 610 26.22 -20.20 42.79
C PRO A 610 26.91 -21.10 43.80
N ASP A 611 26.12 -21.57 44.76
CA ASP A 611 26.65 -22.45 45.77
C ASP A 611 26.96 -23.82 45.15
N ARG A 612 27.49 -24.71 45.97
CA ARG A 612 27.73 -26.07 45.51
C ARG A 612 26.42 -26.70 45.03
N GLY A 613 25.35 -26.61 45.83
CA GLY A 613 24.06 -27.19 45.48
C GLY A 613 23.50 -26.78 44.13
N ARG A 614 23.30 -25.47 43.93
CA ARG A 614 22.78 -25.03 42.64
C ARG A 614 23.75 -25.38 41.54
N SER A 615 25.06 -25.30 41.83
CA SER A 615 26.09 -25.58 40.84
C SER A 615 25.91 -26.98 40.27
N CYS A 616 25.55 -27.95 41.13
CA CYS A 616 25.41 -29.31 40.63
CA CYS A 616 25.37 -29.34 40.71
C CYS A 616 24.08 -29.52 39.92
N TRP A 617 22.98 -28.92 40.40
CA TRP A 617 21.71 -29.01 39.66
C TRP A 617 21.83 -28.35 38.28
N HIS A 618 22.64 -27.29 38.20
CA HIS A 618 22.97 -26.72 36.89
C HIS A 618 23.74 -27.72 36.03
N LEU A 619 24.65 -28.51 36.63
CA LEU A 619 25.54 -29.34 35.83
C LEU A 619 24.79 -30.53 35.21
N GLY A 620 24.01 -31.26 36.04
CA GLY A 620 23.12 -32.29 35.50
C GLY A 620 22.20 -31.75 34.42
N ALA A 621 21.62 -30.58 34.67
CA ALA A 621 20.68 -29.99 33.74
C ALA A 621 21.31 -29.81 32.37
N VAL A 622 22.36 -28.98 32.27
CA VAL A 622 23.04 -28.76 30.99
C VAL A 622 23.59 -30.08 30.40
N TRP A 623 23.93 -31.04 31.27
CA TRP A 623 24.43 -32.34 30.80
C TRP A 623 23.31 -33.09 30.10
N ALA A 624 22.29 -33.50 30.87
CA ALA A 624 21.10 -34.11 30.30
C ALA A 624 20.57 -33.43 29.04
N LEU A 625 20.39 -32.10 29.07
CA LEU A 625 19.77 -31.45 27.92
C LEU A 625 20.64 -31.54 26.66
N SER A 626 21.93 -31.85 26.81
CA SER A 626 22.82 -31.80 25.66
C SER A 626 23.00 -33.17 25.00
N GLN A 627 22.48 -34.23 25.62
CA GLN A 627 22.66 -35.57 25.09
C GLN A 627 21.85 -35.87 23.83
N PHE A 628 22.36 -36.81 23.05
CA PHE A 628 21.60 -37.39 21.95
C PHE A 628 21.09 -38.78 22.30
N GLN A 629 19.89 -39.11 21.83
CA GLN A 629 19.36 -40.45 22.06
C GLN A 629 20.15 -41.48 21.26
N GLU A 630 20.12 -42.71 21.75
CA GLU A 630 20.84 -43.79 21.09
C GLU A 630 20.48 -43.88 19.61
N ASN A 631 19.20 -43.77 19.27
CA ASN A 631 18.85 -43.75 17.85
C ASN A 631 18.11 -42.47 17.49
N GLU A 632 18.77 -41.36 17.73
CA GLU A 632 18.27 -40.09 17.28
C GLU A 632 18.09 -40.09 15.77
N LEU A 633 17.14 -39.31 15.31
CA LEU A 633 16.90 -39.13 13.90
C LEU A 633 17.41 -37.76 13.50
N PHE A 634 18.42 -37.75 12.64
CA PHE A 634 19.08 -36.52 12.21
C PHE A 634 18.48 -36.04 10.90
N LEU A 635 18.62 -34.73 10.66
CA LEU A 635 17.95 -34.04 9.56
C LEU A 635 17.98 -34.89 8.30
N GLY A 636 16.78 -35.08 7.70
CA GLY A 636 16.65 -35.83 6.46
C GLY A 636 16.56 -37.34 6.62
N MET A 637 16.54 -37.85 7.86
CA MET A 637 16.37 -39.27 8.14
C MET A 637 14.87 -39.47 8.39
N TYR A 638 14.20 -40.13 7.46
CA TYR A 638 12.74 -40.21 7.46
C TYR A 638 12.35 -41.68 7.41
N PRO A 639 12.65 -42.41 8.47
CA PRO A 639 12.32 -43.82 8.48
C PRO A 639 10.83 -44.08 8.36
N GLU A 640 9.97 -43.14 8.76
CA GLU A 640 8.52 -43.30 8.61
C GLU A 640 8.14 -42.81 7.22
N GLU A 641 7.65 -43.73 6.39
CA GLU A 641 7.35 -43.37 5.01
C GLU A 641 5.89 -42.97 4.91
N HIS A 642 5.62 -41.74 5.33
CA HIS A 642 4.35 -41.09 5.01
C HIS A 642 4.30 -40.80 3.51
N PHE A 643 5.38 -40.24 2.98
CA PHE A 643 5.58 -40.15 1.53
C PHE A 643 5.98 -41.51 0.99
N ILE A 644 5.46 -41.86 -0.21
CA ILE A 644 5.78 -43.14 -0.85
C ILE A 644 5.95 -42.97 -2.36
N GLU A 645 5.85 -41.76 -2.85
CA GLU A 645 5.87 -41.49 -4.30
C GLU A 645 7.27 -41.11 -4.76
N LYS A 646 7.57 -41.44 -6.03
CA LYS A 646 8.92 -41.30 -6.54
C LYS A 646 9.39 -39.85 -6.57
N PRO A 647 8.63 -38.87 -7.06
CA PRO A 647 9.18 -37.50 -7.11
C PRO A 647 9.53 -36.89 -5.74
N VAL A 648 8.67 -37.04 -4.73
CA VAL A 648 9.03 -36.50 -3.44
C VAL A 648 10.17 -37.32 -2.80
N LYS A 649 10.25 -38.60 -3.09
CA LYS A 649 11.34 -39.38 -2.50
C LYS A 649 12.67 -39.05 -3.14
N GLU A 650 12.65 -38.54 -4.38
CA GLU A 650 13.86 -38.07 -5.03
C GLU A 650 14.26 -36.69 -4.53
N ALA A 651 13.27 -35.86 -4.19
CA ALA A 651 13.55 -34.62 -3.53
C ALA A 651 14.23 -34.87 -2.22
N MET A 652 13.75 -35.86 -1.45
CA MET A 652 14.37 -36.17 -0.18
C MET A 652 15.79 -36.71 -0.36
N ALA A 653 16.02 -37.50 -1.39
CA ALA A 653 17.35 -38.04 -1.61
C ALA A 653 18.33 -36.91 -1.86
N ARG A 654 17.98 -36.00 -2.79
CA ARG A 654 18.73 -34.79 -3.03
C ARG A 654 18.91 -34.02 -1.74
N PHE A 655 17.89 -34.00 -0.89
CA PHE A 655 18.03 -33.28 0.38
C PHE A 655 19.11 -33.91 1.24
N ARG A 656 19.19 -35.24 1.21
CA ARG A 656 20.24 -36.00 1.93
C ARG A 656 21.61 -35.71 1.32
N LYS A 657 21.73 -35.71 -0.01
CA LYS A 657 23.04 -35.47 -0.68
C LYS A 657 23.53 -34.05 -0.34
N ASN A 658 22.62 -33.08 -0.38
CA ASN A 658 22.86 -31.64 -0.08
C ASN A 658 23.37 -31.48 1.36
N LEU A 659 22.66 -32.01 2.34
CA LEU A 659 23.06 -31.87 3.74
C LEU A 659 24.44 -32.45 3.98
N GLU A 660 24.80 -33.50 3.23
CA GLU A 660 26.09 -34.15 3.43
C GLU A 660 27.22 -33.28 2.91
N ALA A 661 26.98 -32.57 1.81
CA ALA A 661 27.96 -31.65 1.19
C ALA A 661 28.28 -30.55 2.22
N ILE A 662 27.26 -30.12 2.97
CA ILE A 662 27.38 -29.10 4.05
C ILE A 662 28.24 -29.68 5.18
N VAL A 663 28.05 -30.95 5.53
CA VAL A 663 28.80 -31.67 6.60
C VAL A 663 30.29 -31.68 6.22
N SER A 664 30.60 -31.90 4.94
CA SER A 664 31.97 -31.94 4.38
C SER A 664 32.64 -30.57 4.48
N VAL A 665 31.92 -29.48 4.20
CA VAL A 665 32.50 -28.10 4.23
C VAL A 665 32.62 -27.66 5.69
N ILE A 666 31.65 -27.98 6.56
CA ILE A 666 31.80 -27.67 7.98
C ILE A 666 32.99 -28.43 8.55
N ALA A 667 33.19 -29.69 8.14
CA ALA A 667 34.31 -30.41 8.72
C ALA A 667 35.64 -29.86 8.22
N GLU A 668 35.71 -29.46 6.96
CA GLU A 668 36.91 -28.86 6.42
C GLU A 668 37.26 -27.59 7.17
N ARG A 669 36.27 -26.72 7.35
CA ARG A 669 36.43 -25.53 8.16
C ARG A 669 37.03 -25.85 9.52
N ASN A 670 36.36 -26.71 10.29
CA ASN A 670 36.66 -26.82 11.71
C ASN A 670 38.01 -27.45 12.03
N GLU A 671 38.62 -28.12 11.07
CA GLU A 671 39.96 -28.67 11.25
C GLU A 671 41.00 -27.57 11.39
N ASN A 672 40.69 -26.39 10.85
CA ASN A 672 41.54 -25.22 10.88
C ASN A 672 41.30 -24.32 12.08
N LEU A 673 40.35 -24.65 12.95
CA LEU A 673 39.91 -23.75 13.99
C LEU A 673 40.41 -24.22 15.34
N GLN A 674 40.77 -23.26 16.18
CA GLN A 674 41.09 -23.58 17.55
C GLN A 674 39.91 -24.24 18.21
N LEU A 675 38.73 -23.64 18.09
CA LEU A 675 37.52 -24.18 18.72
C LEU A 675 36.42 -24.47 17.69
N PRO A 676 36.28 -25.72 17.25
CA PRO A 676 35.32 -26.03 16.17
C PRO A 676 33.88 -25.72 16.53
N TYR A 677 33.17 -25.14 15.58
CA TYR A 677 31.72 -24.96 15.70
C TYR A 677 31.14 -26.14 14.95
N TYR A 678 30.51 -27.07 15.67
CA TYR A 678 29.86 -28.18 14.97
C TYR A 678 28.34 -28.37 15.23
N TYR A 679 27.68 -27.42 15.90
CA TYR A 679 26.28 -27.64 16.28
C TYR A 679 25.33 -27.71 15.06
N LEU A 680 25.68 -27.05 13.98
CA LEU A 680 24.85 -27.00 12.81
C LEU A 680 25.41 -27.84 11.67
N SER A 681 26.29 -28.77 11.99
CA SER A 681 26.68 -29.82 11.05
C SER A 681 25.48 -30.75 10.89
N PRO A 682 24.89 -30.87 9.66
CA PRO A 682 23.59 -31.57 9.53
C PRO A 682 23.54 -32.96 10.20
N ASP A 683 24.69 -33.61 10.39
CA ASP A 683 24.74 -34.93 11.00
C ASP A 683 24.58 -34.92 12.51
N ARG A 684 24.38 -33.75 13.11
CA ARG A 684 24.17 -33.57 14.55
C ARG A 684 22.92 -32.77 14.85
N ILE A 685 22.12 -32.47 13.84
CA ILE A 685 20.90 -31.67 13.96
C ILE A 685 19.70 -32.63 13.98
N PRO A 686 19.04 -32.82 15.11
CA PRO A 686 17.81 -33.61 15.12
C PRO A 686 16.75 -33.08 14.15
N ASN A 687 15.88 -33.99 13.67
CA ASN A 687 14.73 -33.62 12.85
C ASN A 687 13.81 -32.61 13.54
N SER A 688 13.73 -32.72 14.87
CA SER A 688 12.68 -32.08 15.64
C SER A 688 13.19 -31.68 17.01
N VAL A 689 12.40 -30.88 17.72
CA VAL A 689 12.68 -30.54 19.11
C VAL A 689 12.22 -31.70 19.97
N ALA A 690 13.13 -32.54 20.43
CA ALA A 690 12.76 -33.69 21.24
C ALA A 690 13.42 -33.75 22.60
N ILE A 691 14.36 -32.87 22.92
CA ILE A 691 14.93 -32.87 24.28
C ILE A 691 14.89 -31.43 24.78
N SER B 23 20.34 55.74 49.74
CA SER B 23 19.54 54.61 50.23
C SER B 23 18.70 53.84 49.19
N TYR B 24 18.78 52.51 49.27
CA TYR B 24 17.88 51.61 48.55
C TYR B 24 16.55 51.52 49.28
N THR B 25 15.48 51.32 48.51
CA THR B 25 14.17 50.95 49.06
C THR B 25 13.89 49.50 48.66
N VAL B 26 13.77 48.64 49.67
CA VAL B 26 13.66 47.19 49.56
C VAL B 26 12.25 46.82 50.00
N THR B 27 11.53 46.12 49.11
CA THR B 27 10.14 45.68 49.31
C THR B 27 10.05 44.16 49.31
N VAL B 28 9.42 43.60 50.36
CA VAL B 28 9.36 42.16 50.58
C VAL B 28 7.89 41.71 50.62
N ALA B 29 7.49 40.95 49.57
CA ALA B 29 6.11 40.48 49.39
C ALA B 29 6.02 39.10 49.98
N THR B 30 5.47 38.97 51.17
CA THR B 30 5.24 37.64 51.72
C THR B 30 4.04 36.97 51.02
N GLY B 31 4.08 35.64 50.95
CA GLY B 31 2.99 34.92 50.32
C GLY B 31 1.68 35.01 51.08
N SER B 32 0.60 34.63 50.40
CA SER B 32 -0.73 34.62 51.01
C SER B 32 -1.20 33.23 51.43
N GLN B 33 -0.36 32.20 51.31
CA GLN B 33 -0.77 30.86 51.70
C GLN B 33 -0.87 30.75 53.22
N GLU B 34 -1.37 29.61 53.69
CA GLU B 34 -1.78 29.46 55.09
C GLU B 34 -0.63 29.80 56.05
N HIS B 35 0.57 29.25 55.79
CA HIS B 35 1.67 29.39 56.74
C HIS B 35 2.84 30.19 56.18
N ALA B 36 2.56 31.06 55.23
CA ALA B 36 3.62 31.85 54.59
C ALA B 36 4.28 32.78 55.58
N GLY B 37 3.56 33.26 56.58
CA GLY B 37 4.16 34.18 57.51
C GLY B 37 5.36 33.57 58.20
N THR B 38 6.19 34.44 58.77
CA THR B 38 7.28 34.00 59.63
C THR B 38 7.55 35.00 60.76
N ASP B 39 7.88 34.46 61.93
CA ASP B 39 8.23 35.23 63.13
C ASP B 39 9.73 35.26 63.37
N ASP B 40 10.52 34.78 62.41
CA ASP B 40 11.96 34.62 62.58
C ASP B 40 12.67 35.75 61.86
N TYR B 41 13.94 35.96 62.23
CA TYR B 41 14.69 37.10 61.72
C TYR B 41 15.07 36.85 60.27
N ILE B 42 14.98 37.88 59.44
CA ILE B 42 15.45 37.77 58.07
C ILE B 42 16.53 38.82 57.88
N TYR B 43 17.60 38.43 57.18
CA TYR B 43 18.71 39.30 56.87
C TYR B 43 18.76 39.45 55.35
N LEU B 44 19.05 40.65 54.88
CA LEU B 44 19.11 40.89 53.46
C LEU B 44 20.44 41.54 53.08
N SER B 45 21.02 41.04 51.98
CA SER B 45 22.32 41.45 51.50
C SER B 45 22.23 41.71 50.01
N LEU B 46 22.85 42.79 49.54
CA LEU B 46 22.80 43.11 48.13
C LEU B 46 24.15 42.81 47.51
N VAL B 47 24.14 42.15 46.36
CA VAL B 47 25.36 41.79 45.67
C VAL B 47 25.46 42.69 44.44
N GLY B 48 26.42 43.61 44.44
CA GLY B 48 26.54 44.57 43.38
C GLY B 48 27.67 44.23 42.46
N SER B 49 27.70 44.80 41.26
CA SER B 49 28.87 44.63 40.39
C SER B 49 30.15 45.19 40.99
N ALA B 50 30.08 46.19 41.90
CA ALA B 50 31.31 46.77 42.46
C ALA B 50 31.60 46.29 43.90
N GLY B 51 30.87 45.34 44.42
CA GLY B 51 31.04 44.84 45.78
C GLY B 51 29.67 44.64 46.39
N CYS B 52 29.70 43.90 47.53
CA CYS B 52 28.47 43.53 48.23
CA CYS B 52 28.48 43.53 48.24
C CYS B 52 28.17 44.54 49.34
N SER B 53 26.97 44.42 49.92
CA SER B 53 26.59 45.29 51.01
C SER B 53 26.76 44.49 52.31
N GLU B 54 26.43 45.11 53.43
CA GLU B 54 26.37 44.36 54.68
C GLU B 54 25.12 43.49 54.69
N LYS B 55 25.04 42.59 55.67
CA LYS B 55 23.81 41.84 55.92
C LYS B 55 22.90 42.70 56.79
N HIS B 56 21.80 43.20 56.21
CA HIS B 56 20.87 44.08 56.91
C HIS B 56 19.75 43.25 57.50
N LEU B 57 19.59 43.35 58.82
CA LEU B 57 18.50 42.68 59.50
C LEU B 57 17.17 43.39 59.22
N LEU B 58 16.12 42.59 58.99
CA LEU B 58 14.78 43.06 58.70
C LEU B 58 13.87 42.69 59.86
N ASP B 59 13.30 43.70 60.52
CA ASP B 59 12.12 43.48 61.34
C ASP B 59 11.28 44.76 61.33
N SER B 62 7.51 41.72 62.18
CA SER B 62 7.54 40.33 61.71
C SER B 62 6.78 40.22 60.36
N PHE B 63 6.94 39.11 59.64
CA PHE B 63 6.47 39.02 58.25
C PHE B 63 5.17 38.22 58.11
N GLU B 64 4.04 38.93 58.00
CA GLU B 64 2.72 38.32 58.08
C GLU B 64 2.19 37.82 56.74
N ARG B 65 1.44 36.73 56.79
CA ARG B 65 0.73 36.19 55.63
C ARG B 65 0.06 37.30 54.84
N GLY B 66 0.35 37.34 53.54
CA GLY B 66 -0.26 38.36 52.68
C GLY B 66 0.26 39.79 52.87
N ALA B 67 1.42 39.96 53.47
CA ALA B 67 1.91 41.30 53.71
C ALA B 67 2.75 41.79 52.54
N VAL B 68 2.94 43.11 52.49
CA VAL B 68 4.05 43.71 51.75
C VAL B 68 4.84 44.55 52.73
N ASP B 69 6.15 44.38 52.78
CA ASP B 69 6.95 45.10 53.78
C ASP B 69 8.00 45.93 53.05
N SER B 70 8.15 47.18 53.47
CA SER B 70 9.08 48.12 52.84
C SER B 70 10.09 48.57 53.88
N TYR B 71 11.37 48.52 53.50
CA TYR B 71 12.46 48.91 54.37
C TYR B 71 13.31 49.92 53.63
N ASP B 72 13.72 50.97 54.34
CA ASP B 72 14.74 51.89 53.86
C ASP B 72 16.10 51.39 54.33
N VAL B 73 17.06 51.31 53.42
CA VAL B 73 18.36 50.67 53.69
C VAL B 73 19.49 51.46 53.02
N THR B 74 20.39 51.99 53.82
CA THR B 74 21.54 52.69 53.25
C THR B 74 22.77 51.79 53.36
N VAL B 75 23.69 51.93 52.43
CA VAL B 75 24.87 51.06 52.40
C VAL B 75 26.11 51.88 52.75
N ASP B 76 27.15 51.18 53.23
CA ASP B 76 28.40 51.84 53.60
C ASP B 76 29.25 52.20 52.37
N GLU B 77 28.99 51.58 51.22
CA GLU B 77 29.77 51.75 49.98
C GLU B 77 28.82 52.06 48.84
N GLU B 78 29.36 52.50 47.70
CA GLU B 78 28.59 52.49 46.47
C GLU B 78 28.79 51.13 45.77
N LEU B 79 27.69 50.39 45.55
CA LEU B 79 27.78 49.00 45.14
C LEU B 79 27.80 48.79 43.64
N GLY B 80 27.21 49.69 42.87
CA GLY B 80 27.03 49.43 41.46
C GLY B 80 25.70 48.74 41.20
N GLU B 81 25.58 48.17 40.02
CA GLU B 81 24.30 47.60 39.58
C GLU B 81 23.98 46.28 40.28
N ILE B 82 22.80 46.19 40.88
CA ILE B 82 22.46 45.00 41.66
C ILE B 82 22.19 43.84 40.73
N GLN B 83 23.04 42.80 40.84
CA GLN B 83 22.95 41.53 40.13
C GLN B 83 22.18 40.47 40.91
N LEU B 84 22.26 40.51 42.25
CA LEU B 84 21.77 39.45 43.09
C LEU B 84 21.29 40.05 44.42
N VAL B 85 20.36 39.35 45.03
CA VAL B 85 19.77 39.69 46.31
C VAL B 85 19.91 38.43 47.13
N ARG B 86 20.58 38.52 48.26
CA ARG B 86 20.75 37.40 49.18
C ARG B 86 19.76 37.56 50.33
N ILE B 87 19.03 36.50 50.66
CA ILE B 87 18.16 36.48 51.84
C ILE B 87 18.53 35.25 52.66
N GLU B 88 18.48 35.36 53.98
CA GLU B 88 18.55 34.16 54.80
C GLU B 88 17.82 34.37 56.12
N LYS B 89 17.21 33.31 56.62
CA LYS B 89 16.29 33.35 57.77
C LYS B 89 16.96 32.60 58.90
N ARG B 90 17.33 33.33 59.95
CA ARG B 90 18.00 32.74 61.11
C ARG B 90 16.91 32.35 62.10
N LYS B 91 16.68 31.04 62.24
CA LYS B 91 15.61 30.54 63.10
C LYS B 91 15.87 30.91 64.55
N TYR B 92 14.85 31.42 65.21
CA TYR B 92 14.89 31.65 66.64
C TYR B 92 13.65 31.00 67.24
N GLY B 93 13.85 30.13 68.22
CA GLY B 93 12.81 29.23 68.60
C GLY B 93 12.66 28.16 67.53
N SER B 94 11.46 27.59 67.46
CA SER B 94 11.24 26.51 66.52
C SER B 94 11.01 27.07 65.12
N ASN B 95 11.28 26.21 64.12
CA ASN B 95 11.27 26.61 62.73
C ASN B 95 9.94 27.26 62.37
N ASP B 96 10.01 28.36 61.63
CA ASP B 96 8.84 28.99 61.02
C ASP B 96 9.15 29.20 59.54
N ASP B 97 8.57 28.39 58.67
CA ASP B 97 8.80 28.55 57.24
C ASP B 97 8.22 29.88 56.76
N TRP B 98 8.88 30.47 55.77
CA TRP B 98 8.50 31.77 55.22
C TRP B 98 8.38 31.60 53.71
N TYR B 99 7.24 31.93 53.15
CA TYR B 99 7.06 31.88 51.69
C TYR B 99 7.25 33.29 51.14
N LEU B 100 8.17 33.43 50.20
CA LEU B 100 8.61 34.72 49.70
C LEU B 100 8.17 34.83 48.26
N LYS B 101 7.33 35.80 47.97
CA LYS B 101 6.86 35.96 46.60
C LYS B 101 7.88 36.65 45.72
N TYR B 102 8.28 37.87 46.09
CA TYR B 102 9.29 38.60 45.35
C TYR B 102 9.94 39.66 46.24
N ILE B 103 10.98 40.29 45.68
CA ILE B 103 11.70 41.43 46.22
C ILE B 103 11.72 42.45 45.08
N THR B 104 11.54 43.73 45.41
CA THR B 104 11.90 44.78 44.44
C THR B 104 12.93 45.75 45.02
N LEU B 105 13.57 46.51 44.14
CA LEU B 105 14.52 47.53 44.54
C LEU B 105 14.23 48.81 43.77
N LYS B 106 14.43 49.97 44.41
CA LYS B 106 14.46 51.31 43.75
C LYS B 106 15.75 51.88 44.33
N THR B 107 16.88 51.77 43.62
CA THR B 107 18.26 52.10 44.06
C THR B 107 18.48 53.62 44.16
N PRO B 108 19.58 54.15 44.75
CA PRO B 108 19.78 55.60 44.85
C PRO B 108 19.77 56.30 43.48
N HIS B 109 20.28 55.64 42.43
CA HIS B 109 20.29 56.11 41.03
C HIS B 109 18.85 56.30 40.54
N GLY B 110 17.91 55.46 40.97
CA GLY B 110 16.48 55.55 40.59
C GLY B 110 16.00 54.41 39.71
N ASP B 111 16.86 53.43 39.38
CA ASP B 111 16.46 52.25 38.57
C ASP B 111 15.52 51.39 39.44
N TYR B 112 14.47 50.81 38.85
CA TYR B 112 13.49 49.94 39.56
C TYR B 112 13.76 48.48 39.16
N ILE B 113 14.27 47.63 40.06
CA ILE B 113 14.60 46.25 39.74
C ILE B 113 13.63 45.31 40.44
N GLU B 114 13.33 44.17 39.80
CA GLU B 114 12.41 43.20 40.37
C GLU B 114 13.05 41.82 40.39
N PHE B 115 13.20 41.17 41.56
CA PHE B 115 13.81 39.81 41.66
C PHE B 115 12.72 38.78 42.00
N PRO B 116 12.16 38.03 41.03
CA PRO B 116 11.16 37.00 41.34
C PRO B 116 11.74 35.87 42.20
N CYS B 117 10.99 35.36 43.18
CA CYS B 117 11.43 34.23 44.04
C CYS B 117 10.40 33.09 44.01
N TYR B 118 9.20 33.30 44.58
CA TYR B 118 8.08 32.32 44.65
C TYR B 118 8.57 30.98 45.19
N ARG B 119 9.33 31.04 46.29
CA ARG B 119 9.92 29.85 46.95
C ARG B 119 9.71 29.91 48.47
N TRP B 120 9.67 28.75 49.13
CA TRP B 120 9.63 28.61 50.60
C TRP B 120 11.06 28.78 51.10
N ILE B 121 11.23 29.28 52.34
CA ILE B 121 12.51 29.57 52.98
C ILE B 121 12.54 28.89 54.34
N THR B 122 13.16 27.71 54.43
CA THR B 122 13.16 26.97 55.68
C THR B 122 14.23 27.43 56.66
N GLY B 123 15.17 28.28 56.24
CA GLY B 123 16.21 28.81 57.09
C GLY B 123 17.46 27.96 57.13
N ASP B 124 17.32 26.65 56.87
CA ASP B 124 18.50 25.78 56.75
C ASP B 124 19.39 26.27 55.61
N VAL B 125 18.78 26.78 54.53
CA VAL B 125 19.52 27.24 53.36
C VAL B 125 19.24 28.72 53.16
N GLU B 126 20.11 29.34 52.38
CA GLU B 126 20.09 30.74 52.03
C GLU B 126 19.63 30.87 50.58
N VAL B 127 18.95 31.97 50.27
CA VAL B 127 18.34 32.15 48.96
C VAL B 127 18.99 33.36 48.30
N VAL B 128 19.26 33.23 47.00
CA VAL B 128 19.97 34.23 46.23
C VAL B 128 19.23 34.31 44.91
N LEU B 129 18.86 35.52 44.50
CA LEU B 129 17.95 35.73 43.39
C LEU B 129 18.53 36.66 42.35
N ARG B 130 18.51 36.21 41.12
CA ARG B 130 18.70 37.11 40.00
C ARG B 130 17.51 38.06 39.90
N ASP B 131 17.67 39.12 39.13
CA ASP B 131 16.49 39.89 38.79
C ASP B 131 15.60 39.07 37.85
N GLY B 132 14.41 39.60 37.54
CA GLY B 132 13.38 38.85 36.84
C GLY B 132 13.54 38.75 35.34
N ARG B 133 14.43 39.55 34.74
CA ARG B 133 14.69 39.44 33.31
C ARG B 133 15.25 38.05 32.99
N ALA B 134 14.69 37.40 31.98
CA ALA B 134 15.01 36.00 31.70
C ALA B 134 16.27 35.95 30.85
N LYS B 135 17.10 34.93 31.11
CA LYS B 135 18.47 34.91 30.60
C LYS B 135 18.90 33.49 30.26
N LEU B 136 19.39 33.31 29.05
CA LEU B 136 20.01 32.06 28.68
C LEU B 136 21.46 32.05 29.15
N ALA B 137 22.04 30.87 29.27
CA ALA B 137 23.41 30.79 29.74
C ALA B 137 24.35 31.59 28.87
N ARG B 138 24.06 31.69 27.57
CA ARG B 138 24.84 32.50 26.65
C ARG B 138 24.94 33.97 27.05
N ASP B 139 24.09 34.46 27.95
CA ASP B 139 24.04 35.88 28.24
C ASP B 139 24.78 36.26 29.50
N ASP B 140 25.07 35.28 30.33
CA ASP B 140 25.78 35.50 31.56
C ASP B 140 27.26 35.28 31.29
N GLN B 141 28.04 36.33 31.49
CA GLN B 141 29.45 36.28 31.17
C GLN B 141 30.33 36.73 32.30
N ILE B 142 29.84 37.49 33.26
CA ILE B 142 30.63 37.88 34.41
C ILE B 142 30.57 36.76 35.44
N HIS B 143 31.65 36.62 36.20
CA HIS B 143 31.77 35.54 37.18
C HIS B 143 30.62 35.52 38.19
N ILE B 144 30.09 36.69 38.54
CA ILE B 144 29.11 36.77 39.61
C ILE B 144 27.87 36.00 39.21
N LEU B 145 27.42 36.22 37.97
CA LEU B 145 26.20 35.58 37.48
C LEU B 145 26.50 34.13 37.18
N LYS B 146 27.67 33.85 36.63
CA LYS B 146 28.01 32.49 36.23
C LYS B 146 28.13 31.59 37.43
N GLN B 147 28.83 32.03 38.45
CA GLN B 147 28.97 31.17 39.61
C GLN B 147 27.60 30.88 40.19
N HIS B 148 26.72 31.89 40.21
CA HIS B 148 25.40 31.71 40.80
C HIS B 148 24.55 30.76 39.97
N ARG B 149 24.58 30.93 38.64
CA ARG B 149 23.89 30.03 37.75
C ARG B 149 24.38 28.60 37.92
N ARG B 150 25.69 28.41 37.94
CA ARG B 150 26.29 27.11 38.14
C ARG B 150 25.91 26.52 39.49
N LYS B 151 26.17 27.26 40.57
CA LYS B 151 25.83 26.76 41.90
C LYS B 151 24.34 26.39 42.03
N GLU B 152 23.45 27.13 41.38
CA GLU B 152 22.02 26.85 41.51
C GLU B 152 21.73 25.47 40.94
N LEU B 153 22.31 25.18 39.79
CA LEU B 153 22.15 23.89 39.17
C LEU B 153 22.72 22.79 40.03
N GLU B 154 23.92 22.99 40.59
CA GLU B 154 24.52 21.98 41.44
C GLU B 154 23.62 21.66 42.63
N THR B 155 22.92 22.65 43.17
CA THR B 155 22.02 22.37 44.29
C THR B 155 20.71 21.75 43.82
N ARG B 156 20.09 22.32 42.77
CA ARG B 156 18.93 21.66 42.18
C ARG B 156 19.21 20.18 42.03
N GLN B 157 20.32 19.84 41.34
CA GLN B 157 20.59 18.46 40.99
C GLN B 157 20.98 17.65 42.19
N LYS B 158 21.11 18.27 43.34
CA LYS B 158 21.40 17.53 44.57
C LYS B 158 20.17 17.33 45.45
N GLN B 159 19.12 18.14 45.29
CA GLN B 159 17.93 17.95 46.12
C GLN B 159 16.71 17.42 45.36
N TYR B 160 16.61 17.64 44.02
CA TYR B 160 15.59 17.01 43.15
C TYR B 160 16.26 15.91 42.35
N ARG B 161 16.00 14.65 42.73
CA ARG B 161 16.69 13.51 42.14
C ARG B 161 15.70 12.50 41.59
N TRP B 162 16.22 11.63 40.72
CA TRP B 162 15.46 10.55 40.12
C TRP B 162 15.46 9.31 40.99
N MET B 163 14.41 8.49 40.82
CA MET B 163 14.23 7.24 41.57
C MET B 163 13.28 6.36 40.76
N GLU B 164 13.49 5.05 40.82
CA GLU B 164 12.59 4.09 40.16
C GLU B 164 11.64 3.56 41.23
N TRP B 165 10.41 4.09 41.24
CA TRP B 165 9.42 3.66 42.22
C TRP B 165 9.00 2.20 42.01
N ASN B 166 8.77 1.80 40.76
CA ASN B 166 8.37 0.44 40.45
C ASN B 166 8.99 -0.01 39.15
N PRO B 167 9.42 -1.27 39.08
CA PRO B 167 10.19 -1.74 37.93
C PRO B 167 9.52 -1.35 36.62
N GLY B 168 10.29 -0.71 35.75
CA GLY B 168 9.83 -0.34 34.44
C GLY B 168 9.10 0.99 34.37
N PHE B 169 8.69 1.53 35.52
CA PHE B 169 7.97 2.79 35.53
C PHE B 169 8.87 3.88 34.96
N PRO B 170 8.27 4.99 34.54
CA PRO B 170 9.07 6.22 34.38
C PRO B 170 9.68 6.55 35.74
N LEU B 171 10.75 7.31 35.70
CA LEU B 171 11.39 7.69 36.96
C LEU B 171 10.62 8.84 37.59
N SER B 172 10.60 8.83 38.91
CA SER B 172 9.86 9.79 39.73
C SER B 172 10.80 10.42 40.74
N ILE B 173 10.26 11.26 41.61
CA ILE B 173 11.12 11.98 42.55
C ILE B 173 11.67 11.00 43.58
N ASP B 174 12.89 11.27 44.06
CA ASP B 174 13.51 10.46 45.11
C ASP B 174 12.94 11.01 46.41
N ALA B 175 11.78 10.48 46.78
CA ALA B 175 11.17 10.80 48.05
C ALA B 175 10.14 9.72 48.35
N LYS B 176 10.23 9.12 49.52
CA LYS B 176 9.23 8.14 49.94
C LYS B 176 7.95 8.82 50.44
N CYS B 177 8.08 9.97 51.11
CA CYS B 177 6.96 10.70 51.68
C CYS B 177 6.85 12.11 51.12
N HIS B 178 5.64 12.66 51.17
CA HIS B 178 5.44 14.07 50.82
C HIS B 178 6.24 14.95 51.74
N LYS B 179 6.54 14.45 52.96
CA LYS B 179 7.31 15.17 53.95
C LYS B 179 8.77 15.33 53.54
N ASP B 180 9.33 14.37 52.83
CA ASP B 180 10.75 14.39 52.46
C ASP B 180 10.99 15.13 51.14
N LEU B 181 9.96 15.72 50.56
CA LEU B 181 10.14 16.48 49.35
C LEU B 181 10.68 17.86 49.69
N PRO B 182 11.47 18.45 48.79
CA PRO B 182 11.90 19.83 49.02
C PRO B 182 10.68 20.69 49.31
N ARG B 183 10.82 21.69 50.20
CA ARG B 183 9.66 22.53 50.61
C ARG B 183 9.14 23.35 49.43
N ASP B 184 9.97 23.70 48.44
CA ASP B 184 9.62 24.51 47.26
C ASP B 184 8.54 23.84 46.38
N ILE B 185 8.56 22.52 46.23
CA ILE B 185 7.56 21.80 45.39
C ILE B 185 6.46 21.15 46.25
N GLN B 186 6.45 21.40 47.56
CA GLN B 186 5.41 20.86 48.47
C GLN B 186 4.15 21.73 48.36
N PHE B 187 3.01 21.20 48.83
CA PHE B 187 1.67 21.82 48.93
C PHE B 187 1.74 23.02 49.88
N ASP B 188 0.87 24.01 49.68
CA ASP B 188 0.81 25.24 50.52
C ASP B 188 0.50 24.83 51.96
N SER B 189 -0.42 23.88 52.13
CA SER B 189 -0.85 23.32 53.44
C SER B 189 -0.59 21.80 53.44
N GLU B 190 -0.16 21.22 54.57
CA GLU B 190 0.13 19.77 54.72
C GLU B 190 -1.17 18.95 54.59
N LYS B 191 -2.31 19.53 55.00
CA LYS B 191 -3.65 18.88 54.97
C LYS B 191 -4.41 19.18 53.66
N GLY B 192 -3.86 20.01 52.76
CA GLY B 192 -4.50 20.38 51.49
C GLY B 192 -4.20 19.38 50.38
N ILE B 232 -27.24 13.30 45.76
CA ILE B 232 -25.87 13.71 45.42
C ILE B 232 -25.63 13.66 43.89
N SER B 233 -26.70 13.76 43.08
CA SER B 233 -26.56 13.70 41.63
C SER B 233 -26.23 15.08 41.02
N ASN B 234 -25.62 15.04 39.83
CA ASN B 234 -25.42 16.22 38.98
C ASN B 234 -26.10 15.97 37.61
N THR B 235 -25.85 16.89 36.67
CA THR B 235 -26.51 16.88 35.37
C THR B 235 -26.17 15.62 34.59
N ILE B 236 -24.88 15.39 34.32
CA ILE B 236 -24.46 14.22 33.54
C ILE B 236 -24.64 12.93 34.33
N SER B 237 -24.44 12.97 35.65
CA SER B 237 -24.62 11.78 36.46
C SER B 237 -26.03 11.24 36.33
N GLU B 238 -27.04 12.11 36.51
CA GLU B 238 -28.42 11.68 36.51
C GLU B 238 -28.82 11.17 35.15
N ARG B 239 -28.42 11.88 34.10
CA ARG B 239 -28.66 11.37 32.76
C ARG B 239 -28.04 9.97 32.58
N VAL B 240 -26.78 9.78 33.02
CA VAL B 240 -26.19 8.45 32.89
C VAL B 240 -27.04 7.42 33.62
N MET B 241 -27.39 7.71 34.86
CA MET B 241 -28.27 6.81 35.61
C MET B 241 -29.57 6.50 34.84
N ASN B 242 -29.99 7.38 33.92
CA ASN B 242 -31.24 7.16 33.19
C ASN B 242 -31.07 6.47 31.85
N HIS B 243 -29.91 6.61 31.21
CA HIS B 243 -29.76 6.16 29.84
C HIS B 243 -28.59 5.21 29.65
N TRP B 244 -28.11 4.59 30.72
CA TRP B 244 -26.83 3.89 30.60
C TRP B 244 -26.96 2.51 29.98
N GLN B 245 -28.19 1.96 29.87
CA GLN B 245 -28.40 0.70 29.17
C GLN B 245 -28.55 0.89 27.67
N GLU B 246 -28.63 2.13 27.22
CA GLU B 246 -28.79 2.43 25.81
C GLU B 246 -27.44 2.24 25.10
N ASP B 247 -27.50 1.63 23.93
CA ASP B 247 -26.31 1.54 23.10
C ASP B 247 -25.84 2.93 22.72
N LEU B 248 -26.76 3.86 22.52
CA LEU B 248 -26.35 5.18 22.05
C LEU B 248 -25.40 5.86 23.03
N MET B 249 -25.66 5.68 24.32
CA MET B 249 -24.86 6.32 25.32
C MET B 249 -23.58 5.54 25.58
N PHE B 250 -23.68 4.21 25.52
CA PHE B 250 -22.50 3.36 25.56
C PHE B 250 -21.51 3.79 24.51
N GLY B 251 -22.00 4.02 23.28
CA GLY B 251 -21.12 4.52 22.23
C GLY B 251 -20.70 5.96 22.41
N TYR B 252 -21.51 6.77 23.07
CA TYR B 252 -21.21 8.20 23.17
C TYR B 252 -19.93 8.44 23.96
N GLN B 253 -19.70 7.66 25.02
CA GLN B 253 -18.62 7.86 25.94
C GLN B 253 -17.24 7.63 25.35
N PHE B 254 -17.15 6.89 24.23
CA PHE B 254 -15.84 6.66 23.59
C PHE B 254 -15.31 7.91 22.91
N LEU B 255 -16.19 8.87 22.68
CA LEU B 255 -15.87 10.13 22.05
C LEU B 255 -15.97 11.30 23.01
N ASN B 256 -16.88 11.26 23.96
CA ASN B 256 -17.09 12.43 24.78
C ASN B 256 -17.34 12.05 26.22
N GLY B 257 -16.90 10.88 26.66
CA GLY B 257 -16.86 10.57 28.06
C GLY B 257 -15.53 10.91 28.77
N ALA B 258 -15.28 10.19 29.86
CA ALA B 258 -14.16 10.47 30.74
C ALA B 258 -12.82 10.03 30.20
N ASN B 259 -12.80 9.38 29.06
CA ASN B 259 -11.67 8.62 28.56
C ASN B 259 -11.79 8.53 27.05
N PRO B 260 -11.96 9.64 26.35
CA PRO B 260 -12.28 9.56 24.93
C PRO B 260 -11.13 9.32 23.96
N VAL B 261 -10.30 8.31 24.37
CA VAL B 261 -8.99 8.23 23.71
C VAL B 261 -8.65 6.86 23.12
N LEU B 262 -9.47 5.86 23.43
CA LEU B 262 -9.13 4.51 22.98
C LEU B 262 -9.66 4.18 21.58
N ILE B 263 -10.80 4.72 21.19
CA ILE B 263 -11.42 4.33 19.93
C ILE B 263 -10.48 4.63 18.76
N ARG B 264 -10.52 3.75 17.76
CA ARG B 264 -9.86 3.99 16.49
C ARG B 264 -10.71 3.42 15.34
N ARG B 265 -10.47 3.96 14.15
CA ARG B 265 -11.19 3.49 12.99
C ARG B 265 -10.61 2.15 12.56
N CYS B 266 -11.49 1.19 12.31
CA CYS B 266 -11.08 -0.13 11.83
C CYS B 266 -10.85 -0.09 10.32
N THR B 267 -9.78 -0.74 9.91
CA THR B 267 -9.24 -0.71 8.57
C THR B 267 -9.34 -2.08 7.94
N GLU B 268 -9.45 -3.10 8.77
CA GLU B 268 -9.65 -4.50 8.43
C GLU B 268 -10.07 -5.21 9.73
N LEU B 269 -11.04 -6.11 9.64
CA LEU B 269 -11.44 -6.80 10.83
C LEU B 269 -10.28 -7.65 11.35
N PRO B 270 -10.01 -7.61 12.66
CA PRO B 270 -9.01 -8.51 13.23
C PRO B 270 -9.45 -9.95 13.09
N GLU B 271 -8.48 -10.84 12.83
CA GLU B 271 -8.77 -12.26 12.72
C GLU B 271 -9.17 -12.88 14.06
N LYS B 272 -8.74 -12.31 15.18
CA LYS B 272 -9.21 -12.77 16.49
C LYS B 272 -10.66 -12.39 16.79
N LEU B 273 -11.29 -11.57 15.92
CA LEU B 273 -12.67 -11.16 16.10
C LEU B 273 -13.41 -11.72 14.90
N PRO B 274 -13.84 -12.93 14.97
CA PRO B 274 -14.50 -13.56 13.82
C PRO B 274 -15.98 -13.21 13.71
N VAL B 275 -16.25 -11.92 13.40
CA VAL B 275 -17.61 -11.42 13.19
C VAL B 275 -17.96 -11.45 11.71
N THR B 276 -19.16 -11.88 11.43
CA THR B 276 -19.67 -12.01 10.08
C THR B 276 -20.81 -11.03 9.89
N THR B 277 -21.05 -10.70 8.62
CA THR B 277 -22.15 -9.82 8.24
C THR B 277 -23.48 -10.30 8.81
N GLU B 278 -23.78 -11.60 8.66
CA GLU B 278 -25.04 -12.12 9.16
C GLU B 278 -25.19 -11.83 10.65
N MET B 279 -24.08 -11.80 11.40
CA MET B 279 -24.22 -11.67 12.84
C MET B 279 -24.65 -10.26 13.22
N VAL B 280 -24.39 -9.30 12.33
CA VAL B 280 -24.55 -7.88 12.60
C VAL B 280 -25.46 -7.21 11.58
N GLU B 281 -26.05 -8.02 10.69
CA GLU B 281 -26.93 -7.51 9.64
C GLU B 281 -27.98 -6.59 10.25
N CYS B 282 -28.44 -6.93 11.46
CA CYS B 282 -29.52 -6.20 12.10
C CYS B 282 -29.06 -4.85 12.63
N SER B 283 -27.77 -4.66 12.81
CA SER B 283 -27.28 -3.33 13.18
C SER B 283 -26.89 -2.50 11.97
N LEU B 284 -26.62 -3.13 10.85
CA LEU B 284 -26.21 -2.39 9.67
C LEU B 284 -27.41 -1.76 8.96
N GLU B 285 -27.18 -0.56 8.43
CA GLU B 285 -28.26 0.29 7.97
C GLU B 285 -28.05 0.78 6.54
N ARG B 286 -27.07 0.23 5.81
CA ARG B 286 -26.73 0.76 4.50
C ARG B 286 -26.93 -0.22 3.36
N GLN B 287 -27.43 -1.43 3.66
CA GLN B 287 -27.48 -2.52 2.70
C GLN B 287 -26.11 -2.78 2.10
N LEU B 288 -25.09 -2.68 2.95
CA LEU B 288 -23.71 -3.03 2.65
C LEU B 288 -23.26 -4.17 3.56
N SER B 289 -22.38 -5.01 3.04
CA SER B 289 -21.73 -6.04 3.85
C SER B 289 -20.82 -5.42 4.92
N LEU B 290 -20.59 -6.19 5.99
CA LEU B 290 -19.71 -5.74 7.07
C LEU B 290 -18.34 -5.35 6.52
N GLU B 291 -17.80 -6.16 5.63
CA GLU B 291 -16.52 -5.86 5.03
C GLU B 291 -16.59 -4.60 4.19
N GLN B 292 -17.71 -4.38 3.49
CA GLN B 292 -17.90 -3.12 2.78
C GLN B 292 -18.04 -1.93 3.72
N GLU B 293 -18.63 -2.11 4.90
CA GLU B 293 -18.74 -1.02 5.85
C GLU B 293 -17.38 -0.64 6.43
N VAL B 294 -16.47 -1.61 6.51
CA VAL B 294 -15.11 -1.34 6.94
C VAL B 294 -14.40 -0.47 5.91
N GLN B 295 -14.36 -0.92 4.66
CA GLN B 295 -13.75 -0.12 3.60
C GLN B 295 -14.45 1.21 3.35
N GLN B 296 -15.64 1.39 3.84
CA GLN B 296 -16.23 2.72 3.79
C GLN B 296 -15.81 3.58 4.97
N GLY B 297 -15.20 2.96 5.97
CA GLY B 297 -14.77 3.69 7.13
C GLY B 297 -15.84 3.86 8.16
N ASN B 298 -16.89 3.08 8.09
CA ASN B 298 -17.99 3.23 9.03
C ASN B 298 -17.87 2.28 10.21
N ILE B 299 -16.74 1.59 10.38
CA ILE B 299 -16.54 0.66 11.48
C ILE B 299 -15.33 1.10 12.29
N PHE B 300 -15.47 1.06 13.61
CA PHE B 300 -14.53 1.56 14.59
C PHE B 300 -14.38 0.43 15.62
N ILE B 301 -13.30 0.48 16.41
CA ILE B 301 -13.02 -0.63 17.32
C ILE B 301 -12.24 -0.11 18.51
N VAL B 302 -12.44 -0.76 19.65
CA VAL B 302 -11.79 -0.44 20.92
C VAL B 302 -11.29 -1.77 21.49
N ASP B 303 -9.98 -1.96 21.49
CA ASP B 303 -9.35 -3.27 21.70
C ASP B 303 -8.59 -3.20 23.01
N PHE B 304 -8.97 -4.03 23.97
CA PHE B 304 -8.34 -4.01 25.29
C PHE B 304 -7.23 -5.07 25.45
N GLU B 305 -6.43 -5.30 24.42
CA GLU B 305 -5.41 -6.33 24.54
C GLU B 305 -4.52 -6.08 25.74
N LEU B 306 -4.35 -4.82 26.12
CA LEU B 306 -3.45 -4.48 27.22
C LEU B 306 -3.89 -5.10 28.55
N LEU B 307 -5.18 -5.37 28.71
CA LEU B 307 -5.67 -6.02 29.90
C LEU B 307 -5.51 -7.54 29.86
N ASP B 308 -5.03 -8.10 28.77
CA ASP B 308 -4.89 -9.55 28.63
C ASP B 308 -3.72 -10.06 29.46
N GLY B 309 -4.04 -10.72 30.58
CA GLY B 309 -3.05 -11.39 31.40
C GLY B 309 -2.90 -10.77 32.76
N ILE B 310 -3.53 -9.62 32.98
CA ILE B 310 -3.34 -8.82 34.17
C ILE B 310 -4.00 -9.49 35.36
N ASP B 311 -3.25 -9.64 36.45
CA ASP B 311 -3.74 -10.24 37.69
C ASP B 311 -4.45 -9.24 38.60
N ALA B 312 -5.46 -9.72 39.32
CA ALA B 312 -6.15 -8.99 40.38
C ALA B 312 -5.82 -9.63 41.73
N LEU B 320 -13.86 -11.73 45.70
CA LEU B 320 -13.68 -12.13 44.30
C LEU B 320 -13.42 -10.88 43.43
N GLN B 321 -12.45 -10.92 42.51
CA GLN B 321 -12.20 -9.78 41.61
C GLN B 321 -11.59 -10.22 40.29
N PHE B 322 -12.20 -9.84 39.17
CA PHE B 322 -11.80 -10.36 37.87
C PHE B 322 -11.74 -9.28 36.81
N LEU B 323 -11.00 -9.59 35.78
CA LEU B 323 -10.74 -8.73 34.64
C LEU B 323 -11.07 -9.50 33.36
N ALA B 324 -11.29 -8.76 32.27
CA ALA B 324 -11.46 -9.35 30.94
C ALA B 324 -10.61 -8.54 29.99
N ALA B 325 -10.56 -8.91 28.72
CA ALA B 325 -9.77 -8.15 27.73
C ALA B 325 -10.60 -7.96 26.46
N PRO B 326 -11.69 -7.21 26.55
CA PRO B 326 -12.68 -7.24 25.49
C PRO B 326 -12.19 -6.66 24.20
N ILE B 327 -12.88 -7.03 23.14
CA ILE B 327 -12.84 -6.32 21.89
C ILE B 327 -14.25 -5.80 21.60
N CYS B 328 -14.35 -4.50 21.34
CA CYS B 328 -15.63 -3.90 21.06
C CYS B 328 -15.64 -3.33 19.67
N LEU B 329 -16.51 -3.90 18.80
CA LEU B 329 -16.71 -3.41 17.45
C LEU B 329 -17.88 -2.43 17.46
N LEU B 330 -17.75 -1.34 16.73
CA LEU B 330 -18.73 -0.25 16.75
C LEU B 330 -18.92 0.25 15.32
N TYR B 331 -20.07 0.88 15.11
CA TYR B 331 -20.55 1.21 13.78
C TYR B 331 -21.11 2.61 13.79
N LYS B 332 -20.86 3.34 12.72
CA LYS B 332 -21.36 4.71 12.56
C LYS B 332 -22.63 4.61 11.72
N ASN B 333 -23.77 4.79 12.35
CA ASN B 333 -25.02 4.53 11.66
C ASN B 333 -25.36 5.69 10.75
N LEU B 334 -26.59 5.67 10.24
CA LEU B 334 -27.02 6.65 9.25
C LEU B 334 -27.05 8.06 9.82
N ALA B 335 -27.35 8.17 11.10
CA ALA B 335 -27.39 9.43 11.78
C ALA B 335 -26.01 9.88 12.26
N ASN B 336 -24.95 9.23 11.78
CA ASN B 336 -23.56 9.53 12.13
C ASN B 336 -23.25 9.40 13.62
N LYS B 337 -24.05 8.62 14.33
CA LYS B 337 -23.76 8.21 15.71
C LYS B 337 -23.08 6.84 15.74
N ILE B 338 -22.02 6.69 16.52
CA ILE B 338 -21.32 5.42 16.64
C ILE B 338 -21.95 4.56 17.75
N VAL B 339 -22.34 3.34 17.41
CA VAL B 339 -23.02 2.44 18.35
C VAL B 339 -22.25 1.12 18.33
N PRO B 340 -22.38 0.33 19.41
CA PRO B 340 -21.73 -0.99 19.42
C PRO B 340 -22.58 -2.07 18.75
N ILE B 341 -21.92 -2.99 18.05
CA ILE B 341 -22.62 -4.07 17.35
C ILE B 341 -21.99 -5.42 17.66
N ALA B 342 -20.83 -5.46 18.33
CA ALA B 342 -20.25 -6.75 18.69
C ALA B 342 -19.25 -6.59 19.83
N ILE B 343 -19.34 -7.47 20.81
CA ILE B 343 -18.43 -7.48 21.94
C ILE B 343 -17.94 -8.89 22.17
N GLN B 344 -16.66 -9.15 21.91
CA GLN B 344 -16.00 -10.37 22.35
C GLN B 344 -15.24 -10.03 23.64
N LEU B 345 -15.48 -10.81 24.67
CA LEU B 345 -15.01 -10.37 25.98
C LEU B 345 -13.54 -10.68 26.21
N ASN B 346 -12.96 -11.61 25.45
CA ASN B 346 -11.55 -11.98 25.59
C ASN B 346 -10.94 -12.12 24.21
N GLN B 347 -9.62 -12.30 24.18
CA GLN B 347 -8.87 -12.03 22.96
C GLN B 347 -8.90 -13.20 22.02
N ILE B 348 -8.71 -14.42 22.54
CA ILE B 348 -8.65 -15.62 21.71
C ILE B 348 -10.07 -16.09 21.46
N PRO B 349 -10.54 -16.12 20.22
CA PRO B 349 -11.90 -16.59 19.95
C PRO B 349 -12.07 -18.06 20.24
N GLY B 350 -13.28 -18.43 20.69
CA GLY B 350 -13.59 -19.83 20.97
C GLY B 350 -15.00 -20.00 21.52
N ASP B 351 -15.46 -21.25 21.54
CA ASP B 351 -16.86 -21.51 21.89
C ASP B 351 -17.22 -21.04 23.29
N GLU B 352 -16.23 -20.88 24.17
CA GLU B 352 -16.48 -20.38 25.52
C GLU B 352 -16.08 -18.90 25.67
N ASN B 353 -15.82 -18.23 24.55
CA ASN B 353 -15.65 -16.78 24.48
C ASN B 353 -16.60 -16.26 23.41
N PRO B 354 -17.90 -16.20 23.70
CA PRO B 354 -18.86 -15.77 22.69
C PRO B 354 -18.64 -14.32 22.28
N ILE B 355 -19.10 -14.05 21.06
CA ILE B 355 -19.26 -12.72 20.52
C ILE B 355 -20.69 -12.29 20.84
N PHE B 356 -20.88 -11.45 21.86
CA PHE B 356 -22.20 -10.91 22.18
C PHE B 356 -22.66 -9.85 21.20
N LEU B 357 -23.97 -9.73 21.07
CA LEU B 357 -24.62 -8.97 20.00
C LEU B 357 -25.84 -8.25 20.55
N PRO B 358 -26.18 -7.08 19.99
CA PRO B 358 -27.43 -6.44 20.41
C PRO B 358 -28.68 -7.29 20.07
N SER B 359 -28.55 -8.27 19.15
CA SER B 359 -29.59 -9.28 18.87
C SER B 359 -29.84 -10.24 20.04
N ASP B 360 -28.99 -10.20 21.07
CA ASP B 360 -28.98 -11.29 22.04
C ASP B 360 -30.11 -11.08 23.04
N ALA B 361 -30.30 -12.07 23.90
CA ALA B 361 -31.10 -11.83 25.10
C ALA B 361 -30.63 -10.54 25.77
N LYS B 362 -31.57 -9.87 26.45
CA LYS B 362 -31.38 -8.47 26.84
C LYS B 362 -30.20 -8.31 27.79
N TYR B 363 -30.02 -9.29 28.68
CA TYR B 363 -29.04 -9.27 29.75
C TYR B 363 -27.74 -9.98 29.38
N ASP B 364 -27.73 -10.74 28.28
CA ASP B 364 -26.46 -11.06 27.64
C ASP B 364 -25.81 -9.80 27.09
N TRP B 365 -26.54 -9.00 26.30
CA TRP B 365 -25.94 -7.83 25.68
C TRP B 365 -25.45 -6.80 26.70
N LEU B 366 -26.16 -6.68 27.81
CA LEU B 366 -25.90 -5.62 28.77
C LEU B 366 -24.75 -6.00 29.68
N LEU B 367 -24.73 -7.25 30.15
CA LEU B 367 -23.57 -7.73 30.89
C LEU B 367 -22.32 -7.69 30.04
N ALA B 368 -22.46 -7.94 28.73
CA ALA B 368 -21.33 -7.75 27.82
C ALA B 368 -20.89 -6.29 27.79
N LYS B 369 -21.87 -5.36 27.80
CA LYS B 369 -21.55 -3.94 27.80
C LYS B 369 -20.89 -3.53 29.12
N ILE B 370 -21.37 -4.10 30.24
CA ILE B 370 -20.81 -3.81 31.54
C ILE B 370 -19.37 -4.27 31.63
N TRP B 371 -19.04 -5.38 30.96
CA TRP B 371 -17.66 -5.85 30.96
C TRP B 371 -16.77 -4.93 30.14
N VAL B 372 -17.29 -4.32 29.08
CA VAL B 372 -16.48 -3.35 28.35
C VAL B 372 -16.32 -2.05 29.14
N ARG B 373 -17.31 -1.66 29.92
CA ARG B 373 -17.17 -0.40 30.63
C ARG B 373 -16.20 -0.54 31.80
N SER B 374 -16.28 -1.64 32.54
CA SER B 374 -15.27 -1.91 33.57
C SER B 374 -13.88 -1.95 32.98
N SER B 375 -13.71 -2.57 31.82
CA SER B 375 -12.39 -2.55 31.21
C SER B 375 -11.94 -1.13 30.88
N ASP B 376 -12.86 -0.29 30.39
CA ASP B 376 -12.54 1.10 30.09
C ASP B 376 -12.19 1.88 31.35
N PHE B 377 -12.82 1.57 32.45
CA PHE B 377 -12.50 2.24 33.69
C PHE B 377 -11.08 1.93 34.12
N HIS B 378 -10.69 0.66 34.08
CA HIS B 378 -9.34 0.32 34.50
C HIS B 378 -8.31 1.00 33.62
N VAL B 379 -8.50 0.92 32.29
CA VAL B 379 -7.54 1.56 31.41
C VAL B 379 -7.54 3.07 31.62
N HIS B 380 -8.72 3.66 31.89
CA HIS B 380 -8.90 5.13 32.10
C HIS B 380 -8.03 5.61 33.24
N GLN B 381 -8.18 4.97 34.40
CA GLN B 381 -7.52 5.38 35.67
C GLN B 381 -6.03 5.04 35.69
N THR B 382 -5.66 3.80 35.38
CA THR B 382 -4.26 3.29 35.44
C THR B 382 -3.36 3.83 34.32
N ILE B 383 -3.84 3.87 33.07
CA ILE B 383 -2.99 4.25 31.91
C ILE B 383 -3.24 5.68 31.43
N THR B 384 -4.49 6.03 31.12
CA THR B 384 -4.85 7.36 30.55
C THR B 384 -4.62 8.49 31.56
N HIS B 385 -4.97 8.28 32.83
CA HIS B 385 -4.86 9.33 33.89
C HIS B 385 -3.59 9.19 34.74
N LEU B 386 -3.33 8.03 35.35
CA LEU B 386 -2.16 7.85 36.24
C LEU B 386 -0.83 7.90 35.49
N LEU B 387 -0.71 7.24 34.34
CA LEU B 387 0.60 7.14 33.64
C LEU B 387 0.76 8.20 32.55
N ARG B 388 -0.21 8.34 31.65
CA ARG B 388 -0.15 9.22 30.45
C ARG B 388 -0.16 10.70 30.81
N THR B 389 -0.76 11.11 31.93
CA THR B 389 -0.78 12.55 32.31
C THR B 389 0.02 12.80 33.58
N HIS B 390 -0.28 12.12 34.69
CA HIS B 390 0.39 12.35 36.00
C HIS B 390 1.88 11.95 36.00
N LEU B 391 2.25 10.75 35.58
CA LEU B 391 3.67 10.28 35.61
C LEU B 391 4.48 11.05 34.57
N VAL B 392 3.87 11.33 33.43
CA VAL B 392 4.51 12.06 32.30
C VAL B 392 4.83 13.48 32.76
N SER B 393 3.87 14.17 33.37
CA SER B 393 4.10 15.56 33.72
C SER B 393 5.12 15.70 34.86
N GLU B 394 5.11 14.76 35.79
CA GLU B 394 6.16 14.70 36.79
C GLU B 394 7.54 14.58 36.15
N VAL B 395 7.67 13.71 35.15
CA VAL B 395 8.94 13.60 34.45
C VAL B 395 9.41 14.96 33.96
N PHE B 396 8.55 15.67 33.22
CA PHE B 396 8.89 17.02 32.79
C PHE B 396 9.28 17.91 33.97
N GLY B 397 8.57 17.79 35.08
CA GLY B 397 8.80 18.73 36.17
C GLY B 397 10.17 18.53 36.77
N ILE B 398 10.55 17.28 37.01
CA ILE B 398 11.83 16.98 37.62
C ILE B 398 12.96 17.35 36.67
N ALA B 399 12.84 17.00 35.39
CA ALA B 399 13.76 17.50 34.39
C ALA B 399 13.90 19.02 34.48
N MET B 400 12.78 19.72 34.73
CA MET B 400 12.82 21.18 34.79
C MET B 400 13.56 21.66 36.03
N TYR B 401 13.30 21.05 37.17
CA TYR B 401 13.96 21.51 38.38
C TYR B 401 15.44 21.21 38.33
N ARG B 402 15.81 20.09 37.72
CA ARG B 402 17.21 19.69 37.74
C ARG B 402 18.03 20.56 36.82
N GLN B 403 17.50 20.87 35.65
CA GLN B 403 18.32 21.33 34.55
C GLN B 403 18.08 22.75 34.11
N LEU B 404 17.06 23.45 34.62
CA LEU B 404 16.84 24.81 34.20
C LEU B 404 16.79 25.73 35.41
N PRO B 405 17.66 26.72 35.48
CA PRO B 405 17.67 27.64 36.63
C PRO B 405 16.51 28.63 36.51
N ALA B 406 16.26 29.31 37.63
CA ALA B 406 15.06 30.10 37.73
C ALA B 406 15.06 31.27 36.77
N VAL B 407 16.21 31.85 36.45
CA VAL B 407 16.28 32.94 35.49
C VAL B 407 16.10 32.52 34.05
N HIS B 408 16.05 31.22 33.77
CA HIS B 408 15.93 30.72 32.38
C HIS B 408 14.50 30.89 31.88
N PRO B 409 14.28 31.42 30.68
CA PRO B 409 12.90 31.66 30.24
C PRO B 409 11.98 30.42 30.25
N ILE B 410 12.51 29.24 29.96
CA ILE B 410 11.71 28.03 29.97
C ILE B 410 11.39 27.53 31.37
N PHE B 411 12.22 27.81 32.36
CA PHE B 411 11.77 27.61 33.72
C PHE B 411 10.58 28.51 34.00
N LYS B 412 10.66 29.77 33.57
CA LYS B 412 9.61 30.72 33.91
C LYS B 412 8.31 30.27 33.27
N LEU B 413 8.40 29.78 32.03
CA LEU B 413 7.24 29.31 31.33
C LEU B 413 6.57 28.16 32.08
N LEU B 414 7.35 27.10 32.31
CA LEU B 414 6.84 25.77 32.64
C LEU B 414 6.62 25.54 34.13
N VAL B 415 7.16 26.41 34.98
CA VAL B 415 7.02 26.22 36.41
C VAL B 415 5.55 26.28 36.82
N ALA B 416 4.74 27.13 36.16
CA ALA B 416 3.32 27.20 36.49
C ALA B 416 2.64 25.88 36.20
N HIS B 417 3.15 25.13 35.23
CA HIS B 417 2.44 24.00 34.64
C HIS B 417 2.86 22.67 35.24
N VAL B 418 3.85 22.67 36.12
CA VAL B 418 4.25 21.48 36.91
C VAL B 418 4.17 21.91 38.38
N ARG B 419 3.16 22.73 38.69
CA ARG B 419 2.90 23.32 40.03
C ARG B 419 2.06 22.32 40.83
N PHE B 420 2.64 21.66 41.86
CA PHE B 420 2.09 20.64 42.79
C PHE B 420 2.07 19.26 42.12
N THR B 421 2.58 19.11 40.90
CA THR B 421 2.52 17.83 40.15
C THR B 421 3.35 16.76 40.88
N ILE B 422 4.58 17.09 41.27
CA ILE B 422 5.49 16.18 42.02
C ILE B 422 4.87 15.88 43.38
N ALA B 423 4.24 16.90 43.99
CA ALA B 423 3.60 16.84 45.32
C ALA B 423 2.45 15.85 45.35
N ILE B 424 1.43 16.04 44.49
CA ILE B 424 0.23 15.22 44.56
C ILE B 424 0.59 13.78 44.26
N ASN B 425 1.55 13.56 43.34
CA ASN B 425 1.96 12.21 42.98
C ASN B 425 2.60 11.50 44.15
N THR B 426 3.45 12.18 44.90
CA THR B 426 4.10 11.54 46.03
C THR B 426 3.11 11.21 47.14
N LYS B 427 2.12 12.10 47.37
CA LYS B 427 1.02 11.79 48.30
C LYS B 427 0.23 10.57 47.84
N ALA B 428 0.13 10.38 46.52
CA ALA B 428 -0.58 9.22 45.99
C ALA B 428 0.19 7.93 46.28
N ARG B 429 1.50 7.94 46.03
CA ARG B 429 2.32 6.74 46.09
C ARG B 429 2.51 6.23 47.51
N GLU B 430 2.50 7.08 48.51
CA GLU B 430 2.62 6.55 49.86
C GLU B 430 1.28 5.99 50.33
N GLN B 431 0.18 6.60 49.91
CA GLN B 431 -1.12 6.01 50.13
C GLN B 431 -1.30 4.74 49.34
N LEU B 432 -0.55 4.54 48.24
CA LEU B 432 -0.62 3.25 47.54
C LEU B 432 0.27 2.22 48.24
N GLY B 437 -3.01 1.21 48.22
CA GLY B 437 -3.58 1.43 49.53
C GLY B 437 -4.99 1.96 49.46
N LEU B 438 -5.19 3.15 48.87
CA LEU B 438 -6.55 3.65 48.73
C LEU B 438 -7.28 3.06 47.52
N PHE B 439 -6.54 2.72 46.46
CA PHE B 439 -7.13 2.24 45.21
C PHE B 439 -7.14 0.72 45.09
N ASP B 440 -6.39 0.02 45.94
CA ASP B 440 -6.48 -1.42 46.07
C ASP B 440 -7.78 -1.85 46.74
N LYS B 441 -8.53 -0.89 47.29
CA LYS B 441 -9.69 -1.23 48.09
C LYS B 441 -10.89 -1.56 47.22
N ALA B 442 -11.18 -0.70 46.24
CA ALA B 442 -12.39 -0.81 45.46
C ALA B 442 -12.15 -1.07 43.98
N ASN B 443 -10.90 -1.27 43.56
CA ASN B 443 -10.58 -1.56 42.16
C ASN B 443 -9.82 -2.89 42.02
N ALA B 444 -9.95 -3.51 40.83
CA ALA B 444 -9.15 -4.68 40.49
C ALA B 444 -7.72 -4.29 40.15
N THR B 445 -7.50 -3.07 39.62
CA THR B 445 -6.15 -2.65 39.27
C THR B 445 -5.21 -2.70 40.47
N GLY B 446 -5.76 -2.54 41.68
CA GLY B 446 -4.98 -2.66 42.88
C GLY B 446 -4.63 -4.09 43.24
N GLY B 447 -3.67 -4.21 44.14
CA GLY B 447 -3.06 -5.47 44.47
C GLY B 447 -1.79 -5.75 43.71
N GLY B 448 -1.45 -4.91 42.74
CA GLY B 448 -0.36 -5.16 41.80
C GLY B 448 -0.83 -5.26 40.37
N GLY B 449 -2.11 -5.56 40.12
CA GLY B 449 -2.64 -5.51 38.77
C GLY B 449 -2.29 -4.21 38.06
N HIS B 450 -2.34 -3.08 38.79
CA HIS B 450 -2.09 -1.77 38.17
C HIS B 450 -0.61 -1.59 37.83
N VAL B 451 0.30 -2.15 38.64
CA VAL B 451 1.71 -2.01 38.26
C VAL B 451 1.99 -2.77 36.97
N GLN B 452 1.34 -3.91 36.78
CA GLN B 452 1.63 -4.67 35.58
C GLN B 452 1.10 -3.97 34.34
N MET B 453 0.04 -3.16 34.48
CA MET B 453 -0.51 -2.47 33.32
C MET B 453 0.39 -1.33 32.88
N VAL B 454 0.89 -0.52 33.84
CA VAL B 454 1.84 0.54 33.53
C VAL B 454 3.01 -0.01 32.69
N GLN B 455 3.57 -1.14 33.10
CA GLN B 455 4.73 -1.68 32.38
C GLN B 455 4.39 -1.92 30.92
N ARG B 456 3.28 -2.62 30.66
CA ARG B 456 2.89 -2.97 29.29
C ARG B 456 2.47 -1.76 28.48
N ALA B 457 2.11 -0.66 29.13
CA ALA B 457 1.73 0.55 28.44
C ALA B 457 2.94 1.36 28.03
N MET B 458 4.04 1.21 28.77
CA MET B 458 5.25 2.01 28.53
C MET B 458 5.72 1.92 27.09
N LYS B 459 5.62 0.72 26.49
CA LYS B 459 5.98 0.56 25.09
C LYS B 459 5.21 1.50 24.19
N ASP B 460 4.04 1.99 24.64
CA ASP B 460 3.21 2.87 23.83
C ASP B 460 3.29 4.32 24.28
N LEU B 461 4.01 4.60 25.34
CA LEU B 461 4.14 5.95 25.85
C LEU B 461 5.16 6.68 24.97
N THR B 462 4.81 6.75 23.69
CA THR B 462 5.63 7.38 22.68
C THR B 462 5.40 8.89 22.64
N TYR B 463 6.40 9.62 22.12
CA TYR B 463 6.30 11.07 22.09
C TYR B 463 5.20 11.56 21.14
N ALA B 464 5.14 11.01 19.92
CA ALA B 464 4.08 11.39 18.98
C ALA B 464 2.70 11.12 19.57
N SER B 465 2.56 10.04 20.33
CA SER B 465 1.31 9.84 21.02
C SER B 465 0.98 10.97 21.99
N LEU B 466 1.93 11.81 22.38
CA LEU B 466 1.58 12.97 23.19
C LEU B 466 1.26 14.21 22.36
N CYS B 467 1.51 14.20 21.06
CA CYS B 467 1.16 15.33 20.20
C CYS B 467 -0.28 15.22 19.67
N PHE B 468 -1.18 15.99 20.28
CA PHE B 468 -2.60 15.75 20.12
C PHE B 468 -3.07 15.59 18.68
N PRO B 469 -2.72 16.46 17.71
CA PRO B 469 -3.29 16.32 16.36
C PRO B 469 -2.80 15.03 15.72
N GLU B 470 -1.49 14.82 15.71
CA GLU B 470 -0.94 13.59 15.15
C GLU B 470 -1.56 12.35 15.77
N ALA B 471 -1.81 12.37 17.08
CA ALA B 471 -2.37 11.21 17.76
C ALA B 471 -3.86 11.02 17.39
N ILE B 472 -4.60 12.11 17.23
CA ILE B 472 -5.94 12.07 16.66
C ILE B 472 -5.90 11.36 15.31
N LYS B 473 -5.05 11.85 14.42
CA LYS B 473 -4.96 11.28 13.09
C LYS B 473 -4.42 9.85 13.12
N ALA B 474 -3.79 9.43 14.20
CA ALA B 474 -3.23 8.07 14.23
C ALA B 474 -4.30 7.03 14.56
N ARG B 475 -5.39 7.47 15.18
CA ARG B 475 -6.57 6.66 15.41
C ARG B 475 -7.59 6.81 14.29
N GLY B 476 -7.24 7.53 13.22
CA GLY B 476 -8.12 7.77 12.09
C GLY B 476 -9.34 8.59 12.41
N MET B 477 -9.33 9.27 13.52
CA MET B 477 -10.49 9.97 14.03
C MET B 477 -10.49 11.44 13.65
N GLU B 478 -9.70 11.85 12.66
CA GLU B 478 -9.51 13.28 12.45
C GLU B 478 -10.56 13.93 11.54
N SER B 479 -11.26 13.15 10.74
CA SER B 479 -12.15 13.74 9.75
C SER B 479 -13.37 14.27 10.47
N LYS B 480 -13.56 15.58 10.48
CA LYS B 480 -14.74 16.05 11.18
C LYS B 480 -16.01 15.83 10.34
N GLU B 481 -15.88 15.82 9.01
CA GLU B 481 -17.03 15.55 8.16
C GLU B 481 -17.57 14.14 8.37
N ASP B 482 -16.69 13.14 8.46
CA ASP B 482 -17.13 11.76 8.57
C ASP B 482 -17.36 11.34 10.01
N ILE B 483 -16.68 11.96 10.96
CA ILE B 483 -16.93 11.74 12.39
C ILE B 483 -17.28 13.11 12.99
N PRO B 484 -18.56 13.47 13.08
CA PRO B 484 -18.89 14.85 13.46
C PRO B 484 -19.13 15.12 14.94
N TYR B 485 -19.36 14.10 15.76
CA TYR B 485 -19.67 14.31 17.17
C TYR B 485 -18.53 13.90 18.09
N TYR B 486 -17.29 14.19 17.68
CA TYR B 486 -16.11 13.93 18.50
C TYR B 486 -15.66 15.25 19.09
N PHE B 487 -16.27 15.62 20.23
CA PHE B 487 -16.05 16.93 20.82
C PHE B 487 -14.73 17.02 21.56
N TYR B 488 -14.33 15.95 22.24
CA TYR B 488 -12.98 15.85 22.80
C TYR B 488 -11.95 16.23 21.75
N ARG B 489 -11.99 15.60 20.60
CA ARG B 489 -11.08 15.99 19.52
C ARG B 489 -11.29 17.44 19.12
N ASP B 490 -12.53 17.88 18.94
CA ASP B 490 -12.78 19.18 18.33
C ASP B 490 -12.14 20.31 19.14
N ASP B 491 -12.33 20.25 20.44
CA ASP B 491 -11.91 21.28 21.37
C ASP B 491 -10.44 21.15 21.69
N GLY B 492 -9.98 19.91 21.86
CA GLY B 492 -8.56 19.68 22.10
C GLY B 492 -7.68 20.27 21.02
N LEU B 493 -8.10 20.16 19.76
CA LEU B 493 -7.31 20.75 18.71
C LEU B 493 -7.32 22.26 18.80
N LEU B 494 -8.42 22.86 19.27
CA LEU B 494 -8.40 24.32 19.42
C LEU B 494 -7.43 24.72 20.52
N VAL B 495 -7.56 24.07 21.67
CA VAL B 495 -6.68 24.37 22.80
C VAL B 495 -5.24 24.06 22.42
N TRP B 496 -5.00 22.92 21.79
CA TRP B 496 -3.66 22.61 21.33
C TRP B 496 -3.13 23.80 20.52
N GLU B 497 -3.92 24.28 19.58
CA GLU B 497 -3.38 25.32 18.72
C GLU B 497 -3.05 26.61 19.50
N ALA B 498 -3.82 26.93 20.55
CA ALA B 498 -3.57 28.17 21.29
C ALA B 498 -2.30 28.07 22.15
N ILE B 499 -2.04 26.89 22.72
CA ILE B 499 -0.79 26.64 23.43
C ILE B 499 0.35 26.52 22.44
N ARG B 500 0.08 26.07 21.22
CA ARG B 500 1.14 26.06 20.22
C ARG B 500 1.56 27.49 19.91
N THR B 501 0.59 28.34 19.61
CA THR B 501 0.86 29.73 19.23
C THR B 501 1.52 30.54 20.36
N PHE B 502 1.10 30.26 21.60
CA PHE B 502 1.73 30.90 22.77
C PHE B 502 3.18 30.54 22.86
N THR B 503 3.48 29.24 23.03
CA THR B 503 4.84 28.81 23.12
C THR B 503 5.64 29.29 21.91
N ALA B 504 4.98 29.42 20.74
CA ALA B 504 5.69 29.95 19.58
C ALA B 504 6.17 31.38 19.82
N GLU B 505 5.29 32.25 20.33
CA GLU B 505 5.66 33.65 20.52
C GLU B 505 6.74 33.81 21.58
N VAL B 506 6.65 33.02 22.66
CA VAL B 506 7.63 33.03 23.73
C VAL B 506 8.99 32.54 23.25
N VAL B 507 9.02 31.52 22.39
CA VAL B 507 10.31 31.09 21.85
C VAL B 507 10.89 32.19 20.97
N ASP B 508 10.07 32.81 20.10
CA ASP B 508 10.64 33.80 19.19
C ASP B 508 11.23 34.99 19.93
N ILE B 509 10.71 35.29 21.12
CA ILE B 509 11.29 36.33 21.94
C ILE B 509 12.71 35.95 22.34
N TYR B 510 12.85 34.84 23.06
CA TYR B 510 14.09 34.54 23.79
C TYR B 510 15.10 33.70 22.99
N TYR B 511 14.78 33.26 21.77
CA TYR B 511 15.73 32.58 20.88
C TYR B 511 15.62 33.27 19.53
N GLU B 512 16.68 33.89 19.07
CA GLU B 512 16.62 34.60 17.80
C GLU B 512 16.60 33.65 16.62
N GLY B 513 17.02 32.42 16.84
CA GLY B 513 17.18 31.54 15.68
C GLY B 513 17.33 30.11 16.14
N ASP B 514 17.38 29.22 15.16
CA ASP B 514 17.51 27.82 15.50
C ASP B 514 18.87 27.51 16.13
N GLN B 515 19.95 28.15 15.67
CA GLN B 515 21.27 27.78 16.22
C GLN B 515 21.34 28.12 17.72
N VAL B 516 20.65 29.18 18.15
CA VAL B 516 20.57 29.49 19.58
C VAL B 516 19.87 28.37 20.34
N VAL B 517 18.80 27.79 19.76
CA VAL B 517 18.10 26.67 20.40
C VAL B 517 19.09 25.54 20.58
N GLU B 518 19.85 25.27 19.53
CA GLU B 518 20.77 24.16 19.53
C GLU B 518 21.83 24.33 20.60
N GLU B 519 22.44 25.53 20.70
CA GLU B 519 23.58 25.79 21.58
C GLU B 519 23.19 25.97 23.05
N ASP B 520 21.90 25.98 23.36
CA ASP B 520 21.49 26.23 24.75
C ASP B 520 21.77 24.99 25.58
N PRO B 521 22.81 25.02 26.41
CA PRO B 521 23.20 23.79 27.10
C PRO B 521 22.22 23.30 28.15
N GLU B 522 21.56 24.18 28.87
CA GLU B 522 20.62 23.75 29.88
C GLU B 522 19.37 23.18 29.21
N LEU B 523 18.94 23.79 28.13
CA LEU B 523 17.82 23.28 27.37
C LEU B 523 18.08 21.84 26.97
N GLN B 524 19.28 21.56 26.45
CA GLN B 524 19.57 20.20 26.02
C GLN B 524 19.63 19.27 27.23
N ASP B 525 20.37 19.66 28.27
CA ASP B 525 20.48 18.90 29.55
C ASP B 525 19.08 18.52 30.07
N PHE B 526 18.10 19.43 29.96
CA PHE B 526 16.69 19.22 30.39
C PHE B 526 15.97 18.17 29.53
N VAL B 527 16.06 18.26 28.20
CA VAL B 527 15.38 17.30 27.26
C VAL B 527 16.05 15.93 27.36
N ASN B 528 17.37 15.91 27.55
CA ASN B 528 18.21 14.70 27.67
C ASN B 528 17.83 13.97 28.95
N ASP B 529 17.52 14.74 30.01
CA ASP B 529 17.12 14.31 31.37
C ASP B 529 15.73 13.63 31.35
N VAL B 530 14.91 13.99 30.37
CA VAL B 530 13.54 13.46 30.08
C VAL B 530 13.67 12.15 29.29
N TYR B 531 14.56 12.10 28.30
CA TYR B 531 14.75 10.95 27.45
C TYR B 531 15.47 9.83 28.20
N VAL B 532 16.58 10.17 28.87
CA VAL B 532 17.44 9.15 29.43
C VAL B 532 16.93 8.65 30.78
N TYR B 533 16.21 9.50 31.54
CA TYR B 533 15.85 9.19 32.92
C TYR B 533 14.34 9.04 33.09
N GLY B 534 13.58 10.07 32.74
CA GLY B 534 12.15 9.96 32.74
C GLY B 534 11.68 8.75 31.95
N MET B 535 11.99 8.73 30.67
CA MET B 535 11.71 7.67 29.73
C MET B 535 12.70 6.50 29.80
N ARG B 536 13.55 6.42 30.80
CA ARG B 536 14.41 5.25 30.91
C ARG B 536 15.33 5.04 29.72
N GLY B 537 15.33 5.95 28.76
CA GLY B 537 16.30 5.82 27.68
C GLY B 537 15.89 4.88 26.59
N ARG B 538 14.58 4.61 26.47
CA ARG B 538 14.01 3.68 25.50
C ARG B 538 13.90 4.35 24.14
N LYS B 539 14.64 3.82 23.17
CA LYS B 539 14.61 4.40 21.82
C LYS B 539 13.20 4.42 21.23
N SER B 540 12.35 3.45 21.59
CA SER B 540 11.00 3.39 21.05
C SER B 540 10.12 4.53 21.54
N SER B 541 10.52 5.25 22.59
CA SER B 541 9.70 6.32 23.13
C SER B 541 9.55 7.42 22.12
N GLY B 542 10.50 7.52 21.19
CA GLY B 542 10.51 8.59 20.23
C GLY B 542 10.76 9.96 20.81
N PHE B 543 11.09 10.05 22.09
CA PHE B 543 11.35 11.37 22.65
C PHE B 543 12.59 11.97 22.02
N PRO B 544 12.60 13.27 21.78
CA PRO B 544 13.81 13.91 21.25
C PRO B 544 15.00 13.73 22.19
N LYS B 545 16.14 13.33 21.61
CA LYS B 545 17.40 13.27 22.35
C LYS B 545 17.93 14.69 22.58
N SER B 546 17.76 15.55 21.59
CA SER B 546 18.08 16.95 21.73
C SER B 546 17.06 17.74 20.92
N VAL B 547 17.08 19.06 21.08
CA VAL B 547 16.17 19.92 20.34
C VAL B 547 17.01 20.99 19.69
N LYS B 548 16.80 21.20 18.39
CA LYS B 548 17.72 21.98 17.58
C LYS B 548 17.01 23.01 16.72
N SER B 549 15.74 23.28 16.97
CA SER B 549 15.05 24.33 16.23
C SER B 549 13.97 24.96 17.10
N ARG B 550 13.55 26.16 16.70
CA ARG B 550 12.47 26.86 17.39
C ARG B 550 11.16 26.10 17.23
N GLU B 551 10.83 25.73 15.99
CA GLU B 551 9.62 24.93 15.79
C GLU B 551 9.65 23.68 16.66
N GLN B 552 10.79 22.97 16.68
CA GLN B 552 10.86 21.73 17.44
C GLN B 552 10.65 21.99 18.92
N LEU B 553 11.22 23.10 19.43
CA LEU B 553 11.13 23.42 20.85
C LEU B 553 9.74 23.97 21.20
N SER B 554 9.14 24.74 20.31
CA SER B 554 7.76 25.12 20.52
C SER B 554 6.83 23.90 20.65
N GLU B 555 7.02 22.88 19.81
CA GLU B 555 6.21 21.67 19.91
C GLU B 555 6.44 20.94 21.23
N TYR B 556 7.70 20.87 21.70
CA TYR B 556 8.02 20.16 22.94
C TYR B 556 7.30 20.77 24.13
N LEU B 557 7.42 22.10 24.28
CA LEU B 557 6.74 22.81 25.37
C LEU B 557 5.22 22.68 25.26
N THR B 558 4.68 22.73 24.05
CA THR B 558 3.26 22.45 23.91
C THR B 558 2.89 21.10 24.50
N VAL B 559 3.64 20.03 24.13
CA VAL B 559 3.42 18.71 24.70
C VAL B 559 3.39 18.78 26.22
N VAL B 560 4.29 19.59 26.83
CA VAL B 560 4.36 19.64 28.29
C VAL B 560 3.12 20.29 28.86
N ILE B 561 2.76 21.44 28.30
CA ILE B 561 1.65 22.24 28.80
C ILE B 561 0.33 21.54 28.50
N PHE B 562 0.17 21.02 27.29
CA PHE B 562 -1.10 20.40 26.96
C PHE B 562 -1.34 19.17 27.82
N THR B 563 -0.29 18.40 28.10
CA THR B 563 -0.45 17.18 28.89
C THR B 563 -0.76 17.50 30.34
N ALA B 564 -0.09 18.52 30.88
CA ALA B 564 -0.31 18.90 32.27
C ALA B 564 -1.63 19.64 32.48
N SER B 565 -2.19 20.30 31.45
CA SER B 565 -3.40 21.09 31.61
C SER B 565 -4.58 20.43 30.90
N ALA B 566 -4.83 20.75 29.63
CA ALA B 566 -6.00 20.31 28.89
C ALA B 566 -6.17 18.80 28.99
N GLN B 567 -5.19 18.06 28.49
CA GLN B 567 -5.29 16.61 28.49
C GLN B 567 -5.61 16.08 29.88
N HIS B 568 -4.95 16.58 30.91
CA HIS B 568 -5.26 16.07 32.22
C HIS B 568 -6.67 16.47 32.65
N ALA B 569 -7.18 17.58 32.12
CA ALA B 569 -8.52 18.04 32.50
C ALA B 569 -9.59 17.13 31.89
N ALA B 570 -9.36 16.62 30.68
CA ALA B 570 -10.37 15.86 29.98
C ALA B 570 -10.55 14.52 30.65
N VAL B 571 -9.44 13.87 31.00
CA VAL B 571 -9.47 12.52 31.55
C VAL B 571 -9.62 12.50 33.05
N ASN B 572 -9.76 13.66 33.70
CA ASN B 572 -9.86 13.73 35.15
C ASN B 572 -11.18 14.35 35.62
N PHE B 573 -11.59 15.50 35.09
CA PHE B 573 -12.71 16.21 35.73
C PHE B 573 -14.09 15.67 35.32
N GLY B 574 -14.13 14.79 34.33
CA GLY B 574 -15.36 14.09 34.06
C GLY B 574 -15.54 12.82 34.85
N GLN B 575 -14.60 12.50 35.74
CA GLN B 575 -14.70 11.19 36.39
C GLN B 575 -16.00 11.02 37.16
N TYR B 576 -16.56 12.10 37.73
CA TYR B 576 -17.79 11.93 38.51
C TYR B 576 -19.02 12.03 37.64
N ASP B 577 -18.99 12.89 36.65
CA ASP B 577 -20.05 12.89 35.65
C ASP B 577 -20.35 11.45 35.19
N TRP B 578 -19.32 10.67 34.89
CA TRP B 578 -19.47 9.43 34.15
C TRP B 578 -19.16 8.13 34.90
N ALA B 579 -18.70 8.19 36.13
CA ALA B 579 -18.43 6.97 36.90
C ALA B 579 -19.12 6.99 38.26
N SER B 580 -19.85 8.06 38.58
CA SER B 580 -20.55 8.07 39.84
C SER B 580 -21.57 6.95 39.84
N TRP B 581 -22.22 6.73 38.70
CA TRP B 581 -23.17 5.64 38.53
C TRP B 581 -22.41 4.36 38.24
N ILE B 582 -22.37 3.45 39.22
CA ILE B 582 -21.47 2.29 39.17
C ILE B 582 -21.63 1.48 37.87
N PRO B 583 -22.82 1.05 37.48
CA PRO B 583 -22.94 0.16 36.32
C PRO B 583 -22.39 0.75 35.04
N ASN B 584 -22.11 2.06 34.99
CA ASN B 584 -21.49 2.59 33.80
C ASN B 584 -19.96 2.58 33.87
N ALA B 585 -19.39 2.41 35.05
CA ALA B 585 -17.94 2.30 35.23
C ALA B 585 -17.64 1.51 36.48
N PRO B 586 -17.85 0.21 36.49
CA PRO B 586 -17.66 -0.57 37.70
C PRO B 586 -16.18 -0.66 38.00
N PRO B 587 -15.76 -0.25 39.20
CA PRO B 587 -14.34 -0.36 39.55
C PRO B 587 -13.89 -1.80 39.67
N THR B 588 -14.81 -2.75 39.70
CA THR B 588 -14.51 -4.12 40.08
C THR B 588 -15.60 -5.02 39.54
N MET B 589 -15.29 -6.31 39.48
CA MET B 589 -16.24 -7.32 39.02
C MET B 589 -16.07 -8.56 39.89
N ARG B 590 -17.11 -8.92 40.60
CA ARG B 590 -17.08 -10.01 41.57
C ARG B 590 -17.50 -11.36 40.96
N ALA B 591 -17.39 -11.51 39.65
CA ALA B 591 -17.65 -12.79 39.00
C ALA B 591 -16.97 -12.77 37.65
N PRO B 592 -16.67 -13.94 37.11
CA PRO B 592 -15.99 -14.00 35.81
C PRO B 592 -16.91 -13.66 34.67
N PRO B 593 -16.37 -13.32 33.52
CA PRO B 593 -17.21 -12.97 32.37
C PRO B 593 -18.07 -14.14 31.93
N PRO B 594 -19.31 -13.89 31.53
CA PRO B 594 -20.18 -15.00 31.14
C PRO B 594 -19.53 -15.78 30.02
N THR B 595 -19.61 -17.11 30.08
CA THR B 595 -18.97 -18.02 29.10
C THR B 595 -19.98 -18.45 28.03
N ALA B 596 -21.29 -18.25 28.23
CA ALA B 596 -22.25 -18.67 27.24
C ALA B 596 -23.49 -17.78 27.22
N LYS B 597 -24.14 -17.75 26.07
CA LYS B 597 -25.41 -17.04 25.90
C LYS B 597 -26.57 -17.81 26.55
N GLY B 598 -27.67 -17.08 26.79
CA GLY B 598 -28.90 -17.67 27.27
C GLY B 598 -28.90 -18.15 28.70
N VAL B 599 -27.93 -17.73 29.50
CA VAL B 599 -27.80 -18.14 30.89
C VAL B 599 -28.03 -16.97 31.83
N VAL B 600 -27.54 -15.77 31.46
CA VAL B 600 -27.40 -14.68 32.42
C VAL B 600 -28.77 -14.19 32.87
N THR B 601 -28.87 -13.89 34.16
CA THR B 601 -30.06 -13.36 34.79
C THR B 601 -29.72 -12.03 35.43
N ILE B 602 -30.69 -11.13 35.52
CA ILE B 602 -30.43 -9.82 36.11
C ILE B 602 -29.84 -9.92 37.52
N GLU B 603 -30.02 -11.05 38.20
CA GLU B 603 -29.44 -11.22 39.52
C GLU B 603 -27.97 -11.58 39.42
N GLN B 604 -27.60 -12.38 38.42
CA GLN B 604 -26.17 -12.60 38.16
C GLN B 604 -25.44 -11.28 37.87
N ILE B 605 -26.13 -10.26 37.39
CA ILE B 605 -25.47 -9.01 37.07
C ILE B 605 -25.16 -8.22 38.32
N VAL B 606 -26.10 -8.16 39.25
CA VAL B 606 -25.80 -7.47 40.49
C VAL B 606 -24.86 -8.31 41.33
N ASP B 607 -24.97 -9.62 41.22
CA ASP B 607 -24.01 -10.55 41.82
C ASP B 607 -22.58 -10.27 41.36
N THR B 608 -22.40 -9.79 40.12
CA THR B 608 -21.08 -9.46 39.62
C THR B 608 -20.66 -8.04 39.95
N LEU B 609 -21.58 -7.09 39.91
CA LEU B 609 -21.19 -5.71 40.17
C LEU B 609 -20.66 -5.58 41.58
N PRO B 610 -19.92 -4.51 41.87
CA PRO B 610 -19.47 -4.29 43.25
C PRO B 610 -20.66 -4.31 44.19
N ASP B 611 -20.39 -4.77 45.40
CA ASP B 611 -21.32 -4.60 46.50
C ASP B 611 -21.50 -3.12 46.82
N ARG B 612 -22.52 -2.82 47.60
CA ARG B 612 -22.76 -1.43 48.00
C ARG B 612 -21.64 -0.90 48.87
N GLY B 613 -21.14 -1.70 49.80
CA GLY B 613 -20.00 -1.28 50.59
C GLY B 613 -18.86 -0.68 49.79
N ARG B 614 -18.16 -1.50 49.01
CA ARG B 614 -17.00 -1.00 48.25
C ARG B 614 -17.37 -0.06 47.11
N SER B 615 -18.66 0.15 46.88
CA SER B 615 -19.11 1.15 45.93
C SER B 615 -19.02 2.54 46.56
N CYS B 616 -19.49 2.66 47.80
CA CYS B 616 -19.35 3.92 48.51
C CYS B 616 -17.92 4.44 48.40
N TRP B 617 -16.93 3.56 48.49
CA TRP B 617 -15.53 4.01 48.43
C TRP B 617 -15.09 4.38 47.02
N HIS B 618 -15.70 3.79 45.99
CA HIS B 618 -15.43 4.24 44.63
C HIS B 618 -16.16 5.54 44.33
N LEU B 619 -17.31 5.74 44.95
CA LEU B 619 -18.11 6.94 44.69
C LEU B 619 -17.44 8.18 45.28
N GLY B 620 -17.00 8.11 46.53
CA GLY B 620 -16.29 9.24 47.11
C GLY B 620 -15.01 9.59 46.38
N ALA B 621 -14.20 8.58 46.02
CA ALA B 621 -12.92 8.87 45.39
C ALA B 621 -13.10 9.58 44.04
N VAL B 622 -14.15 9.23 43.30
CA VAL B 622 -14.37 9.86 42.00
C VAL B 622 -14.89 11.28 42.19
N TRP B 623 -15.74 11.47 43.19
CA TRP B 623 -16.19 12.83 43.51
C TRP B 623 -15.02 13.72 43.94
N ALA B 624 -14.24 13.25 44.92
CA ALA B 624 -13.08 14.00 45.37
C ALA B 624 -12.16 14.36 44.24
N LEU B 625 -11.88 13.41 43.35
CA LEU B 625 -10.86 13.62 42.34
C LEU B 625 -11.29 14.58 41.23
N SER B 626 -12.59 14.87 41.10
CA SER B 626 -13.08 15.74 40.03
C SER B 626 -13.42 17.15 40.54
N GLN B 627 -13.14 17.43 41.82
CA GLN B 627 -13.41 18.72 42.41
C GLN B 627 -12.38 19.76 41.98
N PHE B 628 -12.78 21.03 42.00
CA PHE B 628 -11.86 22.15 41.80
C PHE B 628 -11.52 22.76 43.13
N GLN B 629 -10.30 23.29 43.24
CA GLN B 629 -9.95 24.09 44.41
C GLN B 629 -10.48 25.51 44.24
N GLU B 630 -10.79 26.17 45.35
CA GLU B 630 -11.36 27.50 45.23
C GLU B 630 -10.33 28.54 44.83
N ASN B 631 -9.05 28.32 45.10
CA ASN B 631 -8.01 29.16 44.53
C ASN B 631 -7.32 28.47 43.37
N GLU B 632 -8.12 27.96 42.43
CA GLU B 632 -7.62 27.18 41.31
C GLU B 632 -7.22 28.10 40.16
N LEU B 633 -6.03 27.86 39.63
CA LEU B 633 -5.51 28.60 38.49
C LEU B 633 -5.85 27.84 37.21
N PHE B 634 -6.62 28.48 36.34
CA PHE B 634 -6.99 27.88 35.07
C PHE B 634 -6.06 28.36 33.99
N LEU B 635 -6.09 27.68 32.87
CA LEU B 635 -5.06 27.87 31.86
C LEU B 635 -4.81 29.34 31.60
N GLY B 636 -3.54 29.77 31.78
CA GLY B 636 -3.12 31.12 31.50
C GLY B 636 -3.26 32.11 32.65
N MET B 637 -3.70 31.66 33.82
CA MET B 637 -3.64 32.44 35.03
C MET B 637 -2.23 32.24 35.60
N TYR B 638 -1.47 33.33 35.65
CA TYR B 638 -0.06 33.29 36.02
C TYR B 638 0.17 34.36 37.06
N PRO B 639 -0.55 34.27 38.19
CA PRO B 639 -0.36 35.25 39.27
C PRO B 639 1.08 35.36 39.77
N GLU B 640 1.86 34.29 39.67
CA GLU B 640 3.28 34.29 40.02
C GLU B 640 4.06 34.80 38.81
N GLU B 641 4.59 36.01 38.95
CA GLU B 641 5.19 36.73 37.82
C GLU B 641 6.71 36.49 37.78
N HIS B 642 6.99 35.23 37.46
CA HIS B 642 8.35 34.76 37.15
C HIS B 642 8.71 35.62 35.94
N PHE B 643 7.81 35.78 34.98
CA PHE B 643 8.03 36.61 33.77
C PHE B 643 7.68 38.06 34.12
N ILE B 644 8.63 39.01 34.09
CA ILE B 644 8.39 40.46 34.41
C ILE B 644 8.68 41.36 33.20
N GLU B 645 8.94 40.81 32.02
CA GLU B 645 9.28 41.62 30.81
C GLU B 645 8.02 41.86 29.98
N LYS B 646 7.91 43.02 29.34
CA LYS B 646 6.71 43.45 28.56
C LYS B 646 6.47 42.54 27.34
N PRO B 647 7.47 42.17 26.51
CA PRO B 647 7.22 41.30 25.36
C PRO B 647 6.51 39.98 25.71
N VAL B 648 7.01 39.23 26.70
CA VAL B 648 6.44 37.95 27.13
C VAL B 648 5.07 38.16 27.79
N LYS B 649 4.87 39.29 28.46
CA LYS B 649 3.59 39.57 29.08
C LYS B 649 2.55 39.94 28.03
N GLU B 650 2.98 40.50 26.90
CA GLU B 650 2.03 40.77 25.82
C GLU B 650 1.73 39.52 25.01
N ALA B 651 2.68 38.58 24.93
CA ALA B 651 2.37 37.28 24.39
C ALA B 651 1.47 36.48 25.33
N MET B 652 1.60 36.72 26.65
CA MET B 652 0.65 36.11 27.57
C MET B 652 -0.72 36.77 27.46
N ALA B 653 -0.73 38.05 27.09
CA ALA B 653 -1.98 38.75 26.82
C ALA B 653 -2.75 38.06 25.71
N ARG B 654 -2.08 37.76 24.60
CA ARG B 654 -2.77 37.15 23.47
C ARG B 654 -3.30 35.79 23.84
N PHE B 655 -2.51 35.02 24.60
CA PHE B 655 -2.88 33.67 24.97
C PHE B 655 -4.20 33.67 25.70
N ARG B 656 -4.36 34.58 26.64
CA ARG B 656 -5.58 34.58 27.41
C ARG B 656 -6.76 35.02 26.55
N LYS B 657 -6.53 35.99 25.66
CA LYS B 657 -7.59 36.45 24.79
C LYS B 657 -7.95 35.37 23.77
N ASN B 658 -6.94 34.73 23.18
CA ASN B 658 -7.23 33.61 22.29
C ASN B 658 -7.94 32.47 23.04
N LEU B 659 -7.65 32.31 24.34
CA LEU B 659 -8.36 31.29 25.11
C LEU B 659 -9.84 31.65 25.27
N GLU B 660 -10.16 32.92 25.56
CA GLU B 660 -11.55 33.34 25.77
C GLU B 660 -12.39 33.13 24.53
N ALA B 661 -11.78 33.29 23.35
CA ALA B 661 -12.53 33.03 22.12
C ALA B 661 -12.92 31.54 22.04
N ILE B 662 -12.03 30.67 22.52
CA ILE B 662 -12.29 29.24 22.60
C ILE B 662 -13.35 28.93 23.65
N VAL B 663 -13.40 29.67 24.74
CA VAL B 663 -14.47 29.43 25.71
C VAL B 663 -15.81 29.72 25.05
N SER B 664 -15.91 30.84 24.35
CA SER B 664 -17.20 31.23 23.78
C SER B 664 -17.69 30.17 22.80
N VAL B 665 -16.82 29.72 21.90
CA VAL B 665 -17.24 28.76 20.88
C VAL B 665 -17.66 27.43 21.50
N ILE B 666 -16.99 27.00 22.56
CA ILE B 666 -17.36 25.72 23.17
C ILE B 666 -18.75 25.82 23.80
N ALA B 667 -19.04 26.96 24.44
CA ALA B 667 -20.33 27.12 25.12
C ALA B 667 -21.49 27.33 24.14
N GLU B 668 -21.26 27.94 22.97
CA GLU B 668 -22.28 28.05 21.94
C GLU B 668 -22.37 26.80 21.07
N ARG B 669 -21.36 25.93 21.15
CA ARG B 669 -21.50 24.56 20.66
C ARG B 669 -22.31 23.75 21.65
N ASN B 670 -21.98 23.87 22.94
CA ASN B 670 -22.70 23.10 23.95
C ASN B 670 -24.19 23.45 24.04
N GLU B 671 -24.62 24.59 23.51
CA GLU B 671 -26.04 24.95 23.57
C GLU B 671 -26.88 23.97 22.77
N ASN B 672 -26.44 23.64 21.54
CA ASN B 672 -27.19 22.75 20.67
C ASN B 672 -26.89 21.29 20.92
N LEU B 673 -26.19 20.98 22.00
CA LEU B 673 -25.87 19.61 22.39
C LEU B 673 -26.88 19.19 23.46
N GLN B 674 -27.35 17.97 23.36
CA GLN B 674 -28.25 17.46 24.37
C GLN B 674 -27.51 17.24 25.67
N LEU B 675 -26.22 16.94 25.58
CA LEU B 675 -25.36 16.76 26.74
C LEU B 675 -24.08 17.54 26.42
N PRO B 676 -23.91 18.71 27.02
CA PRO B 676 -22.70 19.50 26.78
C PRO B 676 -21.44 18.74 27.10
N TYR B 677 -20.40 18.97 26.21
CA TYR B 677 -18.98 18.58 26.28
C TYR B 677 -18.15 19.85 26.62
N TYR B 678 -17.98 20.17 27.92
CA TYR B 678 -17.28 21.37 28.46
C TYR B 678 -15.99 21.00 29.21
N TYR B 679 -15.52 19.75 29.12
CA TYR B 679 -14.31 19.25 29.84
C TYR B 679 -13.05 19.97 29.36
N LEU B 680 -13.00 20.37 28.09
CA LEU B 680 -11.82 21.04 27.49
C LEU B 680 -12.07 22.54 27.29
N SER B 681 -12.89 23.18 28.13
CA SER B 681 -13.15 24.60 27.99
C SER B 681 -12.13 25.36 28.84
N PRO B 682 -11.33 26.25 28.25
CA PRO B 682 -10.15 26.75 28.99
C PRO B 682 -10.43 27.35 30.35
N ASP B 683 -11.62 27.91 30.55
CA ASP B 683 -12.00 28.41 31.87
C ASP B 683 -12.17 27.29 32.89
N ARG B 684 -12.08 26.03 32.48
CA ARG B 684 -12.18 24.88 33.38
C ARG B 684 -10.93 24.02 33.39
N ILE B 685 -9.92 24.35 32.58
CA ILE B 685 -8.69 23.57 32.46
C ILE B 685 -7.67 24.13 33.44
N PRO B 686 -7.27 23.41 34.47
CA PRO B 686 -6.24 23.98 35.39
C PRO B 686 -4.85 24.04 34.75
N ASN B 687 -4.08 25.03 35.18
CA ASN B 687 -2.71 25.16 34.69
C ASN B 687 -1.92 23.86 34.72
N SER B 688 -2.18 23.02 35.71
CA SER B 688 -1.34 21.86 35.93
C SER B 688 -2.12 20.67 36.47
N VAL B 689 -1.40 19.55 36.53
CA VAL B 689 -1.83 18.34 37.22
C VAL B 689 -1.63 18.61 38.72
N ALA B 690 -2.66 19.11 39.37
CA ALA B 690 -2.65 19.32 40.81
C ALA B 690 -3.70 18.49 41.54
N ILE B 691 -4.41 17.60 40.84
CA ILE B 691 -5.43 16.75 41.45
C ILE B 691 -5.50 15.47 40.63
N SER C 4 -18.01 54.81 -5.84
CA SER C 4 -17.94 56.20 -5.27
C SER C 4 -16.47 56.56 -5.24
N HIS C 5 -16.24 57.87 -5.17
CA HIS C 5 -14.91 58.48 -5.31
C HIS C 5 -14.40 58.73 -3.90
N HIS C 6 -13.51 57.86 -3.41
CA HIS C 6 -12.94 58.04 -2.07
C HIS C 6 -11.48 58.44 -2.21
N HIS C 7 -11.21 59.74 -2.16
CA HIS C 7 -9.88 60.27 -2.43
C HIS C 7 -9.35 60.90 -1.15
N HIS C 8 -8.13 60.55 -0.76
CA HIS C 8 -7.47 61.13 0.41
C HIS C 8 -6.27 61.94 -0.07
N HIS C 9 -6.16 63.18 0.35
CA HIS C 9 -5.04 64.02 -0.06
C HIS C 9 -4.17 64.24 1.17
N HIS C 10 -2.85 64.10 0.99
CA HIS C 10 -1.90 64.35 2.09
C HIS C 10 -0.78 65.32 1.70
N TYR C 24 7.29 65.04 -6.55
CA TYR C 24 6.53 63.93 -7.13
C TYR C 24 5.15 63.72 -6.48
N THR C 25 4.10 63.65 -7.27
CA THR C 25 2.79 63.33 -6.73
C THR C 25 2.50 61.83 -6.96
N VAL C 26 2.28 61.11 -5.87
CA VAL C 26 2.11 59.66 -5.86
C VAL C 26 0.65 59.38 -5.52
N THR C 27 -0.07 58.77 -6.46
CA THR C 27 -1.45 58.31 -6.28
C THR C 27 -1.47 56.79 -6.15
N VAL C 28 -1.98 56.31 -5.02
CA VAL C 28 -2.06 54.87 -4.72
C VAL C 28 -3.54 54.45 -4.64
N ALA C 29 -4.00 53.75 -5.67
CA ALA C 29 -5.39 53.28 -5.73
C ALA C 29 -5.49 51.87 -5.15
N THR C 30 -6.20 51.71 -4.03
CA THR C 30 -6.38 50.42 -3.39
C THR C 30 -7.54 49.65 -4.05
N GLY C 31 -7.51 48.32 -3.90
CA GLY C 31 -8.56 47.49 -4.45
C GLY C 31 -9.89 47.76 -3.78
N SER C 32 -11.05 47.34 -4.36
CA SER C 32 -12.43 47.58 -3.86
C SER C 32 -13.13 46.25 -3.61
N GLN C 33 -12.47 45.40 -2.83
CA GLN C 33 -12.65 43.93 -2.75
C GLN C 33 -12.70 43.53 -1.28
N GLU C 34 -13.26 42.36 -0.95
CA GLU C 34 -13.31 41.94 0.48
C GLU C 34 -11.85 41.73 0.92
N HIS C 35 -11.41 42.36 2.03
CA HIS C 35 -10.05 42.32 2.65
C HIS C 35 -8.95 43.03 1.83
N ALA C 36 -9.27 43.84 0.80
CA ALA C 36 -8.25 44.52 0.02
C ALA C 36 -7.54 45.62 0.81
N GLY C 37 -8.25 46.26 1.72
CA GLY C 37 -7.64 47.29 2.51
C GLY C 37 -6.66 46.71 3.50
N THR C 38 -5.61 47.48 3.79
CA THR C 38 -4.62 47.13 4.79
C THR C 38 -4.33 48.32 5.69
N ASP C 39 -3.90 48.01 6.91
CA ASP C 39 -3.49 49.02 7.86
C ASP C 39 -1.98 49.00 8.11
N ASP C 40 -1.20 48.29 7.31
CA ASP C 40 0.22 48.08 7.60
C ASP C 40 1.07 49.16 6.91
N TYR C 41 2.30 49.33 7.41
CA TYR C 41 3.18 50.43 6.99
C TYR C 41 3.63 50.23 5.54
N ILE C 42 3.20 51.12 4.63
CA ILE C 42 3.59 51.06 3.23
C ILE C 42 4.71 52.04 2.97
N TYR C 43 5.87 51.54 2.54
CA TYR C 43 6.98 52.37 2.08
C TYR C 43 7.01 52.36 0.55
N LEU C 44 7.30 53.50 -0.06
CA LEU C 44 7.35 53.63 -1.51
C LEU C 44 8.69 54.22 -1.94
N SER C 45 9.32 53.60 -2.93
CA SER C 45 10.65 54.00 -3.39
C SER C 45 10.59 54.22 -4.90
N LEU C 46 11.36 55.20 -5.39
CA LEU C 46 11.39 55.47 -6.82
C LEU C 46 12.73 55.06 -7.40
N VAL C 47 12.69 54.41 -8.57
CA VAL C 47 13.91 53.99 -9.28
C VAL C 47 13.99 54.80 -10.56
N GLY C 48 15.06 55.58 -10.67
CA GLY C 48 15.27 56.42 -11.83
C GLY C 48 16.49 56.01 -12.56
N SER C 49 16.64 56.49 -13.80
CA SER C 49 17.85 56.22 -14.57
C SER C 49 19.07 56.95 -14.00
N ALA C 50 18.90 58.19 -13.49
CA ALA C 50 20.05 58.91 -12.94
C ALA C 50 20.32 58.59 -11.47
N GLY C 51 19.57 57.69 -10.86
CA GLY C 51 19.71 57.39 -9.45
C GLY C 51 18.36 57.08 -8.83
N CYS C 52 18.42 56.45 -7.67
CA CYS C 52 17.24 55.97 -6.96
CA CYS C 52 17.21 56.01 -7.00
C CYS C 52 16.79 57.06 -5.99
N SER C 53 15.82 56.72 -5.14
CA SER C 53 15.38 57.65 -4.12
C SER C 53 15.33 56.93 -2.79
N GLU C 54 14.94 57.65 -1.76
CA GLU C 54 14.81 57.09 -0.44
C GLU C 54 13.50 56.33 -0.31
N LYS C 55 13.35 55.57 0.78
CA LYS C 55 12.09 54.92 1.11
C LYS C 55 11.22 55.91 1.88
N HIS C 56 10.10 56.31 1.28
CA HIS C 56 9.13 57.20 1.91
C HIS C 56 8.01 56.35 2.48
N LEU C 57 7.75 56.52 3.77
CA LEU C 57 6.57 55.94 4.37
C LEU C 57 5.36 56.83 4.06
N LEU C 58 4.24 56.16 3.76
CA LEU C 58 2.97 56.77 3.40
C LEU C 58 1.95 56.46 4.49
N ASP C 59 1.43 57.51 5.13
CA ASP C 59 0.29 57.32 6.04
C ASP C 59 -0.68 58.50 6.05
N SER C 62 -4.70 53.50 7.34
CA SER C 62 -5.16 54.65 6.56
C SER C 62 -5.51 54.29 5.11
N PHE C 63 -5.28 53.02 4.72
CA PHE C 63 -5.53 52.53 3.35
C PHE C 63 -6.76 51.62 3.30
N GLU C 64 -7.88 52.13 2.83
CA GLU C 64 -9.12 51.39 2.86
C GLU C 64 -9.54 50.88 1.49
N ARG C 65 -10.37 49.86 1.55
CA ARG C 65 -10.97 49.27 0.36
C ARG C 65 -11.60 50.36 -0.51
N GLY C 66 -11.12 50.45 -1.75
CA GLY C 66 -11.62 51.42 -2.69
C GLY C 66 -11.18 52.84 -2.47
N ALA C 67 -10.18 53.04 -1.60
CA ALA C 67 -9.65 54.37 -1.37
C ALA C 67 -8.69 54.72 -2.50
N VAL C 68 -8.39 55.99 -2.64
CA VAL C 68 -7.34 56.49 -3.52
C VAL C 68 -6.51 57.45 -2.67
N ASP C 69 -5.26 57.09 -2.38
CA ASP C 69 -4.45 57.93 -1.49
C ASP C 69 -3.39 58.68 -2.30
N SER C 70 -3.41 60.00 -2.18
CA SER C 70 -2.60 60.95 -2.93
C SER C 70 -1.52 61.51 -2.00
N TYR C 71 -0.24 61.48 -2.45
CA TYR C 71 0.88 61.94 -1.62
C TYR C 71 1.81 62.87 -2.38
N ASP C 72 2.28 63.90 -1.71
CA ASP C 72 3.40 64.70 -2.22
C ASP C 72 4.71 64.08 -1.73
N VAL C 73 5.66 63.92 -2.63
CA VAL C 73 7.03 63.61 -2.23
C VAL C 73 7.96 64.44 -3.11
N THR C 74 8.80 65.25 -2.49
CA THR C 74 9.95 65.84 -3.15
C THR C 74 11.18 64.99 -2.84
N VAL C 75 12.07 64.89 -3.82
CA VAL C 75 13.15 63.91 -3.76
C VAL C 75 14.50 64.59 -3.51
N ASP C 76 15.36 63.90 -2.73
CA ASP C 76 16.67 64.39 -2.34
C ASP C 76 17.67 64.47 -3.49
N GLU C 77 17.37 63.83 -4.62
CA GLU C 77 18.21 63.82 -5.81
C GLU C 77 17.36 64.26 -7.00
N GLU C 78 17.97 64.30 -8.18
CA GLU C 78 17.27 64.48 -9.46
C GLU C 78 17.31 63.16 -10.20
N LEU C 79 16.17 62.46 -10.24
CA LEU C 79 16.22 61.03 -10.56
C LEU C 79 16.31 60.73 -12.06
N GLY C 80 15.93 61.64 -12.94
CA GLY C 80 15.88 61.33 -14.34
C GLY C 80 14.50 60.90 -14.76
N GLU C 81 14.40 59.93 -15.68
CA GLU C 81 13.15 59.28 -16.04
C GLU C 81 12.92 58.09 -15.11
N ILE C 82 11.77 58.04 -14.46
CA ILE C 82 11.46 56.93 -13.57
C ILE C 82 11.33 55.66 -14.40
N GLN C 83 12.00 54.59 -13.97
CA GLN C 83 11.95 53.28 -14.61
C GLN C 83 11.12 52.27 -13.83
N LEU C 84 11.23 52.29 -12.49
CA LEU C 84 10.58 51.35 -11.60
C LEU C 84 10.03 52.10 -10.38
N VAL C 85 8.96 51.55 -9.82
CA VAL C 85 8.35 51.95 -8.56
C VAL C 85 8.39 50.72 -7.65
N ARG C 86 9.02 50.83 -6.51
CA ARG C 86 9.13 49.73 -5.57
C ARG C 86 8.10 49.96 -4.48
N ILE C 87 7.42 48.91 -4.03
CA ILE C 87 6.47 49.05 -2.91
C ILE C 87 6.84 48.03 -1.84
N GLU C 88 6.86 48.46 -0.59
CA GLU C 88 7.29 47.63 0.53
C GLU C 88 6.33 47.80 1.70
N LYS C 89 5.81 46.68 2.20
CA LYS C 89 4.84 46.66 3.28
C LYS C 89 5.42 45.87 4.43
N ARG C 90 5.41 46.46 5.62
CA ARG C 90 5.84 45.75 6.82
C ARG C 90 4.73 45.81 7.85
N LYS C 91 4.64 44.73 8.64
CA LYS C 91 3.54 44.52 9.56
C LYS C 91 3.25 45.76 10.39
N TYR C 92 1.97 45.99 10.67
CA TYR C 92 1.49 47.02 11.60
C TYR C 92 0.33 46.36 12.32
N GLY C 93 0.52 46.04 13.59
CA GLY C 93 -0.39 45.10 14.22
C GLY C 93 -0.29 43.77 13.48
N SER C 94 -1.43 43.25 13.03
CA SER C 94 -1.45 41.96 12.35
C SER C 94 -1.22 42.13 10.85
N ASN C 95 -0.90 41.01 10.20
CA ASN C 95 -0.66 40.97 8.77
C ASN C 95 -2.01 41.06 8.05
N ASP C 96 -2.25 42.19 7.38
CA ASP C 96 -3.43 42.38 6.56
C ASP C 96 -2.96 42.49 5.10
N ASP C 97 -3.27 41.50 4.28
CA ASP C 97 -2.90 41.61 2.87
C ASP C 97 -3.55 42.84 2.24
N TRP C 98 -2.87 43.41 1.24
CA TRP C 98 -3.22 44.67 0.61
C TRP C 98 -3.34 44.44 -0.89
N TYR C 99 -4.46 44.84 -1.48
CA TYR C 99 -4.60 44.75 -2.92
C TYR C 99 -4.39 46.13 -3.50
N LEU C 100 -3.43 46.24 -4.42
CA LEU C 100 -3.03 47.49 -5.03
C LEU C 100 -3.46 47.44 -6.49
N LYS C 101 -4.33 48.36 -6.88
CA LYS C 101 -4.73 48.41 -8.28
C LYS C 101 -3.64 49.01 -9.15
N TYR C 102 -3.21 50.25 -8.84
CA TYR C 102 -2.20 50.95 -9.65
C TYR C 102 -1.53 52.06 -8.84
N ILE C 103 -0.41 52.55 -9.38
CA ILE C 103 0.32 53.71 -8.89
C ILE C 103 0.46 54.69 -10.06
N THR C 104 0.33 55.96 -9.76
CA THR C 104 0.57 57.04 -10.73
C THR C 104 1.62 58.01 -10.16
N LEU C 105 2.27 58.73 -11.08
CA LEU C 105 3.21 59.77 -10.74
C LEU C 105 3.01 60.96 -11.66
N LYS C 106 3.01 62.16 -11.07
CA LYS C 106 3.41 63.38 -11.77
C LYS C 106 4.80 63.74 -11.27
N THR C 107 5.73 63.77 -12.15
CA THR C 107 7.12 64.02 -11.76
C THR C 107 7.43 65.50 -11.84
N PRO C 108 8.53 65.94 -11.20
CA PRO C 108 8.87 67.37 -11.26
C PRO C 108 8.65 67.98 -12.63
N HIS C 109 9.11 67.27 -13.68
CA HIS C 109 9.17 67.82 -15.03
C HIS C 109 7.81 67.83 -15.75
N GLY C 110 6.71 67.57 -15.04
CA GLY C 110 5.39 67.59 -15.61
C GLY C 110 4.88 66.28 -16.20
N ASP C 111 5.69 65.23 -16.20
CA ASP C 111 5.32 63.97 -16.84
C ASP C 111 4.41 63.16 -15.95
N TYR C 112 3.34 62.60 -16.54
CA TYR C 112 2.36 61.78 -15.83
C TYR C 112 2.57 60.33 -16.24
N ILE C 113 3.07 59.52 -15.32
CA ILE C 113 3.45 58.13 -15.57
C ILE C 113 2.50 57.21 -14.81
N GLU C 114 2.12 56.11 -15.45
CA GLU C 114 1.18 55.15 -14.89
C GLU C 114 1.86 53.81 -14.65
N PHE C 115 1.68 53.24 -13.46
CA PHE C 115 2.27 51.94 -13.14
C PHE C 115 1.24 50.91 -12.71
N PRO C 116 0.79 50.01 -13.62
CA PRO C 116 -0.26 49.05 -13.25
C PRO C 116 0.23 47.87 -12.41
N CYS C 117 -0.60 47.45 -11.47
CA CYS C 117 -0.21 46.43 -10.51
C CYS C 117 -1.18 45.25 -10.42
N TYR C 118 -2.33 45.47 -9.81
CA TYR C 118 -3.40 44.48 -9.81
C TYR C 118 -2.94 43.20 -9.14
N ARG C 119 -2.26 43.37 -8.01
CA ARG C 119 -1.72 42.27 -7.22
C ARG C 119 -2.06 42.44 -5.76
N TRP C 120 -2.13 41.30 -5.08
CA TRP C 120 -2.18 41.28 -3.63
C TRP C 120 -0.77 41.38 -3.09
N ILE C 121 -0.60 42.17 -2.03
CA ILE C 121 0.72 42.51 -1.51
C ILE C 121 0.87 42.05 -0.07
N THR C 122 1.15 40.78 0.10
CA THR C 122 1.55 40.24 1.39
C THR C 122 2.97 40.69 1.67
N GLY C 123 3.25 41.01 2.95
CA GLY C 123 4.40 41.82 3.35
C GLY C 123 5.79 41.19 3.38
N ASP C 124 5.91 39.92 3.03
CA ASP C 124 7.23 39.31 3.00
C ASP C 124 8.08 39.96 1.92
N VAL C 125 7.55 40.09 0.69
CA VAL C 125 8.35 40.46 -0.46
C VAL C 125 7.95 41.84 -0.99
N GLU C 126 8.95 42.53 -1.51
CA GLU C 126 8.79 43.81 -2.21
C GLU C 126 8.23 43.61 -3.62
N VAL C 127 7.40 44.55 -4.04
CA VAL C 127 6.76 44.55 -5.35
C VAL C 127 7.38 45.68 -6.15
N VAL C 128 7.80 45.38 -7.37
CA VAL C 128 8.47 46.36 -8.22
C VAL C 128 7.75 46.36 -9.55
N LEU C 129 7.27 47.52 -9.96
CA LEU C 129 6.41 47.67 -11.13
C LEU C 129 7.11 48.47 -12.21
N ARG C 130 7.12 47.91 -13.41
CA ARG C 130 7.34 48.68 -14.62
C ARG C 130 6.21 49.70 -14.78
N ASP C 131 6.44 50.70 -15.63
CA ASP C 131 5.29 51.50 -16.04
C ASP C 131 4.44 50.68 -17.03
N GLY C 132 3.28 51.24 -17.41
CA GLY C 132 2.24 50.47 -18.07
C GLY C 132 2.41 50.28 -19.55
N ARG C 133 3.34 51.00 -20.18
CA ARG C 133 3.59 50.79 -21.61
C ARG C 133 4.06 49.36 -21.84
N ALA C 134 3.42 48.67 -22.77
CA ALA C 134 3.77 47.29 -23.03
C ALA C 134 5.10 47.21 -23.79
N LYS C 135 5.97 46.28 -23.36
CA LYS C 135 7.31 46.16 -23.92
C LYS C 135 7.76 44.71 -24.01
N LEU C 136 8.40 44.40 -25.12
CA LEU C 136 9.03 43.10 -25.31
C LEU C 136 10.46 43.11 -24.72
N ALA C 137 11.01 41.90 -24.50
CA ALA C 137 12.39 41.74 -24.06
C ALA C 137 13.35 42.57 -24.92
N ARG C 138 13.14 42.54 -26.24
CA ARG C 138 13.98 43.26 -27.17
C ARG C 138 14.07 44.72 -26.87
N ASP C 139 13.03 45.32 -26.31
CA ASP C 139 12.99 46.77 -26.10
C ASP C 139 13.74 47.22 -24.85
N ASP C 140 14.06 46.30 -23.95
CA ASP C 140 14.73 46.64 -22.71
C ASP C 140 16.22 46.46 -22.91
N GLN C 141 16.98 47.54 -22.85
CA GLN C 141 18.41 47.41 -23.03
C GLN C 141 19.27 47.97 -21.90
N ILE C 142 18.71 48.69 -20.88
CA ILE C 142 19.47 49.07 -19.71
C ILE C 142 19.33 48.04 -18.59
N HIS C 143 20.42 47.83 -17.85
CA HIS C 143 20.43 46.88 -16.75
C HIS C 143 19.26 47.06 -15.77
N ILE C 144 18.81 48.31 -15.60
CA ILE C 144 17.78 48.57 -14.60
C ILE C 144 16.54 47.78 -14.96
N LEU C 145 16.20 47.76 -16.24
CA LEU C 145 15.03 47.06 -16.73
C LEU C 145 15.34 45.56 -17.00
N LYS C 146 16.44 45.24 -17.68
CA LYS C 146 16.69 43.83 -17.98
C LYS C 146 16.83 43.01 -16.70
N GLN C 147 17.32 43.64 -15.65
CA GLN C 147 17.44 42.94 -14.37
C GLN C 147 16.07 42.68 -13.77
N HIS C 148 15.18 43.69 -13.82
CA HIS C 148 13.81 43.52 -13.31
C HIS C 148 13.08 42.42 -14.07
N ARG C 149 13.11 42.47 -15.41
CA ARG C 149 12.40 41.48 -16.22
C ARG C 149 12.90 40.07 -15.94
N ARG C 150 14.22 39.92 -15.87
CA ARG C 150 14.84 38.63 -15.60
C ARG C 150 14.50 38.15 -14.20
N LYS C 151 14.54 39.03 -13.23
CA LYS C 151 14.23 38.58 -11.88
C LYS C 151 12.74 38.27 -11.75
N GLU C 152 11.88 38.95 -12.53
CA GLU C 152 10.43 38.74 -12.45
C GLU C 152 10.09 37.33 -12.96
N LEU C 153 10.67 36.92 -14.08
CA LEU C 153 10.42 35.59 -14.61
C LEU C 153 10.98 34.55 -13.67
N GLU C 154 12.22 34.74 -13.21
CA GLU C 154 12.78 33.81 -12.24
C GLU C 154 11.84 33.59 -11.08
N THR C 155 11.15 34.62 -10.65
CA THR C 155 10.30 34.51 -9.48
C THR C 155 8.93 33.92 -9.80
N ARG C 156 8.44 34.18 -11.02
CA ARG C 156 7.19 33.54 -11.46
C ARG C 156 7.38 32.02 -11.55
N GLN C 157 8.55 31.58 -12.03
CA GLN C 157 8.81 30.17 -12.28
C GLN C 157 9.15 29.40 -11.03
N LYS C 158 9.29 30.09 -9.89
CA LYS C 158 9.42 29.44 -8.56
C LYS C 158 8.05 29.50 -7.85
N GLN C 159 7.33 30.64 -7.94
CA GLN C 159 6.02 30.88 -7.28
C GLN C 159 4.91 29.98 -7.89
N TYR C 160 4.87 29.86 -9.23
CA TYR C 160 3.88 29.05 -9.98
C TYR C 160 4.60 27.88 -10.68
N ARG C 161 4.31 26.62 -10.33
CA ARG C 161 4.98 25.44 -10.93
C ARG C 161 3.93 24.46 -11.47
N TRP C 162 4.38 23.52 -12.31
CA TRP C 162 3.57 22.47 -12.91
C TRP C 162 3.56 21.17 -12.07
N MET C 163 2.41 20.50 -12.04
CA MET C 163 2.18 19.30 -11.27
C MET C 163 1.22 18.42 -12.06
N GLU C 164 1.41 17.11 -11.95
CA GLU C 164 0.46 16.18 -12.55
C GLU C 164 -0.57 15.79 -11.48
N TRP C 165 -1.78 16.30 -11.61
CA TRP C 165 -2.77 16.01 -10.57
C TRP C 165 -3.21 14.54 -10.62
N ASN C 166 -3.45 14.01 -11.81
CA ASN C 166 -3.81 12.62 -12.03
C ASN C 166 -3.11 12.13 -13.28
N PRO C 167 -2.95 10.81 -13.41
CA PRO C 167 -2.13 10.27 -14.51
C PRO C 167 -2.68 10.66 -15.87
N GLY C 168 -1.79 11.15 -16.73
CA GLY C 168 -2.13 11.42 -18.11
C GLY C 168 -2.89 12.69 -18.37
N PHE C 169 -3.29 13.44 -17.33
CA PHE C 169 -4.03 14.68 -17.49
C PHE C 169 -3.14 15.77 -18.08
N PRO C 170 -3.74 16.84 -18.62
CA PRO C 170 -2.95 18.06 -18.82
C PRO C 170 -2.40 18.46 -17.46
N LEU C 171 -1.24 19.11 -17.47
CA LEU C 171 -0.64 19.49 -16.19
C LEU C 171 -1.38 20.69 -15.60
N SER C 172 -1.53 20.67 -14.27
CA SER C 172 -2.21 21.66 -13.46
C SER C 172 -1.22 22.48 -12.60
N ILE C 173 -1.79 23.30 -11.72
CA ILE C 173 -1.01 24.13 -10.84
C ILE C 173 -0.48 23.25 -9.72
N ASP C 174 0.73 23.59 -9.25
CA ASP C 174 1.36 22.87 -8.15
C ASP C 174 0.85 23.45 -6.82
N ALA C 175 -0.39 23.07 -6.50
CA ALA C 175 -1.02 23.49 -5.25
C ALA C 175 -2.06 22.44 -4.90
N LYS C 176 -2.07 21.99 -3.65
CA LYS C 176 -3.03 20.98 -3.23
C LYS C 176 -4.39 21.58 -2.92
N CYS C 177 -4.41 22.79 -2.34
CA CYS C 177 -5.65 23.46 -1.95
C CYS C 177 -5.69 24.85 -2.56
N HIS C 178 -6.85 25.49 -2.44
CA HIS C 178 -6.93 26.89 -2.81
C HIS C 178 -6.01 27.71 -1.92
N LYS C 179 -5.91 27.32 -0.65
CA LYS C 179 -5.08 28.01 0.32
C LYS C 179 -3.64 28.11 -0.13
N ASP C 180 -3.12 27.09 -0.81
CA ASP C 180 -1.71 27.08 -1.16
C ASP C 180 -1.41 27.84 -2.45
N LEU C 181 -2.45 28.36 -3.11
CA LEU C 181 -2.23 29.17 -4.30
C LEU C 181 -1.49 30.45 -3.90
N PRO C 182 -0.60 30.93 -4.76
CA PRO C 182 -0.07 32.30 -4.57
C PRO C 182 -1.24 33.24 -4.40
N ARG C 183 -1.06 34.31 -3.62
CA ARG C 183 -2.15 35.24 -3.26
C ARG C 183 -2.75 35.93 -4.49
N ASP C 184 -1.95 36.19 -5.53
CA ASP C 184 -2.38 36.92 -6.75
C ASP C 184 -3.44 36.14 -7.57
N ILE C 185 -3.37 34.81 -7.66
CA ILE C 185 -4.30 34.02 -8.51
C ILE C 185 -5.50 33.45 -7.73
N GLN C 186 -5.60 33.64 -6.42
CA GLN C 186 -6.78 33.13 -5.65
C GLN C 186 -7.86 34.24 -5.64
N PHE C 187 -9.08 33.89 -5.21
CA PHE C 187 -10.28 34.78 -5.17
C PHE C 187 -10.14 35.86 -4.09
N ASP C 188 -10.97 36.91 -4.20
CA ASP C 188 -11.06 38.04 -3.25
C ASP C 188 -11.38 37.47 -1.86
N SER C 189 -12.15 36.37 -1.82
CA SER C 189 -12.55 35.65 -0.59
C SER C 189 -12.13 34.18 -0.71
N GLU C 190 -11.77 33.55 0.43
CA GLU C 190 -11.36 32.13 0.48
C GLU C 190 -12.56 31.25 0.06
N LYS C 191 -13.77 31.63 0.47
CA LYS C 191 -15.02 30.88 0.21
C LYS C 191 -15.95 31.60 -0.78
N GLY C 192 -15.50 32.66 -1.49
CA GLY C 192 -16.28 33.41 -2.46
C GLY C 192 -17.10 32.50 -3.35
N VAL C 193 -16.40 31.69 -4.16
CA VAL C 193 -17.00 30.59 -4.92
C VAL C 193 -16.41 29.30 -4.35
N ASP C 194 -17.25 28.55 -3.62
CA ASP C 194 -16.86 27.37 -2.84
C ASP C 194 -17.83 26.25 -3.19
N PHE C 195 -17.32 25.12 -3.69
CA PHE C 195 -18.21 24.08 -4.22
C PHE C 195 -19.00 23.37 -3.13
N VAL C 196 -18.43 23.18 -1.92
CA VAL C 196 -19.10 22.42 -0.87
C VAL C 196 -20.25 23.22 -0.29
N LEU C 197 -20.05 24.53 -0.13
CA LEU C 197 -21.11 25.38 0.40
C LEU C 197 -22.11 25.73 -0.71
N ASN C 198 -21.64 26.40 -1.77
CA ASN C 198 -22.54 26.86 -2.83
C ASN C 198 -23.37 25.72 -3.43
N TYR C 199 -22.92 24.46 -3.31
CA TYR C 199 -23.75 23.34 -3.74
C TYR C 199 -24.88 23.08 -2.75
N SER C 200 -24.59 23.09 -1.44
CA SER C 200 -25.60 22.89 -0.40
C SER C 200 -26.41 24.15 -0.09
N LYS C 201 -26.00 25.32 -0.60
CA LYS C 201 -26.86 26.51 -0.56
C LYS C 201 -27.85 26.49 -1.74
N ALA C 202 -27.38 26.09 -2.94
CA ALA C 202 -28.27 25.85 -4.07
C ALA C 202 -29.31 24.79 -3.71
N MET C 203 -28.94 23.87 -2.80
CA MET C 203 -29.88 22.89 -2.28
C MET C 203 -31.00 23.52 -1.48
N GLU C 204 -30.74 24.69 -0.86
CA GLU C 204 -31.72 25.37 -0.02
C GLU C 204 -32.65 26.26 -0.84
N ASN C 205 -32.12 26.93 -1.89
CA ASN C 205 -32.92 27.86 -2.68
C ASN C 205 -33.98 27.16 -3.51
N LEU C 206 -33.75 25.91 -3.93
CA LEU C 206 -34.72 25.12 -4.70
C LEU C 206 -35.71 24.33 -3.80
N PHE C 207 -35.66 24.53 -2.48
CA PHE C 207 -36.55 23.87 -1.53
C PHE C 207 -36.51 22.34 -1.67
N ILE C 208 -35.30 21.80 -1.68
CA ILE C 208 -35.10 20.36 -1.79
C ILE C 208 -34.06 19.92 -0.77
N ASN C 209 -34.13 20.48 0.44
CA ASN C 209 -33.22 20.05 1.51
C ASN C 209 -33.62 18.70 2.09
N ARG C 210 -34.92 18.38 2.07
CA ARG C 210 -35.40 17.17 2.72
C ARG C 210 -35.04 15.90 1.96
N PHE C 211 -34.64 16.01 0.69
CA PHE C 211 -34.25 14.85 -0.09
C PHE C 211 -32.73 14.72 -0.25
N MET C 212 -31.95 15.40 0.60
CA MET C 212 -30.49 15.39 0.44
C MET C 212 -29.92 14.00 0.63
N HIS C 213 -30.28 13.33 1.73
CA HIS C 213 -29.70 12.05 2.12
C HIS C 213 -30.64 10.85 1.84
N MET C 214 -31.62 11.00 0.94
CA MET C 214 -32.50 9.89 0.57
C MET C 214 -31.96 9.13 -0.65
N PHE C 215 -30.75 8.58 -0.49
CA PHE C 215 -30.01 8.00 -1.61
C PHE C 215 -30.53 6.62 -2.03
N GLN C 216 -31.65 6.16 -1.48
CA GLN C 216 -32.23 4.90 -1.90
C GLN C 216 -33.68 5.02 -2.31
N SER C 217 -34.31 6.16 -2.11
CA SER C 217 -35.73 6.34 -2.46
C SER C 217 -35.81 6.83 -3.89
N SER C 218 -36.38 5.99 -4.76
CA SER C 218 -36.73 6.40 -6.11
C SER C 218 -37.94 7.33 -6.08
N TRP C 219 -38.00 8.26 -7.02
CA TRP C 219 -39.25 8.99 -7.19
C TRP C 219 -40.34 7.97 -7.44
N ASN C 220 -41.53 8.25 -6.94
CA ASN C 220 -42.63 7.32 -7.17
C ASN C 220 -43.09 7.40 -8.62
N ASP C 221 -43.33 8.61 -9.14
CA ASP C 221 -43.87 8.79 -10.48
C ASP C 221 -43.12 9.92 -11.19
N PHE C 222 -43.62 10.29 -12.36
CA PHE C 222 -43.15 11.51 -13.01
C PHE C 222 -43.82 12.75 -12.42
N ALA C 223 -45.07 12.62 -11.99
CA ALA C 223 -45.73 13.70 -11.27
C ALA C 223 -44.95 14.07 -10.01
N ASP C 224 -44.36 13.06 -9.36
CA ASP C 224 -43.71 13.27 -8.05
C ASP C 224 -42.50 14.18 -8.17
N PHE C 225 -41.63 13.91 -9.13
CA PHE C 225 -40.52 14.83 -9.39
C PHE C 225 -41.02 16.13 -10.00
N GLU C 226 -42.15 16.08 -10.69
CA GLU C 226 -42.70 17.29 -11.30
C GLU C 226 -43.12 18.30 -10.25
N LYS C 227 -43.56 17.83 -9.08
CA LYS C 227 -44.02 18.75 -8.05
C LYS C 227 -42.88 19.63 -7.55
N ILE C 228 -41.74 19.03 -7.21
CA ILE C 228 -40.60 19.80 -6.71
C ILE C 228 -40.00 20.68 -7.79
N PHE C 229 -40.22 20.32 -9.06
CA PHE C 229 -39.62 21.02 -10.19
C PHE C 229 -40.40 22.28 -10.54
N VAL C 230 -41.75 22.17 -10.60
CA VAL C 230 -42.56 23.26 -11.10
C VAL C 230 -42.23 24.56 -10.38
N LYS C 231 -41.85 24.48 -9.10
CA LYS C 231 -41.47 25.66 -8.33
C LYS C 231 -40.02 26.09 -8.56
N ILE C 232 -39.21 25.28 -9.24
CA ILE C 232 -37.80 25.59 -9.41
C ILE C 232 -37.49 25.59 -10.90
N SER C 233 -38.42 26.10 -11.72
CA SER C 233 -38.32 26.04 -13.20
C SER C 233 -38.17 27.43 -13.85
N ASN C 234 -37.17 27.63 -14.72
CA ASN C 234 -36.98 28.85 -15.56
C ASN C 234 -37.75 28.64 -16.88
N THR C 235 -37.68 29.61 -17.80
CA THR C 235 -38.41 29.60 -19.10
C THR C 235 -38.05 28.37 -19.94
N ILE C 236 -36.78 27.97 -20.02
CA ILE C 236 -36.32 26.82 -20.85
C ILE C 236 -36.56 25.50 -20.11
N SER C 237 -36.26 25.45 -18.81
CA SER C 237 -36.43 24.27 -17.99
C SER C 237 -37.84 23.73 -18.15
N GLU C 238 -38.81 24.64 -18.14
CA GLU C 238 -40.21 24.25 -18.21
C GLU C 238 -40.54 23.73 -19.59
N ARG C 239 -40.02 24.35 -20.65
CA ARG C 239 -40.31 23.81 -21.97
C ARG C 239 -39.82 22.35 -22.08
N VAL C 240 -38.66 22.05 -21.49
CA VAL C 240 -38.15 20.69 -21.50
C VAL C 240 -39.11 19.75 -20.77
N MET C 241 -39.59 20.16 -19.60
CA MET C 241 -40.55 19.34 -18.87
C MET C 241 -41.73 18.96 -19.77
N ASN C 242 -42.13 19.88 -20.67
CA ASN C 242 -43.34 19.71 -21.50
C ASN C 242 -43.09 19.11 -22.87
N HIS C 243 -41.83 18.89 -23.27
CA HIS C 243 -41.58 18.45 -24.64
C HIS C 243 -40.38 17.54 -24.73
N TRP C 244 -39.96 16.92 -23.64
CA TRP C 244 -38.71 16.18 -23.63
C TRP C 244 -38.85 14.77 -24.16
N GLN C 245 -40.09 14.28 -24.27
CA GLN C 245 -40.36 13.01 -24.92
C GLN C 245 -40.37 13.17 -26.43
N GLU C 246 -40.30 14.38 -26.96
CA GLU C 246 -40.37 14.58 -28.39
C GLU C 246 -39.03 14.30 -29.04
N ASP C 247 -39.07 13.60 -30.16
CA ASP C 247 -37.86 13.41 -30.94
C ASP C 247 -37.30 14.76 -31.38
N LEU C 248 -38.16 15.71 -31.72
CA LEU C 248 -37.66 16.98 -32.25
C LEU C 248 -36.85 17.75 -31.18
N MET C 249 -37.25 17.66 -29.91
CA MET C 249 -36.50 18.27 -28.84
C MET C 249 -35.22 17.46 -28.54
N PHE C 250 -35.30 16.14 -28.60
CA PHE C 250 -34.10 15.32 -28.45
C PHE C 250 -33.01 15.75 -29.42
N GLY C 251 -33.39 16.09 -30.64
CA GLY C 251 -32.41 16.38 -31.67
C GLY C 251 -32.00 17.82 -31.73
N TYR C 252 -32.88 18.71 -31.21
CA TYR C 252 -32.57 20.12 -31.12
C TYR C 252 -31.32 20.32 -30.29
N GLN C 253 -31.08 19.44 -29.34
CA GLN C 253 -30.08 19.65 -28.31
C GLN C 253 -28.67 19.36 -28.80
N PHE C 254 -28.53 18.55 -29.82
CA PHE C 254 -27.23 18.27 -30.35
C PHE C 254 -26.65 19.50 -31.04
N LEU C 255 -27.51 20.40 -31.50
CA LEU C 255 -27.10 21.60 -32.18
C LEU C 255 -27.20 22.84 -31.30
N ASN C 256 -28.15 22.87 -30.37
CA ASN C 256 -28.44 24.07 -29.64
C ASN C 256 -28.71 23.78 -28.17
N GLY C 257 -28.42 22.59 -27.70
CA GLY C 257 -28.55 22.29 -26.29
C GLY C 257 -27.37 22.86 -25.52
N ALA C 258 -27.10 22.23 -24.39
CA ALA C 258 -26.00 22.58 -23.52
C ALA C 258 -24.67 21.94 -23.91
N ASN C 259 -24.66 21.04 -24.87
CA ASN C 259 -23.44 20.33 -25.22
C ASN C 259 -23.37 20.09 -26.72
N PRO C 260 -23.58 21.12 -27.54
CA PRO C 260 -23.79 20.95 -28.97
C PRO C 260 -22.54 20.69 -29.85
N VAL C 261 -21.70 19.79 -29.36
CA VAL C 261 -20.36 19.64 -29.95
C VAL C 261 -20.09 18.26 -30.51
N LEU C 262 -20.95 17.28 -30.25
CA LEU C 262 -20.70 15.89 -30.63
C LEU C 262 -21.25 15.53 -32.01
N ILE C 263 -22.41 16.05 -32.38
CA ILE C 263 -23.05 15.64 -33.61
C ILE C 263 -22.04 15.76 -34.76
N ARG C 264 -22.15 14.91 -35.77
CA ARG C 264 -21.28 15.03 -36.94
C ARG C 264 -22.03 14.51 -38.14
N ARG C 265 -21.65 15.00 -39.31
CA ARG C 265 -22.26 14.50 -40.54
C ARG C 265 -21.68 13.12 -40.86
N CYS C 266 -22.56 12.12 -40.89
CA CYS C 266 -22.18 10.75 -41.22
C CYS C 266 -22.04 10.55 -42.73
N THR C 267 -20.94 9.96 -43.15
CA THR C 267 -20.60 9.79 -44.57
C THR C 267 -20.56 8.35 -45.06
N GLU C 268 -20.53 7.39 -44.14
CA GLU C 268 -20.51 5.96 -44.37
C GLU C 268 -21.15 5.41 -43.11
N LEU C 269 -22.09 4.50 -43.23
CA LEU C 269 -22.68 3.93 -42.03
C LEU C 269 -21.65 3.01 -41.40
N PRO C 270 -21.55 2.98 -40.07
CA PRO C 270 -20.56 2.11 -39.42
C PRO C 270 -21.04 0.66 -39.44
N GLU C 271 -20.09 -0.26 -39.64
CA GLU C 271 -20.41 -1.67 -39.66
C GLU C 271 -20.98 -2.13 -38.34
N LYS C 272 -20.69 -1.41 -37.26
CA LYS C 272 -21.23 -1.75 -35.96
C LYS C 272 -22.71 -1.40 -35.82
N LEU C 273 -23.26 -0.58 -36.71
CA LEU C 273 -24.66 -0.19 -36.69
C LEU C 273 -25.26 -0.80 -37.96
N PRO C 274 -25.60 -2.07 -37.94
CA PRO C 274 -26.24 -2.66 -39.11
C PRO C 274 -27.69 -2.23 -39.26
N VAL C 275 -27.97 -1.05 -39.77
CA VAL C 275 -29.32 -0.50 -39.85
C VAL C 275 -29.73 -0.52 -41.31
N THR C 276 -30.90 -1.03 -41.58
CA THR C 276 -31.34 -1.10 -42.96
C THR C 276 -32.44 -0.08 -43.20
N THR C 277 -32.69 0.18 -44.47
CA THR C 277 -33.81 1.05 -44.82
C THR C 277 -35.13 0.54 -44.25
N GLU C 278 -35.40 -0.75 -44.30
CA GLU C 278 -36.68 -1.23 -43.81
C GLU C 278 -36.89 -0.80 -42.37
N MET C 279 -35.80 -0.61 -41.66
CA MET C 279 -35.91 -0.34 -40.24
C MET C 279 -36.26 1.10 -40.00
N VAL C 280 -35.98 1.98 -40.96
CA VAL C 280 -36.14 3.42 -40.81
C VAL C 280 -36.95 4.00 -41.96
N GLU C 281 -37.49 3.12 -42.81
CA GLU C 281 -38.33 3.61 -43.90
C GLU C 281 -39.46 4.50 -43.40
N CYS C 282 -39.93 4.28 -42.18
CA CYS C 282 -41.01 5.10 -41.63
C CYS C 282 -40.55 6.50 -41.27
N SER C 283 -39.24 6.67 -40.94
CA SER C 283 -38.65 7.98 -40.63
C SER C 283 -38.15 8.70 -41.86
N LEU C 284 -37.73 7.98 -42.90
CA LEU C 284 -37.21 8.73 -44.07
C LEU C 284 -38.43 9.33 -44.80
N GLU C 285 -38.27 10.55 -45.31
CA GLU C 285 -39.34 11.37 -45.89
C GLU C 285 -39.08 11.69 -47.36
N ARG C 286 -38.08 11.09 -47.98
CA ARG C 286 -37.82 11.30 -49.39
C ARG C 286 -38.06 9.98 -50.10
N GLN C 287 -37.87 9.99 -51.41
CA GLN C 287 -38.01 8.74 -52.16
C GLN C 287 -36.74 7.93 -52.14
N LEU C 288 -35.85 8.19 -51.17
CA LEU C 288 -34.49 7.64 -51.13
C LEU C 288 -34.31 6.67 -49.97
N SER C 289 -33.52 5.63 -50.21
CA SER C 289 -33.13 4.70 -49.16
C SER C 289 -32.03 5.29 -48.22
N LEU C 290 -31.81 4.56 -47.13
CA LEU C 290 -30.88 5.00 -46.11
C LEU C 290 -29.51 5.32 -46.71
N GLU C 291 -29.06 4.49 -47.63
CA GLU C 291 -27.74 4.75 -48.20
C GLU C 291 -27.75 6.02 -49.02
N GLN C 292 -28.77 6.23 -49.84
CA GLN C 292 -28.79 7.44 -50.64
C GLN C 292 -28.96 8.71 -49.82
N GLU C 293 -29.44 8.61 -48.58
CA GLU C 293 -29.54 9.80 -47.73
C GLU C 293 -28.16 10.14 -47.17
N VAL C 294 -27.44 9.11 -46.74
CA VAL C 294 -26.04 9.20 -46.24
C VAL C 294 -25.15 9.82 -47.32
N GLN C 295 -25.33 9.42 -48.57
CA GLN C 295 -24.49 9.87 -49.71
C GLN C 295 -24.63 11.38 -49.95
N GLN C 296 -25.81 11.97 -49.78
CA GLN C 296 -26.01 13.40 -50.06
C GLN C 296 -25.93 14.28 -48.80
N GLY C 297 -25.73 13.70 -47.60
CA GLY C 297 -25.46 14.47 -46.36
C GLY C 297 -26.63 14.67 -45.40
N ASN C 298 -27.73 13.93 -45.53
CA ASN C 298 -28.89 14.08 -44.68
C ASN C 298 -28.84 13.20 -43.46
N ILE C 299 -27.84 12.36 -43.31
CA ILE C 299 -27.73 11.45 -42.17
C ILE C 299 -26.55 11.92 -41.32
N PHE C 300 -26.77 12.00 -40.02
CA PHE C 300 -25.87 12.59 -39.05
C PHE C 300 -25.76 11.59 -37.91
N ILE C 301 -24.66 11.67 -37.16
CA ILE C 301 -24.36 10.63 -36.17
C ILE C 301 -23.70 11.23 -34.96
N VAL C 302 -24.01 10.68 -33.79
CA VAL C 302 -23.34 10.99 -32.53
C VAL C 302 -22.98 9.64 -31.92
N ASP C 303 -21.69 9.41 -31.70
CA ASP C 303 -21.17 8.08 -31.39
C ASP C 303 -20.36 8.18 -30.10
N PHE C 304 -20.81 7.49 -29.06
CA PHE C 304 -20.20 7.59 -27.75
C PHE C 304 -19.26 6.44 -27.49
N GLU C 305 -18.38 6.09 -28.44
CA GLU C 305 -17.44 5.03 -28.17
C GLU C 305 -16.44 5.37 -27.06
N LEU C 306 -16.32 6.63 -26.65
CA LEU C 306 -15.42 6.97 -25.56
C LEU C 306 -15.88 6.34 -24.23
N LEU C 307 -17.19 6.35 -23.95
CA LEU C 307 -17.72 5.66 -22.77
C LEU C 307 -17.63 4.12 -22.83
N ASP C 308 -17.08 3.51 -23.88
CA ASP C 308 -17.02 2.05 -23.98
C ASP C 308 -15.93 1.50 -23.07
N GLY C 309 -16.29 1.07 -21.87
CA GLY C 309 -15.34 0.46 -20.94
C GLY C 309 -14.90 1.31 -19.78
N ILE C 310 -15.48 2.51 -19.62
CA ILE C 310 -15.32 3.31 -18.42
C ILE C 310 -15.88 2.54 -17.22
N ASP C 311 -15.28 2.75 -16.06
CA ASP C 311 -15.76 2.11 -14.84
C ASP C 311 -16.95 2.89 -14.28
N ALA C 312 -18.14 2.28 -14.35
CA ALA C 312 -19.33 2.88 -13.73
C ALA C 312 -19.17 2.95 -12.22
N ASN C 313 -19.87 3.90 -11.61
CA ASN C 313 -19.63 4.24 -10.21
C ASN C 313 -19.79 3.02 -9.29
N LYS C 314 -18.78 2.81 -8.43
CA LYS C 314 -18.81 1.79 -7.40
C LYS C 314 -18.72 2.38 -5.99
N THR C 315 -18.80 3.72 -5.85
CA THR C 315 -18.54 4.35 -4.56
C THR C 315 -19.54 3.89 -3.49
N ASP C 316 -20.82 3.75 -3.84
CA ASP C 316 -21.83 3.25 -2.91
C ASP C 316 -22.36 1.95 -3.46
N PRO C 317 -21.93 0.79 -2.94
CA PRO C 317 -22.39 -0.50 -3.48
C PRO C 317 -23.88 -0.80 -3.24
N CYS C 318 -24.59 0.01 -2.46
CA CYS C 318 -26.01 -0.21 -2.28
C CYS C 318 -26.79 0.12 -3.53
N THR C 319 -26.39 1.18 -4.23
CA THR C 319 -27.01 1.62 -5.48
C THR C 319 -26.05 1.27 -6.61
N LEU C 320 -26.49 0.39 -7.51
CA LEU C 320 -25.71 0.03 -8.69
C LEU C 320 -25.87 1.09 -9.78
N GLN C 321 -24.76 1.60 -10.33
CA GLN C 321 -24.76 2.66 -11.33
C GLN C 321 -24.11 2.18 -12.62
N PHE C 322 -24.72 2.55 -13.75
CA PHE C 322 -24.35 1.95 -15.02
C PHE C 322 -24.12 2.99 -16.08
N LEU C 323 -23.29 2.62 -17.04
CA LEU C 323 -22.96 3.44 -18.18
C LEU C 323 -23.31 2.68 -19.45
N ALA C 324 -23.45 3.42 -20.55
CA ALA C 324 -23.68 2.86 -21.87
C ALA C 324 -22.61 3.37 -22.83
N ALA C 325 -22.69 2.97 -24.09
CA ALA C 325 -21.89 3.57 -25.17
C ALA C 325 -22.74 3.69 -26.42
N PRO C 326 -23.76 4.54 -26.39
CA PRO C 326 -24.73 4.52 -27.48
C PRO C 326 -24.18 5.04 -28.80
N ILE C 327 -24.83 4.57 -29.87
CA ILE C 327 -24.71 5.11 -31.23
C ILE C 327 -26.10 5.62 -31.62
N CYS C 328 -26.21 6.92 -31.90
CA CYS C 328 -27.49 7.52 -32.30
C CYS C 328 -27.43 8.01 -33.75
N LEU C 329 -28.24 7.41 -34.61
CA LEU C 329 -28.32 7.84 -36.00
C LEU C 329 -29.41 8.88 -36.13
N LEU C 330 -29.11 9.96 -36.85
CA LEU C 330 -29.94 11.18 -36.95
C LEU C 330 -30.20 11.45 -38.44
N TYR C 331 -31.28 12.17 -38.71
CA TYR C 331 -31.82 12.47 -40.04
C TYR C 331 -32.22 13.92 -40.19
N LYS C 332 -31.90 14.57 -41.33
CA LYS C 332 -32.36 15.97 -41.64
C LYS C 332 -33.69 15.77 -42.39
N ASN C 333 -34.81 16.30 -41.90
CA ASN C 333 -36.14 15.96 -42.46
C ASN C 333 -36.54 17.01 -43.51
N LEU C 334 -37.69 16.83 -44.19
CA LEU C 334 -38.23 17.75 -45.23
C LEU C 334 -37.96 19.21 -44.84
N ALA C 335 -38.43 19.61 -43.65
CA ALA C 335 -38.11 20.89 -42.99
C ALA C 335 -36.72 20.64 -42.41
N ASN C 336 -35.73 21.50 -42.64
CA ASN C 336 -34.33 21.11 -42.31
C ASN C 336 -34.07 21.12 -40.80
N LYS C 337 -34.50 20.04 -40.11
CA LYS C 337 -34.36 19.76 -38.66
C LYS C 337 -33.74 18.37 -38.51
N ILE C 338 -32.82 18.12 -37.57
CA ILE C 338 -32.15 16.79 -37.42
C ILE C 338 -32.88 15.98 -36.34
N VAL C 339 -33.39 14.77 -36.65
CA VAL C 339 -34.14 13.97 -35.68
C VAL C 339 -33.58 12.55 -35.61
N PRO C 340 -33.78 11.88 -34.47
CA PRO C 340 -33.24 10.53 -34.31
C PRO C 340 -34.12 9.49 -35.01
N ILE C 341 -33.46 8.57 -35.70
CA ILE C 341 -34.18 7.53 -36.42
C ILE C 341 -33.64 6.18 -36.01
N ALA C 342 -32.57 6.12 -35.22
CA ALA C 342 -32.11 4.82 -34.76
C ALA C 342 -31.14 4.97 -33.60
N ILE C 343 -31.24 4.06 -32.62
CA ILE C 343 -30.37 4.10 -31.45
C ILE C 343 -30.00 2.68 -31.06
N GLN C 344 -28.71 2.38 -31.07
CA GLN C 344 -28.14 1.17 -30.49
C GLN C 344 -27.34 1.59 -29.27
N LEU C 345 -27.65 0.98 -28.12
CA LEU C 345 -27.14 1.52 -26.87
C LEU C 345 -25.71 1.07 -26.57
N ASN C 346 -25.19 0.02 -27.21
CA ASN C 346 -23.79 -0.35 -27.06
C ASN C 346 -23.13 -0.54 -28.43
N GLN C 347 -21.81 -0.69 -28.37
CA GLN C 347 -20.95 -0.55 -29.53
C GLN C 347 -20.99 -1.81 -30.39
N ILE C 348 -20.97 -2.99 -29.75
CA ILE C 348 -20.88 -4.25 -30.46
C ILE C 348 -22.31 -4.76 -30.73
N PRO C 349 -22.72 -4.87 -31.98
CA PRO C 349 -24.11 -5.25 -32.25
C PRO C 349 -24.37 -6.70 -31.89
N GLY C 350 -25.56 -6.94 -31.33
CA GLY C 350 -26.00 -8.26 -30.96
C GLY C 350 -27.50 -8.40 -30.90
N ASP C 351 -27.95 -9.56 -30.45
CA ASP C 351 -29.36 -9.72 -30.17
C ASP C 351 -29.69 -9.09 -28.82
N GLU C 352 -28.75 -9.11 -27.89
CA GLU C 352 -28.98 -8.54 -26.57
C GLU C 352 -28.66 -7.05 -26.53
N ASN C 353 -28.18 -6.47 -27.65
CA ASN C 353 -27.97 -5.04 -27.80
C ASN C 353 -28.77 -4.49 -28.99
N PRO C 354 -30.06 -4.22 -28.78
CA PRO C 354 -30.97 -3.94 -29.89
C PRO C 354 -30.88 -2.54 -30.48
N ILE C 355 -31.42 -2.41 -31.68
CA ILE C 355 -31.49 -1.12 -32.38
C ILE C 355 -32.92 -0.60 -32.18
N PHE C 356 -33.14 0.15 -31.13
CA PHE C 356 -34.44 0.76 -30.91
C PHE C 356 -34.73 1.81 -31.98
N LEU C 357 -36.02 1.98 -32.29
CA LEU C 357 -36.40 2.91 -33.33
C LEU C 357 -37.63 3.75 -32.96
N PRO C 358 -37.94 4.81 -33.74
CA PRO C 358 -39.17 5.56 -33.47
C PRO C 358 -40.44 4.79 -33.81
N SER C 359 -40.38 3.66 -34.53
CA SER C 359 -41.57 2.84 -34.91
C SER C 359 -41.91 1.75 -33.88
N ASP C 360 -41.13 1.61 -32.80
CA ASP C 360 -41.33 0.60 -31.73
C ASP C 360 -42.28 1.15 -30.65
N ALA C 361 -42.50 0.37 -29.58
CA ALA C 361 -43.30 0.73 -28.40
C ALA C 361 -42.73 2.02 -27.78
N LYS C 362 -43.61 2.86 -27.24
CA LYS C 362 -43.30 4.21 -26.72
C LYS C 362 -42.23 4.14 -25.63
N TYR C 363 -42.23 3.12 -24.78
CA TYR C 363 -41.25 2.99 -23.67
C TYR C 363 -39.88 2.52 -24.18
N ASP C 364 -39.77 1.60 -25.14
CA ASP C 364 -38.51 1.16 -25.74
C ASP C 364 -37.80 2.35 -26.41
N TRP C 365 -38.51 3.10 -27.27
CA TRP C 365 -37.87 4.23 -27.91
C TRP C 365 -37.55 5.34 -26.93
N LEU C 366 -38.44 5.59 -25.96
CA LEU C 366 -38.18 6.66 -25.03
C LEU C 366 -37.01 6.32 -24.11
N LEU C 367 -36.97 5.06 -23.64
CA LEU C 367 -35.88 4.69 -22.75
C LEU C 367 -34.54 4.70 -23.48
N ALA C 368 -34.52 4.27 -24.73
CA ALA C 368 -33.31 4.41 -25.53
C ALA C 368 -32.86 5.86 -25.59
N LYS C 369 -33.82 6.78 -25.68
CA LYS C 369 -33.52 8.20 -25.81
C LYS C 369 -33.05 8.77 -24.49
N ILE C 370 -33.58 8.29 -23.34
CA ILE C 370 -33.05 8.69 -22.05
C ILE C 370 -31.56 8.31 -21.93
N TRP C 371 -31.18 7.13 -22.49
CA TRP C 371 -29.80 6.66 -22.36
C TRP C 371 -28.84 7.44 -23.25
N VAL C 372 -29.31 8.00 -24.37
CA VAL C 372 -28.44 8.90 -25.10
C VAL C 372 -28.27 10.22 -24.34
N ARG C 373 -29.29 10.63 -23.61
CA ARG C 373 -29.24 11.87 -22.87
C ARG C 373 -28.35 11.73 -21.65
N SER C 374 -28.35 10.54 -21.03
CA SER C 374 -27.40 10.28 -19.97
C SER C 374 -25.98 10.27 -20.51
N SER C 375 -25.76 9.67 -21.68
CA SER C 375 -24.40 9.58 -22.19
C SER C 375 -23.87 10.96 -22.61
N ASP C 376 -24.70 11.78 -23.26
CA ASP C 376 -24.31 13.13 -23.67
C ASP C 376 -24.03 14.01 -22.46
N PHE C 377 -24.64 13.69 -21.31
CA PHE C 377 -24.39 14.42 -20.09
C PHE C 377 -23.03 14.06 -19.47
N HIS C 378 -22.63 12.78 -19.48
CA HIS C 378 -21.37 12.41 -18.88
C HIS C 378 -20.19 12.95 -19.68
N VAL C 379 -20.29 12.89 -20.99
CA VAL C 379 -19.30 13.46 -21.88
C VAL C 379 -19.23 14.97 -21.67
N HIS C 380 -20.40 15.60 -21.49
CA HIS C 380 -20.48 17.05 -21.34
C HIS C 380 -19.73 17.50 -20.10
N GLN C 381 -19.99 16.87 -18.95
CA GLN C 381 -19.39 17.31 -17.69
C GLN C 381 -17.88 17.14 -17.69
N THR C 382 -17.42 15.97 -18.10
CA THR C 382 -16.03 15.57 -17.90
C THR C 382 -15.15 16.13 -18.98
N ILE C 383 -15.59 16.00 -20.22
CA ILE C 383 -14.76 16.22 -21.38
C ILE C 383 -14.95 17.61 -21.95
N THR C 384 -16.16 17.90 -22.38
CA THR C 384 -16.49 19.15 -23.06
C THR C 384 -16.26 20.37 -22.17
N HIS C 385 -16.59 20.23 -20.90
CA HIS C 385 -16.54 21.26 -19.90
C HIS C 385 -15.26 21.18 -19.08
N LEU C 386 -15.11 20.14 -18.27
CA LEU C 386 -13.95 20.08 -17.39
C LEU C 386 -12.65 20.04 -18.18
N LEU C 387 -12.51 19.11 -19.12
CA LEU C 387 -11.22 18.95 -19.77
C LEU C 387 -10.96 20.07 -20.75
N ARG C 388 -11.88 20.29 -21.67
CA ARG C 388 -11.62 21.07 -22.86
C ARG C 388 -11.91 22.55 -22.69
N THR C 389 -12.48 22.98 -21.56
CA THR C 389 -12.52 24.41 -21.28
C THR C 389 -11.72 24.71 -20.00
N HIS C 390 -12.05 24.12 -18.85
CA HIS C 390 -11.34 24.42 -17.62
C HIS C 390 -9.86 24.04 -17.69
N LEU C 391 -9.55 22.76 -17.92
CA LEU C 391 -8.16 22.32 -17.82
C LEU C 391 -7.33 22.94 -18.92
N VAL C 392 -7.86 23.01 -20.12
CA VAL C 392 -7.15 23.70 -21.20
C VAL C 392 -6.80 25.12 -20.77
N SER C 393 -7.73 25.80 -20.09
CA SER C 393 -7.50 27.20 -19.78
C SER C 393 -6.48 27.37 -18.66
N GLU C 394 -6.53 26.53 -17.62
CA GLU C 394 -5.50 26.52 -16.60
C GLU C 394 -4.11 26.36 -17.19
N VAL C 395 -3.97 25.46 -18.16
CA VAL C 395 -2.67 25.27 -18.80
C VAL C 395 -2.21 26.58 -19.39
N PHE C 396 -3.05 27.20 -20.20
CA PHE C 396 -2.69 28.48 -20.81
C PHE C 396 -2.33 29.54 -19.74
N GLY C 397 -3.06 29.56 -18.62
CA GLY C 397 -2.81 30.59 -17.61
C GLY C 397 -1.49 30.39 -16.90
N ILE C 398 -1.16 29.14 -16.58
CA ILE C 398 0.10 28.87 -15.90
C ILE C 398 1.26 29.24 -16.80
N ALA C 399 1.24 28.71 -18.02
CA ALA C 399 2.27 29.09 -18.96
C ALA C 399 2.38 30.60 -19.09
N MET C 400 1.25 31.30 -19.00
CA MET C 400 1.30 32.75 -19.12
C MET C 400 2.06 33.37 -17.94
N TYR C 401 1.86 32.84 -16.74
CA TYR C 401 2.44 33.45 -15.57
C TYR C 401 3.92 33.14 -15.47
N ARG C 402 4.29 31.94 -15.93
CA ARG C 402 5.66 31.50 -15.89
C ARG C 402 6.53 32.28 -16.83
N GLN C 403 6.03 32.57 -18.02
CA GLN C 403 6.87 32.96 -19.11
C GLN C 403 6.68 34.36 -19.63
N LEU C 404 5.63 35.06 -19.22
CA LEU C 404 5.38 36.42 -19.72
C LEU C 404 5.42 37.45 -18.60
N PRO C 405 6.39 38.36 -18.54
CA PRO C 405 6.34 39.39 -17.51
C PRO C 405 5.15 40.33 -17.76
N ALA C 406 4.75 41.00 -16.67
CA ALA C 406 3.61 41.92 -16.65
C ALA C 406 3.66 43.01 -17.72
N VAL C 407 4.85 43.58 -17.97
CA VAL C 407 5.09 44.52 -19.05
C VAL C 407 4.95 43.91 -20.43
N HIS C 408 4.89 42.60 -20.56
CA HIS C 408 4.71 42.00 -21.90
C HIS C 408 3.26 42.17 -22.38
N PRO C 409 3.05 42.52 -23.65
CA PRO C 409 1.68 42.76 -24.10
C PRO C 409 0.79 41.50 -24.10
N ILE C 410 1.33 40.31 -24.40
CA ILE C 410 0.49 39.11 -24.37
C ILE C 410 0.03 38.87 -22.94
N PHE C 411 0.86 39.27 -21.97
CA PHE C 411 0.41 39.14 -20.60
C PHE C 411 -0.72 40.13 -20.32
N LYS C 412 -0.52 41.39 -20.68
CA LYS C 412 -1.57 42.37 -20.50
C LYS C 412 -2.85 41.87 -21.16
N LEU C 413 -2.74 41.27 -22.34
CA LEU C 413 -3.94 40.92 -23.08
C LEU C 413 -4.65 39.75 -22.42
N LEU C 414 -3.93 38.68 -22.14
CA LEU C 414 -4.54 37.42 -21.76
C LEU C 414 -4.80 37.31 -20.27
N VAL C 415 -4.44 38.30 -19.48
CA VAL C 415 -4.47 38.05 -18.04
C VAL C 415 -5.90 38.08 -17.56
N ALA C 416 -6.73 38.90 -18.21
CA ALA C 416 -8.14 39.00 -17.90
C ALA C 416 -8.90 37.72 -18.24
N HIS C 417 -8.41 36.99 -19.23
CA HIS C 417 -9.09 35.83 -19.80
C HIS C 417 -8.75 34.55 -19.09
N VAL C 418 -7.85 34.60 -18.10
CA VAL C 418 -7.58 33.50 -17.19
C VAL C 418 -7.86 33.90 -15.75
N ARG C 419 -8.47 35.06 -15.55
CA ARG C 419 -8.87 35.50 -14.22
C ARG C 419 -9.77 34.47 -13.53
N PHE C 420 -9.27 33.97 -12.40
CA PHE C 420 -9.89 33.07 -11.45
C PHE C 420 -9.80 31.63 -11.95
N THR C 421 -9.28 31.39 -13.16
CA THR C 421 -9.38 30.04 -13.72
C THR C 421 -8.59 29.05 -12.90
N ILE C 422 -7.35 29.38 -12.53
CA ILE C 422 -6.60 28.46 -11.69
C ILE C 422 -7.25 28.34 -10.33
N ALA C 423 -7.76 29.44 -9.80
CA ALA C 423 -8.42 29.36 -8.51
C ALA C 423 -9.65 28.45 -8.57
N ILE C 424 -10.53 28.61 -9.59
CA ILE C 424 -11.75 27.77 -9.62
C ILE C 424 -11.38 26.29 -9.80
N ASN C 425 -10.42 25.99 -10.68
CA ASN C 425 -9.98 24.60 -10.87
C ASN C 425 -9.42 24.01 -9.59
N THR C 426 -8.53 24.73 -8.91
CA THR C 426 -7.93 24.23 -7.68
C THR C 426 -9.00 24.03 -6.60
N LYS C 427 -10.03 24.88 -6.59
CA LYS C 427 -11.14 24.68 -5.66
C LYS C 427 -11.91 23.42 -6.01
N ALA C 428 -11.88 23.01 -7.29
CA ALA C 428 -12.59 21.83 -7.75
C ALA C 428 -11.82 20.56 -7.41
N ARG C 429 -10.54 20.48 -7.80
CA ARG C 429 -9.67 19.37 -7.43
C ARG C 429 -9.64 19.11 -5.91
N GLU C 430 -9.99 20.11 -5.11
CA GLU C 430 -10.06 20.03 -3.65
C GLU C 430 -11.40 19.49 -3.15
N GLN C 431 -12.53 19.72 -3.88
CA GLN C 431 -13.86 19.37 -3.37
C GLN C 431 -14.77 18.70 -4.41
N LEU C 432 -14.61 18.93 -5.72
CA LEU C 432 -15.52 18.40 -6.71
C LEU C 432 -14.96 17.10 -7.31
N ILE C 433 -13.87 17.25 -8.03
CA ILE C 433 -13.21 16.05 -8.72
C ILE C 433 -12.07 15.68 -7.76
N CYS C 434 -12.41 14.75 -6.82
CA CYS C 434 -11.36 14.12 -6.00
C CYS C 434 -11.90 12.83 -5.39
N GLU C 435 -10.99 11.92 -5.04
CA GLU C 435 -11.40 10.64 -4.44
C GLU C 435 -12.33 10.88 -3.26
N CYS C 436 -13.54 10.31 -3.32
CA CYS C 436 -14.64 10.56 -2.38
C CYS C 436 -15.28 11.94 -2.58
N GLY C 437 -15.28 12.45 -3.82
CA GLY C 437 -15.67 13.82 -4.06
C GLY C 437 -17.17 14.04 -4.07
N LEU C 438 -17.56 15.32 -4.21
CA LEU C 438 -18.97 15.64 -4.37
C LEU C 438 -19.51 15.08 -5.69
N PHE C 439 -18.71 15.14 -6.75
CA PHE C 439 -19.08 14.58 -8.05
C PHE C 439 -19.32 13.07 -7.98
N ASP C 440 -18.79 12.37 -6.96
CA ASP C 440 -19.06 10.95 -6.79
C ASP C 440 -20.47 10.66 -6.27
N LYS C 441 -21.22 11.68 -5.86
CA LYS C 441 -22.46 11.46 -5.10
C LYS C 441 -23.70 11.32 -5.97
N ALA C 442 -23.66 11.82 -7.21
CA ALA C 442 -24.83 11.76 -8.09
C ALA C 442 -24.49 11.34 -9.51
N ASN C 443 -23.23 11.41 -9.96
CA ASN C 443 -22.86 11.15 -11.35
C ASN C 443 -22.30 9.73 -11.50
N ALA C 444 -22.86 8.97 -12.46
CA ALA C 444 -22.47 7.59 -12.77
C ALA C 444 -21.05 7.46 -13.36
N THR C 445 -20.37 8.58 -13.64
CA THR C 445 -18.96 8.59 -13.99
C THR C 445 -18.05 8.81 -12.79
N GLY C 446 -18.60 9.08 -11.62
CA GLY C 446 -17.80 9.26 -10.43
C GLY C 446 -17.12 7.99 -9.97
N GLY C 447 -16.17 8.18 -9.06
CA GLY C 447 -15.38 7.10 -8.52
C GLY C 447 -14.07 6.83 -9.22
N GLY C 448 -13.84 7.42 -10.40
CA GLY C 448 -12.68 7.10 -11.21
C GLY C 448 -12.98 6.94 -12.69
N GLY C 449 -14.22 6.53 -12.99
CA GLY C 449 -14.66 6.43 -14.37
C GLY C 449 -14.49 7.73 -15.12
N HIS C 450 -14.53 8.86 -14.40
CA HIS C 450 -14.32 10.18 -15.00
C HIS C 450 -12.85 10.47 -15.22
N VAL C 451 -11.98 10.00 -14.32
CA VAL C 451 -10.55 10.12 -14.56
C VAL C 451 -10.19 9.42 -15.87
N GLN C 452 -10.72 8.20 -16.06
CA GLN C 452 -10.38 7.41 -17.23
C GLN C 452 -10.91 8.03 -18.52
N MET C 453 -12.05 8.73 -18.48
CA MET C 453 -12.53 9.45 -19.65
C MET C 453 -11.60 10.60 -20.04
N VAL C 454 -11.14 11.39 -19.06
CA VAL C 454 -10.21 12.46 -19.41
C VAL C 454 -8.94 11.88 -20.03
N GLN C 455 -8.49 10.71 -19.53
CA GLN C 455 -7.31 10.04 -20.12
C GLN C 455 -7.54 9.67 -21.58
N ARG C 456 -8.70 9.07 -21.87
CA ARG C 456 -9.02 8.63 -23.23
C ARG C 456 -9.36 9.78 -24.14
N ALA C 457 -9.78 10.91 -23.58
CA ALA C 457 -10.12 12.07 -24.40
C ALA C 457 -8.87 12.83 -24.86
N MET C 458 -7.83 12.79 -24.03
CA MET C 458 -6.50 13.45 -24.24
C MET C 458 -6.01 13.23 -25.68
N LYS C 459 -6.26 12.04 -26.25
CA LYS C 459 -5.86 11.63 -27.62
C LYS C 459 -6.46 12.58 -28.66
N ASP C 460 -7.71 13.03 -28.43
CA ASP C 460 -8.48 13.92 -29.34
C ASP C 460 -8.38 15.41 -28.95
N LEU C 461 -7.55 15.77 -27.95
CA LEU C 461 -7.36 17.17 -27.50
C LEU C 461 -6.36 17.89 -28.40
N THR C 462 -6.73 18.17 -29.66
CA THR C 462 -5.79 18.80 -30.57
C THR C 462 -6.08 20.28 -30.80
N TYR C 463 -4.98 21.00 -31.00
CA TYR C 463 -5.03 22.42 -31.33
C TYR C 463 -6.04 22.69 -32.45
N ALA C 464 -6.13 21.82 -33.45
CA ALA C 464 -7.11 22.08 -34.48
C ALA C 464 -8.55 21.90 -33.98
N SER C 465 -8.77 20.96 -33.06
CA SER C 465 -10.08 20.84 -32.47
C SER C 465 -10.48 22.12 -31.76
N LEU C 466 -9.51 22.95 -31.36
CA LEU C 466 -9.82 24.18 -30.65
C LEU C 466 -9.97 25.38 -31.58
N CYS C 467 -9.69 25.24 -32.87
CA CYS C 467 -9.96 26.31 -33.84
C CYS C 467 -11.42 26.22 -34.33
N PHE C 468 -12.25 27.16 -33.91
CA PHE C 468 -13.69 26.96 -34.05
C PHE C 468 -14.11 26.67 -35.49
N PRO C 469 -13.78 27.48 -36.48
CA PRO C 469 -14.26 27.17 -37.83
C PRO C 469 -13.79 25.82 -38.30
N GLU C 470 -12.53 25.51 -38.02
CA GLU C 470 -11.93 24.27 -38.50
C GLU C 470 -12.54 23.06 -37.82
N ALA C 471 -12.81 23.16 -36.53
CA ALA C 471 -13.40 22.03 -35.82
C ALA C 471 -14.85 21.81 -36.24
N ILE C 472 -15.60 22.88 -36.46
CA ILE C 472 -16.95 22.76 -37.00
C ILE C 472 -16.90 22.03 -38.34
N LYS C 473 -16.00 22.44 -39.22
CA LYS C 473 -15.86 21.81 -40.53
C LYS C 473 -15.26 20.43 -40.42
N ALA C 474 -14.69 20.08 -39.29
CA ALA C 474 -14.19 18.72 -39.09
C ALA C 474 -15.35 17.76 -38.83
N ARG C 475 -16.46 18.26 -38.33
CA ARG C 475 -17.66 17.45 -38.17
C ARG C 475 -18.61 17.56 -39.34
N GLY C 476 -18.26 18.27 -40.39
CA GLY C 476 -19.15 18.36 -41.53
C GLY C 476 -20.39 19.15 -41.25
N MET C 477 -20.34 19.98 -40.21
CA MET C 477 -21.46 20.76 -39.73
C MET C 477 -21.42 22.22 -40.20
N GLU C 478 -20.64 22.54 -41.23
CA GLU C 478 -20.37 23.95 -41.52
C GLU C 478 -21.44 24.58 -42.40
N SER C 479 -22.08 23.79 -43.26
CA SER C 479 -22.99 24.36 -44.25
C SER C 479 -24.18 24.98 -43.56
N LYS C 480 -24.33 26.29 -43.69
CA LYS C 480 -25.54 26.89 -43.12
C LYS C 480 -26.79 26.56 -43.95
N GLU C 481 -26.60 26.17 -45.21
CA GLU C 481 -27.71 25.84 -46.08
C GLU C 481 -28.24 24.44 -45.80
N ASP C 482 -27.35 23.47 -45.69
CA ASP C 482 -27.79 22.12 -45.38
C ASP C 482 -28.25 22.01 -43.93
N ILE C 483 -27.56 22.66 -43.02
CA ILE C 483 -27.83 22.51 -41.59
C ILE C 483 -28.17 23.89 -41.05
N PRO C 484 -29.39 24.36 -41.21
CA PRO C 484 -29.67 25.78 -40.97
C PRO C 484 -29.96 26.19 -39.54
N TYR C 485 -30.28 25.23 -38.67
CA TYR C 485 -30.66 25.61 -37.30
C TYR C 485 -29.58 25.23 -36.30
N TYR C 486 -28.34 25.61 -36.59
CA TYR C 486 -27.20 25.34 -35.69
C TYR C 486 -26.77 26.68 -35.07
N PHE C 487 -27.53 27.13 -34.08
CA PHE C 487 -27.29 28.45 -33.50
C PHE C 487 -25.97 28.51 -32.74
N TYR C 488 -25.59 27.42 -32.08
CA TYR C 488 -24.26 27.34 -31.51
C TYR C 488 -23.18 27.60 -32.54
N ARG C 489 -23.32 27.04 -33.73
CA ARG C 489 -22.31 27.24 -34.76
C ARG C 489 -22.30 28.68 -35.21
N ASP C 490 -23.47 29.23 -35.50
CA ASP C 490 -23.60 30.55 -36.13
C ASP C 490 -23.08 31.65 -35.22
N ASP C 491 -23.49 31.60 -33.95
CA ASP C 491 -23.03 32.58 -32.95
C ASP C 491 -21.54 32.40 -32.63
N GLY C 492 -21.08 31.17 -32.44
CA GLY C 492 -19.69 30.96 -32.16
C GLY C 492 -18.79 31.46 -33.25
N LEU C 493 -19.22 31.37 -34.52
CA LEU C 493 -18.38 31.90 -35.59
C LEU C 493 -18.28 33.43 -35.50
N LEU C 494 -19.37 34.11 -35.16
CA LEU C 494 -19.29 35.57 -35.08
C LEU C 494 -18.40 35.99 -33.92
N VAL C 495 -18.51 35.28 -32.79
CA VAL C 495 -17.70 35.64 -31.64
C VAL C 495 -16.28 35.14 -31.83
N TRP C 496 -16.09 34.07 -32.58
CA TRP C 496 -14.74 33.65 -32.91
C TRP C 496 -14.06 34.77 -33.68
N GLU C 497 -14.66 35.18 -34.78
CA GLU C 497 -13.93 36.12 -35.61
C GLU C 497 -13.84 37.51 -35.00
N ALA C 498 -14.74 37.89 -34.09
CA ALA C 498 -14.55 39.16 -33.40
C ALA C 498 -13.26 39.11 -32.61
N ILE C 499 -13.00 37.99 -31.93
CA ILE C 499 -11.77 37.84 -31.15
C ILE C 499 -10.58 37.71 -32.08
N ARG C 500 -10.76 37.05 -33.21
CA ARG C 500 -9.70 36.98 -34.21
C ARG C 500 -9.28 38.38 -34.64
N THR C 501 -10.22 39.28 -34.87
CA THR C 501 -9.86 40.61 -35.37
C THR C 501 -9.21 41.49 -34.28
N PHE C 502 -9.60 41.30 -33.02
CA PHE C 502 -9.02 42.05 -31.90
C PHE C 502 -7.58 41.62 -31.65
N THR C 503 -7.36 40.32 -31.41
CA THR C 503 -6.01 39.81 -31.22
C THR C 503 -5.10 40.22 -32.36
N ALA C 504 -5.61 40.30 -33.58
CA ALA C 504 -4.74 40.68 -34.69
C ALA C 504 -4.38 42.15 -34.60
N GLU C 505 -5.34 43.01 -34.26
CA GLU C 505 -5.00 44.42 -34.08
C GLU C 505 -3.99 44.59 -32.96
N VAL C 506 -4.16 43.83 -31.88
CA VAL C 506 -3.22 43.92 -30.78
C VAL C 506 -1.85 43.41 -31.22
N VAL C 507 -1.81 42.30 -31.96
CA VAL C 507 -0.51 41.78 -32.39
C VAL C 507 0.21 42.79 -33.28
N ASP C 508 -0.53 43.39 -34.24
CA ASP C 508 0.09 44.32 -35.19
C ASP C 508 0.49 45.65 -34.56
N ILE C 509 -0.02 45.97 -33.37
CA ILE C 509 0.52 47.16 -32.69
C ILE C 509 1.95 46.89 -32.22
N TYR C 510 2.21 45.72 -31.66
CA TYR C 510 3.43 45.46 -30.94
C TYR C 510 4.43 44.57 -31.66
N TYR C 511 4.01 43.89 -32.73
CA TYR C 511 4.91 43.08 -33.55
C TYR C 511 4.93 43.65 -34.96
N GLU C 512 6.02 44.31 -35.32
CA GLU C 512 6.08 44.97 -36.62
C GLU C 512 6.11 43.97 -37.76
N GLY C 513 6.58 42.76 -37.50
CA GLY C 513 6.76 41.78 -38.55
C GLY C 513 6.75 40.41 -37.95
N ASP C 514 6.87 39.41 -38.82
CA ASP C 514 6.87 38.04 -38.33
C ASP C 514 8.15 37.73 -37.58
N GLN C 515 9.27 38.26 -38.05
CA GLN C 515 10.56 38.06 -37.37
C GLN C 515 10.45 38.41 -35.90
N VAL C 516 9.84 39.56 -35.60
CA VAL C 516 9.71 39.98 -34.20
C VAL C 516 9.03 38.92 -33.38
N VAL C 517 8.03 38.24 -33.97
CA VAL C 517 7.33 37.17 -33.28
C VAL C 517 8.26 35.99 -33.06
N GLU C 518 8.81 35.47 -34.16
CA GLU C 518 9.71 34.33 -34.09
C GLU C 518 10.82 34.54 -33.06
N GLU C 519 11.34 35.76 -32.97
CA GLU C 519 12.46 36.08 -32.08
C GLU C 519 12.06 36.51 -30.68
N ASP C 520 10.75 36.50 -30.32
CA ASP C 520 10.36 36.90 -28.96
C ASP C 520 10.58 35.75 -27.98
N PRO C 521 11.63 35.83 -27.13
CA PRO C 521 12.01 34.64 -26.37
C PRO C 521 11.00 34.24 -25.34
N GLU C 522 10.29 35.20 -24.78
CA GLU C 522 9.29 34.90 -23.76
C GLU C 522 8.05 34.32 -24.42
N LEU C 523 7.70 34.83 -25.58
CA LEU C 523 6.61 34.25 -26.35
C LEU C 523 6.87 32.77 -26.67
N GLN C 524 8.10 32.43 -27.04
CA GLN C 524 8.35 31.06 -27.46
C GLN C 524 8.35 30.14 -26.27
N ASP C 525 8.86 30.60 -25.15
CA ASP C 525 8.85 29.73 -23.98
C ASP C 525 7.44 29.58 -23.44
N PHE C 526 6.58 30.56 -23.72
CA PHE C 526 5.18 30.48 -23.31
C PHE C 526 4.51 29.35 -24.07
N VAL C 527 4.51 29.47 -25.39
CA VAL C 527 4.03 28.44 -26.31
C VAL C 527 4.63 27.08 -26.00
N ASN C 528 5.92 27.01 -25.68
CA ASN C 528 6.59 25.75 -25.41
C ASN C 528 6.21 25.20 -24.06
N ASP C 529 5.78 26.02 -23.14
CA ASP C 529 5.36 25.46 -21.87
C ASP C 529 3.98 24.85 -22.01
N VAL C 530 3.16 25.43 -22.92
CA VAL C 530 1.88 24.85 -23.25
C VAL C 530 2.05 23.45 -23.81
N TYR C 531 2.98 23.28 -24.78
CA TYR C 531 3.15 22.02 -25.48
C TYR C 531 3.85 20.97 -24.63
N VAL C 532 4.91 21.36 -23.93
CA VAL C 532 5.72 20.35 -23.28
C VAL C 532 5.14 19.98 -21.92
N TYR C 533 4.66 20.94 -21.18
CA TYR C 533 4.11 20.67 -19.85
C TYR C 533 2.59 20.52 -19.94
N GLY C 534 1.89 21.51 -20.48
CA GLY C 534 0.44 21.46 -20.43
C GLY C 534 -0.08 20.28 -21.19
N MET C 535 0.50 20.01 -22.37
CA MET C 535 0.09 18.96 -23.29
C MET C 535 1.05 17.76 -23.34
N ARG C 536 2.03 17.66 -22.42
CA ARG C 536 2.88 16.48 -22.24
C ARG C 536 3.78 16.18 -23.44
N GLY C 537 4.01 17.14 -24.32
CA GLY C 537 4.87 16.86 -25.44
C GLY C 537 4.31 15.86 -26.42
N ARG C 538 3.02 15.54 -26.31
CA ARG C 538 2.35 14.65 -27.26
C ARG C 538 2.27 15.34 -28.62
N LYS C 539 3.14 14.96 -29.54
CA LYS C 539 3.10 15.51 -30.89
C LYS C 539 1.70 15.45 -31.48
N SER C 540 0.99 14.34 -31.27
CA SER C 540 -0.35 14.19 -31.84
C SER C 540 -1.29 15.31 -31.40
N SER C 541 -0.95 16.02 -30.32
CA SER C 541 -1.73 17.17 -29.92
C SER C 541 -1.75 18.23 -31.00
N GLY C 542 -0.80 18.22 -31.91
CA GLY C 542 -0.79 19.26 -32.92
C GLY C 542 -0.61 20.65 -32.34
N PHE C 543 -0.25 20.77 -31.08
CA PHE C 543 0.04 22.11 -30.55
C PHE C 543 1.34 22.67 -31.13
N PRO C 544 1.34 23.95 -31.51
CA PRO C 544 2.55 24.53 -32.10
C PRO C 544 3.68 24.50 -31.08
N LYS C 545 4.88 24.09 -31.55
CA LYS C 545 6.08 24.13 -30.72
C LYS C 545 6.60 25.55 -30.62
N SER C 546 6.41 26.35 -31.68
CA SER C 546 6.77 27.75 -31.71
C SER C 546 5.83 28.44 -32.69
N VAL C 547 5.67 29.75 -32.55
CA VAL C 547 4.86 30.50 -33.48
C VAL C 547 5.79 31.47 -34.18
N LYS C 548 5.69 31.56 -35.50
CA LYS C 548 6.67 32.31 -36.26
C LYS C 548 6.03 33.29 -37.24
N SER C 549 4.77 33.65 -37.00
CA SER C 549 4.11 34.67 -37.81
C SER C 549 3.07 35.38 -36.97
N ARG C 550 2.65 36.55 -37.46
CA ARG C 550 1.63 37.31 -36.75
C ARG C 550 0.26 36.66 -36.89
N GLU C 551 -0.02 36.04 -38.05
CA GLU C 551 -1.25 35.28 -38.22
C GLU C 551 -1.32 34.09 -37.27
N GLN C 552 -0.20 33.40 -37.05
CA GLN C 552 -0.26 32.21 -36.22
C GLN C 552 -0.38 32.56 -34.75
N LEU C 553 0.21 33.69 -34.36
CA LEU C 553 0.06 34.19 -32.99
C LEU C 553 -1.35 34.72 -32.75
N SER C 554 -1.87 35.50 -33.69
CA SER C 554 -3.27 35.91 -33.62
C SER C 554 -4.18 34.70 -33.39
N GLU C 555 -4.07 33.70 -34.24
CA GLU C 555 -4.89 32.52 -34.06
C GLU C 555 -4.63 31.88 -32.70
N TYR C 556 -3.37 31.75 -32.30
CA TYR C 556 -3.09 31.11 -31.03
C TYR C 556 -3.77 31.87 -29.89
N LEU C 557 -3.68 33.21 -29.94
CA LEU C 557 -4.33 34.03 -28.93
C LEU C 557 -5.85 34.00 -29.04
N THR C 558 -6.39 33.85 -30.25
CA THR C 558 -7.84 33.66 -30.37
C THR C 558 -8.28 32.36 -29.72
N VAL C 559 -7.48 31.29 -29.84
CA VAL C 559 -7.82 30.00 -29.22
C VAL C 559 -7.95 30.17 -27.72
N VAL C 560 -7.01 30.89 -27.13
CA VAL C 560 -6.98 30.94 -25.68
C VAL C 560 -8.19 31.69 -25.20
N ILE C 561 -8.44 32.86 -25.79
CA ILE C 561 -9.56 33.70 -25.40
C ILE C 561 -10.90 33.02 -25.75
N PHE C 562 -11.05 32.36 -26.89
CA PHE C 562 -12.37 31.75 -27.18
C PHE C 562 -12.62 30.56 -26.23
N THR C 563 -11.59 29.77 -25.93
CA THR C 563 -11.71 28.60 -25.02
C THR C 563 -12.10 29.09 -23.62
N ALA C 564 -11.44 30.15 -23.15
CA ALA C 564 -11.60 30.77 -21.82
C ALA C 564 -12.97 31.43 -21.64
N SER C 565 -13.50 32.12 -22.65
CA SER C 565 -14.74 32.92 -22.54
C SER C 565 -15.96 32.29 -23.23
N ALA C 566 -16.09 32.38 -24.55
CA ALA C 566 -17.28 31.96 -25.31
C ALA C 566 -17.53 30.44 -25.28
N GLN C 567 -16.50 29.61 -25.50
CA GLN C 567 -16.68 28.12 -25.49
C GLN C 567 -17.14 27.69 -24.11
N HIS C 568 -16.53 28.25 -23.06
CA HIS C 568 -16.87 27.94 -21.65
C HIS C 568 -18.31 28.36 -21.41
N ALA C 569 -18.66 29.60 -21.74
CA ALA C 569 -19.99 30.13 -21.51
C ALA C 569 -21.05 29.25 -22.19
N ALA C 570 -20.77 28.75 -23.39
CA ALA C 570 -21.75 28.06 -24.22
C ALA C 570 -22.10 26.70 -23.63
N VAL C 571 -21.12 26.06 -22.97
CA VAL C 571 -21.26 24.72 -22.44
C VAL C 571 -21.38 24.68 -20.94
N ASN C 572 -21.41 25.82 -20.28
CA ASN C 572 -21.50 25.85 -18.82
C ASN C 572 -22.81 26.42 -18.34
N PHE C 573 -23.34 27.42 -19.05
CA PHE C 573 -24.47 28.19 -18.55
C PHE C 573 -25.84 27.73 -19.04
N GLY C 574 -25.89 26.73 -19.90
CA GLY C 574 -27.11 26.01 -20.22
C GLY C 574 -27.37 24.82 -19.33
N GLN C 575 -26.44 24.49 -18.44
CA GLN C 575 -26.59 23.29 -17.62
C GLN C 575 -27.91 23.27 -16.87
N TYR C 576 -28.30 24.38 -16.24
CA TYR C 576 -29.57 24.33 -15.51
C TYR C 576 -30.76 24.33 -16.48
N ASP C 577 -30.62 25.02 -17.59
CA ASP C 577 -31.66 25.06 -18.59
C ASP C 577 -32.04 23.66 -19.07
N TRP C 578 -31.04 22.82 -19.34
CA TRP C 578 -31.26 21.56 -20.02
C TRP C 578 -31.13 20.35 -19.12
N ALA C 579 -30.64 20.49 -17.90
CA ALA C 579 -30.45 19.34 -17.01
C ALA C 579 -31.25 19.44 -15.73
N SER C 580 -31.85 20.56 -15.44
CA SER C 580 -32.66 20.61 -14.23
C SER C 580 -33.81 19.62 -14.32
N TRP C 581 -34.31 19.33 -15.53
CA TRP C 581 -35.33 18.31 -15.73
C TRP C 581 -34.64 16.95 -15.91
N ILE C 582 -34.53 16.20 -14.81
CA ILE C 582 -33.63 15.04 -14.75
C ILE C 582 -33.82 14.05 -15.89
N PRO C 583 -35.04 13.67 -16.30
CA PRO C 583 -35.18 12.70 -17.38
C PRO C 583 -34.52 13.14 -18.68
N ASN C 584 -34.07 14.39 -18.79
CA ASN C 584 -33.47 14.87 -20.04
C ASN C 584 -31.95 14.96 -19.97
N ALA C 585 -31.35 14.82 -18.79
CA ALA C 585 -29.90 14.73 -18.61
C ALA C 585 -29.67 14.01 -17.30
N PRO C 586 -30.09 12.75 -17.17
CA PRO C 586 -29.92 12.04 -15.92
C PRO C 586 -28.45 11.94 -15.58
N PRO C 587 -28.06 12.34 -14.38
CA PRO C 587 -26.66 12.21 -13.98
C PRO C 587 -26.22 10.77 -13.73
N THR C 588 -27.13 9.80 -13.70
CA THR C 588 -26.75 8.43 -13.39
C THR C 588 -27.93 7.53 -13.69
N MET C 589 -27.66 6.22 -13.76
CA MET C 589 -28.65 5.21 -14.11
C MET C 589 -28.44 4.00 -13.21
N ARG C 590 -29.50 3.55 -12.55
CA ARG C 590 -29.38 2.53 -11.51
C ARG C 590 -29.73 1.12 -11.97
N ALA C 591 -30.01 0.92 -13.25
CA ALA C 591 -30.25 -0.37 -13.87
C ALA C 591 -29.53 -0.35 -15.20
N PRO C 592 -29.11 -1.50 -15.70
CA PRO C 592 -28.36 -1.53 -16.97
C PRO C 592 -29.27 -1.17 -18.13
N PRO C 593 -28.72 -0.94 -19.32
CA PRO C 593 -29.57 -0.61 -20.47
C PRO C 593 -30.42 -1.80 -20.89
N PRO C 594 -31.60 -1.56 -21.45
CA PRO C 594 -32.52 -2.68 -21.72
C PRO C 594 -31.90 -3.66 -22.71
N THR C 595 -31.87 -4.93 -22.31
CA THR C 595 -31.36 -6.01 -23.16
C THR C 595 -32.32 -6.41 -24.31
N ALA C 596 -33.62 -6.13 -24.20
CA ALA C 596 -34.57 -6.57 -25.23
C ALA C 596 -35.72 -5.59 -25.38
N LYS C 597 -36.44 -5.73 -26.49
CA LYS C 597 -37.60 -4.90 -26.79
C LYS C 597 -38.88 -5.47 -26.16
N GLY C 598 -39.87 -4.59 -26.00
CA GLY C 598 -41.16 -5.00 -25.50
C GLY C 598 -41.25 -5.37 -24.04
N VAL C 599 -40.19 -5.12 -23.27
CA VAL C 599 -40.14 -5.47 -21.86
C VAL C 599 -40.31 -4.28 -20.95
N VAL C 600 -39.86 -3.09 -21.38
CA VAL C 600 -39.72 -1.98 -20.45
C VAL C 600 -41.09 -1.37 -20.21
N THR C 601 -41.35 -1.12 -18.94
CA THR C 601 -42.51 -0.43 -18.40
C THR C 601 -42.12 0.97 -17.97
N ILE C 602 -43.13 1.81 -17.76
CA ILE C 602 -42.90 3.13 -17.19
C ILE C 602 -42.33 2.99 -15.77
N GLU C 603 -42.76 1.96 -15.04
CA GLU C 603 -42.33 1.81 -13.65
C GLU C 603 -40.84 1.55 -13.58
N GLN C 604 -40.30 0.72 -14.47
CA GLN C 604 -38.87 0.43 -14.45
C GLN C 604 -38.05 1.66 -14.84
N ILE C 605 -38.56 2.50 -15.75
CA ILE C 605 -37.88 3.75 -16.06
C ILE C 605 -37.62 4.53 -14.77
N VAL C 606 -38.67 4.73 -13.98
CA VAL C 606 -38.52 5.57 -12.78
C VAL C 606 -37.42 5.02 -11.89
N ASP C 607 -37.43 3.70 -11.66
CA ASP C 607 -36.45 3.10 -10.75
C ASP C 607 -35.07 3.05 -11.38
N THR C 608 -34.98 3.18 -12.71
CA THR C 608 -33.67 3.34 -13.34
C THR C 608 -33.14 4.74 -13.08
N LEU C 609 -33.99 5.77 -13.30
CA LEU C 609 -33.61 7.16 -13.10
C LEU C 609 -33.20 7.38 -11.66
N PRO C 610 -32.41 8.42 -11.41
CA PRO C 610 -31.87 8.62 -10.07
C PRO C 610 -32.89 8.63 -8.94
N ASP C 611 -32.34 8.39 -7.75
CA ASP C 611 -33.05 8.54 -6.50
C ASP C 611 -33.20 10.00 -6.15
N ARG C 612 -33.95 10.26 -5.09
CA ARG C 612 -34.13 11.64 -4.66
C ARG C 612 -32.83 12.23 -4.14
N GLY C 613 -31.95 11.42 -3.54
CA GLY C 613 -30.69 11.96 -3.04
C GLY C 613 -29.82 12.55 -4.15
N ARG C 614 -29.67 11.81 -5.24
CA ARG C 614 -28.82 12.25 -6.34
C ARG C 614 -29.51 13.28 -7.23
N SER C 615 -30.84 13.24 -7.32
CA SER C 615 -31.58 14.25 -8.07
C SER C 615 -31.42 15.64 -7.46
N CYS C 616 -31.18 15.71 -6.15
CA CYS C 616 -30.99 16.98 -5.46
C CYS C 616 -29.55 17.47 -5.57
N TRP C 617 -28.58 16.58 -5.39
CA TRP C 617 -27.20 17.00 -5.60
C TRP C 617 -26.99 17.38 -7.06
N HIS C 618 -27.74 16.77 -7.97
CA HIS C 618 -27.68 17.16 -9.38
C HIS C 618 -28.21 18.58 -9.56
N LEU C 619 -29.49 18.80 -9.23
CA LEU C 619 -30.08 20.13 -9.37
C LEU C 619 -29.23 21.20 -8.67
N GLY C 620 -28.79 20.94 -7.44
CA GLY C 620 -28.01 21.93 -6.74
C GLY C 620 -26.70 22.22 -7.43
N ALA C 621 -26.11 21.22 -8.08
CA ALA C 621 -24.86 21.42 -8.79
C ALA C 621 -25.09 22.26 -10.04
N VAL C 622 -26.04 21.85 -10.89
CA VAL C 622 -26.26 22.54 -12.15
C VAL C 622 -26.91 23.90 -11.94
N TRP C 623 -27.60 24.09 -10.81
CA TRP C 623 -28.00 25.46 -10.44
C TRP C 623 -26.80 26.30 -10.06
N ALA C 624 -25.97 25.80 -9.14
CA ALA C 624 -24.79 26.51 -8.69
C ALA C 624 -23.92 26.90 -9.88
N LEU C 625 -23.55 25.92 -10.69
CA LEU C 625 -22.63 26.10 -11.80
C LEU C 625 -23.19 26.96 -12.93
N SER C 626 -24.47 27.32 -12.90
CA SER C 626 -25.05 28.10 -13.98
C SER C 626 -25.19 29.59 -13.64
N GLN C 627 -24.92 30.01 -12.41
CA GLN C 627 -25.20 31.37 -12.01
C GLN C 627 -24.10 32.34 -12.45
N PHE C 628 -24.51 33.56 -12.76
CA PHE C 628 -23.61 34.67 -13.02
C PHE C 628 -23.36 35.47 -11.74
N GLN C 629 -22.16 36.03 -11.65
CA GLN C 629 -21.80 36.86 -10.52
C GLN C 629 -22.51 38.21 -10.63
N GLU C 630 -22.59 38.91 -9.48
CA GLU C 630 -23.19 40.25 -9.43
C GLU C 630 -22.34 41.27 -10.18
N ASN C 631 -21.03 41.13 -10.08
CA ASN C 631 -20.10 41.98 -10.81
C ASN C 631 -19.26 41.03 -11.65
N GLU C 632 -19.93 40.27 -12.51
CA GLU C 632 -19.23 39.47 -13.50
C GLU C 632 -18.68 40.40 -14.57
N LEU C 633 -17.50 40.08 -15.11
CA LEU C 633 -16.94 40.82 -16.23
C LEU C 633 -17.20 40.02 -17.52
N PHE C 634 -17.92 40.63 -18.45
CA PHE C 634 -18.31 39.98 -19.70
C PHE C 634 -17.35 40.35 -20.83
N LEU C 635 -17.47 39.62 -21.92
CA LEU C 635 -16.43 39.66 -22.93
C LEU C 635 -16.10 41.10 -23.27
N GLY C 636 -14.82 41.47 -23.12
CA GLY C 636 -14.37 42.80 -23.44
C GLY C 636 -14.47 43.83 -22.32
N MET C 637 -14.85 43.42 -21.11
CA MET C 637 -14.85 44.28 -19.94
C MET C 637 -13.49 44.16 -19.26
N TYR C 638 -12.72 45.24 -19.27
CA TYR C 638 -11.32 45.21 -18.88
C TYR C 638 -11.10 46.35 -17.88
N PRO C 639 -11.73 46.24 -16.70
CA PRO C 639 -11.57 47.25 -15.63
C PRO C 639 -10.17 47.41 -15.07
N GLU C 640 -9.36 46.34 -15.13
CA GLU C 640 -7.96 46.38 -14.71
C GLU C 640 -7.18 46.79 -15.95
N GLU C 641 -6.62 47.99 -15.93
CA GLU C 641 -5.95 48.52 -17.12
C GLU C 641 -4.47 48.22 -17.02
N HIS C 642 -4.10 47.04 -17.45
CA HIS C 642 -2.71 46.70 -17.69
C HIS C 642 -2.20 47.41 -18.94
N PHE C 643 -3.06 47.48 -19.97
CA PHE C 643 -2.80 48.35 -21.11
C PHE C 643 -3.12 49.78 -20.72
N ILE C 644 -2.29 50.73 -21.16
CA ILE C 644 -2.58 52.14 -20.92
C ILE C 644 -2.32 52.98 -22.15
N GLU C 645 -1.99 52.36 -23.27
CA GLU C 645 -1.52 53.07 -24.45
C GLU C 645 -2.66 53.30 -25.43
N LYS C 646 -2.60 54.40 -26.15
CA LYS C 646 -3.77 54.84 -26.92
C LYS C 646 -4.15 53.86 -28.04
N PRO C 647 -3.17 53.35 -28.82
CA PRO C 647 -3.56 52.43 -29.93
C PRO C 647 -4.34 51.20 -29.50
N VAL C 648 -3.86 50.46 -28.51
CA VAL C 648 -4.50 49.24 -28.06
C VAL C 648 -5.79 49.56 -27.33
N LYS C 649 -5.87 50.73 -26.68
CA LYS C 649 -7.14 51.07 -26.06
C LYS C 649 -8.23 51.31 -27.11
N GLU C 650 -7.86 51.85 -28.27
CA GLU C 650 -8.81 52.03 -29.37
C GLU C 650 -9.12 50.71 -30.06
N ALA C 651 -8.17 49.77 -30.07
CA ALA C 651 -8.48 48.46 -30.56
C ALA C 651 -9.50 47.78 -29.64
N MET C 652 -9.31 47.97 -28.32
CA MET C 652 -10.28 47.46 -27.35
C MET C 652 -11.61 48.11 -27.58
N ALA C 653 -11.61 49.37 -28.00
CA ALA C 653 -12.87 50.07 -28.29
C ALA C 653 -13.57 49.41 -29.47
N ARG C 654 -12.84 49.16 -30.56
CA ARG C 654 -13.44 48.48 -31.71
C ARG C 654 -14.03 47.13 -31.28
N PHE C 655 -13.29 46.37 -30.48
CA PHE C 655 -13.74 45.08 -30.01
C PHE C 655 -15.10 45.18 -29.35
N ARG C 656 -15.22 46.02 -28.33
CA ARG C 656 -16.46 46.10 -27.58
C ARG C 656 -17.64 46.46 -28.49
N LYS C 657 -17.39 47.33 -29.46
CA LYS C 657 -18.43 47.73 -30.39
C LYS C 657 -18.73 46.59 -31.35
N ASN C 658 -17.67 45.93 -31.81
CA ASN C 658 -17.86 44.77 -32.68
C ASN C 658 -18.67 43.71 -31.96
N LEU C 659 -18.50 43.59 -30.65
CA LEU C 659 -19.28 42.64 -29.88
C LEU C 659 -20.73 43.08 -29.75
N GLU C 660 -20.97 44.35 -29.44
CA GLU C 660 -22.35 44.78 -29.24
C GLU C 660 -23.20 44.61 -30.50
N ALA C 661 -22.58 44.68 -31.69
CA ALA C 661 -23.29 44.35 -32.91
C ALA C 661 -23.68 42.87 -32.98
N ILE C 662 -22.89 41.97 -32.40
CA ILE C 662 -23.23 40.55 -32.40
C ILE C 662 -24.40 40.28 -31.46
N VAL C 663 -24.49 41.02 -30.36
CA VAL C 663 -25.62 40.90 -29.45
C VAL C 663 -26.89 41.30 -30.17
N SER C 664 -26.78 42.34 -30.99
CA SER C 664 -27.91 42.83 -31.76
C SER C 664 -28.35 41.77 -32.75
N VAL C 665 -27.40 41.16 -33.45
CA VAL C 665 -27.71 40.14 -34.44
C VAL C 665 -28.39 38.96 -33.74
N ILE C 666 -27.75 38.45 -32.68
CA ILE C 666 -28.30 37.31 -31.94
C ILE C 666 -29.72 37.62 -31.44
N ALA C 667 -30.00 38.87 -31.11
CA ALA C 667 -31.28 39.21 -30.52
C ALA C 667 -32.43 39.26 -31.55
N GLU C 668 -32.14 39.70 -32.78
CA GLU C 668 -33.16 39.68 -33.82
C GLU C 668 -33.46 38.25 -34.25
N ARG C 669 -32.42 37.42 -34.30
CA ARG C 669 -32.60 36.01 -34.55
C ARG C 669 -33.44 35.39 -33.46
N ASN C 670 -33.06 35.62 -32.22
CA ASN C 670 -33.75 34.91 -31.15
C ASN C 670 -35.20 35.34 -30.98
N GLU C 671 -35.63 36.42 -31.65
CA GLU C 671 -37.03 36.86 -31.57
C GLU C 671 -37.95 36.01 -32.46
N ASN C 672 -37.47 35.63 -33.64
CA ASN C 672 -38.15 34.73 -34.54
C ASN C 672 -37.92 33.25 -34.18
N LEU C 673 -37.27 32.95 -33.08
CA LEU C 673 -37.09 31.58 -32.65
C LEU C 673 -38.17 31.21 -31.64
N GLN C 674 -38.59 29.95 -31.68
CA GLN C 674 -39.43 29.44 -30.61
C GLN C 674 -38.59 29.22 -29.36
N LEU C 675 -37.35 28.77 -29.52
CA LEU C 675 -36.46 28.61 -28.36
C LEU C 675 -35.14 29.35 -28.52
N PRO C 676 -35.03 30.54 -27.93
CA PRO C 676 -33.83 31.35 -28.14
C PRO C 676 -32.54 30.71 -27.67
N TYR C 677 -31.46 30.88 -28.50
CA TYR C 677 -30.06 30.41 -28.25
C TYR C 677 -29.21 31.60 -27.76
N TYR C 678 -29.36 32.03 -26.49
CA TYR C 678 -28.71 33.20 -25.84
C TYR C 678 -27.49 32.92 -24.94
N TYR C 679 -26.88 31.73 -25.01
CA TYR C 679 -25.64 31.39 -24.26
C TYR C 679 -24.39 32.12 -24.80
N LEU C 680 -24.27 32.22 -26.13
CA LEU C 680 -23.12 32.84 -26.89
C LEU C 680 -23.31 34.32 -27.25
N SER C 681 -24.24 35.04 -26.63
CA SER C 681 -24.47 36.45 -26.89
C SER C 681 -23.45 37.25 -26.07
N PRO C 682 -22.57 38.02 -26.71
CA PRO C 682 -21.37 38.51 -26.00
C PRO C 682 -21.63 39.19 -24.65
N ASP C 683 -22.88 39.60 -24.40
CA ASP C 683 -23.20 40.30 -23.15
C ASP C 683 -23.44 39.34 -22.00
N ARG C 684 -23.37 38.02 -22.29
CA ARG C 684 -23.54 36.95 -21.33
C ARG C 684 -22.33 36.04 -21.27
N ILE C 685 -21.26 36.37 -21.97
CA ILE C 685 -20.05 35.57 -22.08
C ILE C 685 -19.03 36.13 -21.10
N PRO C 686 -18.69 35.43 -20.02
CA PRO C 686 -17.62 35.91 -19.13
C PRO C 686 -16.23 35.95 -19.79
N ASN C 687 -15.39 36.91 -19.35
CA ASN C 687 -14.04 37.01 -19.91
C ASN C 687 -13.24 35.71 -19.77
N SER C 688 -13.52 34.92 -18.74
CA SER C 688 -12.65 33.81 -18.36
C SER C 688 -13.47 32.65 -17.80
N VAL C 689 -12.77 31.55 -17.53
CA VAL C 689 -13.39 30.38 -16.89
C VAL C 689 -13.38 30.66 -15.40
N ALA C 690 -14.52 31.07 -14.82
CA ALA C 690 -14.53 31.43 -13.41
C ALA C 690 -15.60 30.75 -12.56
N ILE C 691 -16.44 29.92 -13.12
CA ILE C 691 -17.39 29.13 -12.28
C ILE C 691 -17.50 27.67 -12.80
N SER D 23 -19.72 -54.69 -50.04
CA SER D 23 -19.83 -53.92 -51.29
C SER D 23 -19.11 -52.57 -51.15
N TYR D 24 -19.56 -51.66 -50.27
CA TYR D 24 -18.72 -50.51 -49.87
C TYR D 24 -17.66 -50.97 -48.86
N THR D 25 -16.42 -50.50 -49.01
CA THR D 25 -15.38 -50.73 -48.00
C THR D 25 -15.06 -49.38 -47.34
N VAL D 26 -15.33 -49.29 -46.05
CA VAL D 26 -15.29 -48.05 -45.29
C VAL D 26 -14.09 -48.17 -44.35
N THR D 27 -13.08 -47.30 -44.54
CA THR D 27 -11.90 -47.30 -43.70
C THR D 27 -11.91 -46.10 -42.76
N VAL D 28 -11.54 -46.36 -41.49
CA VAL D 28 -11.63 -45.44 -40.35
C VAL D 28 -10.26 -45.26 -39.68
N ALA D 29 -9.72 -44.05 -39.71
CA ALA D 29 -8.42 -43.72 -39.11
C ALA D 29 -8.62 -42.99 -37.78
N THR D 30 -8.21 -43.61 -36.68
CA THR D 30 -8.35 -43.05 -35.34
C THR D 30 -7.08 -42.24 -35.02
N GLY D 31 -7.25 -41.18 -34.22
CA GLY D 31 -6.13 -40.29 -33.93
C GLY D 31 -5.04 -40.92 -33.10
N SER D 32 -3.89 -40.24 -33.07
CA SER D 32 -2.76 -40.67 -32.27
C SER D 32 -2.72 -40.05 -30.88
N GLN D 33 -3.48 -38.99 -30.62
CA GLN D 33 -3.51 -38.43 -29.28
C GLN D 33 -3.79 -39.47 -28.23
N GLU D 34 -3.40 -39.17 -27.00
CA GLU D 34 -3.45 -40.15 -25.93
C GLU D 34 -4.87 -40.70 -25.72
N HIS D 35 -5.90 -39.86 -25.85
CA HIS D 35 -7.23 -40.32 -25.51
C HIS D 35 -8.11 -40.58 -26.72
N ALA D 36 -7.50 -40.67 -27.90
CA ALA D 36 -8.21 -40.66 -29.15
C ALA D 36 -9.07 -41.91 -29.36
N GLY D 37 -8.71 -43.04 -28.76
CA GLY D 37 -9.50 -44.24 -28.95
C GLY D 37 -10.77 -44.24 -28.11
N THR D 38 -11.67 -45.18 -28.47
CA THR D 38 -12.95 -45.35 -27.81
C THR D 38 -13.36 -46.80 -27.74
N ASP D 39 -14.00 -47.18 -26.63
CA ASP D 39 -14.61 -48.49 -26.51
C ASP D 39 -16.09 -48.48 -26.88
N ASP D 40 -16.59 -47.42 -27.51
CA ASP D 40 -18.01 -47.20 -27.72
C ASP D 40 -18.46 -47.73 -29.09
N TYR D 41 -19.79 -47.91 -29.23
CA TYR D 41 -20.36 -48.31 -30.51
C TYR D 41 -20.28 -47.15 -31.50
N ILE D 42 -19.77 -47.43 -32.70
CA ILE D 42 -19.74 -46.44 -33.77
C ILE D 42 -20.67 -46.90 -34.88
N TYR D 43 -21.57 -45.97 -35.31
CA TYR D 43 -22.66 -46.15 -36.29
C TYR D 43 -22.34 -45.27 -37.52
N LEU D 44 -22.25 -45.84 -38.73
CA LEU D 44 -21.91 -45.10 -39.97
C LEU D 44 -23.05 -45.24 -40.98
N SER D 45 -23.43 -44.15 -41.68
CA SER D 45 -24.49 -44.11 -42.72
C SER D 45 -23.97 -43.37 -43.95
N LEU D 46 -24.34 -43.79 -45.16
CA LEU D 46 -23.93 -43.10 -46.37
C LEU D 46 -25.10 -42.31 -46.92
N VAL D 47 -24.79 -41.13 -47.41
CA VAL D 47 -25.77 -40.24 -48.01
C VAL D 47 -25.46 -40.21 -49.49
N GLY D 48 -26.13 -41.03 -50.24
CA GLY D 48 -26.02 -40.99 -51.67
C GLY D 48 -26.96 -39.99 -52.28
N SER D 49 -26.66 -39.61 -53.52
CA SER D 49 -27.57 -38.74 -54.26
C SER D 49 -28.90 -39.43 -54.53
N ALA D 50 -28.92 -40.75 -54.76
CA ALA D 50 -30.16 -41.46 -55.02
C ALA D 50 -30.75 -42.13 -53.77
N GLY D 51 -30.28 -41.76 -52.59
CA GLY D 51 -30.81 -42.34 -51.38
C GLY D 51 -29.75 -42.50 -50.31
N CYS D 52 -30.22 -42.89 -49.14
CA CYS D 52 -29.36 -43.06 -48.00
C CYS D 52 -29.12 -44.54 -47.77
N SER D 53 -28.14 -44.80 -46.97
CA SER D 53 -27.91 -46.12 -46.46
C SER D 53 -28.53 -46.22 -45.09
N GLU D 54 -28.42 -47.41 -44.57
CA GLU D 54 -28.86 -47.74 -43.23
C GLU D 54 -27.77 -47.35 -42.27
N LYS D 55 -28.15 -47.22 -41.01
CA LYS D 55 -27.21 -46.92 -39.93
C LYS D 55 -26.53 -48.23 -39.54
N HIS D 56 -25.31 -48.43 -40.05
CA HIS D 56 -24.55 -49.65 -39.82
C HIS D 56 -23.68 -49.55 -38.58
N LEU D 57 -23.60 -50.63 -37.86
CA LEU D 57 -22.69 -50.70 -36.72
C LEU D 57 -21.34 -51.29 -37.15
N LEU D 58 -20.28 -50.56 -36.89
CA LEU D 58 -18.90 -51.00 -37.09
C LEU D 58 -18.31 -51.46 -35.75
N ASP D 59 -18.11 -52.75 -35.57
CA ASP D 59 -17.47 -53.08 -34.31
C ASP D 59 -16.00 -52.53 -34.30
N SER D 62 -13.14 -52.60 -31.12
CA SER D 62 -13.08 -51.19 -30.79
C SER D 62 -11.85 -50.54 -31.41
N PHE D 63 -11.79 -49.23 -31.29
CA PHE D 63 -10.94 -48.39 -32.14
C PHE D 63 -9.78 -47.92 -31.30
N GLU D 64 -8.63 -48.57 -31.50
CA GLU D 64 -7.46 -48.24 -30.71
C GLU D 64 -6.71 -47.05 -31.30
N ARG D 65 -5.90 -46.44 -30.45
CA ARG D 65 -5.12 -45.28 -30.82
C ARG D 65 -4.29 -45.52 -32.08
N GLY D 66 -4.38 -44.56 -33.00
CA GLY D 66 -3.66 -44.59 -34.27
C GLY D 66 -3.97 -45.77 -35.18
N ALA D 67 -5.08 -46.46 -34.95
CA ALA D 67 -5.46 -47.61 -35.78
C ALA D 67 -6.00 -47.15 -37.13
N VAL D 68 -5.86 -48.02 -38.12
CA VAL D 68 -6.48 -47.83 -39.43
C VAL D 68 -7.24 -49.11 -39.73
N ASP D 69 -8.56 -49.11 -39.48
CA ASP D 69 -9.41 -50.30 -39.62
C ASP D 69 -10.32 -50.15 -40.83
N SER D 70 -10.63 -51.28 -41.48
CA SER D 70 -11.46 -51.33 -42.68
C SER D 70 -12.71 -52.17 -42.42
N TYR D 71 -13.84 -51.73 -42.97
CA TYR D 71 -15.10 -52.45 -42.78
C TYR D 71 -15.84 -52.62 -44.09
N ASP D 72 -16.30 -53.86 -44.34
CA ASP D 72 -17.19 -54.16 -45.44
C ASP D 72 -18.61 -53.81 -45.01
N VAL D 73 -19.29 -52.97 -45.77
CA VAL D 73 -20.69 -52.68 -45.51
C VAL D 73 -21.46 -52.81 -46.82
N THR D 74 -22.50 -53.59 -46.79
CA THR D 74 -23.37 -53.77 -47.95
C THR D 74 -24.70 -53.10 -47.63
N VAL D 75 -25.21 -52.28 -48.56
CA VAL D 75 -26.49 -51.60 -48.33
C VAL D 75 -27.60 -52.27 -49.12
N ASP D 76 -28.85 -51.94 -48.76
CA ASP D 76 -30.02 -52.63 -49.31
C ASP D 76 -30.48 -52.06 -50.66
N GLU D 77 -29.98 -50.89 -51.05
CA GLU D 77 -30.31 -50.28 -52.33
C GLU D 77 -29.05 -49.68 -52.93
N GLU D 78 -29.10 -49.41 -54.23
CA GLU D 78 -28.06 -48.61 -54.87
C GLU D 78 -28.31 -47.13 -54.58
N LEU D 79 -27.26 -46.45 -54.05
CA LEU D 79 -27.36 -45.14 -53.44
C LEU D 79 -26.95 -44.02 -54.37
N GLY D 80 -26.28 -44.30 -55.46
CA GLY D 80 -25.81 -43.22 -56.30
C GLY D 80 -24.56 -42.62 -55.69
N GLU D 81 -24.16 -41.46 -56.19
CA GLU D 81 -22.86 -40.90 -55.79
C GLU D 81 -22.84 -40.45 -54.33
N ILE D 82 -21.86 -40.94 -53.57
CA ILE D 82 -21.77 -40.53 -52.18
C ILE D 82 -21.34 -39.07 -52.08
N GLN D 83 -22.15 -38.26 -51.38
CA GLN D 83 -21.94 -36.85 -51.10
C GLN D 83 -21.57 -36.57 -49.66
N LEU D 84 -22.07 -37.41 -48.74
CA LEU D 84 -21.94 -37.21 -47.32
C LEU D 84 -21.72 -38.54 -46.63
N VAL D 85 -21.06 -38.51 -45.48
CA VAL D 85 -20.93 -39.65 -44.60
C VAL D 85 -21.35 -39.17 -43.22
N ARG D 86 -21.95 -40.06 -42.45
CA ARG D 86 -22.55 -39.76 -41.15
C ARG D 86 -21.96 -40.70 -40.12
N ILE D 87 -21.52 -40.18 -39.01
CA ILE D 87 -20.98 -41.00 -37.94
C ILE D 87 -21.77 -40.65 -36.69
N GLU D 88 -21.90 -41.60 -35.80
CA GLU D 88 -22.70 -41.45 -34.61
C GLU D 88 -22.15 -42.43 -33.59
N LYS D 89 -22.09 -42.01 -32.34
CA LYS D 89 -21.37 -42.74 -31.32
C LYS D 89 -22.33 -43.02 -30.18
N ARG D 90 -22.68 -44.28 -30.00
CA ARG D 90 -23.53 -44.76 -28.92
C ARG D 90 -22.64 -45.39 -27.86
N LYS D 91 -22.81 -44.97 -26.60
CA LYS D 91 -21.89 -45.33 -25.54
C LYS D 91 -21.97 -46.81 -25.18
N TYR D 92 -20.82 -47.37 -24.82
CA TYR D 92 -20.69 -48.67 -24.15
C TYR D 92 -19.95 -48.43 -22.84
N GLY D 93 -20.63 -48.68 -21.72
CA GLY D 93 -20.13 -48.15 -20.46
C GLY D 93 -20.08 -46.64 -20.50
N SER D 94 -19.06 -46.07 -19.87
CA SER D 94 -18.96 -44.63 -19.78
C SER D 94 -18.65 -44.03 -21.15
N ASN D 95 -18.88 -42.72 -21.26
CA ASN D 95 -18.53 -42.01 -22.48
C ASN D 95 -17.01 -41.97 -22.64
N ASP D 96 -16.54 -42.49 -23.76
CA ASP D 96 -15.14 -42.53 -24.12
C ASP D 96 -15.04 -41.71 -25.39
N ASP D 97 -14.57 -40.46 -25.28
CA ASP D 97 -14.38 -39.63 -26.45
C ASP D 97 -13.44 -40.29 -27.46
N TRP D 98 -13.71 -40.03 -28.74
CA TRP D 98 -13.04 -40.70 -29.87
C TRP D 98 -12.59 -39.66 -30.85
N TYR D 99 -11.30 -39.62 -31.15
CA TYR D 99 -10.78 -38.67 -32.13
C TYR D 99 -10.65 -39.38 -33.48
N LEU D 100 -11.26 -38.79 -34.51
CA LEU D 100 -11.40 -39.38 -35.83
C LEU D 100 -10.62 -38.57 -36.84
N LYS D 101 -9.58 -39.16 -37.45
CA LYS D 101 -8.82 -38.43 -38.44
C LYS D 101 -9.59 -38.29 -39.76
N TYR D 102 -9.96 -39.41 -40.38
CA TYR D 102 -10.69 -39.36 -41.65
C TYR D 102 -11.37 -40.71 -41.94
N ILE D 103 -12.17 -40.68 -43.00
CA ILE D 103 -12.88 -41.83 -43.57
C ILE D 103 -12.64 -41.78 -45.06
N THR D 104 -12.24 -42.91 -45.65
CA THR D 104 -12.25 -43.01 -47.11
C THR D 104 -13.20 -44.13 -47.48
N LEU D 105 -13.73 -44.07 -48.72
CA LEU D 105 -14.63 -45.08 -49.25
C LEU D 105 -14.14 -45.61 -50.59
N LYS D 106 -14.15 -46.94 -50.75
CA LYS D 106 -14.18 -47.58 -52.07
C LYS D 106 -15.62 -47.96 -52.35
N THR D 107 -16.16 -47.44 -53.42
CA THR D 107 -17.54 -47.70 -53.77
C THR D 107 -17.62 -48.92 -54.67
N PRO D 108 -18.83 -49.43 -54.91
CA PRO D 108 -18.97 -50.53 -55.85
C PRO D 108 -18.45 -50.20 -57.23
N HIS D 109 -18.59 -48.93 -57.64
CA HIS D 109 -18.12 -48.49 -58.95
C HIS D 109 -16.60 -48.29 -58.99
N GLY D 110 -15.88 -48.70 -57.95
CA GLY D 110 -14.43 -48.58 -57.96
C GLY D 110 -13.88 -47.18 -57.79
N ASP D 111 -14.69 -46.27 -57.23
CA ASP D 111 -14.24 -44.93 -56.94
C ASP D 111 -13.66 -44.88 -55.53
N TYR D 112 -12.76 -43.93 -55.30
CA TYR D 112 -12.12 -43.72 -54.03
C TYR D 112 -12.38 -42.28 -53.57
N ILE D 113 -13.12 -42.14 -52.48
CA ILE D 113 -13.51 -40.84 -51.94
C ILE D 113 -12.94 -40.70 -50.53
N GLU D 114 -12.32 -39.55 -50.23
CA GLU D 114 -11.79 -39.28 -48.91
C GLU D 114 -12.60 -38.18 -48.22
N PHE D 115 -12.91 -38.41 -46.93
CA PHE D 115 -13.70 -37.50 -46.09
C PHE D 115 -12.85 -37.08 -44.88
N PRO D 116 -12.10 -35.99 -44.97
CA PRO D 116 -11.30 -35.56 -43.84
C PRO D 116 -12.20 -35.18 -42.68
N CYS D 117 -11.75 -35.41 -41.44
CA CYS D 117 -12.59 -35.06 -40.31
C CYS D 117 -11.80 -34.28 -39.26
N TYR D 118 -10.89 -34.94 -38.54
CA TYR D 118 -10.00 -34.31 -37.56
C TYR D 118 -10.80 -33.56 -36.48
N ARG D 119 -11.68 -34.32 -35.86
CA ARG D 119 -12.56 -33.82 -34.83
C ARG D 119 -12.70 -34.87 -33.75
N TRP D 120 -13.10 -34.43 -32.57
CA TRP D 120 -13.50 -35.37 -31.53
C TRP D 120 -14.98 -35.71 -31.66
N ILE D 121 -15.33 -36.96 -31.43
CA ILE D 121 -16.73 -37.38 -31.45
C ILE D 121 -17.14 -37.74 -30.03
N THR D 122 -18.09 -36.97 -29.50
CA THR D 122 -18.49 -37.04 -28.10
C THR D 122 -19.85 -37.68 -27.92
N GLY D 123 -20.50 -38.11 -29.00
CA GLY D 123 -21.76 -38.80 -28.92
C GLY D 123 -22.95 -37.91 -28.68
N ASP D 124 -22.72 -36.66 -28.30
CA ASP D 124 -23.80 -35.68 -28.23
C ASP D 124 -24.41 -35.45 -29.61
N VAL D 125 -23.56 -35.06 -30.56
CA VAL D 125 -23.98 -34.80 -31.93
C VAL D 125 -23.37 -35.86 -32.84
N GLU D 126 -24.12 -36.20 -33.88
CA GLU D 126 -23.55 -36.95 -34.99
C GLU D 126 -22.76 -36.01 -35.87
N VAL D 127 -21.71 -36.55 -36.49
CA VAL D 127 -20.79 -35.80 -37.33
C VAL D 127 -21.09 -36.18 -38.77
N VAL D 128 -21.22 -35.18 -39.63
CA VAL D 128 -21.54 -35.38 -41.05
C VAL D 128 -20.45 -34.70 -41.87
N LEU D 129 -19.73 -35.45 -42.73
CA LEU D 129 -18.55 -34.90 -43.44
C LEU D 129 -18.75 -34.93 -44.96
N ARG D 130 -18.29 -33.89 -45.67
CA ARG D 130 -18.28 -33.80 -47.16
C ARG D 130 -16.99 -34.46 -47.66
N ASP D 131 -16.87 -34.65 -48.97
CA ASP D 131 -15.63 -35.14 -49.61
C ASP D 131 -14.60 -34.03 -49.41
N GLY D 132 -13.32 -34.38 -49.24
CA GLY D 132 -12.26 -33.40 -48.93
C GLY D 132 -12.06 -32.34 -50.00
N ARG D 133 -12.35 -32.64 -51.28
CA ARG D 133 -12.32 -31.65 -52.40
C ARG D 133 -12.92 -30.34 -51.88
N ALA D 134 -12.19 -29.22 -51.92
CA ALA D 134 -12.65 -27.97 -51.32
C ALA D 134 -13.69 -27.36 -52.24
N LYS D 135 -14.66 -26.71 -51.63
CA LYS D 135 -15.85 -26.26 -52.33
C LYS D 135 -16.28 -24.92 -51.77
N LEU D 136 -16.54 -24.01 -52.66
CA LEU D 136 -17.13 -22.73 -52.31
C LEU D 136 -18.66 -22.88 -52.30
N ALA D 137 -19.34 -21.97 -51.59
CA ALA D 137 -20.79 -22.04 -51.61
C ALA D 137 -21.34 -22.03 -53.04
N ARG D 138 -20.67 -21.38 -53.99
CA ARG D 138 -21.22 -21.37 -55.34
C ARG D 138 -21.08 -22.72 -56.04
N ASP D 139 -20.16 -23.58 -55.60
CA ASP D 139 -19.94 -24.85 -56.25
C ASP D 139 -21.04 -25.86 -55.96
N ASP D 140 -21.93 -25.54 -55.00
CA ASP D 140 -22.85 -26.47 -54.40
C ASP D 140 -24.26 -26.12 -54.86
N GLN D 141 -24.82 -26.89 -55.78
CA GLN D 141 -26.11 -26.50 -56.30
C GLN D 141 -27.25 -27.39 -55.89
N ILE D 142 -26.97 -28.68 -55.57
CA ILE D 142 -28.02 -29.61 -55.14
C ILE D 142 -28.35 -29.39 -53.66
N HIS D 143 -29.59 -29.68 -53.32
CA HIS D 143 -30.10 -29.49 -51.97
C HIS D 143 -29.28 -30.24 -50.94
N ILE D 144 -28.94 -31.50 -51.24
CA ILE D 144 -28.28 -32.32 -50.21
C ILE D 144 -27.10 -31.57 -49.59
N LEU D 145 -26.28 -30.95 -50.43
CA LEU D 145 -25.06 -30.27 -50.00
C LEU D 145 -25.36 -28.88 -49.46
N LYS D 146 -26.28 -28.14 -50.11
CA LYS D 146 -26.69 -26.83 -49.62
C LYS D 146 -27.21 -26.91 -48.19
N GLN D 147 -28.02 -27.91 -47.89
CA GLN D 147 -28.57 -28.06 -46.55
C GLN D 147 -27.48 -28.35 -45.55
N HIS D 148 -26.54 -29.26 -45.89
CA HIS D 148 -25.49 -29.60 -44.94
C HIS D 148 -24.59 -28.41 -44.67
N ARG D 149 -24.24 -27.68 -45.72
CA ARG D 149 -23.40 -26.52 -45.53
C ARG D 149 -24.08 -25.54 -44.62
N ARG D 150 -25.38 -25.38 -44.79
CA ARG D 150 -26.08 -24.33 -44.07
C ARG D 150 -26.31 -24.74 -42.62
N LYS D 151 -26.56 -26.01 -42.36
CA LYS D 151 -26.67 -26.43 -40.97
C LYS D 151 -25.30 -26.47 -40.30
N GLU D 152 -24.22 -26.76 -41.04
CA GLU D 152 -22.90 -26.74 -40.43
C GLU D 152 -22.64 -25.36 -39.87
N LEU D 153 -22.91 -24.36 -40.69
CA LEU D 153 -22.81 -22.98 -40.27
C LEU D 153 -23.73 -22.67 -39.08
N GLU D 154 -25.00 -23.07 -39.13
CA GLU D 154 -25.85 -22.73 -37.99
C GLU D 154 -25.34 -23.36 -36.71
N THR D 155 -24.68 -24.51 -36.81
CA THR D 155 -24.15 -25.19 -35.63
C THR D 155 -22.82 -24.59 -35.15
N ARG D 156 -22.02 -24.09 -36.09
CA ARG D 156 -20.77 -23.42 -35.71
C ARG D 156 -21.10 -22.21 -34.86
N GLN D 157 -22.06 -21.42 -35.31
CA GLN D 157 -22.39 -20.14 -34.72
C GLN D 157 -23.18 -20.26 -33.45
N LYS D 158 -23.67 -21.44 -33.14
CA LYS D 158 -24.13 -21.71 -31.79
C LYS D 158 -22.98 -22.18 -30.90
N GLN D 159 -21.96 -22.79 -31.47
CA GLN D 159 -20.96 -23.45 -30.64
C GLN D 159 -19.81 -22.51 -30.25
N TYR D 160 -19.42 -21.61 -31.16
CA TYR D 160 -18.25 -20.74 -31.07
C TYR D 160 -18.77 -19.30 -31.02
N ARG D 161 -18.86 -18.75 -29.83
CA ARG D 161 -19.49 -17.46 -29.66
C ARG D 161 -18.47 -16.45 -29.17
N TRP D 162 -18.70 -15.20 -29.56
CA TRP D 162 -17.90 -14.09 -29.11
C TRP D 162 -18.26 -13.69 -27.71
N MET D 163 -17.32 -13.02 -27.06
CA MET D 163 -17.48 -12.62 -25.67
C MET D 163 -16.34 -11.67 -25.32
N GLU D 164 -16.67 -10.61 -24.60
CA GLU D 164 -15.69 -9.62 -24.20
C GLU D 164 -15.15 -10.02 -22.85
N TRP D 165 -13.88 -10.42 -22.84
CA TRP D 165 -13.25 -10.85 -21.59
C TRP D 165 -12.98 -9.65 -20.69
N ASN D 166 -12.29 -8.64 -21.23
CA ASN D 166 -12.04 -7.41 -20.49
C ASN D 166 -12.41 -6.19 -21.32
N PRO D 167 -12.80 -5.11 -20.66
CA PRO D 167 -13.37 -3.97 -21.37
C PRO D 167 -12.42 -3.47 -22.43
N GLY D 168 -12.96 -3.17 -23.61
CA GLY D 168 -12.14 -2.65 -24.70
C GLY D 168 -11.22 -3.64 -25.37
N PHE D 169 -11.08 -4.85 -24.82
CA PHE D 169 -10.26 -5.87 -25.45
C PHE D 169 -10.85 -6.29 -26.77
N PRO D 170 -10.05 -6.91 -27.63
CA PRO D 170 -10.64 -7.73 -28.70
C PRO D 170 -11.55 -8.77 -28.09
N LEU D 171 -12.52 -9.21 -28.87
CA LEU D 171 -13.47 -10.23 -28.38
C LEU D 171 -12.83 -11.61 -28.40
N SER D 172 -13.17 -12.41 -27.39
CA SER D 172 -12.59 -13.73 -27.21
C SER D 172 -13.71 -14.77 -27.26
N ILE D 173 -13.33 -16.04 -27.13
CA ILE D 173 -14.31 -17.10 -27.20
C ILE D 173 -15.19 -17.03 -25.96
N ASP D 174 -16.45 -17.47 -26.13
CA ASP D 174 -17.45 -17.44 -25.04
C ASP D 174 -17.29 -18.77 -24.31
N ALA D 175 -16.48 -18.74 -23.25
CA ALA D 175 -16.10 -19.89 -22.45
C ALA D 175 -15.36 -19.39 -21.22
N LYS D 176 -15.79 -19.78 -20.02
CA LYS D 176 -15.12 -19.32 -18.80
C LYS D 176 -13.86 -20.15 -18.48
N CYS D 177 -13.82 -21.40 -18.95
CA CYS D 177 -12.74 -22.32 -18.65
C CYS D 177 -12.33 -23.07 -19.90
N HIS D 178 -11.23 -23.79 -19.81
CA HIS D 178 -10.80 -24.63 -20.91
C HIS D 178 -11.76 -25.80 -21.10
N LYS D 179 -12.35 -26.29 -20.00
CA LYS D 179 -13.28 -27.41 -20.08
C LYS D 179 -14.61 -27.08 -20.75
N ASP D 180 -15.00 -25.81 -20.82
CA ASP D 180 -16.26 -25.46 -21.47
C ASP D 180 -16.12 -25.24 -22.97
N LEU D 181 -14.89 -25.27 -23.48
CA LEU D 181 -14.66 -25.11 -24.90
C LEU D 181 -15.17 -26.34 -25.63
N PRO D 182 -15.78 -26.18 -26.82
CA PRO D 182 -16.04 -27.34 -27.68
C PRO D 182 -14.84 -28.29 -27.65
N ARG D 183 -15.13 -29.56 -27.47
CA ARG D 183 -14.04 -30.51 -27.44
C ARG D 183 -13.13 -30.36 -28.63
N ASP D 184 -13.68 -30.06 -29.81
CA ASP D 184 -12.87 -30.01 -31.03
C ASP D 184 -11.68 -29.08 -30.89
N ILE D 185 -11.81 -28.04 -30.06
CA ILE D 185 -10.80 -27.01 -29.96
C ILE D 185 -10.13 -27.00 -28.60
N GLN D 186 -10.33 -28.04 -27.80
CA GLN D 186 -9.58 -28.18 -26.57
C GLN D 186 -8.18 -28.71 -26.84
N PHE D 187 -7.40 -28.67 -25.76
CA PHE D 187 -6.02 -29.10 -25.72
C PHE D 187 -5.90 -30.59 -25.68
N ASP D 188 -5.01 -31.15 -26.48
CA ASP D 188 -4.54 -32.51 -26.22
C ASP D 188 -4.08 -32.59 -24.77
N SER D 189 -4.76 -33.41 -23.97
CA SER D 189 -4.43 -33.51 -22.56
C SER D 189 -2.92 -33.67 -22.36
N GLU D 190 -2.31 -34.58 -23.13
CA GLU D 190 -0.93 -35.01 -22.87
C GLU D 190 0.09 -33.88 -23.00
N LYS D 191 -0.21 -32.80 -23.72
CA LYS D 191 0.71 -31.67 -23.78
C LYS D 191 0.31 -30.54 -22.83
N GLY D 192 -0.80 -30.66 -22.14
CA GLY D 192 -0.97 -29.89 -20.92
C GLY D 192 0.02 -30.33 -19.87
N VAL D 193 0.23 -31.65 -19.73
CA VAL D 193 1.14 -32.21 -18.70
C VAL D 193 2.59 -32.02 -19.13
N ASP D 194 2.87 -31.88 -20.43
CA ASP D 194 4.25 -31.64 -20.92
C ASP D 194 4.69 -30.26 -20.44
N PHE D 195 3.81 -29.25 -20.50
CA PHE D 195 4.12 -27.88 -20.03
C PHE D 195 4.41 -27.91 -18.53
N VAL D 196 3.56 -28.59 -17.75
CA VAL D 196 3.73 -28.77 -16.28
C VAL D 196 5.08 -29.47 -16.02
N LEU D 197 5.42 -30.47 -16.83
CA LEU D 197 6.68 -31.26 -16.71
C LEU D 197 7.88 -30.37 -17.01
N ASN D 198 7.82 -29.58 -18.08
CA ASN D 198 8.91 -28.67 -18.50
C ASN D 198 9.14 -27.63 -17.41
N TYR D 199 8.06 -27.08 -16.87
CA TYR D 199 8.10 -26.03 -15.83
C TYR D 199 8.69 -26.60 -14.53
N SER D 200 8.26 -27.81 -14.16
CA SER D 200 8.71 -28.52 -12.93
C SER D 200 10.20 -28.84 -13.04
N LYS D 201 10.65 -29.27 -14.21
CA LYS D 201 12.06 -29.60 -14.50
C LYS D 201 12.90 -28.32 -14.38
N ALA D 202 12.39 -27.21 -14.92
CA ALA D 202 13.01 -25.88 -14.90
C ALA D 202 13.16 -25.40 -13.45
N MET D 203 12.14 -25.65 -12.61
CA MET D 203 12.14 -25.25 -11.18
C MET D 203 13.13 -26.15 -10.43
N GLU D 204 13.12 -27.45 -10.74
CA GLU D 204 14.02 -28.41 -10.08
C GLU D 204 15.46 -27.91 -10.18
N ASN D 205 15.81 -27.44 -11.38
CA ASN D 205 17.14 -26.99 -11.65
C ASN D 205 17.45 -25.69 -10.94
N LEU D 206 16.54 -24.71 -10.94
CA LEU D 206 16.76 -23.50 -10.14
C LEU D 206 16.96 -23.83 -8.67
N PHE D 207 16.05 -24.52 -8.05
CA PHE D 207 16.32 -24.77 -6.64
C PHE D 207 17.65 -25.47 -6.42
N ILE D 208 18.15 -26.21 -7.40
CA ILE D 208 19.38 -26.96 -7.13
C ILE D 208 20.55 -26.02 -7.26
N ASN D 209 20.47 -25.18 -8.30
CA ASN D 209 21.43 -24.12 -8.53
C ASN D 209 21.49 -23.15 -7.36
N ARG D 210 20.36 -22.77 -6.82
CA ARG D 210 20.54 -21.75 -5.80
C ARG D 210 21.10 -22.35 -4.53
N PHE D 211 21.03 -23.66 -4.34
CA PHE D 211 21.82 -24.21 -3.22
C PHE D 211 23.32 -24.30 -3.54
N MET D 212 23.64 -24.65 -4.79
CA MET D 212 25.03 -24.88 -5.26
C MET D 212 25.76 -23.54 -5.33
N HIS D 213 25.03 -22.44 -5.49
CA HIS D 213 25.55 -21.05 -5.52
C HIS D 213 26.20 -20.72 -4.18
N MET D 214 25.61 -21.21 -3.09
CA MET D 214 25.98 -20.96 -1.67
C MET D 214 27.46 -21.29 -1.40
N PHE D 215 28.02 -22.32 -2.02
CA PHE D 215 29.42 -22.75 -1.81
C PHE D 215 30.41 -21.96 -2.65
N GLN D 216 29.96 -21.09 -3.58
CA GLN D 216 30.88 -20.35 -4.40
C GLN D 216 31.08 -18.94 -3.85
N SER D 217 31.95 -18.19 -4.52
CA SER D 217 32.24 -16.83 -4.09
C SER D 217 31.24 -15.94 -4.83
N SER D 218 30.42 -15.23 -4.05
CA SER D 218 29.40 -14.34 -4.59
C SER D 218 29.76 -12.93 -4.15
N TRP D 219 30.88 -12.43 -4.67
CA TRP D 219 31.32 -11.07 -4.41
C TRP D 219 30.85 -10.10 -5.50
N ASN D 220 30.40 -10.59 -6.65
CA ASN D 220 29.97 -9.70 -7.72
C ASN D 220 28.77 -8.86 -7.28
N ASP D 221 28.56 -7.75 -7.98
CA ASP D 221 27.40 -6.91 -7.74
C ASP D 221 26.09 -7.68 -7.92
N PHE D 222 25.98 -8.44 -9.03
CA PHE D 222 24.75 -9.16 -9.31
C PHE D 222 24.90 -10.65 -9.06
N ALA D 223 25.78 -11.04 -8.12
CA ALA D 223 25.84 -12.44 -7.73
C ALA D 223 24.52 -12.95 -7.13
N ASP D 224 23.69 -12.06 -6.54
CA ASP D 224 22.43 -12.50 -5.95
C ASP D 224 21.48 -13.06 -7.02
N PHE D 225 21.63 -12.60 -8.26
CA PHE D 225 20.89 -13.09 -9.40
C PHE D 225 21.54 -14.26 -10.10
N GLU D 226 22.86 -14.40 -9.96
CA GLU D 226 23.52 -15.63 -10.33
C GLU D 226 22.92 -16.81 -9.58
N LYS D 227 22.39 -16.57 -8.38
CA LYS D 227 21.85 -17.62 -7.54
C LYS D 227 20.59 -18.25 -8.15
N ILE D 228 19.80 -17.46 -8.89
CA ILE D 228 18.61 -17.90 -9.55
C ILE D 228 18.86 -17.88 -11.05
N PHE D 229 20.07 -18.23 -11.47
CA PHE D 229 20.40 -18.33 -12.89
C PHE D 229 21.30 -19.52 -13.16
N VAL D 230 20.96 -20.26 -14.21
CA VAL D 230 21.55 -21.53 -14.54
C VAL D 230 22.47 -21.31 -15.73
N LYS D 231 23.78 -21.48 -15.53
CA LYS D 231 24.78 -21.18 -16.54
C LYS D 231 24.93 -22.38 -17.44
N ILE D 232 24.71 -22.18 -18.76
CA ILE D 232 24.89 -23.20 -19.80
C ILE D 232 25.81 -22.63 -20.87
N SER D 233 26.83 -23.39 -21.28
CA SER D 233 28.08 -22.81 -21.76
C SER D 233 27.91 -21.97 -23.04
N ASN D 234 27.35 -22.51 -24.09
CA ASN D 234 27.29 -21.76 -25.37
C ASN D 234 25.83 -21.46 -25.72
N THR D 235 25.21 -20.62 -24.91
CA THR D 235 23.83 -20.23 -25.08
C THR D 235 23.71 -18.72 -25.06
N ILE D 236 22.57 -18.22 -25.53
CA ILE D 236 22.35 -16.78 -25.52
C ILE D 236 22.15 -16.26 -24.09
N SER D 237 21.46 -17.01 -23.23
CA SER D 237 21.31 -16.52 -21.86
C SER D 237 22.66 -16.36 -21.17
N GLU D 238 23.59 -17.28 -21.41
CA GLU D 238 24.94 -17.17 -20.87
C GLU D 238 25.57 -15.86 -21.30
N ARG D 239 25.48 -15.57 -22.60
CA ARG D 239 26.03 -14.36 -23.17
C ARG D 239 25.39 -13.14 -22.55
N VAL D 240 24.05 -13.11 -22.53
CA VAL D 240 23.37 -12.04 -21.79
C VAL D 240 24.00 -11.86 -20.42
N MET D 241 24.10 -12.92 -19.64
CA MET D 241 24.64 -12.81 -18.29
C MET D 241 26.06 -12.21 -18.32
N ASN D 242 26.91 -12.67 -19.22
CA ASN D 242 28.25 -12.08 -19.25
C ASN D 242 28.32 -10.68 -19.82
N HIS D 243 27.32 -10.23 -20.58
CA HIS D 243 27.54 -9.04 -21.40
C HIS D 243 26.42 -8.01 -21.32
N TRP D 244 25.56 -8.09 -20.31
CA TRP D 244 24.33 -7.29 -20.33
C TRP D 244 24.56 -5.85 -19.94
N GLN D 245 25.70 -5.54 -19.30
CA GLN D 245 26.03 -4.16 -18.95
C GLN D 245 26.56 -3.37 -20.12
N GLU D 246 26.78 -4.01 -21.26
CA GLU D 246 27.39 -3.36 -22.41
C GLU D 246 26.33 -2.57 -23.16
N ASP D 247 26.64 -1.32 -23.47
CA ASP D 247 25.75 -0.53 -24.30
C ASP D 247 25.43 -1.26 -25.62
N LEU D 248 26.36 -2.06 -26.15
CA LEU D 248 26.17 -2.65 -27.46
C LEU D 248 25.06 -3.71 -27.44
N MET D 249 25.09 -4.56 -26.42
CA MET D 249 24.05 -5.53 -26.15
C MET D 249 22.72 -4.87 -25.80
N PHE D 250 22.74 -3.83 -24.99
CA PHE D 250 21.51 -3.09 -24.73
C PHE D 250 20.89 -2.62 -26.03
N GLY D 251 21.68 -1.97 -26.89
CA GLY D 251 21.19 -1.57 -28.19
C GLY D 251 20.72 -2.75 -29.00
N TYR D 252 21.44 -3.88 -28.92
CA TYR D 252 21.27 -5.00 -29.85
C TYR D 252 19.91 -5.68 -29.70
N GLN D 253 19.41 -5.82 -28.46
CA GLN D 253 18.13 -6.40 -28.17
C GLN D 253 16.94 -5.66 -28.81
N PHE D 254 17.12 -4.42 -29.25
CA PHE D 254 16.05 -3.70 -29.91
C PHE D 254 15.87 -4.16 -31.34
N LEU D 255 16.89 -4.75 -31.93
CA LEU D 255 16.74 -5.30 -33.27
C LEU D 255 16.64 -6.80 -33.30
N ASN D 256 17.24 -7.51 -32.31
CA ASN D 256 17.36 -8.95 -32.41
C ASN D 256 17.17 -9.66 -31.09
N GLY D 257 16.61 -8.99 -30.11
CA GLY D 257 16.14 -9.64 -28.91
C GLY D 257 14.71 -10.20 -29.01
N ALA D 258 14.11 -10.45 -27.84
CA ALA D 258 12.77 -11.08 -27.68
C ALA D 258 11.64 -10.12 -28.07
N ASN D 259 11.89 -8.81 -28.05
CA ASN D 259 10.87 -7.78 -28.42
C ASN D 259 11.48 -6.77 -29.40
N PRO D 260 11.87 -7.10 -30.74
CA PRO D 260 12.51 -6.26 -32.07
C PRO D 260 11.38 -5.45 -32.71
N VAL D 261 10.38 -4.84 -32.03
CA VAL D 261 9.37 -4.13 -32.87
C VAL D 261 9.18 -2.66 -32.48
N LEU D 262 9.79 -2.16 -31.40
CA LEU D 262 9.58 -0.78 -30.95
C LEU D 262 10.51 0.26 -31.58
N ILE D 263 11.78 -0.05 -31.83
CA ILE D 263 12.67 0.95 -32.36
C ILE D 263 12.13 1.56 -33.66
N ARG D 264 12.24 2.88 -33.78
CA ARG D 264 12.01 3.61 -35.03
C ARG D 264 13.13 4.63 -35.29
N ARG D 265 13.29 4.99 -36.57
CA ARG D 265 14.23 6.04 -36.92
C ARG D 265 13.64 7.40 -36.56
N CYS D 266 14.45 8.22 -35.92
CA CYS D 266 14.08 9.57 -35.52
C CYS D 266 14.42 10.49 -36.66
N THR D 267 13.44 11.28 -37.06
CA THR D 267 13.57 12.30 -38.07
C THR D 267 13.53 13.70 -37.47
N GLU D 268 13.20 13.80 -36.19
CA GLU D 268 13.11 15.06 -35.48
C GLU D 268 13.30 14.77 -33.99
N LEU D 269 14.06 15.61 -33.32
CA LEU D 269 14.18 15.28 -31.90
C LEU D 269 12.93 15.72 -31.15
N PRO D 270 12.41 14.90 -30.24
CA PRO D 270 11.17 15.29 -29.56
C PRO D 270 11.40 16.40 -28.56
N GLU D 271 10.48 17.40 -28.55
CA GLU D 271 10.61 18.52 -27.62
C GLU D 271 10.53 18.09 -26.16
N LYS D 272 9.91 16.96 -25.87
CA LYS D 272 9.86 16.47 -24.51
C LYS D 272 11.20 15.91 -24.06
N LEU D 273 12.15 15.77 -25.01
CA LEU D 273 13.49 15.22 -24.79
C LEU D 273 14.46 16.34 -25.12
N PRO D 274 14.70 17.20 -24.17
CA PRO D 274 15.59 18.34 -24.40
C PRO D 274 17.04 17.94 -24.30
N VAL D 275 17.51 17.16 -25.26
CA VAL D 275 18.90 16.69 -25.27
C VAL D 275 19.69 17.50 -26.29
N THR D 276 20.83 18.03 -25.86
CA THR D 276 21.70 18.83 -26.71
C THR D 276 22.90 18.05 -27.21
N THR D 277 23.40 18.49 -28.34
CA THR D 277 24.60 17.90 -28.89
C THR D 277 25.74 17.87 -27.87
N GLU D 278 25.88 18.94 -27.05
CA GLU D 278 26.90 18.96 -26.00
C GLU D 278 26.68 17.87 -24.95
N MET D 279 25.48 17.33 -24.81
CA MET D 279 25.32 16.28 -23.81
C MET D 279 25.81 14.95 -24.34
N VAL D 280 25.80 14.78 -25.65
CA VAL D 280 26.12 13.51 -26.30
C VAL D 280 27.38 13.62 -27.13
N GLU D 281 28.14 14.73 -27.00
CA GLU D 281 29.33 14.95 -27.84
C GLU D 281 30.24 13.73 -27.81
N CYS D 282 30.35 13.14 -26.63
CA CYS D 282 31.22 11.99 -26.41
C CYS D 282 30.76 10.76 -27.17
N SER D 283 29.43 10.49 -27.23
CA SER D 283 28.94 9.30 -27.91
C SER D 283 29.01 9.45 -29.42
N LEU D 284 28.88 10.64 -29.94
CA LEU D 284 28.90 10.84 -31.38
C LEU D 284 30.31 10.73 -31.94
N GLU D 285 30.40 10.22 -33.19
CA GLU D 285 31.69 9.86 -33.74
C GLU D 285 31.90 10.34 -35.19
N ARG D 286 31.11 11.29 -35.70
CA ARG D 286 31.30 11.77 -37.05
C ARG D 286 31.69 13.23 -37.12
N GLN D 287 31.94 13.87 -35.98
CA GLN D 287 32.17 15.31 -35.89
C GLN D 287 30.99 16.08 -36.48
N LEU D 288 29.81 15.48 -36.36
CA LEU D 288 28.52 16.10 -36.65
C LEU D 288 27.83 16.55 -35.38
N SER D 289 26.99 17.60 -35.49
CA SER D 289 26.09 17.85 -34.38
C SER D 289 24.98 16.79 -34.29
N LEU D 290 24.37 16.72 -33.11
CA LEU D 290 23.22 15.84 -32.92
C LEU D 290 22.18 16.07 -34.01
N GLU D 291 21.73 17.31 -34.11
CA GLU D 291 20.76 17.68 -35.14
C GLU D 291 21.21 17.22 -36.50
N GLN D 292 22.50 17.31 -36.80
CA GLN D 292 22.93 16.82 -38.10
C GLN D 292 22.86 15.30 -38.16
N GLU D 293 23.10 14.63 -37.04
CA GLU D 293 23.07 13.19 -37.04
C GLU D 293 21.65 12.69 -37.25
N VAL D 294 20.68 13.35 -36.61
CA VAL D 294 19.27 13.12 -36.87
C VAL D 294 18.99 13.18 -38.37
N GLN D 295 19.31 14.32 -38.99
CA GLN D 295 19.01 14.51 -40.40
C GLN D 295 19.69 13.47 -41.28
N GLN D 296 20.84 12.95 -40.83
CA GLN D 296 21.56 11.95 -41.61
C GLN D 296 21.04 10.55 -41.41
N GLY D 297 20.04 10.37 -40.57
CA GLY D 297 19.41 9.09 -40.36
C GLY D 297 20.01 8.23 -39.30
N ASN D 298 20.96 8.74 -38.54
CA ASN D 298 21.73 7.93 -37.61
C ASN D 298 21.16 7.93 -36.21
N ILE D 299 20.02 8.55 -35.99
CA ILE D 299 19.46 8.64 -34.65
C ILE D 299 18.10 7.91 -34.63
N PHE D 300 17.96 6.97 -33.69
CA PHE D 300 16.84 6.06 -33.56
C PHE D 300 16.31 6.22 -32.14
N ILE D 301 15.12 5.70 -31.87
CA ILE D 301 14.49 6.04 -30.60
C ILE D 301 13.46 4.99 -30.25
N VAL D 302 13.28 4.80 -28.96
CA VAL D 302 12.26 3.90 -28.41
C VAL D 302 11.58 4.65 -27.28
N ASP D 303 10.28 4.87 -27.43
CA ASP D 303 9.53 5.82 -26.63
C ASP D 303 8.38 5.06 -26.01
N PHE D 304 8.43 4.86 -24.71
CA PHE D 304 7.35 4.12 -24.06
C PHE D 304 6.19 5.01 -23.59
N GLU D 305 5.68 5.88 -24.48
CA GLU D 305 4.59 6.72 -24.03
C GLU D 305 3.40 5.87 -23.59
N LEU D 306 3.23 4.69 -24.18
CA LEU D 306 2.05 3.89 -23.82
C LEU D 306 2.02 3.60 -22.32
N LEU D 307 3.17 3.61 -21.66
CA LEU D 307 3.25 3.32 -20.24
C LEU D 307 2.83 4.48 -19.35
N ASP D 308 2.53 5.65 -19.94
CA ASP D 308 2.43 6.90 -19.20
C ASP D 308 0.97 7.14 -18.83
N GLY D 309 0.69 7.07 -17.54
CA GLY D 309 -0.66 7.21 -17.03
C GLY D 309 -1.13 5.97 -16.32
N ILE D 310 -0.33 4.90 -16.41
CA ILE D 310 -0.65 3.61 -15.81
C ILE D 310 -0.42 3.70 -14.32
N ASP D 311 -1.42 3.33 -13.52
CA ASP D 311 -1.21 3.20 -12.07
C ASP D 311 -1.15 1.72 -11.69
N GLN D 321 3.60 -2.60 -7.40
CA GLN D 321 4.14 -2.46 -8.76
C GLN D 321 4.61 -1.02 -9.03
N PHE D 322 5.79 -0.87 -9.66
CA PHE D 322 6.33 0.41 -10.04
C PHE D 322 6.68 0.46 -11.53
N LEU D 323 6.56 1.65 -12.11
CA LEU D 323 6.87 1.82 -13.52
C LEU D 323 7.21 3.29 -13.83
N ALA D 324 7.96 3.48 -14.92
CA ALA D 324 8.27 4.76 -15.55
C ALA D 324 7.75 4.69 -16.97
N ALA D 325 8.09 5.64 -17.82
CA ALA D 325 7.69 5.59 -19.23
C ALA D 325 8.78 6.17 -20.11
N PRO D 326 9.94 5.51 -20.13
CA PRO D 326 11.17 6.15 -20.62
C PRO D 326 11.13 6.50 -22.09
N ILE D 327 12.06 7.38 -22.43
CA ILE D 327 12.49 7.68 -23.77
C ILE D 327 13.96 7.28 -23.84
N CYS D 328 14.30 6.42 -24.80
CA CYS D 328 15.66 5.98 -25.00
C CYS D 328 16.11 6.56 -26.33
N LEU D 329 17.18 7.38 -26.31
CA LEU D 329 17.75 7.89 -27.56
C LEU D 329 18.92 6.99 -27.94
N LEU D 330 19.08 6.68 -29.24
CA LEU D 330 20.10 5.72 -29.67
C LEU D 330 20.78 6.26 -30.92
N TYR D 331 22.00 5.77 -31.15
CA TYR D 331 22.90 6.23 -32.21
C TYR D 331 23.44 5.06 -33.01
N LYS D 332 23.50 5.24 -34.32
CA LYS D 332 24.14 4.28 -35.20
C LYS D 332 25.56 4.80 -35.38
N ASN D 333 26.53 4.07 -34.82
CA ASN D 333 27.88 4.59 -34.73
C ASN D 333 28.64 4.27 -35.99
N LEU D 334 29.95 4.54 -35.97
CA LEU D 334 30.78 4.39 -37.15
C LEU D 334 30.90 2.96 -37.60
N ALA D 335 30.44 2.02 -36.77
CA ALA D 335 30.48 0.60 -37.07
C ALA D 335 29.10 0.06 -37.38
N ASN D 336 28.13 0.93 -37.65
CA ASN D 336 26.73 0.58 -37.95
C ASN D 336 26.14 -0.32 -36.87
N LYS D 337 26.45 -0.03 -35.63
CA LYS D 337 25.78 -0.63 -34.48
C LYS D 337 25.01 0.45 -33.74
N ILE D 338 23.83 0.10 -33.25
CA ILE D 338 22.94 1.05 -32.60
C ILE D 338 23.12 0.94 -31.09
N VAL D 339 23.65 2.00 -30.48
CA VAL D 339 23.94 1.99 -29.04
C VAL D 339 23.13 3.11 -28.42
N PRO D 340 22.91 3.03 -27.11
CA PRO D 340 22.25 4.14 -26.40
C PRO D 340 23.18 5.31 -26.06
N ILE D 341 22.61 6.52 -26.13
CA ILE D 341 23.37 7.72 -25.86
C ILE D 341 22.58 8.59 -24.88
N ALA D 342 21.30 8.32 -24.67
CA ALA D 342 20.59 9.17 -23.72
C ALA D 342 19.30 8.54 -23.30
N ILE D 343 18.98 8.64 -22.00
CA ILE D 343 17.77 8.02 -21.46
C ILE D 343 17.10 8.98 -20.48
N GLN D 344 15.90 9.44 -20.82
CA GLN D 344 15.02 10.16 -19.90
C GLN D 344 13.96 9.17 -19.46
N LEU D 345 13.79 9.00 -18.15
CA LEU D 345 12.97 7.88 -17.71
C LEU D 345 11.46 8.19 -17.72
N ASN D 346 11.04 9.46 -17.78
CA ASN D 346 9.63 9.80 -17.86
C ASN D 346 9.36 10.81 -18.97
N GLN D 347 8.08 10.98 -19.31
CA GLN D 347 7.77 11.73 -20.52
C GLN D 347 7.98 13.23 -20.38
N ILE D 348 7.74 13.80 -19.20
CA ILE D 348 7.72 15.24 -19.01
C ILE D 348 9.05 15.68 -18.42
N PRO D 349 9.85 16.48 -19.14
CA PRO D 349 11.17 16.84 -18.62
C PRO D 349 11.13 17.82 -17.46
N GLY D 350 12.15 17.70 -16.63
CA GLY D 350 12.22 18.52 -15.44
C GLY D 350 13.48 18.22 -14.68
N ASP D 351 13.65 18.91 -13.57
CA ASP D 351 14.88 18.69 -12.81
C ASP D 351 14.89 17.33 -12.11
N GLU D 352 13.70 16.76 -11.88
CA GLU D 352 13.59 15.48 -11.20
C GLU D 352 13.29 14.34 -12.16
N ASN D 353 13.56 14.55 -13.45
CA ASN D 353 13.50 13.53 -14.48
C ASN D 353 14.75 13.77 -15.33
N PRO D 354 15.93 13.45 -14.79
CA PRO D 354 17.16 13.75 -15.52
C PRO D 354 17.25 12.92 -16.77
N ILE D 355 17.97 13.45 -17.73
CA ILE D 355 18.46 12.73 -18.90
C ILE D 355 19.79 12.08 -18.51
N PHE D 356 19.78 10.76 -18.35
CA PHE D 356 20.99 10.03 -18.04
C PHE D 356 21.79 9.74 -19.29
N LEU D 357 23.11 9.66 -19.14
CA LEU D 357 24.03 9.56 -20.26
C LEU D 357 25.05 8.46 -19.98
N PRO D 358 25.57 7.78 -21.02
CA PRO D 358 26.63 6.79 -20.75
C PRO D 358 27.86 7.47 -20.11
N SER D 359 27.93 8.78 -20.16
CA SER D 359 29.03 9.50 -19.49
C SER D 359 28.78 9.74 -18.01
N ASP D 360 27.77 9.14 -17.40
CA ASP D 360 27.45 9.44 -16.02
C ASP D 360 28.16 8.45 -15.10
N ALA D 361 27.98 8.64 -13.79
CA ALA D 361 28.43 7.64 -12.84
C ALA D 361 27.88 6.26 -13.21
N LYS D 362 28.69 5.23 -12.95
CA LYS D 362 28.41 3.91 -13.44
C LYS D 362 27.00 3.46 -13.15
N TYR D 363 26.54 3.70 -11.93
CA TYR D 363 25.29 3.14 -11.46
C TYR D 363 24.10 4.02 -11.83
N ASP D 364 24.32 5.29 -12.07
CA ASP D 364 23.31 6.12 -12.70
C ASP D 364 22.95 5.59 -14.08
N TRP D 365 23.94 5.39 -14.95
CA TRP D 365 23.58 4.94 -16.30
C TRP D 365 23.03 3.53 -16.28
N LEU D 366 23.58 2.67 -15.40
CA LEU D 366 23.20 1.28 -15.39
C LEU D 366 21.76 1.08 -14.91
N LEU D 367 21.32 1.85 -13.91
CA LEU D 367 19.94 1.75 -13.44
C LEU D 367 18.95 2.34 -14.45
N ALA D 368 19.32 3.46 -15.08
CA ALA D 368 18.55 3.99 -16.19
C ALA D 368 18.28 2.93 -17.26
N LYS D 369 19.30 2.17 -17.64
CA LYS D 369 19.13 1.16 -18.66
C LYS D 369 18.25 0.02 -18.16
N ILE D 370 18.40 -0.34 -16.89
CA ILE D 370 17.55 -1.35 -16.30
C ILE D 370 16.08 -0.93 -16.37
N TRP D 371 15.79 0.36 -16.17
CA TRP D 371 14.41 0.83 -16.25
C TRP D 371 13.88 0.76 -17.68
N VAL D 372 14.73 0.99 -18.67
CA VAL D 372 14.29 0.82 -20.05
C VAL D 372 14.06 -0.66 -20.35
N ARG D 373 14.86 -1.56 -19.79
CA ARG D 373 14.67 -2.99 -20.04
C ARG D 373 13.35 -3.49 -19.43
N SER D 374 12.99 -2.97 -18.25
CA SER D 374 11.74 -3.31 -17.56
C SER D 374 10.55 -2.75 -18.32
N SER D 375 10.72 -1.57 -18.87
CA SER D 375 9.67 -0.99 -19.70
C SER D 375 9.46 -1.80 -20.96
N ASP D 376 10.56 -2.27 -21.57
CA ASP D 376 10.50 -3.11 -22.76
C ASP D 376 9.90 -4.47 -22.41
N PHE D 377 10.14 -4.93 -21.20
CA PHE D 377 9.70 -6.26 -20.88
C PHE D 377 8.19 -6.30 -20.77
N HIS D 378 7.63 -5.26 -20.14
CA HIS D 378 6.19 -5.17 -19.90
C HIS D 378 5.46 -4.95 -21.21
N VAL D 379 5.98 -4.05 -22.05
CA VAL D 379 5.37 -3.85 -23.35
C VAL D 379 5.47 -5.12 -24.16
N HIS D 380 6.51 -5.91 -23.91
CA HIS D 380 6.67 -7.12 -24.70
C HIS D 380 5.59 -8.14 -24.35
N GLN D 381 5.38 -8.41 -23.05
CA GLN D 381 4.45 -9.49 -22.70
C GLN D 381 3.04 -9.15 -23.11
N THR D 382 2.59 -7.94 -22.75
CA THR D 382 1.21 -7.53 -22.85
C THR D 382 0.86 -7.14 -24.26
N ILE D 383 1.72 -6.41 -24.96
CA ILE D 383 1.27 -5.87 -26.24
C ILE D 383 1.80 -6.69 -27.42
N THR D 384 3.12 -6.77 -27.54
CA THR D 384 3.76 -7.46 -28.65
C THR D 384 3.34 -8.92 -28.72
N HIS D 385 3.22 -9.53 -27.55
CA HIS D 385 3.04 -10.94 -27.43
C HIS D 385 1.60 -11.32 -27.12
N LEU D 386 1.05 -10.93 -25.98
CA LEU D 386 -0.32 -11.34 -25.69
C LEU D 386 -1.31 -10.67 -26.65
N LEU D 387 -1.44 -9.34 -26.61
CA LEU D 387 -2.41 -8.65 -27.45
C LEU D 387 -2.14 -8.90 -28.94
N ARG D 388 -0.94 -8.59 -29.42
CA ARG D 388 -0.73 -8.50 -30.86
C ARG D 388 -0.43 -9.85 -31.54
N THR D 389 -0.33 -10.90 -30.82
CA THR D 389 -0.13 -12.16 -31.53
C THR D 389 -1.03 -13.27 -31.04
N HIS D 390 -1.32 -13.37 -29.74
CA HIS D 390 -2.30 -14.34 -29.27
C HIS D 390 -3.73 -13.89 -29.52
N LEU D 391 -4.15 -12.80 -28.88
CA LEU D 391 -5.53 -12.34 -28.98
C LEU D 391 -5.91 -12.13 -30.43
N VAL D 392 -5.01 -11.50 -31.21
CA VAL D 392 -5.25 -11.38 -32.64
C VAL D 392 -5.51 -12.75 -33.27
N SER D 393 -4.74 -13.75 -32.89
CA SER D 393 -4.80 -15.00 -33.62
C SER D 393 -6.09 -15.75 -33.25
N GLU D 394 -6.46 -15.68 -31.98
CA GLU D 394 -7.74 -16.21 -31.52
C GLU D 394 -8.89 -15.57 -32.29
N VAL D 395 -8.89 -14.24 -32.40
CA VAL D 395 -9.88 -13.54 -33.20
C VAL D 395 -10.04 -14.20 -34.56
N PHE D 396 -8.91 -14.43 -35.24
CA PHE D 396 -8.95 -15.07 -36.57
C PHE D 396 -9.51 -16.50 -36.51
N GLY D 397 -9.08 -17.30 -35.53
CA GLY D 397 -9.68 -18.60 -35.38
C GLY D 397 -11.17 -18.59 -35.12
N ILE D 398 -11.63 -17.70 -34.25
CA ILE D 398 -13.04 -17.71 -33.90
C ILE D 398 -13.88 -17.31 -35.10
N ALA D 399 -13.50 -16.24 -35.79
CA ALA D 399 -14.19 -15.91 -37.04
C ALA D 399 -14.25 -17.11 -38.01
N MET D 400 -13.15 -17.88 -38.08
CA MET D 400 -13.03 -18.98 -39.04
C MET D 400 -14.06 -20.08 -38.76
N TYR D 401 -14.04 -20.64 -37.54
CA TYR D 401 -15.00 -21.64 -37.16
C TYR D 401 -16.43 -21.13 -37.37
N ARG D 402 -16.66 -19.85 -37.13
CA ARG D 402 -18.04 -19.41 -37.22
C ARG D 402 -18.52 -19.31 -38.67
N GLN D 403 -17.66 -18.85 -39.58
CA GLN D 403 -18.14 -18.46 -40.87
C GLN D 403 -17.66 -19.32 -42.02
N LEU D 404 -16.77 -20.27 -41.81
CA LEU D 404 -16.14 -20.99 -42.92
C LEU D 404 -16.40 -22.45 -42.67
N PRO D 405 -17.24 -23.12 -43.47
CA PRO D 405 -17.38 -24.56 -43.31
C PRO D 405 -16.09 -25.31 -43.68
N ALA D 406 -15.93 -26.49 -43.07
CA ALA D 406 -14.78 -27.35 -43.26
C ALA D 406 -14.50 -27.70 -44.71
N VAL D 407 -15.53 -27.70 -45.57
CA VAL D 407 -15.28 -27.95 -46.97
C VAL D 407 -14.74 -26.74 -47.69
N HIS D 408 -14.85 -25.56 -47.10
CA HIS D 408 -14.33 -24.33 -47.72
C HIS D 408 -12.80 -24.34 -47.75
N PRO D 409 -12.19 -23.92 -48.86
CA PRO D 409 -10.72 -23.97 -48.92
C PRO D 409 -10.04 -23.11 -47.89
N ILE D 410 -10.65 -22.00 -47.50
CA ILE D 410 -9.94 -21.13 -46.57
C ILE D 410 -9.98 -21.74 -45.18
N PHE D 411 -11.01 -22.54 -44.88
CA PHE D 411 -10.97 -23.26 -43.62
C PHE D 411 -9.83 -24.28 -43.60
N LYS D 412 -9.59 -24.96 -44.73
CA LYS D 412 -8.63 -26.05 -44.79
C LYS D 412 -7.22 -25.53 -44.63
N LEU D 413 -6.98 -24.37 -45.20
CA LEU D 413 -5.70 -23.69 -45.09
C LEU D 413 -5.42 -23.18 -43.69
N LEU D 414 -6.38 -22.46 -43.10
CA LEU D 414 -6.13 -21.74 -41.85
C LEU D 414 -6.28 -22.62 -40.61
N VAL D 415 -6.99 -23.72 -40.72
CA VAL D 415 -7.28 -24.49 -39.53
C VAL D 415 -5.98 -24.90 -38.86
N ALA D 416 -4.96 -25.22 -39.66
CA ALA D 416 -3.68 -25.65 -39.12
C ALA D 416 -2.97 -24.51 -38.36
N HIS D 417 -3.22 -23.28 -38.76
CA HIS D 417 -2.56 -22.11 -38.22
C HIS D 417 -3.33 -21.47 -37.09
N VAL D 418 -4.50 -21.96 -36.73
CA VAL D 418 -5.14 -21.54 -35.49
C VAL D 418 -5.22 -22.68 -34.52
N ARG D 419 -4.52 -23.78 -34.77
CA ARG D 419 -4.60 -24.95 -33.91
C ARG D 419 -4.17 -24.58 -32.50
N PHE D 420 -4.97 -25.01 -31.53
CA PHE D 420 -4.76 -24.88 -30.11
C PHE D 420 -4.76 -23.46 -29.58
N THR D 421 -4.85 -22.47 -30.49
CA THR D 421 -4.71 -21.08 -30.08
C THR D 421 -5.82 -20.66 -29.13
N ILE D 422 -7.07 -21.06 -29.40
CA ILE D 422 -8.17 -20.65 -28.53
C ILE D 422 -8.04 -21.32 -27.18
N ALA D 423 -7.76 -22.64 -27.19
CA ALA D 423 -7.56 -23.37 -25.93
C ALA D 423 -6.46 -22.75 -25.10
N ILE D 424 -5.36 -22.36 -25.75
CA ILE D 424 -4.23 -21.77 -25.05
C ILE D 424 -4.68 -20.56 -24.24
N ASN D 425 -5.24 -19.54 -24.94
CA ASN D 425 -5.63 -18.28 -24.33
C ASN D 425 -6.62 -18.48 -23.20
N THR D 426 -7.63 -19.32 -23.42
CA THR D 426 -8.61 -19.62 -22.38
C THR D 426 -7.93 -20.27 -21.16
N LYS D 427 -6.96 -21.17 -21.39
CA LYS D 427 -6.18 -21.72 -20.29
C LYS D 427 -5.42 -20.60 -19.57
N ALA D 428 -4.75 -19.76 -20.36
CA ALA D 428 -4.08 -18.59 -19.81
C ALA D 428 -5.04 -17.70 -19.04
N ARG D 429 -6.24 -17.44 -19.54
CA ARG D 429 -7.23 -16.52 -18.90
C ARG D 429 -7.68 -17.08 -17.56
N GLU D 430 -7.60 -18.41 -17.37
CA GLU D 430 -7.97 -19.08 -16.09
C GLU D 430 -7.02 -18.61 -14.98
N GLN D 431 -5.71 -18.51 -15.28
CA GLN D 431 -4.63 -18.14 -14.33
C GLN D 431 -4.23 -16.66 -14.45
N LEU D 432 -4.83 -15.90 -15.36
CA LEU D 432 -4.52 -14.45 -15.57
C LEU D 432 -5.79 -13.61 -15.36
N GLY D 448 -6.06 -4.16 -13.97
CA GLY D 448 -5.67 -2.79 -13.64
C GLY D 448 -4.62 -2.16 -14.56
N GLY D 449 -3.35 -2.25 -14.16
CA GLY D 449 -2.27 -1.74 -15.00
C GLY D 449 -2.20 -2.42 -16.35
N HIS D 450 -2.19 -3.76 -16.35
CA HIS D 450 -2.09 -4.48 -17.62
C HIS D 450 -3.36 -4.34 -18.48
N VAL D 451 -4.54 -4.21 -17.85
CA VAL D 451 -5.74 -3.97 -18.66
C VAL D 451 -5.66 -2.61 -19.34
N GLN D 452 -5.09 -1.61 -18.66
CA GLN D 452 -5.03 -0.27 -19.24
C GLN D 452 -4.04 -0.23 -20.40
N MET D 453 -3.00 -1.07 -20.38
CA MET D 453 -2.04 -1.06 -21.49
C MET D 453 -2.67 -1.60 -22.77
N VAL D 454 -3.37 -2.75 -22.67
CA VAL D 454 -4.12 -3.27 -23.81
C VAL D 454 -5.05 -2.19 -24.35
N GLN D 455 -5.81 -1.57 -23.45
CA GLN D 455 -6.79 -0.58 -23.88
C GLN D 455 -6.12 0.51 -24.71
N ARG D 456 -5.01 1.05 -24.20
CA ARG D 456 -4.30 2.12 -24.91
C ARG D 456 -3.66 1.58 -26.18
N ALA D 457 -3.15 0.36 -26.15
CA ALA D 457 -2.52 -0.23 -27.32
C ALA D 457 -3.51 -0.44 -28.47
N MET D 458 -4.80 -0.67 -28.17
CA MET D 458 -5.76 -0.98 -29.21
C MET D 458 -5.86 0.08 -30.28
N LYS D 459 -5.70 1.35 -29.95
CA LYS D 459 -5.73 2.36 -31.00
C LYS D 459 -4.61 2.14 -32.02
N ASP D 460 -3.58 1.37 -31.68
CA ASP D 460 -2.49 1.15 -32.61
C ASP D 460 -2.56 -0.22 -33.27
N LEU D 461 -3.60 -1.00 -32.97
CA LEU D 461 -3.68 -2.37 -33.47
C LEU D 461 -4.38 -2.33 -34.83
N THR D 462 -3.64 -1.84 -35.80
CA THR D 462 -4.20 -1.69 -37.13
C THR D 462 -3.79 -2.82 -38.05
N TYR D 463 -4.54 -2.94 -39.13
CA TYR D 463 -4.24 -3.96 -40.13
C TYR D 463 -2.88 -3.70 -40.75
N ALA D 464 -2.55 -2.43 -41.02
CA ALA D 464 -1.25 -2.12 -41.63
C ALA D 464 -0.09 -2.42 -40.68
N SER D 465 -0.34 -2.27 -39.38
CA SER D 465 0.66 -2.66 -38.42
C SER D 465 0.97 -4.12 -38.51
N LEU D 466 0.06 -4.95 -39.04
CA LEU D 466 0.33 -6.38 -39.11
C LEU D 466 0.93 -6.81 -40.44
N CYS D 467 0.94 -5.93 -41.43
CA CYS D 467 1.54 -6.25 -42.72
C CYS D 467 3.04 -6.01 -42.65
N PHE D 468 3.83 -7.07 -42.48
CA PHE D 468 5.19 -6.88 -41.98
C PHE D 468 6.06 -5.91 -42.79
N PRO D 469 6.21 -6.03 -44.10
CA PRO D 469 7.05 -5.05 -44.80
C PRO D 469 6.58 -3.64 -44.55
N GLU D 470 5.27 -3.39 -44.56
CA GLU D 470 4.81 -2.01 -44.37
C GLU D 470 5.13 -1.52 -42.96
N ALA D 471 4.92 -2.37 -41.96
CA ALA D 471 5.18 -2.00 -40.58
C ALA D 471 6.66 -1.70 -40.37
N ILE D 472 7.54 -2.52 -40.97
CA ILE D 472 8.98 -2.24 -41.01
C ILE D 472 9.23 -0.83 -41.54
N LYS D 473 8.80 -0.60 -42.78
CA LYS D 473 8.99 0.71 -43.39
C LYS D 473 8.32 1.80 -42.58
N ALA D 474 7.32 1.49 -41.76
CA ALA D 474 6.62 2.55 -41.06
C ALA D 474 7.46 3.09 -39.94
N ARG D 475 8.31 2.24 -39.37
CA ARG D 475 9.29 2.69 -38.38
C ARG D 475 10.59 3.17 -39.01
N GLY D 476 10.62 3.44 -40.30
CA GLY D 476 11.86 3.80 -41.01
C GLY D 476 13.06 2.88 -40.83
N MET D 477 12.83 1.57 -40.74
CA MET D 477 13.89 0.62 -40.48
C MET D 477 14.13 -0.34 -41.66
N GLU D 478 13.70 0.04 -42.86
CA GLU D 478 13.73 -0.94 -43.94
C GLU D 478 15.08 -1.01 -44.64
N SER D 479 15.83 0.09 -44.68
CA SER D 479 17.01 0.10 -45.54
C SER D 479 18.04 -0.85 -44.97
N LYS D 480 18.32 -1.94 -45.67
CA LYS D 480 19.33 -2.86 -45.13
C LYS D 480 20.74 -2.28 -45.25
N GLU D 481 20.99 -1.39 -46.23
CA GLU D 481 22.34 -0.82 -46.30
C GLU D 481 22.61 0.19 -45.18
N ASP D 482 21.61 1.00 -44.81
CA ASP D 482 21.77 1.92 -43.71
C ASP D 482 21.73 1.24 -42.34
N ILE D 483 20.94 0.18 -42.22
CA ILE D 483 20.62 -0.47 -40.95
C ILE D 483 20.86 -1.97 -41.13
N PRO D 484 22.11 -2.43 -41.02
CA PRO D 484 22.46 -3.77 -41.59
C PRO D 484 22.43 -4.93 -40.59
N TYR D 485 22.19 -4.70 -39.30
CA TYR D 485 22.22 -5.80 -38.34
C TYR D 485 20.84 -5.99 -37.71
N TYR D 486 19.79 -5.78 -38.50
CA TYR D 486 18.41 -5.97 -38.08
C TYR D 486 18.03 -7.33 -38.69
N PHE D 487 18.30 -8.41 -37.95
CA PHE D 487 18.09 -9.73 -38.53
C PHE D 487 16.62 -10.16 -38.47
N TYR D 488 15.90 -9.77 -37.41
CA TYR D 488 14.46 -9.98 -37.33
C TYR D 488 13.78 -9.45 -38.59
N ARG D 489 14.11 -8.23 -38.99
CA ARG D 489 13.61 -7.73 -40.26
C ARG D 489 14.04 -8.60 -41.44
N ASP D 490 15.29 -9.00 -41.49
CA ASP D 490 15.76 -9.69 -42.70
C ASP D 490 15.06 -11.04 -42.88
N ASP D 491 14.82 -11.71 -41.80
CA ASP D 491 14.27 -13.04 -41.86
C ASP D 491 12.75 -12.95 -41.98
N GLY D 492 12.13 -12.10 -41.18
CA GLY D 492 10.71 -11.88 -41.28
C GLY D 492 10.27 -11.51 -42.68
N LEU D 493 11.13 -10.80 -43.43
CA LEU D 493 10.72 -10.47 -44.79
C LEU D 493 10.81 -11.69 -45.72
N LEU D 494 11.74 -12.61 -45.51
CA LEU D 494 11.79 -13.76 -46.40
C LEU D 494 10.60 -14.66 -46.11
N VAL D 495 10.24 -14.78 -44.85
CA VAL D 495 9.17 -15.68 -44.45
C VAL D 495 7.84 -15.09 -44.85
N TRP D 496 7.69 -13.78 -44.71
CA TRP D 496 6.52 -13.10 -45.27
C TRP D 496 6.42 -13.34 -46.76
N GLU D 497 7.51 -13.19 -47.50
CA GLU D 497 7.35 -13.41 -48.92
C GLU D 497 7.01 -14.87 -49.26
N ALA D 498 7.35 -15.81 -48.40
CA ALA D 498 7.08 -17.19 -48.70
C ALA D 498 5.58 -17.48 -48.50
N ILE D 499 5.08 -17.19 -47.31
CA ILE D 499 3.67 -17.25 -47.02
C ILE D 499 2.84 -16.44 -48.00
N ARG D 500 3.37 -15.34 -48.50
CA ARG D 500 2.59 -14.59 -49.48
C ARG D 500 2.51 -15.35 -50.80
N THR D 501 3.61 -15.98 -51.23
CA THR D 501 3.59 -16.74 -52.48
C THR D 501 2.71 -17.99 -52.36
N PHE D 502 2.65 -18.56 -51.18
CA PHE D 502 1.87 -19.75 -50.94
C PHE D 502 0.39 -19.43 -50.97
N THR D 503 -0.05 -18.55 -50.07
CA THR D 503 -1.43 -18.11 -50.09
C THR D 503 -1.85 -17.63 -51.47
N ALA D 504 -0.97 -17.00 -52.23
CA ALA D 504 -1.40 -16.55 -53.55
C ALA D 504 -1.67 -17.74 -54.46
N GLU D 505 -0.83 -18.78 -54.37
CA GLU D 505 -1.05 -19.98 -55.16
C GLU D 505 -2.42 -20.58 -54.84
N VAL D 506 -2.70 -20.72 -53.55
CA VAL D 506 -3.92 -21.35 -53.08
C VAL D 506 -5.13 -20.56 -53.54
N VAL D 507 -5.06 -19.24 -53.47
CA VAL D 507 -6.20 -18.43 -53.92
C VAL D 507 -6.45 -18.62 -55.42
N ASP D 508 -5.41 -18.47 -56.26
CA ASP D 508 -5.62 -18.62 -57.69
C ASP D 508 -6.17 -20.00 -58.06
N ILE D 509 -5.91 -21.01 -57.23
CA ILE D 509 -6.41 -22.34 -57.52
C ILE D 509 -7.93 -22.38 -57.41
N TYR D 510 -8.46 -21.82 -56.31
CA TYR D 510 -9.86 -21.88 -55.96
C TYR D 510 -10.65 -20.61 -56.25
N TYR D 511 -10.04 -19.56 -56.79
CA TYR D 511 -10.76 -18.32 -57.14
C TYR D 511 -10.21 -17.94 -58.53
N GLU D 512 -10.98 -18.26 -59.57
CA GLU D 512 -10.57 -17.98 -60.94
C GLU D 512 -10.48 -16.49 -61.22
N GLY D 513 -10.97 -15.66 -60.33
CA GLY D 513 -10.98 -14.23 -60.56
C GLY D 513 -11.44 -13.50 -59.33
N ASP D 514 -11.49 -12.18 -59.43
CA ASP D 514 -11.77 -11.37 -58.26
C ASP D 514 -13.25 -11.40 -57.93
N GLN D 515 -14.12 -11.36 -58.96
CA GLN D 515 -15.55 -11.48 -58.71
C GLN D 515 -15.87 -12.69 -57.85
N VAL D 516 -15.24 -13.82 -58.13
CA VAL D 516 -15.43 -15.01 -57.31
C VAL D 516 -15.17 -14.71 -55.83
N VAL D 517 -14.04 -14.02 -55.55
CA VAL D 517 -13.69 -13.62 -54.18
C VAL D 517 -14.77 -12.72 -53.61
N GLU D 518 -15.15 -11.72 -54.38
CA GLU D 518 -16.06 -10.69 -53.90
C GLU D 518 -17.41 -11.28 -53.56
N GLU D 519 -17.89 -12.24 -54.37
CA GLU D 519 -19.19 -12.87 -54.17
C GLU D 519 -19.15 -14.06 -53.22
N ASP D 520 -17.99 -14.50 -52.78
CA ASP D 520 -17.99 -15.58 -51.81
C ASP D 520 -18.61 -15.10 -50.52
N PRO D 521 -19.80 -15.56 -50.14
CA PRO D 521 -20.49 -14.97 -48.99
C PRO D 521 -19.93 -15.36 -47.63
N GLU D 522 -19.21 -16.46 -47.54
CA GLU D 522 -18.69 -16.94 -46.27
C GLU D 522 -17.33 -16.29 -46.00
N LEU D 523 -16.53 -16.19 -47.07
CA LEU D 523 -15.37 -15.32 -47.02
C LEU D 523 -15.76 -13.97 -46.44
N GLN D 524 -16.79 -13.34 -47.00
CA GLN D 524 -17.13 -12.01 -46.57
C GLN D 524 -17.58 -11.97 -45.12
N ASP D 525 -18.42 -12.89 -44.71
CA ASP D 525 -18.77 -12.94 -43.30
C ASP D 525 -17.56 -13.21 -42.41
N PHE D 526 -16.56 -13.94 -42.89
CA PHE D 526 -15.40 -14.26 -42.06
C PHE D 526 -14.63 -12.99 -41.75
N VAL D 527 -14.30 -12.26 -42.81
CA VAL D 527 -13.66 -10.96 -42.74
C VAL D 527 -14.50 -10.00 -41.94
N ASN D 528 -15.81 -10.02 -42.13
CA ASN D 528 -16.74 -9.06 -41.46
C ASN D 528 -16.75 -9.36 -39.96
N ASP D 529 -16.69 -10.62 -39.59
CA ASP D 529 -16.70 -11.09 -38.18
C ASP D 529 -15.44 -10.58 -37.47
N VAL D 530 -14.30 -10.62 -38.17
CA VAL D 530 -12.96 -10.18 -37.67
C VAL D 530 -12.97 -8.67 -37.38
N TYR D 531 -13.60 -7.89 -38.27
CA TYR D 531 -13.65 -6.41 -38.21
C TYR D 531 -14.63 -5.92 -37.15
N VAL D 532 -15.87 -6.41 -37.19
CA VAL D 532 -16.97 -5.99 -36.30
C VAL D 532 -16.85 -6.57 -34.88
N TYR D 533 -16.45 -7.83 -34.72
CA TYR D 533 -16.45 -8.49 -33.41
C TYR D 533 -15.05 -8.62 -32.84
N GLY D 534 -14.14 -9.20 -33.60
CA GLY D 534 -12.77 -9.24 -33.16
C GLY D 534 -12.27 -7.84 -32.86
N MET D 535 -12.29 -6.99 -33.87
CA MET D 535 -11.75 -5.64 -33.80
C MET D 535 -12.77 -4.59 -33.36
N ARG D 536 -13.86 -4.97 -32.74
CA ARG D 536 -14.82 -4.04 -32.13
C ARG D 536 -15.47 -3.11 -33.15
N GLY D 537 -15.21 -3.29 -34.44
CA GLY D 537 -15.78 -2.38 -35.40
C GLY D 537 -15.18 -0.99 -35.39
N ARG D 538 -13.93 -0.84 -34.92
CA ARG D 538 -13.29 0.48 -34.86
C ARG D 538 -12.78 0.83 -36.25
N LYS D 539 -13.26 1.93 -36.82
CA LYS D 539 -12.84 2.25 -38.18
C LYS D 539 -11.33 2.46 -38.23
N SER D 540 -10.76 2.98 -37.13
CA SER D 540 -9.34 3.30 -37.06
C SER D 540 -8.46 2.07 -37.14
N SER D 541 -9.03 0.87 -36.98
CA SER D 541 -8.26 -0.37 -37.08
C SER D 541 -7.77 -0.62 -38.48
N GLY D 542 -8.43 -0.08 -39.50
CA GLY D 542 -8.04 -0.32 -40.86
C GLY D 542 -8.27 -1.71 -41.41
N PHE D 543 -8.74 -2.66 -40.61
CA PHE D 543 -9.07 -3.98 -41.17
C PHE D 543 -10.09 -3.86 -42.29
N PRO D 544 -9.92 -4.63 -43.37
CA PRO D 544 -10.97 -4.68 -44.42
C PRO D 544 -12.30 -5.11 -43.83
N LYS D 545 -13.38 -4.51 -44.32
CA LYS D 545 -14.73 -4.99 -44.02
C LYS D 545 -15.22 -6.02 -45.04
N SER D 546 -14.61 -6.03 -46.23
CA SER D 546 -14.86 -7.05 -47.22
C SER D 546 -13.58 -7.22 -48.01
N VAL D 547 -13.51 -8.28 -48.82
CA VAL D 547 -12.32 -8.57 -49.61
C VAL D 547 -12.79 -8.82 -51.04
N LYS D 548 -12.27 -8.03 -51.98
CA LYS D 548 -12.81 -7.98 -53.34
C LYS D 548 -11.82 -8.34 -54.43
N SER D 549 -10.67 -8.92 -54.09
CA SER D 549 -9.73 -9.34 -55.13
C SER D 549 -8.87 -10.47 -54.57
N ARG D 550 -8.26 -11.22 -55.48
CA ARG D 550 -7.39 -12.32 -55.06
C ARG D 550 -6.16 -11.78 -54.32
N GLU D 551 -5.58 -10.71 -54.83
CA GLU D 551 -4.37 -10.21 -54.18
C GLU D 551 -4.71 -9.71 -52.79
N GLN D 552 -5.83 -8.98 -52.65
CA GLN D 552 -6.19 -8.50 -51.32
C GLN D 552 -6.39 -9.68 -50.39
N LEU D 553 -6.94 -10.79 -50.93
CA LEU D 553 -7.23 -11.98 -50.12
C LEU D 553 -5.96 -12.72 -49.76
N SER D 554 -5.04 -12.86 -50.71
CA SER D 554 -3.67 -13.32 -50.39
C SER D 554 -3.04 -12.54 -49.24
N GLU D 555 -3.07 -11.22 -49.32
CA GLU D 555 -2.39 -10.43 -48.28
C GLU D 555 -3.05 -10.65 -46.93
N TYR D 556 -4.37 -10.73 -46.91
CA TYR D 556 -5.15 -10.91 -45.69
C TYR D 556 -4.83 -12.24 -45.03
N LEU D 557 -4.72 -13.29 -45.83
CA LEU D 557 -4.37 -14.61 -45.32
C LEU D 557 -2.91 -14.66 -44.86
N THR D 558 -2.03 -14.00 -45.60
CA THR D 558 -0.64 -13.87 -45.10
C THR D 558 -0.60 -13.23 -43.73
N VAL D 559 -1.35 -12.14 -43.52
CA VAL D 559 -1.44 -11.53 -42.19
C VAL D 559 -1.81 -12.57 -41.12
N VAL D 560 -2.82 -13.44 -41.40
CA VAL D 560 -3.29 -14.38 -40.39
C VAL D 560 -2.20 -15.42 -40.08
N ILE D 561 -1.56 -15.94 -41.13
CA ILE D 561 -0.57 -17.03 -41.01
C ILE D 561 0.75 -16.49 -40.45
N PHE D 562 1.24 -15.40 -41.03
CA PHE D 562 2.47 -14.84 -40.49
C PHE D 562 2.33 -14.54 -39.01
N THR D 563 1.15 -14.06 -38.61
CA THR D 563 1.02 -13.58 -37.25
C THR D 563 1.05 -14.73 -36.29
N ALA D 564 0.44 -15.84 -36.70
CA ALA D 564 0.24 -17.03 -35.90
C ALA D 564 1.46 -17.92 -35.92
N SER D 565 2.28 -17.80 -36.96
CA SER D 565 3.53 -18.57 -37.04
C SER D 565 4.80 -17.73 -36.73
N ALA D 566 5.30 -16.96 -37.71
CA ALA D 566 6.59 -16.30 -37.58
C ALA D 566 6.61 -15.27 -36.44
N GLN D 567 5.70 -14.31 -36.48
CA GLN D 567 5.67 -13.25 -35.50
C GLN D 567 5.52 -13.80 -34.08
N HIS D 568 4.60 -14.74 -33.88
CA HIS D 568 4.50 -15.22 -32.52
C HIS D 568 5.79 -15.94 -32.12
N ALA D 569 6.48 -16.56 -33.09
CA ALA D 569 7.69 -17.32 -32.80
C ALA D 569 8.85 -16.39 -32.49
N ALA D 570 8.89 -15.23 -33.12
CA ALA D 570 9.97 -14.30 -32.95
C ALA D 570 9.90 -13.67 -31.58
N VAL D 571 8.70 -13.44 -31.08
CA VAL D 571 8.48 -12.74 -29.84
C VAL D 571 8.24 -13.71 -28.69
N ASN D 572 8.07 -14.99 -28.98
CA ASN D 572 7.91 -15.96 -27.89
C ASN D 572 9.17 -16.82 -27.58
N PHE D 573 9.83 -17.38 -28.59
CA PHE D 573 10.84 -18.40 -28.32
C PHE D 573 12.21 -17.83 -27.93
N GLY D 574 12.39 -16.51 -27.96
CA GLY D 574 13.54 -15.87 -27.35
C GLY D 574 13.30 -15.38 -25.95
N GLN D 575 12.17 -15.73 -25.31
CA GLN D 575 11.93 -15.22 -23.97
C GLN D 575 12.96 -15.73 -22.97
N TYR D 576 13.28 -17.03 -22.99
CA TYR D 576 14.31 -17.55 -22.08
C TYR D 576 15.70 -16.92 -22.38
N ASP D 577 16.17 -17.08 -23.61
CA ASP D 577 17.44 -16.54 -24.01
C ASP D 577 17.68 -15.21 -23.33
N TRP D 578 16.72 -14.29 -23.47
CA TRP D 578 16.91 -12.90 -23.11
C TRP D 578 16.27 -12.42 -21.79
N ALA D 579 15.45 -13.21 -21.09
CA ALA D 579 14.76 -12.74 -19.87
C ALA D 579 14.99 -13.66 -18.66
N SER D 580 15.73 -14.74 -18.85
CA SER D 580 16.14 -15.60 -17.75
C SER D 580 17.15 -14.93 -16.85
N TRP D 581 17.84 -13.91 -17.33
CA TRP D 581 18.75 -13.10 -16.52
C TRP D 581 18.01 -11.83 -16.10
N ILE D 582 17.51 -11.87 -14.87
CA ILE D 582 16.57 -10.89 -14.34
C ILE D 582 17.01 -9.44 -14.50
N PRO D 583 18.27 -9.05 -14.27
CA PRO D 583 18.64 -7.65 -14.55
C PRO D 583 18.53 -7.22 -16.02
N ASN D 584 18.34 -8.16 -16.96
CA ASN D 584 18.06 -7.78 -18.36
C ASN D 584 16.57 -7.82 -18.72
N ALA D 585 15.72 -8.27 -17.81
CA ALA D 585 14.28 -8.19 -18.01
C ALA D 585 13.54 -8.39 -16.71
N PRO D 586 13.52 -7.37 -15.88
CA PRO D 586 12.85 -7.48 -14.56
C PRO D 586 11.34 -7.42 -14.73
N PRO D 587 10.64 -8.45 -14.26
CA PRO D 587 9.17 -8.44 -14.38
C PRO D 587 8.47 -7.42 -13.47
N THR D 588 9.16 -6.85 -12.49
CA THR D 588 8.64 -5.77 -11.65
C THR D 588 9.84 -5.03 -11.06
N MET D 589 9.53 -3.98 -10.34
CA MET D 589 10.54 -3.11 -9.77
C MET D 589 9.99 -2.68 -8.43
N ARG D 590 10.75 -2.84 -7.38
CA ARG D 590 10.26 -2.55 -6.04
C ARG D 590 10.50 -1.14 -5.56
N ALA D 591 11.17 -0.29 -6.34
CA ALA D 591 11.38 1.10 -5.98
C ALA D 591 11.13 2.00 -7.19
N PRO D 592 10.95 3.30 -6.97
CA PRO D 592 10.70 4.22 -8.09
C PRO D 592 12.00 4.61 -8.77
N PRO D 593 11.90 5.18 -9.97
CA PRO D 593 13.11 5.46 -10.75
C PRO D 593 13.92 6.56 -10.12
N PRO D 594 15.24 6.58 -10.33
CA PRO D 594 16.07 7.62 -9.67
C PRO D 594 15.69 9.01 -10.16
N THR D 595 15.51 9.92 -9.21
CA THR D 595 15.16 11.30 -9.55
C THR D 595 16.37 12.20 -9.75
N ALA D 596 17.57 11.72 -9.40
CA ALA D 596 18.77 12.52 -9.50
C ALA D 596 19.99 11.67 -9.86
N LYS D 597 21.06 12.37 -10.23
CA LYS D 597 22.37 11.82 -10.54
C LYS D 597 23.27 11.84 -9.33
N GLY D 598 24.29 10.98 -9.36
CA GLY D 598 25.30 10.93 -8.34
C GLY D 598 24.86 10.32 -7.04
N VAL D 599 23.74 9.62 -7.01
CA VAL D 599 23.18 9.17 -5.74
C VAL D 599 23.09 7.67 -5.74
N VAL D 600 22.86 7.08 -6.90
CA VAL D 600 22.51 5.67 -6.94
C VAL D 600 23.75 4.86 -6.56
N THR D 601 23.50 3.75 -5.86
CA THR D 601 24.48 2.80 -5.37
C THR D 601 24.01 1.41 -5.77
N ILE D 602 24.95 0.48 -5.86
CA ILE D 602 24.56 -0.88 -6.23
C ILE D 602 23.44 -1.36 -5.32
N GLU D 603 23.49 -0.99 -4.04
CA GLU D 603 22.50 -1.52 -3.11
C GLU D 603 21.11 -1.03 -3.45
N GLN D 604 21.02 0.20 -3.98
CA GLN D 604 19.73 0.72 -4.42
C GLN D 604 19.29 0.05 -5.70
N ILE D 605 20.23 -0.48 -6.49
CA ILE D 605 19.84 -1.24 -7.68
C ILE D 605 19.27 -2.59 -7.26
N VAL D 606 19.95 -3.28 -6.36
CA VAL D 606 19.49 -4.62 -6.04
C VAL D 606 18.13 -4.62 -5.36
N ASP D 607 17.77 -3.51 -4.73
CA ASP D 607 16.49 -3.35 -4.04
C ASP D 607 15.40 -2.81 -4.92
N THR D 608 15.73 -2.25 -6.09
CA THR D 608 14.73 -2.00 -7.11
C THR D 608 14.38 -3.31 -7.82
N LEU D 609 15.34 -4.19 -7.99
CA LEU D 609 15.11 -5.39 -8.76
C LEU D 609 14.22 -6.30 -7.96
N PRO D 610 13.60 -7.30 -8.62
CA PRO D 610 12.58 -8.11 -7.95
C PRO D 610 13.14 -9.01 -6.86
N ASP D 611 12.22 -9.41 -5.97
CA ASP D 611 12.40 -10.52 -5.03
C ASP D 611 12.84 -11.77 -5.78
N ARG D 612 14.01 -12.28 -5.44
CA ARG D 612 14.58 -13.37 -6.22
C ARG D 612 13.95 -14.69 -5.87
N GLY D 613 13.42 -14.80 -4.66
CA GLY D 613 12.52 -15.87 -4.33
C GLY D 613 11.35 -15.87 -5.30
N ARG D 614 10.57 -14.79 -5.30
CA ARG D 614 9.44 -14.71 -6.22
C ARG D 614 9.89 -14.81 -7.65
N SER D 615 11.10 -14.36 -7.95
CA SER D 615 11.57 -14.37 -9.33
C SER D 615 11.75 -15.81 -9.82
N CYS D 616 12.01 -16.75 -8.92
CA CYS D 616 12.34 -18.11 -9.36
C CYS D 616 11.15 -18.74 -10.09
N TRP D 617 9.97 -18.66 -9.50
CA TRP D 617 8.81 -19.28 -10.09
C TRP D 617 8.42 -18.59 -11.39
N HIS D 618 8.83 -17.36 -11.59
CA HIS D 618 8.60 -16.71 -12.87
C HIS D 618 9.55 -17.30 -13.91
N LEU D 619 10.80 -17.51 -13.54
CA LEU D 619 11.80 -17.98 -14.49
C LEU D 619 11.48 -19.36 -15.03
N GLY D 620 10.99 -20.25 -14.18
CA GLY D 620 10.54 -21.56 -14.65
C GLY D 620 9.60 -21.47 -15.85
N ALA D 621 8.61 -20.59 -15.78
CA ALA D 621 7.62 -20.47 -16.84
C ALA D 621 8.13 -19.76 -18.08
N VAL D 622 9.16 -18.93 -17.95
CA VAL D 622 9.94 -18.41 -19.08
C VAL D 622 10.68 -19.52 -19.81
N TRP D 623 11.11 -20.55 -19.07
CA TRP D 623 11.71 -21.70 -19.73
C TRP D 623 10.64 -22.55 -20.40
N ALA D 624 9.57 -22.89 -19.68
CA ALA D 624 8.54 -23.75 -20.25
C ALA D 624 7.93 -23.14 -21.51
N LEU D 625 7.56 -21.84 -21.47
CA LEU D 625 6.93 -21.24 -22.65
C LEU D 625 7.87 -21.03 -23.83
N SER D 626 9.15 -21.35 -23.71
CA SER D 626 10.08 -21.18 -24.81
C SER D 626 10.42 -22.53 -25.44
N GLN D 627 9.96 -23.62 -24.85
CA GLN D 627 10.24 -24.96 -25.34
C GLN D 627 9.35 -25.34 -26.52
N PHE D 628 9.90 -26.15 -27.40
CA PHE D 628 9.18 -26.77 -28.50
C PHE D 628 8.66 -28.12 -28.02
N GLN D 629 7.65 -28.63 -28.68
CA GLN D 629 7.24 -29.99 -28.34
C GLN D 629 8.02 -31.00 -29.15
N GLU D 630 8.09 -32.23 -28.60
CA GLU D 630 8.79 -33.31 -29.28
C GLU D 630 8.33 -33.37 -30.71
N ASN D 631 7.00 -33.31 -30.89
CA ASN D 631 6.38 -33.45 -32.21
C ASN D 631 5.59 -32.22 -32.57
N GLU D 632 6.21 -31.07 -32.34
CA GLU D 632 5.69 -29.78 -32.77
C GLU D 632 5.49 -29.78 -34.28
N LEU D 633 4.52 -29.00 -34.71
CA LEU D 633 4.30 -28.81 -36.13
C LEU D 633 4.89 -27.44 -36.53
N PHE D 634 5.85 -27.47 -37.41
CA PHE D 634 6.54 -26.27 -37.81
C PHE D 634 5.97 -25.79 -39.13
N LEU D 635 6.46 -24.67 -39.58
CA LEU D 635 5.78 -23.97 -40.65
C LEU D 635 5.72 -24.86 -41.88
N GLY D 636 4.50 -25.07 -42.38
CA GLY D 636 4.34 -25.89 -43.55
C GLY D 636 4.24 -27.37 -43.28
N MET D 637 4.20 -27.79 -42.01
CA MET D 637 3.96 -29.18 -41.64
C MET D 637 2.45 -29.37 -41.44
N TYR D 638 1.85 -30.16 -42.32
CA TYR D 638 0.39 -30.30 -42.44
C TYR D 638 0.02 -31.76 -42.40
N PRO D 639 0.18 -32.41 -41.24
CA PRO D 639 -0.24 -33.82 -41.13
C PRO D 639 -1.76 -34.07 -41.27
N GLU D 640 -2.59 -33.09 -40.96
CA GLU D 640 -4.03 -33.24 -41.11
C GLU D 640 -4.37 -32.86 -42.54
N GLU D 641 -4.85 -33.86 -43.30
CA GLU D 641 -5.08 -33.73 -44.73
C GLU D 641 -6.51 -33.24 -44.91
N HIS D 642 -6.68 -31.96 -44.64
CA HIS D 642 -7.90 -31.25 -44.99
C HIS D 642 -7.97 -31.06 -46.51
N PHE D 643 -6.94 -30.42 -47.06
CA PHE D 643 -6.68 -30.50 -48.48
C PHE D 643 -6.25 -31.92 -48.86
N ILE D 644 -6.75 -32.36 -50.01
CA ILE D 644 -6.50 -33.70 -50.51
C ILE D 644 -6.35 -33.66 -52.03
N GLU D 645 -6.55 -32.49 -52.62
CA GLU D 645 -6.46 -32.36 -54.06
C GLU D 645 -5.00 -32.09 -54.45
N LYS D 646 -4.65 -32.43 -55.71
CA LYS D 646 -3.23 -32.46 -56.07
C LYS D 646 -2.61 -31.07 -56.26
N PRO D 647 -3.30 -30.19 -56.97
CA PRO D 647 -2.76 -28.83 -57.15
C PRO D 647 -2.31 -28.21 -55.84
N VAL D 648 -3.16 -28.23 -54.82
CA VAL D 648 -2.85 -27.58 -53.55
C VAL D 648 -1.80 -28.38 -52.79
N LYS D 649 -1.78 -29.69 -52.99
CA LYS D 649 -0.74 -30.49 -52.35
C LYS D 649 0.61 -30.15 -52.95
N GLU D 650 0.64 -29.66 -54.21
CA GLU D 650 1.87 -29.27 -54.86
C GLU D 650 2.28 -27.85 -54.48
N ALA D 651 1.29 -26.96 -54.39
CA ALA D 651 1.53 -25.62 -53.87
C ALA D 651 2.08 -25.68 -52.46
N MET D 652 1.59 -26.64 -51.65
CA MET D 652 2.19 -26.91 -50.36
C MET D 652 3.60 -27.48 -50.50
N ALA D 653 3.85 -28.29 -51.53
CA ALA D 653 5.21 -28.75 -51.79
C ALA D 653 6.17 -27.57 -51.97
N ARG D 654 5.76 -26.59 -52.79
CA ARG D 654 6.62 -25.45 -53.08
C ARG D 654 6.82 -24.58 -51.83
N PHE D 655 5.75 -24.36 -51.07
CA PHE D 655 5.89 -23.71 -49.78
C PHE D 655 7.02 -24.34 -48.98
N ARG D 656 6.95 -25.64 -48.73
CA ARG D 656 7.96 -26.23 -47.86
C ARG D 656 9.36 -26.10 -48.43
N LYS D 657 9.48 -26.04 -49.76
CA LYS D 657 10.80 -26.01 -50.36
C LYS D 657 11.42 -24.63 -50.18
N ASN D 658 10.63 -23.59 -50.43
CA ASN D 658 11.04 -22.22 -50.11
C ASN D 658 11.45 -22.10 -48.66
N LEU D 659 10.62 -22.64 -47.74
CA LEU D 659 10.98 -22.58 -46.33
C LEU D 659 12.34 -23.19 -46.09
N GLU D 660 12.64 -24.30 -46.78
CA GLU D 660 13.93 -24.95 -46.55
C GLU D 660 15.08 -24.09 -47.06
N ALA D 661 14.91 -23.47 -48.23
CA ALA D 661 15.90 -22.53 -48.72
C ALA D 661 16.14 -21.42 -47.70
N ILE D 662 15.09 -21.00 -47.01
CA ILE D 662 15.21 -19.93 -46.04
C ILE D 662 15.89 -20.46 -44.77
N VAL D 663 15.76 -21.73 -44.43
CA VAL D 663 16.50 -22.23 -43.28
C VAL D 663 18.00 -22.22 -43.59
N SER D 664 18.34 -22.61 -44.82
CA SER D 664 19.72 -22.59 -45.29
C SER D 664 20.29 -21.17 -45.30
N VAL D 665 19.55 -20.21 -45.82
CA VAL D 665 20.05 -18.85 -45.84
C VAL D 665 20.39 -18.39 -44.44
N ILE D 666 19.40 -18.42 -43.55
CA ILE D 666 19.58 -17.94 -42.18
C ILE D 666 20.77 -18.64 -41.51
N ALA D 667 20.91 -19.95 -41.76
CA ALA D 667 21.99 -20.71 -41.12
C ALA D 667 23.37 -20.23 -41.54
N GLU D 668 23.54 -19.96 -42.84
CA GLU D 668 24.82 -19.49 -43.35
C GLU D 668 25.15 -18.13 -42.78
N ARG D 669 24.15 -17.25 -42.71
CA ARG D 669 24.32 -15.96 -42.09
C ARG D 669 24.68 -16.07 -40.62
N ASN D 670 23.95 -16.89 -39.87
CA ASN D 670 24.20 -17.01 -38.43
C ASN D 670 25.54 -17.65 -38.11
N GLU D 671 26.12 -18.37 -39.09
CA GLU D 671 27.47 -18.91 -38.97
C GLU D 671 28.45 -17.80 -38.66
N ASN D 672 28.43 -16.74 -39.47
CA ASN D 672 29.35 -15.63 -39.38
C ASN D 672 28.88 -14.52 -38.43
N LEU D 673 27.99 -14.82 -37.49
CA LEU D 673 27.50 -13.84 -36.53
C LEU D 673 28.12 -14.04 -35.16
N GLN D 674 28.43 -12.94 -34.50
CA GLN D 674 28.80 -13.00 -33.10
C GLN D 674 27.71 -13.70 -32.29
N LEU D 675 26.46 -13.33 -32.54
CA LEU D 675 25.30 -13.89 -31.81
C LEU D 675 24.18 -14.25 -32.78
N PRO D 676 23.91 -15.55 -32.98
CA PRO D 676 22.97 -15.95 -34.03
C PRO D 676 21.54 -15.55 -33.72
N TYR D 677 20.87 -15.02 -34.71
CA TYR D 677 19.43 -14.82 -34.67
C TYR D 677 18.74 -16.01 -35.36
N TYR D 678 18.06 -16.88 -34.59
CA TYR D 678 17.37 -18.02 -35.18
C TYR D 678 15.85 -18.15 -34.95
N TYR D 679 15.20 -17.16 -34.36
CA TYR D 679 13.82 -17.35 -33.95
C TYR D 679 12.90 -17.47 -35.16
N LEU D 680 13.23 -16.79 -36.24
CA LEU D 680 12.49 -16.84 -37.48
C LEU D 680 13.12 -17.77 -38.48
N SER D 681 13.80 -18.80 -38.02
CA SER D 681 14.21 -19.88 -38.90
C SER D 681 13.04 -20.86 -39.07
N PRO D 682 12.57 -21.09 -40.27
CA PRO D 682 11.26 -21.76 -40.45
C PRO D 682 11.14 -23.16 -39.84
N ASP D 683 12.24 -23.93 -39.73
CA ASP D 683 12.25 -25.17 -38.98
C ASP D 683 12.08 -25.00 -37.49
N ARG D 684 11.87 -23.75 -37.01
CA ARG D 684 11.71 -23.37 -35.61
C ARG D 684 10.47 -22.52 -35.38
N ILE D 685 9.69 -22.25 -36.43
CA ILE D 685 8.45 -21.50 -36.33
C ILE D 685 7.28 -22.49 -36.31
N PRO D 686 6.52 -22.53 -35.23
CA PRO D 686 5.29 -23.34 -35.23
C PRO D 686 4.26 -22.79 -36.19
N ASN D 687 3.26 -23.63 -36.48
CA ASN D 687 2.15 -23.27 -37.38
C ASN D 687 1.26 -22.26 -36.67
N SER D 688 0.96 -22.48 -35.40
CA SER D 688 0.00 -21.64 -34.64
C SER D 688 0.59 -21.19 -33.31
N VAL D 689 -0.12 -20.29 -32.63
CA VAL D 689 0.24 -19.78 -31.28
C VAL D 689 -0.25 -20.88 -30.34
N ALA D 690 0.57 -21.91 -30.15
CA ALA D 690 0.26 -23.11 -29.34
C ALA D 690 0.98 -23.05 -27.99
N ILE D 691 1.70 -21.95 -27.67
CA ILE D 691 2.43 -21.90 -26.40
C ILE D 691 2.45 -20.44 -25.93
FE FE2 E . 15.58 -28.19 23.70
FE FE2 F . -5.39 13.77 37.99
FE FE2 G . -17.29 25.94 -15.82
FE FE2 H . 2.89 -17.19 -27.00
#